data_7U1P
#
_entry.id   7U1P
#
_cell.length_a   1.00
_cell.length_b   1.00
_cell.length_c   1.00
_cell.angle_alpha   90.00
_cell.angle_beta   90.00
_cell.angle_gamma   90.00
#
_symmetry.space_group_name_H-M   'P 1'
#
loop_
_entity.id
_entity.type
_entity.pdbx_description
1 polymer 'Replication factor C subunit 1'
2 polymer 'Replication factor C subunit 4'
3 polymer 'Replication factor C subunit 3'
4 polymer 'Replication factor C subunit 2'
5 polymer 'Replication factor C subunit 5'
6 polymer 'Proliferating cell nuclear antigen'
7 polymer 'DNA - Primer'
8 polymer 'DNA - Template'
9 polymer 'DNA - non primer'
10 non-polymer 'PHOSPHOTHIOPHOSPHORIC ACID-ADENYLATE ESTER'
11 non-polymer 'MAGNESIUM ION'
12 non-polymer "ADENOSINE-5'-DIPHOSPHATE"
#
loop_
_entity_poly.entity_id
_entity_poly.type
_entity_poly.pdbx_seq_one_letter_code
_entity_poly.pdbx_strand_id
1 'polypeptide(L)'
;MVNISDFFGKNKKSVRSSTSRPTRQVGSSKPEVIDLDTESDQESTNKTPKKMPVSNVIDVSETPEGEKKLPLPAKRKASS
PTVKPASSKKTKPSSKSSDSASNITAQDVLDKIPSLDLSNVHVKENAKFDFKSANSNADPDEIVSEIGSFPEGKPNCLLG
LTIVFTGVLPTLERGASEALAKRYGARVTKSISSKTSVVVLGDEAGPKKLEKIKQLKIKAIDEEGFKQLIAGMPAEGGDG
EAAEKARRKLEEQHNIATKEAELLVKKEEERSKKLAATRVSGGHLERDNVVREEDKLWTVKYAPTNLQQVCGNKGSVMKL
KNWLANWENSKKNSFKHAGKDGSGVFRAAMLYGPPGIGKTTAAHLVAQELGYDILEQNASDVRSKTLLNAGVKNALDNMS
VVGYFKHNEEAQNLNGKHFVIIMDEVDGMSGGDRGGVGQLAQFCRKTSTPLILICNERNLPKMRPFDRVCLDIQFRRPDA
NSIKSRLMTIAIREKFKLDPNVIDRLIQTTRGDIRQVINLLSTISTTTKTINHENINEISKAWEKNIALKPFDIAHKMLD
GQIYSDIGSRNFTLNDKIALYFDDFDFTPLMIQENYLSTRPSVLKPGQSHLEAVAEAANCISLGDIVEKKIRSSEQLWSL
LPLHAVLSSVYPASKVAGHMAGRINFTAWLGQNSKSAKYYRLLQEIHYHTRLGTSTDKIGLRLDYLPTFRKRLLDPFLKQ
GADAISSVIEVMDDYYLTKEDWDSIMEFFVGPDVTTAIIKKIPATVKSGFTRKYNSMTHPVAIYRTGSTIGGGGVGTSTS
TPDFEDVVDADDNPVPADDEETQDSSTDLKKDKLIKQKAKPTKRKTATSKPGGSKKRKTKA
;
A
2 'polypeptide(L)'
;MSKTLSLQLPWVEKYRPQVLSDIVGNKETIDRLQQIAKDGNMPHMIISGMPGIGKTTSVHCLAHELLGRSYADGVLELNA
SDDRGIDVVRNQIKHFAQKKLHLPPGKHKIVILDEADSMTAGAQQALRRTMELYSNSTRFAFACNQSNKIIEPLQSRCAI
LRYSKLSDEDVLKRLLQIIKLEDVKYTNDGLEAIIFTAEGDMRQAINNLQSTVAGHGLVNADNVFKIVDSPHPLIVKKML
LASNLEDSIQILRTDLWKKGYSSIDIVTTSFRVTKNLAQVKESVRLEMIKEIGLTHMRILEGVGTYLQLASMLAKIHKLN
NKA
;
B
3 'polypeptide(L)'
;MSTSTEKRSKENLPWVEKYRPETLDEVYGQNEVITTVRKFVDEGKLPHLLFYGPPGTGKTSTIVALAREIYGKNYSNMVL
ELNASDDRGIDVVRNQIKDFASTRQIFSKGFKLIILDEADAMTNAAQNALRRVIERYTKNTRFCVLANYAHKLTPALLSR
CTRFRFQPLPQEAIERRIANVLVHEKLKLSPNAEKALIELSNGDMRRVLNVLQSCKATLDNPDEDEISDDVIYECCGAPR
PSDLKAVLKSILEDDWGTAHYTLNKVRSAKGLALIDLIEGIVKILEDYELQNEETRVHLLTKLADIEYSISKGGNDQIQG
SAVIGAIKASFENETVKANV
;
C
4 'polypeptide(L)'
;MFEGFGPNKKRKISKLAAEQSLAQQPWVEKYRPKNLDEVTAQDHAVTVLKKTLKSANLPHMLFYGPPGTGKTSTILALTK
ELYGPDLMKSRILELNASDERGISIVREKVKNFARLTVSKPSKHDLENYPCPPYKIIILDEADSMTADAQSALRRTMETY
SGVTRFCLICNYVTRIIDPLASRCSKFRFKALDASNAIDRLRFISEQENVKCDDGVLERILDISAGDLRRGITLLQSASK
GAQYLGDGKNITSTQVEELAGVVPHDILIEIVEKVKSGDFDEIKKYVNTFMKSGWSAASVVNQLHEYYITNDNFDTNFKN
QISWLLFTTDSRLNNGTNEHIQLLNLLVKISQL
;
D
5 'polypeptide(L)'
;MSLWVDKYRPKSLNALSHNEELTNFLKSLSDQPRDLPHLLLYGPNGTGKKTRCMALLESIFGPGVYRLKIDVRQFVTASN
RKLELNVVSSPYHLEITPSDMGNNDRIVIQELLKEVAQMEQVDFQDSKDGLAHRYKCVIINEANSLTKDAQAALRRTMEK
YSKNIRLIMVCDSMSPIIAPIKSRCLLIRCPAPSDSEISTILSDVVTNERIQLETKDILKRIAQASNGNLRVSLLMLESM
ALNNELALKSSSPIIKPDWIIVIHKLTRKIVKERSVNSLIECRAVLYDLLAHCIPANIILKELTFSLLDVETLNTTNKSS
IIEYSSVFDERLSLGNKAIFHLEGFIAKVMCCLD
;
E
6 'polypeptide(L)'
;GPHMASMLEAKFEEASLFKRIIDGFKDCVQLVNFQCKEDGIIAQAVDDSRVLLVSLEIGVEAFQEYRCDHPVTLGMDLTS
LSKILRCGNNTDTLTLIADNTPDSIILLFEDTKKDRIAEYSLKLMDIDADFLKIEELQYDSTLSLPSSEFSKIVRDLSQL
SDSINIMITKETIKFVADGDIGSGSVIIKPFVDMEHPETSIKLEMDQPVDLTFGAKYLLDIIKGSSLSDRVGIRLSSEAP
ALFQFDLKSGFLQFFLAPKFNDEE
;
F,G,H
7 'polydeoxyribonucleotide'
;(DG)(DG)(DG)(DA)(DC)(DG)(DC)(DA)(DC)(DG)(DC)(DG)(DG)(DC)(DA)(DT)(DT)(DC)(DA)(DA)
(DG)(DG)(DA)(DC)(DT)
;
I
8 'polydeoxyribonucleotide'
;(DT)(DT)(DG)(DT)(DG)(DG)(DG)(DT)(DA)(DG)(DA)(DT)(DA)(DA)(DA)(DT)(DA)(DC)(DA)(DG)
(DA)(DC)(DC)(DT)(DA)(DA)(DG)(DT)(DC)(DC)(DT)(DT)(DG)(DA)(DA)(DT)(DG)(DC)(DC)(DG)
(DC)(DG)(DT)(DG)(DC)(DG)(DT)(DC)(DC)(DC)
;
J
9 'polydeoxyribonucleotide' (DC)(DT)(DG)(DT)(DA)(DT)(DT)(DT)(DA)(DT)(DC)(DT)(DA)(DC)(DC)(DC)(DA)(DC)(DA)(DA) K
#
# COMPACT_ATOMS: atom_id res chain seq x y z
N SER A 149 -21.28 17.34 -51.76
CA SER A 149 -22.44 16.62 -51.22
C SER A 149 -23.61 17.58 -51.01
N PHE A 150 -23.68 18.15 -49.81
CA PHE A 150 -24.73 19.10 -49.49
C PHE A 150 -24.53 20.39 -50.28
N PRO A 151 -25.53 20.85 -51.03
CA PRO A 151 -25.39 22.13 -51.74
C PRO A 151 -25.32 23.29 -50.77
N GLU A 152 -24.60 24.32 -51.17
CA GLU A 152 -24.48 25.51 -50.34
C GLU A 152 -25.80 26.27 -50.30
N GLY A 153 -25.98 27.04 -49.22
CA GLY A 153 -27.15 27.86 -49.07
C GLY A 153 -26.78 29.24 -48.55
N LYS A 154 -27.65 30.20 -48.86
CA LYS A 154 -27.45 31.57 -48.40
C LYS A 154 -27.56 31.61 -46.87
N PRO A 155 -26.85 32.54 -46.22
CA PRO A 155 -26.66 32.44 -44.76
C PRO A 155 -27.94 32.44 -43.95
N ASN A 156 -27.95 31.63 -42.88
CA ASN A 156 -29.06 31.55 -41.94
C ASN A 156 -30.37 31.17 -42.62
N CYS A 157 -30.29 30.31 -43.64
CA CYS A 157 -31.49 29.92 -44.37
C CYS A 157 -32.44 29.12 -43.49
N LEU A 158 -31.89 28.27 -42.62
CA LEU A 158 -32.68 27.42 -41.74
C LEU A 158 -32.98 28.08 -40.39
N LEU A 159 -32.92 29.40 -40.32
CA LEU A 159 -33.16 30.09 -39.06
C LEU A 159 -34.61 29.95 -38.63
N GLY A 160 -34.82 29.77 -37.33
CA GLY A 160 -36.16 29.64 -36.78
C GLY A 160 -36.80 28.28 -36.95
N LEU A 161 -36.05 27.28 -37.40
CA LEU A 161 -36.57 25.93 -37.62
C LEU A 161 -36.02 24.99 -36.56
N THR A 162 -36.90 24.24 -35.92
CA THR A 162 -36.51 23.24 -34.94
C THR A 162 -36.37 21.90 -35.65
N ILE A 163 -35.14 21.38 -35.72
CA ILE A 163 -34.84 20.15 -36.43
C ILE A 163 -34.24 19.16 -35.44
N VAL A 164 -34.79 17.96 -35.40
CA VAL A 164 -34.29 16.86 -34.57
C VAL A 164 -33.81 15.77 -35.52
N PHE A 165 -32.57 15.34 -35.33
CA PHE A 165 -31.92 14.40 -36.25
C PHE A 165 -32.05 12.97 -35.75
N THR A 166 -33.30 12.50 -35.70
CA THR A 166 -33.58 11.20 -35.10
C THR A 166 -33.00 10.05 -35.90
N GLY A 167 -33.24 10.04 -37.22
CA GLY A 167 -32.77 8.92 -38.03
C GLY A 167 -31.27 8.96 -38.22
N VAL A 168 -30.66 7.77 -38.21
CA VAL A 168 -29.23 7.64 -38.48
C VAL A 168 -29.00 7.87 -39.97
N LEU A 169 -28.11 8.80 -40.29
CA LEU A 169 -27.96 9.24 -41.66
C LEU A 169 -26.72 8.64 -42.29
N PRO A 170 -26.85 7.88 -43.37
CA PRO A 170 -25.67 7.23 -43.97
C PRO A 170 -24.59 8.20 -44.41
N THR A 171 -24.98 9.34 -44.99
CA THR A 171 -23.98 10.25 -45.56
C THR A 171 -23.15 10.92 -44.47
N LEU A 172 -23.81 11.50 -43.47
CA LEU A 172 -23.13 12.20 -42.39
C LEU A 172 -23.60 11.66 -41.04
N GLU A 173 -22.66 11.52 -40.11
CA GLU A 173 -22.98 11.11 -38.76
C GLU A 173 -23.70 12.24 -38.01
N ARG A 174 -24.17 11.91 -36.81
CA ARG A 174 -25.07 12.81 -36.08
C ARG A 174 -24.43 14.19 -35.86
N GLY A 175 -23.18 14.22 -35.43
CA GLY A 175 -22.54 15.51 -35.14
C GLY A 175 -22.36 16.36 -36.37
N ALA A 176 -22.00 15.73 -37.49
CA ALA A 176 -21.83 16.49 -38.73
C ALA A 176 -23.15 17.09 -39.19
N SER A 177 -24.23 16.32 -39.13
CA SER A 177 -25.54 16.85 -39.50
C SER A 177 -25.97 17.97 -38.55
N GLU A 178 -25.72 17.81 -37.25
CA GLU A 178 -26.05 18.87 -36.30
C GLU A 178 -25.26 20.13 -36.60
N ALA A 179 -23.98 20.00 -36.92
CA ALA A 179 -23.16 21.17 -37.22
C ALA A 179 -23.63 21.86 -38.50
N LEU A 180 -23.92 21.08 -39.55
CA LEU A 180 -24.37 21.67 -40.80
C LEU A 180 -25.78 22.22 -40.72
N ALA A 181 -26.57 21.82 -39.72
CA ALA A 181 -27.84 22.46 -39.45
C ALA A 181 -27.71 23.73 -38.61
N LYS A 182 -26.81 23.73 -37.64
CA LYS A 182 -26.59 24.92 -36.82
C LYS A 182 -25.84 26.00 -37.60
N ARG A 183 -25.16 25.62 -38.68
CA ARG A 183 -24.49 26.62 -39.52
C ARG A 183 -25.47 27.63 -40.08
N TYR A 184 -26.71 27.22 -40.35
CA TYR A 184 -27.71 28.08 -40.93
C TYR A 184 -28.76 28.54 -39.92
N GLY A 185 -28.42 28.53 -38.63
CA GLY A 185 -29.29 29.08 -37.62
C GLY A 185 -30.39 28.17 -37.11
N ALA A 186 -30.41 26.90 -37.52
CA ALA A 186 -31.44 25.99 -37.05
C ALA A 186 -31.21 25.61 -35.60
N ARG A 187 -32.29 25.24 -34.93
CA ARG A 187 -32.26 24.83 -33.53
C ARG A 187 -32.40 23.32 -33.44
N VAL A 188 -31.48 22.69 -32.71
CA VAL A 188 -31.46 21.24 -32.57
C VAL A 188 -31.80 20.89 -31.12
N THR A 189 -32.85 20.08 -30.94
CA THR A 189 -33.26 19.61 -29.63
C THR A 189 -33.24 18.10 -29.60
N LYS A 190 -32.99 17.53 -28.42
CA LYS A 190 -32.91 16.09 -28.27
C LYS A 190 -34.26 15.41 -28.13
N SER A 191 -35.33 16.17 -27.92
CA SER A 191 -36.66 15.60 -27.68
C SER A 191 -37.61 16.09 -28.77
N ILE A 192 -38.34 15.15 -29.38
CA ILE A 192 -39.38 15.51 -30.34
C ILE A 192 -40.59 16.03 -29.58
N SER A 193 -41.08 17.21 -29.98
CA SER A 193 -42.16 17.86 -29.26
C SER A 193 -43.12 18.49 -30.25
N SER A 194 -44.17 19.09 -29.71
CA SER A 194 -45.17 19.80 -30.52
C SER A 194 -44.52 20.97 -31.27
N LYS A 195 -43.50 21.57 -30.68
CA LYS A 195 -42.81 22.70 -31.29
C LYS A 195 -41.81 22.29 -32.36
N THR A 196 -41.54 21.00 -32.52
CA THR A 196 -40.59 20.53 -33.52
C THR A 196 -41.11 20.80 -34.93
N SER A 197 -40.45 21.70 -35.65
CA SER A 197 -40.90 22.05 -36.99
C SER A 197 -40.70 20.88 -37.96
N VAL A 198 -39.50 20.31 -37.99
CA VAL A 198 -39.17 19.25 -38.93
C VAL A 198 -38.35 18.20 -38.21
N VAL A 199 -38.66 16.92 -38.47
CA VAL A 199 -37.88 15.80 -37.99
C VAL A 199 -37.20 15.14 -39.19
N VAL A 200 -35.89 15.01 -39.11
CA VAL A 200 -35.09 14.47 -40.21
C VAL A 200 -34.76 13.03 -39.86
N LEU A 201 -35.29 12.08 -40.65
CA LEU A 201 -34.99 10.67 -40.50
C LEU A 201 -34.95 10.03 -41.89
N GLY A 202 -33.78 9.54 -42.28
CA GLY A 202 -33.68 8.81 -43.53
C GLY A 202 -34.16 7.38 -43.38
N ASP A 203 -33.67 6.67 -42.37
CA ASP A 203 -34.05 5.30 -42.02
C ASP A 203 -33.56 4.98 -40.62
N GLU A 204 -33.90 3.78 -40.12
CA GLU A 204 -33.48 3.31 -38.80
C GLU A 204 -33.90 4.30 -37.70
N ALA A 205 -35.19 4.63 -37.68
CA ALA A 205 -35.74 5.48 -36.66
C ALA A 205 -36.30 4.64 -35.51
N GLY A 206 -36.27 5.22 -34.31
CA GLY A 206 -36.78 4.55 -33.13
C GLY A 206 -38.27 4.30 -33.20
N PRO A 207 -38.69 3.09 -32.84
CA PRO A 207 -40.13 2.77 -32.93
C PRO A 207 -41.01 3.65 -32.06
N LYS A 208 -40.71 3.72 -30.76
CA LYS A 208 -41.49 4.58 -29.88
C LYS A 208 -41.36 6.04 -30.30
N LYS A 209 -40.17 6.45 -30.74
CA LYS A 209 -39.99 7.81 -31.24
C LYS A 209 -40.83 8.04 -32.49
N LEU A 210 -40.92 7.04 -33.37
CA LEU A 210 -41.78 7.16 -34.54
C LEU A 210 -43.24 7.32 -34.15
N GLU A 211 -43.70 6.57 -33.13
CA GLU A 211 -45.06 6.77 -32.66
C GLU A 211 -45.25 8.17 -32.07
N LYS A 212 -44.23 8.69 -31.38
CA LYS A 212 -44.32 10.06 -30.89
C LYS A 212 -44.49 11.04 -32.03
N ILE A 213 -43.70 10.88 -33.10
CA ILE A 213 -43.86 11.75 -34.28
C ILE A 213 -45.27 11.61 -34.85
N LYS A 214 -45.79 10.38 -34.91
CA LYS A 214 -47.11 10.15 -35.49
C LYS A 214 -48.19 10.84 -34.65
N GLN A 215 -48.11 10.75 -33.33
CA GLN A 215 -49.12 11.38 -32.48
C GLN A 215 -49.03 12.89 -32.51
N LEU A 216 -47.82 13.45 -32.53
CA LEU A 216 -47.69 14.91 -32.52
C LEU A 216 -47.79 15.53 -33.91
N LYS A 217 -47.96 14.73 -34.96
CA LYS A 217 -48.15 15.24 -36.33
C LYS A 217 -46.97 16.11 -36.78
N ILE A 218 -45.76 15.60 -36.58
CA ILE A 218 -44.55 16.30 -37.00
C ILE A 218 -44.15 15.82 -38.39
N LYS A 219 -43.91 16.77 -39.30
CA LYS A 219 -43.49 16.43 -40.65
C LYS A 219 -42.10 15.81 -40.63
N ALA A 220 -41.90 14.79 -41.46
CA ALA A 220 -40.65 14.05 -41.51
C ALA A 220 -40.07 14.09 -42.92
N ILE A 221 -38.76 14.27 -43.00
CA ILE A 221 -38.03 14.33 -44.26
C ILE A 221 -36.77 13.48 -44.16
N ASP A 222 -36.24 13.13 -45.33
CA ASP A 222 -35.05 12.30 -45.42
C ASP A 222 -33.82 13.15 -45.74
N GLU A 223 -32.69 12.47 -46.01
CA GLU A 223 -31.44 13.19 -46.29
C GLU A 223 -31.56 14.02 -47.56
N GLU A 224 -32.12 13.45 -48.64
CA GLU A 224 -32.31 14.21 -49.87
C GLU A 224 -33.28 15.36 -49.65
N GLY A 225 -34.29 15.14 -48.81
CA GLY A 225 -35.16 16.24 -48.42
C GLY A 225 -34.41 17.35 -47.72
N PHE A 226 -33.43 16.98 -46.87
CA PHE A 226 -32.61 17.99 -46.21
C PHE A 226 -31.77 18.74 -47.25
N LYS A 227 -31.23 18.03 -48.23
CA LYS A 227 -30.46 18.64 -49.30
C LYS A 227 -31.29 19.67 -50.04
N GLN A 228 -32.52 19.31 -50.40
CA GLN A 228 -33.39 20.23 -51.12
C GLN A 228 -33.87 21.37 -50.24
N LEU A 229 -34.09 21.10 -48.95
CA LEU A 229 -34.58 22.13 -48.04
C LEU A 229 -33.53 23.20 -47.79
N ILE A 230 -32.24 22.81 -47.80
CA ILE A 230 -31.19 23.81 -47.65
C ILE A 230 -31.28 24.86 -48.75
N ALA A 231 -31.45 24.43 -50.00
CA ALA A 231 -31.56 25.39 -51.10
C ALA A 231 -32.90 26.11 -51.07
N GLY A 232 -33.98 25.40 -50.72
CA GLY A 232 -35.30 25.98 -50.81
C GLY A 232 -35.55 27.12 -49.84
N MET A 233 -35.07 26.97 -48.60
CA MET A 233 -35.39 27.94 -47.56
C MET A 233 -34.74 29.28 -47.87
N PRO A 234 -35.45 30.40 -47.59
CA PRO A 234 -34.87 31.72 -47.86
C PRO A 234 -33.95 32.19 -46.75
N ALA A 235 -33.27 33.32 -46.98
CA ALA A 235 -32.28 33.80 -46.02
C ALA A 235 -32.95 34.26 -44.73
N GLU A 236 -32.22 34.11 -43.63
CA GLU A 236 -32.65 34.48 -42.28
C GLU A 236 -33.97 33.82 -41.90
N GLY A 237 -34.24 32.63 -42.42
CA GLY A 237 -35.47 31.92 -42.13
C GLY A 237 -36.66 32.44 -42.92
N ASP A 239 -40.96 37.19 -43.51
CA ASP A 239 -41.01 35.76 -43.81
C ASP A 239 -41.84 35.01 -42.77
N GLY A 240 -41.22 34.02 -42.14
CA GLY A 240 -41.89 33.26 -41.10
C GLY A 240 -41.96 34.01 -39.78
N GLU A 241 -43.05 33.76 -39.05
CA GLU A 241 -43.24 34.42 -37.76
C GLU A 241 -42.17 34.01 -36.77
N ALA A 242 -41.85 32.71 -36.70
CA ALA A 242 -40.79 32.24 -35.82
C ALA A 242 -39.44 32.76 -36.28
N ALA A 243 -39.22 32.82 -37.60
CA ALA A 243 -37.98 33.37 -38.13
C ALA A 243 -37.82 34.83 -37.74
N GLU A 244 -38.92 35.59 -37.73
CA GLU A 244 -38.85 36.98 -37.27
C GLU A 244 -38.47 37.06 -35.80
N LYS A 245 -39.00 36.14 -34.98
CA LYS A 245 -38.62 36.12 -33.57
C LYS A 245 -37.14 35.81 -33.39
N ALA A 246 -36.61 34.86 -34.17
CA ALA A 246 -35.18 34.58 -34.11
C ALA A 246 -34.36 35.77 -34.56
N ARG A 247 -34.81 36.46 -35.62
CA ARG A 247 -34.16 37.69 -36.06
C ARG A 247 -34.09 38.70 -34.93
N ARG A 248 -35.23 38.93 -34.26
CA ARG A 248 -35.27 39.89 -33.17
C ARG A 248 -34.36 39.49 -32.03
N LYS A 249 -34.35 38.21 -31.67
CA LYS A 249 -33.47 37.76 -30.60
C LYS A 249 -32.01 38.01 -30.94
N LEU A 250 -31.61 37.70 -32.18
CA LEU A 250 -30.23 37.94 -32.60
C LEU A 250 -29.90 39.43 -32.54
N GLU A 251 -30.83 40.28 -33.00
CA GLU A 251 -30.58 41.71 -33.00
C GLU A 251 -30.42 42.26 -31.59
N GLU A 252 -31.30 41.84 -30.66
CA GLU A 252 -31.14 42.29 -29.27
C GLU A 252 -29.83 41.79 -28.67
N GLN A 253 -29.46 40.54 -28.95
CA GLN A 253 -28.21 40.02 -28.40
C GLN A 253 -27.02 40.83 -28.91
N HIS A 254 -26.99 41.13 -30.20
CA HIS A 254 -25.92 41.95 -30.76
C HIS A 254 -25.93 43.35 -30.17
N ASN A 255 -27.13 43.91 -29.95
CA ASN A 255 -27.23 45.26 -29.38
C ASN A 255 -26.66 45.31 -27.98
N ILE A 256 -27.01 44.34 -27.13
CA ILE A 256 -26.44 44.30 -25.79
C ILE A 256 -24.94 44.08 -25.84
N ALA A 257 -24.47 43.25 -26.78
CA ALA A 257 -23.03 43.07 -26.95
C ALA A 257 -22.35 44.41 -27.23
N THR A 258 -22.89 45.17 -28.18
CA THR A 258 -22.30 46.47 -28.50
C THR A 258 -22.37 47.43 -27.32
N LYS A 259 -23.48 47.41 -26.58
CA LYS A 259 -23.62 48.32 -25.44
C LYS A 259 -22.58 48.03 -24.35
N GLU A 260 -22.40 46.75 -24.00
CA GLU A 260 -21.40 46.42 -22.99
C GLU A 260 -19.98 46.67 -23.51
N ALA A 261 -19.75 46.46 -24.82
CA ALA A 261 -18.44 46.80 -25.37
C ALA A 261 -18.15 48.28 -25.24
N GLU A 262 -19.14 49.12 -25.55
CA GLU A 262 -18.97 50.57 -25.42
C GLU A 262 -18.74 50.95 -23.97
N LEU A 263 -19.47 50.32 -23.04
CA LEU A 263 -19.27 50.59 -21.62
C LEU A 263 -17.85 50.23 -21.19
N LEU A 264 -17.33 49.10 -21.67
CA LEU A 264 -15.97 48.71 -21.34
C LEU A 264 -14.95 49.69 -21.92
N VAL A 265 -15.20 50.18 -23.14
CA VAL A 265 -14.30 51.20 -23.71
C VAL A 265 -14.32 52.46 -22.86
N LYS A 266 -15.50 52.89 -22.42
CA LYS A 266 -15.58 54.07 -21.55
C LYS A 266 -14.83 53.84 -20.24
N LYS A 267 -14.98 52.65 -19.65
CA LYS A 267 -14.25 52.35 -18.42
C LYS A 267 -12.75 52.38 -18.63
N GLU A 268 -12.28 51.84 -19.76
CA GLU A 268 -10.86 51.89 -20.07
C GLU A 268 -10.39 53.33 -20.24
N GLU A 269 -11.20 54.16 -20.88
CA GLU A 269 -10.84 55.57 -21.04
C GLU A 269 -10.74 56.28 -19.70
N GLU A 270 -11.69 56.02 -18.79
CA GLU A 270 -11.61 56.62 -17.46
C GLU A 270 -10.38 56.14 -16.71
N ARG A 271 -10.05 54.85 -16.83
CA ARG A 271 -8.84 54.35 -16.18
C ARG A 271 -7.59 55.00 -16.75
N SER A 272 -7.55 55.22 -18.06
CA SER A 272 -6.42 55.89 -18.68
C SER A 272 -6.30 57.33 -18.19
N LYS A 273 -7.42 58.04 -18.10
CA LYS A 273 -7.38 59.41 -17.58
C LYS A 273 -6.91 59.44 -16.14
N LYS A 274 -7.39 58.50 -15.31
CA LYS A 274 -6.96 58.45 -13.92
C LYS A 274 -5.47 58.17 -13.81
N LEU A 275 -4.96 57.26 -14.66
CA LEU A 275 -3.52 56.97 -14.65
C LEU A 275 -2.72 58.20 -15.09
N ALA A 276 -3.21 58.91 -16.10
CA ALA A 276 -2.51 60.12 -16.55
C ALA A 276 -2.50 61.18 -15.46
N ALA A 277 -3.61 61.34 -14.74
CA ALA A 277 -3.69 62.32 -13.67
C ALA A 277 -2.85 61.90 -12.48
N VAL A 290 -1.31 48.18 -11.04
CA VAL A 290 -0.16 48.67 -11.79
C VAL A 290 0.08 47.78 -13.00
N VAL A 291 -0.52 46.58 -12.98
CA VAL A 291 -0.38 45.65 -14.09
C VAL A 291 -1.17 46.15 -15.29
N ARG A 292 -0.53 46.16 -16.45
CA ARG A 292 -1.19 46.61 -17.67
C ARG A 292 -2.33 45.66 -18.03
N GLU A 293 -3.38 46.22 -18.63
CA GLU A 293 -4.61 45.46 -18.85
C GLU A 293 -4.39 44.30 -19.81
N GLU A 294 -3.66 44.54 -20.90
CA GLU A 294 -3.43 43.48 -21.88
C GLU A 294 -2.58 42.36 -21.29
N ASP A 295 -1.83 42.64 -20.23
CA ASP A 295 -1.07 41.60 -19.55
C ASP A 295 -1.99 40.56 -18.92
N LYS A 296 -3.12 41.00 -18.36
CA LYS A 296 -4.03 40.11 -17.68
C LYS A 296 -4.67 39.13 -18.65
N LEU A 297 -5.02 37.95 -18.14
CA LEU A 297 -5.74 36.98 -18.94
C LEU A 297 -7.18 37.42 -19.15
N TRP A 298 -7.80 36.84 -20.19
CA TRP A 298 -9.19 37.18 -20.50
C TRP A 298 -10.14 36.75 -19.39
N THR A 299 -9.78 35.73 -18.60
CA THR A 299 -10.66 35.26 -17.54
C THR A 299 -10.78 36.30 -16.42
N VAL A 300 -9.67 36.95 -16.07
CA VAL A 300 -9.65 37.88 -14.95
C VAL A 300 -9.96 39.31 -15.40
N LYS A 301 -9.65 39.64 -16.66
CA LYS A 301 -9.93 41.00 -17.13
C LYS A 301 -11.40 41.20 -17.44
N TYR A 302 -12.14 40.12 -17.72
CA TYR A 302 -13.58 40.18 -17.89
C TYR A 302 -14.33 39.53 -16.73
N ALA A 303 -13.72 39.45 -15.57
CA ALA A 303 -14.40 38.89 -14.40
C ALA A 303 -15.57 39.81 -14.01
N PRO A 304 -16.69 39.23 -13.57
CA PRO A 304 -17.85 40.05 -13.22
C PRO A 304 -17.56 40.94 -12.01
N THR A 305 -17.81 42.23 -12.17
CA THR A 305 -17.62 43.19 -11.08
C THR A 305 -18.89 43.42 -10.26
N ASN A 306 -20.04 43.00 -10.77
CA ASN A 306 -21.30 43.14 -10.05
C ASN A 306 -22.18 41.94 -10.37
N LEU A 307 -23.17 41.71 -9.52
CA LEU A 307 -23.96 40.49 -9.60
C LEU A 307 -24.88 40.44 -10.81
N GLN A 308 -25.01 41.55 -11.55
CA GLN A 308 -25.84 41.58 -12.74
C GLN A 308 -25.13 41.07 -13.99
N GLN A 309 -23.85 40.71 -13.88
CA GLN A 309 -23.10 40.18 -15.01
C GLN A 309 -22.84 38.68 -14.92
N VAL A 310 -23.22 38.03 -13.82
CA VAL A 310 -23.07 36.59 -13.71
C VAL A 310 -24.02 35.90 -14.68
N CYS A 311 -23.51 34.92 -15.42
CA CYS A 311 -24.27 34.21 -16.44
C CYS A 311 -24.80 32.91 -15.85
N GLY A 312 -26.12 32.76 -15.85
CA GLY A 312 -26.74 31.53 -15.37
C GLY A 312 -26.82 31.47 -13.85
N ASN A 313 -27.59 30.50 -13.39
CA ASN A 313 -27.77 30.23 -11.95
C ASN A 313 -28.25 31.48 -11.20
N LYS A 314 -29.17 32.22 -11.83
CA LYS A 314 -29.68 33.44 -11.21
C LYS A 314 -30.42 33.13 -9.91
N GLY A 315 -31.19 32.04 -9.89
CA GLY A 315 -31.91 31.68 -8.68
C GLY A 315 -30.99 31.37 -7.52
N SER A 316 -29.89 30.66 -7.79
CA SER A 316 -28.92 30.36 -6.73
C SER A 316 -28.28 31.64 -6.20
N VAL A 317 -27.94 32.58 -7.09
CA VAL A 317 -27.36 33.85 -6.65
C VAL A 317 -28.35 34.61 -5.79
N MET A 318 -29.61 34.67 -6.21
CA MET A 318 -30.63 35.38 -5.44
C MET A 318 -30.82 34.73 -4.08
N LYS A 319 -30.87 33.40 -4.03
CA LYS A 319 -31.05 32.70 -2.76
C LYS A 319 -29.87 32.95 -1.82
N LEU A 320 -28.65 32.89 -2.35
CA LEU A 320 -27.47 33.13 -1.51
C LEU A 320 -27.45 34.57 -1.01
N LYS A 321 -27.80 35.53 -1.88
CA LYS A 321 -27.85 36.93 -1.46
C LYS A 321 -28.89 37.13 -0.36
N ASN A 322 -30.07 36.54 -0.52
CA ASN A 322 -31.10 36.67 0.50
C ASN A 322 -30.66 36.02 1.82
N TRP A 323 -30.01 34.85 1.73
CA TRP A 323 -29.53 34.19 2.94
C TRP A 323 -28.51 35.07 3.68
N LEU A 324 -27.55 35.63 2.94
CA LEU A 324 -26.52 36.42 3.61
C LEU A 324 -27.08 37.75 4.10
N ALA A 325 -28.15 38.26 3.46
CA ALA A 325 -28.77 39.49 3.92
C ALA A 325 -29.58 39.26 5.19
N ASN A 326 -30.31 38.15 5.26
CA ASN A 326 -31.12 37.83 6.42
C ASN A 326 -30.36 37.05 7.49
N TRP A 327 -29.05 36.82 7.28
CA TRP A 327 -28.25 36.16 8.30
C TRP A 327 -28.29 36.91 9.63
N GLU A 328 -28.18 38.23 9.60
CA GLU A 328 -28.22 39.00 10.84
C GLU A 328 -29.56 38.88 11.54
N ASN A 329 -30.65 38.93 10.76
CA ASN A 329 -31.99 38.80 11.35
C ASN A 329 -32.18 37.42 11.97
N SER A 330 -31.70 36.37 11.29
CA SER A 330 -31.79 35.03 11.85
C SER A 330 -30.91 34.90 13.09
N LYS A 331 -29.77 35.59 13.11
CA LYS A 331 -28.91 35.60 14.29
C LYS A 331 -29.62 36.24 15.47
N LYS A 332 -30.35 37.33 15.24
CA LYS A 332 -31.14 37.92 16.32
C LYS A 332 -32.21 36.96 16.80
N ASN A 333 -32.79 36.16 15.89
CA ASN A 333 -33.75 35.14 16.26
C ASN A 333 -33.11 33.87 16.78
N SER A 334 -31.77 33.84 16.90
CA SER A 334 -30.97 32.72 17.40
C SER A 334 -31.00 31.53 16.45
N PHE A 335 -31.35 31.73 15.18
CA PHE A 335 -31.34 30.73 14.10
C PHE A 335 -32.37 29.64 14.30
N LYS A 336 -33.17 29.66 15.37
CA LYS A 336 -34.22 28.66 15.53
C LYS A 336 -35.30 28.84 14.47
N HIS A 337 -35.66 30.08 14.17
CA HIS A 337 -36.68 30.35 13.16
C HIS A 337 -36.08 30.21 11.76
N ALA A 338 -36.81 29.52 10.87
CA ALA A 338 -36.31 29.30 9.52
C ALA A 338 -36.55 30.51 8.62
N GLY A 339 -37.68 31.19 8.78
CA GLY A 339 -38.01 32.35 7.98
C GLY A 339 -38.88 31.98 6.78
N LYS A 340 -39.25 33.02 6.03
CA LYS A 340 -40.09 32.81 4.85
C LYS A 340 -39.36 32.00 3.79
N ASP A 341 -38.12 32.39 3.47
CA ASP A 341 -37.36 31.66 2.46
C ASP A 341 -36.82 30.34 3.00
N GLY A 342 -36.73 30.20 4.33
CA GLY A 342 -36.21 29.01 4.94
C GLY A 342 -34.71 29.03 5.18
N SER A 343 -33.99 30.00 4.60
CA SER A 343 -32.54 30.12 4.76
C SER A 343 -32.27 31.02 5.96
N GLY A 344 -32.80 30.61 7.11
CA GLY A 344 -32.57 31.33 8.35
C GLY A 344 -32.33 30.39 9.50
N VAL A 345 -32.34 29.08 9.21
CA VAL A 345 -32.06 28.06 10.22
C VAL A 345 -30.68 27.45 10.04
N PHE A 346 -30.00 27.75 8.94
CA PHE A 346 -28.69 27.20 8.65
C PHE A 346 -27.64 28.27 8.84
N ARG A 347 -26.62 27.98 9.65
CA ARG A 347 -25.55 28.94 9.90
C ARG A 347 -24.54 29.02 8.76
N ALA A 348 -24.31 27.90 8.07
CA ALA A 348 -23.35 27.83 6.98
C ALA A 348 -24.04 27.45 5.68
N ALA A 349 -23.48 27.90 4.57
CA ALA A 349 -24.01 27.63 3.24
C ALA A 349 -22.92 27.01 2.36
N MET A 350 -23.33 26.07 1.51
CA MET A 350 -22.41 25.37 0.63
C MET A 350 -22.80 25.64 -0.82
N LEU A 351 -21.83 26.05 -1.63
CA LEU A 351 -22.02 26.25 -3.07
C LEU A 351 -21.22 25.19 -3.80
N TYR A 352 -21.90 24.34 -4.56
CA TYR A 352 -21.27 23.23 -5.24
C TYR A 352 -21.81 23.09 -6.65
N GLY A 353 -20.93 22.73 -7.59
CA GLY A 353 -21.30 22.58 -8.98
C GLY A 353 -20.10 22.24 -9.84
N PRO A 354 -20.31 22.14 -11.15
CA PRO A 354 -19.19 21.90 -12.06
C PRO A 354 -18.19 23.03 -11.97
N PRO A 355 -16.91 22.75 -12.21
CA PRO A 355 -15.89 23.79 -12.10
C PRO A 355 -16.08 24.89 -13.14
N GLY A 356 -15.73 26.12 -12.74
CA GLY A 356 -15.72 27.24 -13.65
C GLY A 356 -17.06 27.87 -13.95
N ILE A 357 -18.08 27.64 -13.13
CA ILE A 357 -19.40 28.19 -13.40
C ILE A 357 -19.64 29.50 -12.66
N GLY A 358 -18.84 29.81 -11.64
CA GLY A 358 -18.90 31.12 -11.01
C GLY A 358 -19.32 31.14 -9.57
N LYS A 359 -19.04 30.07 -8.82
CA LYS A 359 -19.41 30.03 -7.41
C LYS A 359 -18.56 31.01 -6.60
N THR A 360 -17.24 31.00 -6.81
CA THR A 360 -16.36 31.90 -6.07
C THR A 360 -16.66 33.36 -6.39
N THR A 361 -16.88 33.67 -7.66
CA THR A 361 -17.20 35.04 -8.05
C THR A 361 -18.51 35.48 -7.42
N ALA A 362 -19.52 34.60 -7.43
CA ALA A 362 -20.81 34.94 -6.83
C ALA A 362 -20.67 35.19 -5.33
N ALA A 363 -19.93 34.34 -4.64
CA ALA A 363 -19.72 34.53 -3.20
C ALA A 363 -18.99 35.84 -2.92
N HIS A 364 -17.93 36.12 -3.66
CA HIS A 364 -17.19 37.38 -3.47
C HIS A 364 -18.10 38.57 -3.72
N LEU A 365 -18.93 38.51 -4.76
CA LEU A 365 -19.76 39.65 -5.12
C LEU A 365 -20.88 39.87 -4.11
N VAL A 366 -21.52 38.80 -3.62
CA VAL A 366 -22.55 38.96 -2.61
C VAL A 366 -21.94 39.45 -1.29
N ALA A 367 -20.70 39.04 -1.00
CA ALA A 367 -20.04 39.57 0.19
C ALA A 367 -19.72 41.05 0.02
N GLN A 368 -19.30 41.46 -1.18
CA GLN A 368 -18.94 42.85 -1.41
C GLN A 368 -20.17 43.76 -1.37
N GLU A 369 -21.27 43.32 -1.98
CA GLU A 369 -22.45 44.17 -2.08
C GLU A 369 -23.05 44.46 -0.69
N LEU A 370 -23.11 43.44 0.16
CA LEU A 370 -23.78 43.61 1.45
C LEU A 370 -22.88 44.26 2.49
N GLY A 371 -21.59 44.45 2.19
CA GLY A 371 -20.72 45.23 3.03
C GLY A 371 -19.87 44.47 4.02
N TYR A 372 -19.93 43.13 4.02
CA TYR A 372 -19.09 42.36 4.92
C TYR A 372 -17.64 42.37 4.45
N ASP A 373 -16.74 42.00 5.35
CA ASP A 373 -15.31 41.92 5.06
C ASP A 373 -14.96 40.51 4.61
N ILE A 374 -14.34 40.41 3.44
CA ILE A 374 -14.07 39.11 2.82
C ILE A 374 -12.79 38.54 3.41
N LEU A 375 -12.88 37.33 3.97
CA LEU A 375 -11.73 36.54 4.38
C LEU A 375 -11.74 35.23 3.61
N GLU A 376 -10.74 35.03 2.76
CA GLU A 376 -10.69 33.88 1.86
C GLU A 376 -9.61 32.92 2.32
N GLN A 377 -9.97 31.66 2.51
CA GLN A 377 -9.05 30.60 2.89
C GLN A 377 -9.20 29.44 1.92
N ASN A 378 -8.09 28.94 1.40
CA ASN A 378 -8.09 27.81 0.48
C ASN A 378 -7.98 26.54 1.32
N ALA A 379 -9.04 25.74 1.33
CA ALA A 379 -9.05 24.54 2.17
C ALA A 379 -8.04 23.50 1.69
N SER A 380 -7.76 23.47 0.38
CA SER A 380 -6.74 22.57 -0.11
C SER A 380 -5.36 22.95 0.42
N ASP A 381 -5.07 24.25 0.50
CA ASP A 381 -3.81 24.69 1.08
C ASP A 381 -3.78 24.41 2.58
N VAL A 382 -4.88 24.70 3.27
CA VAL A 382 -4.96 24.50 4.72
C VAL A 382 -6.04 23.47 5.01
N ARG A 383 -5.63 22.21 5.19
CA ARG A 383 -6.56 21.11 5.39
C ARG A 383 -6.40 20.40 6.72
N SER A 384 -5.26 20.57 7.40
CA SER A 384 -5.02 19.88 8.66
C SER A 384 -5.89 20.47 9.77
N LYS A 385 -6.08 19.68 10.84
CA LYS A 385 -6.86 20.15 11.97
C LYS A 385 -6.20 21.33 12.67
N THR A 386 -4.87 21.30 12.80
CA THR A 386 -4.20 22.32 13.61
C THR A 386 -4.33 23.71 12.99
N LEU A 387 -3.94 23.86 11.73
CA LEU A 387 -3.92 25.16 11.09
C LEU A 387 -5.34 25.71 10.91
N LEU A 388 -6.23 24.90 10.33
CA LEU A 388 -7.62 25.31 10.18
C LEU A 388 -8.24 25.64 11.52
N ASN A 389 -8.05 24.77 12.50
CA ASN A 389 -8.57 24.98 13.84
C ASN A 389 -8.17 26.34 14.37
N ALA A 390 -6.86 26.57 14.54
CA ALA A 390 -6.39 27.83 15.10
C ALA A 390 -6.90 29.02 14.30
N GLY A 391 -6.55 29.07 13.01
CA GLY A 391 -6.88 30.24 12.21
C GLY A 391 -8.37 30.53 12.17
N VAL A 392 -9.16 29.58 11.67
CA VAL A 392 -10.57 29.84 11.48
C VAL A 392 -11.32 29.97 12.81
N LYS A 393 -10.88 29.29 13.87
CA LYS A 393 -11.52 29.47 15.17
C LYS A 393 -11.34 30.88 15.70
N ASN A 394 -10.10 31.39 15.68
CA ASN A 394 -9.91 32.76 16.13
C ASN A 394 -10.46 33.76 15.11
N ALA A 395 -10.84 33.27 13.92
CA ALA A 395 -11.54 34.12 12.96
C ALA A 395 -13.04 34.15 13.17
N LEU A 396 -13.64 33.09 13.73
CA LEU A 396 -15.10 33.01 13.83
C LEU A 396 -15.70 34.08 14.72
N ASP A 397 -15.11 34.35 15.89
CA ASP A 397 -15.71 35.24 16.87
C ASP A 397 -14.94 36.55 17.02
N ASN A 398 -14.21 36.98 15.99
CA ASN A 398 -13.39 38.17 16.05
C ASN A 398 -13.85 39.19 15.02
N MET A 399 -13.77 40.46 15.39
CA MET A 399 -14.03 41.54 14.45
C MET A 399 -12.81 41.75 13.56
N SER A 400 -12.99 42.58 12.53
CA SER A 400 -11.93 42.84 11.55
C SER A 400 -11.24 44.14 11.92
N VAL A 401 -9.93 44.05 12.20
CA VAL A 401 -9.14 45.27 12.38
C VAL A 401 -9.11 46.06 11.09
N VAL A 402 -9.05 45.36 9.95
CA VAL A 402 -9.19 46.02 8.66
C VAL A 402 -10.58 46.64 8.52
N GLY A 403 -11.62 45.97 9.01
CA GLY A 403 -12.96 46.52 8.96
C GLY A 403 -13.14 47.72 9.85
N TYR A 404 -12.50 47.72 11.03
CA TYR A 404 -12.60 48.85 11.93
C TYR A 404 -11.81 50.04 11.40
N PHE A 405 -10.58 49.81 10.94
CA PHE A 405 -9.73 50.87 10.42
C PHE A 405 -10.13 51.29 9.01
N LYS A 406 -11.03 50.56 8.36
CA LYS A 406 -11.49 50.91 7.01
C LYS A 406 -12.71 51.82 7.07
N HIS A 407 -12.53 52.98 7.72
CA HIS A 407 -13.55 54.03 7.78
C HIS A 407 -14.84 53.53 8.41
N ASN A 408 -14.72 53.16 9.68
CA ASN A 408 -15.88 52.80 10.49
C ASN A 408 -16.79 54.00 10.77
N GLU A 409 -16.28 55.22 10.58
CA GLU A 409 -17.02 56.41 11.00
C GLU A 409 -18.36 56.54 10.29
N GLU A 410 -18.40 56.30 8.98
CA GLU A 410 -19.69 56.36 8.28
C GLU A 410 -20.54 55.15 8.62
N ALA A 411 -21.85 55.38 8.78
CA ALA A 411 -22.78 54.39 9.29
C ALA A 411 -23.55 53.65 8.20
N GLN A 412 -23.19 53.81 6.93
CA GLN A 412 -23.90 53.10 5.87
C GLN A 412 -23.74 51.59 6.00
N ASN A 413 -22.54 51.11 6.33
CA ASN A 413 -22.27 49.68 6.43
C ASN A 413 -21.97 49.33 7.89
N LEU A 414 -22.94 48.71 8.56
CA LEU A 414 -22.70 48.19 9.90
C LEU A 414 -21.92 46.88 9.85
N ASN A 415 -22.04 46.13 8.76
CA ASN A 415 -21.41 44.83 8.65
C ASN A 415 -19.92 44.93 8.33
N GLY A 416 -19.36 46.14 8.32
CA GLY A 416 -17.93 46.28 8.02
C GLY A 416 -17.05 45.57 9.03
N LYS A 417 -17.47 45.55 10.30
CA LYS A 417 -16.70 44.87 11.33
C LYS A 417 -16.62 43.37 11.07
N HIS A 418 -17.73 42.75 10.69
CA HIS A 418 -17.86 41.31 10.72
C HIS A 418 -17.15 40.66 9.54
N PHE A 419 -17.01 39.34 9.62
CA PHE A 419 -16.28 38.54 8.65
C PHE A 419 -17.24 37.63 7.88
N VAL A 420 -16.97 37.46 6.59
CA VAL A 420 -17.53 36.37 5.81
C VAL A 420 -16.37 35.50 5.32
N ILE A 421 -16.29 34.29 5.84
CA ILE A 421 -15.19 33.38 5.56
C ILE A 421 -15.63 32.49 4.39
N ILE A 422 -15.18 32.83 3.19
CA ILE A 422 -15.47 32.06 1.99
C ILE A 422 -14.33 31.07 1.82
N MET A 423 -14.55 29.83 2.28
CA MET A 423 -13.54 28.79 2.24
C MET A 423 -13.62 28.09 0.89
N ASP A 424 -12.68 28.42 0.01
CA ASP A 424 -12.63 27.80 -1.30
C ASP A 424 -11.98 26.42 -1.24
N GLU A 425 -12.32 25.59 -2.23
CA GLU A 425 -11.72 24.27 -2.40
C GLU A 425 -11.93 23.39 -1.16
N VAL A 426 -13.18 23.33 -0.70
CA VAL A 426 -13.55 22.56 0.48
C VAL A 426 -13.40 21.07 0.16
N ASP A 427 -13.49 20.72 -1.11
CA ASP A 427 -13.42 19.34 -1.53
C ASP A 427 -12.03 18.73 -1.39
N GLY A 428 -11.01 19.54 -1.08
CA GLY A 428 -9.66 19.04 -0.96
C GLY A 428 -9.16 18.86 0.47
N MET A 429 -10.06 18.97 1.44
CA MET A 429 -9.67 18.78 2.84
C MET A 429 -9.35 17.32 3.11
N SER A 430 -8.50 17.10 4.12
CA SER A 430 -8.14 15.74 4.51
C SER A 430 -9.35 15.01 5.10
N GLY A 431 -9.46 13.73 4.77
CA GLY A 431 -10.58 12.92 5.22
C GLY A 431 -10.28 12.18 6.50
N GLY A 432 -11.34 11.64 7.11
CA GLY A 432 -11.24 10.90 8.33
C GLY A 432 -11.45 11.78 9.56
N ASP A 433 -11.52 11.11 10.72
CA ASP A 433 -11.65 11.85 11.98
C ASP A 433 -10.44 12.75 12.22
N ARG A 434 -9.24 12.24 11.94
CA ARG A 434 -8.05 13.07 12.02
C ARG A 434 -8.05 14.14 10.93
N GLY A 435 -8.72 13.87 9.81
CA GLY A 435 -8.88 14.88 8.79
C GLY A 435 -9.82 15.99 9.23
N GLY A 436 -9.63 17.16 8.63
CA GLY A 436 -10.42 18.33 9.00
C GLY A 436 -11.76 18.46 8.32
N VAL A 437 -12.04 17.61 7.31
CA VAL A 437 -13.32 17.68 6.61
C VAL A 437 -14.46 17.30 7.55
N GLY A 438 -14.21 16.33 8.44
CA GLY A 438 -15.19 16.01 9.47
C GLY A 438 -15.20 16.98 10.63
N GLN A 439 -14.07 17.63 10.91
CA GLN A 439 -14.01 18.64 11.97
C GLN A 439 -14.81 19.88 11.60
N LEU A 440 -14.78 20.28 10.32
CA LEU A 440 -15.49 21.48 9.91
C LEU A 440 -16.99 21.33 10.07
N ALA A 441 -17.50 20.09 10.00
CA ALA A 441 -18.93 19.85 10.24
C ALA A 441 -19.33 20.27 11.65
N GLN A 442 -18.55 19.86 12.66
CA GLN A 442 -18.74 20.33 14.04
C GLN A 442 -18.39 21.81 14.19
N PHE A 443 -17.53 22.32 13.33
CA PHE A 443 -17.04 23.69 13.42
C PHE A 443 -18.07 24.72 12.98
N CYS A 444 -18.79 24.45 11.89
CA CYS A 444 -19.61 25.47 11.23
C CYS A 444 -20.92 25.76 11.98
N ARG A 445 -21.42 24.79 12.75
CA ARG A 445 -22.67 25.01 13.48
C ARG A 445 -22.49 25.99 14.63
N LYS A 446 -21.30 25.98 15.23
CA LYS A 446 -20.95 26.95 16.26
C LYS A 446 -20.01 28.01 15.69
N THR A 447 -20.59 28.99 15.00
CA THR A 447 -19.85 30.12 14.45
C THR A 447 -20.69 31.39 14.62
N SER A 448 -20.02 32.53 14.76
CA SER A 448 -20.71 33.81 14.90
C SER A 448 -20.57 34.70 13.66
N THR A 449 -20.00 34.18 12.58
CA THR A 449 -19.84 34.90 11.32
C THR A 449 -20.29 34.01 10.19
N PRO A 450 -20.79 34.58 9.09
CA PRO A 450 -21.24 33.76 7.96
C PRO A 450 -20.10 32.94 7.37
N LEU A 451 -20.42 31.72 6.97
CA LEU A 451 -19.48 30.81 6.33
C LEU A 451 -20.02 30.42 4.97
N ILE A 452 -19.19 30.57 3.94
CA ILE A 452 -19.58 30.22 2.58
C ILE A 452 -18.62 29.18 2.05
N LEU A 453 -18.98 27.91 2.19
CA LEU A 453 -18.12 26.83 1.71
C LEU A 453 -18.39 26.57 0.23
N ILE A 454 -17.31 26.31 -0.51
CA ILE A 454 -17.40 26.02 -1.94
C ILE A 454 -16.62 24.74 -2.23
N CYS A 455 -17.27 23.80 -2.90
CA CYS A 455 -16.66 22.54 -3.30
C CYS A 455 -17.13 22.17 -4.71
N ASN A 456 -16.40 21.25 -5.34
CA ASN A 456 -16.73 20.84 -6.70
C ASN A 456 -17.54 19.56 -6.75
N GLU A 457 -17.20 18.56 -5.94
CA GLU A 457 -17.91 17.29 -5.90
C GLU A 457 -18.56 17.15 -4.53
N ARG A 458 -19.80 17.65 -4.42
CA ARG A 458 -20.53 17.57 -3.16
C ARG A 458 -20.84 16.13 -2.77
N ASN A 459 -21.23 15.31 -3.75
CA ASN A 459 -21.57 13.91 -3.49
C ASN A 459 -20.30 13.08 -3.40
N LEU A 460 -19.57 13.30 -2.31
CA LEU A 460 -18.35 12.56 -2.03
C LEU A 460 -18.41 11.92 -0.65
N PRO A 461 -17.79 10.76 -0.46
CA PRO A 461 -17.80 10.13 0.88
C PRO A 461 -17.16 10.99 1.96
N LYS A 462 -16.15 11.80 1.61
CA LYS A 462 -15.48 12.62 2.61
C LYS A 462 -16.36 13.78 3.05
N MET A 463 -17.32 14.18 2.21
CA MET A 463 -18.17 15.33 2.48
C MET A 463 -19.49 14.94 3.14
N ARG A 464 -19.63 13.69 3.58
CA ARG A 464 -20.86 13.26 4.22
C ARG A 464 -21.22 14.02 5.49
N PRO A 465 -20.29 14.36 6.39
CA PRO A 465 -20.69 15.09 7.60
C PRO A 465 -21.38 16.42 7.34
N PHE A 466 -21.43 16.89 6.10
CA PHE A 466 -21.85 18.26 5.81
C PHE A 466 -23.27 18.41 5.30
N ASP A 467 -24.01 17.32 5.08
CA ASP A 467 -25.35 17.46 4.49
C ASP A 467 -26.30 18.21 5.43
N ARG A 468 -26.32 17.82 6.70
CA ARG A 468 -27.32 18.35 7.63
C ARG A 468 -26.88 19.60 8.36
N VAL A 469 -25.66 20.10 8.10
CA VAL A 469 -25.16 21.28 8.80
C VAL A 469 -24.93 22.47 7.87
N CYS A 470 -25.22 22.33 6.58
CA CYS A 470 -25.00 23.39 5.63
C CYS A 470 -26.22 23.55 4.73
N LEU A 471 -26.40 24.76 4.22
CA LEU A 471 -27.46 25.06 3.25
C LEU A 471 -26.94 24.72 1.86
N ASP A 472 -27.31 23.55 1.36
CA ASP A 472 -26.86 23.15 0.04
C ASP A 472 -27.41 24.07 -1.05
N ILE A 473 -26.56 24.41 -2.00
CA ILE A 473 -26.91 25.29 -3.12
C ILE A 473 -26.26 24.68 -4.36
N GLN A 474 -27.07 24.14 -5.26
CA GLN A 474 -26.58 23.43 -6.43
C GLN A 474 -26.50 24.40 -7.61
N PHE A 475 -25.29 24.86 -7.91
CA PHE A 475 -25.06 25.66 -9.10
C PHE A 475 -24.96 24.74 -10.31
N ARG A 476 -25.80 24.98 -11.32
CA ARG A 476 -25.88 24.14 -12.49
C ARG A 476 -25.02 24.69 -13.62
N ARG A 477 -24.92 23.92 -14.70
CA ARG A 477 -24.19 24.37 -15.88
C ARG A 477 -25.04 25.38 -16.63
N PRO A 478 -24.56 26.62 -16.80
CA PRO A 478 -25.37 27.64 -17.48
C PRO A 478 -25.59 27.31 -18.94
N ASP A 479 -26.75 27.71 -19.46
CA ASP A 479 -27.09 27.47 -20.85
C ASP A 479 -26.41 28.48 -21.76
N ALA A 480 -26.16 28.07 -23.01
CA ALA A 480 -25.33 28.85 -23.92
C ALA A 480 -25.96 30.20 -24.24
N ASN A 481 -27.29 30.31 -24.14
CA ASN A 481 -27.96 31.56 -24.51
C ASN A 481 -27.53 32.71 -23.61
N SER A 482 -27.40 32.46 -22.30
CA SER A 482 -27.00 33.51 -21.38
C SER A 482 -25.57 33.98 -21.65
N ILE A 483 -24.67 33.04 -21.94
CA ILE A 483 -23.27 33.38 -22.15
C ILE A 483 -23.04 33.90 -23.57
N LYS A 484 -24.05 33.80 -24.44
CA LYS A 484 -23.91 34.34 -25.80
C LYS A 484 -23.57 35.82 -25.77
N SER A 485 -24.28 36.60 -24.94
CA SER A 485 -24.02 38.03 -24.86
C SER A 485 -22.62 38.33 -24.35
N ARG A 486 -22.19 37.61 -23.31
CA ARG A 486 -20.86 37.84 -22.74
C ARG A 486 -19.78 37.52 -23.77
N LEU A 487 -19.92 36.39 -24.47
CA LEU A 487 -18.93 36.03 -25.49
C LEU A 487 -18.91 37.03 -26.63
N MET A 488 -20.09 37.49 -27.06
CA MET A 488 -20.13 38.51 -28.10
C MET A 488 -19.46 39.80 -27.65
N THR A 489 -19.67 40.21 -26.39
CA THR A 489 -19.01 41.40 -25.89
C THR A 489 -17.48 41.24 -25.88
N ILE A 490 -16.99 40.13 -25.31
CA ILE A 490 -15.54 39.94 -25.26
C ILE A 490 -14.94 39.70 -26.63
N ALA A 491 -15.76 39.31 -27.62
CA ALA A 491 -15.29 39.19 -29.00
C ALA A 491 -15.25 40.54 -29.71
N ILE A 492 -16.25 41.38 -29.48
CA ILE A 492 -16.26 42.71 -30.07
C ILE A 492 -15.11 43.54 -29.52
N ARG A 493 -14.86 43.44 -28.21
CA ARG A 493 -13.77 44.21 -27.61
C ARG A 493 -12.41 43.81 -28.16
N GLU A 494 -12.18 42.51 -28.33
CA GLU A 494 -10.85 42.01 -28.67
C GLU A 494 -10.59 41.94 -30.17
N LYS A 495 -11.48 42.51 -30.99
CA LYS A 495 -11.25 42.66 -32.44
C LYS A 495 -11.08 41.31 -33.14
N PHE A 496 -11.74 40.26 -32.65
CA PHE A 496 -11.77 38.98 -33.32
C PHE A 496 -13.23 38.62 -33.60
N LYS A 497 -13.49 38.11 -34.80
CA LYS A 497 -14.85 37.89 -35.27
C LYS A 497 -15.40 36.58 -34.70
N LEU A 498 -16.58 36.66 -34.08
CA LEU A 498 -17.27 35.50 -33.54
C LEU A 498 -18.70 35.48 -34.05
N ASP A 499 -19.12 34.36 -34.61
CA ASP A 499 -20.44 34.02 -35.11
C ASP A 499 -21.23 33.30 -34.02
N PRO A 500 -22.41 33.79 -33.63
CA PRO A 500 -23.12 33.16 -32.51
C PRO A 500 -23.56 31.73 -32.78
N ASN A 501 -23.55 31.27 -34.03
CA ASN A 501 -23.94 29.90 -34.33
C ASN A 501 -22.98 28.88 -33.73
N VAL A 502 -21.71 29.23 -33.59
CA VAL A 502 -20.72 28.31 -33.04
C VAL A 502 -20.57 28.41 -31.54
N ILE A 503 -21.23 29.39 -30.90
CA ILE A 503 -21.11 29.55 -29.46
C ILE A 503 -21.69 28.33 -28.73
N ASP A 504 -22.83 27.83 -29.20
CA ASP A 504 -23.43 26.65 -28.58
C ASP A 504 -22.48 25.45 -28.66
N ARG A 505 -21.85 25.26 -29.82
CA ARG A 505 -20.89 24.17 -29.94
C ARG A 505 -19.68 24.38 -29.04
N LEU A 506 -19.24 25.63 -28.88
CA LEU A 506 -18.14 25.91 -27.97
C LEU A 506 -18.49 25.53 -26.53
N ILE A 507 -19.70 25.91 -26.08
CA ILE A 507 -20.11 25.58 -24.72
C ILE A 507 -20.27 24.07 -24.55
N GLN A 508 -20.84 23.40 -25.56
CA GLN A 508 -21.00 21.95 -25.47
C GLN A 508 -19.64 21.24 -25.42
N THR A 509 -18.69 21.70 -26.23
CA THR A 509 -17.35 21.12 -26.20
C THR A 509 -16.68 21.36 -24.85
N THR A 510 -16.82 22.58 -24.32
CA THR A 510 -16.21 22.93 -23.05
C THR A 510 -17.03 22.45 -21.85
N ARG A 511 -18.29 22.08 -22.07
CA ARG A 511 -19.18 21.53 -21.03
C ARG A 511 -19.50 22.58 -19.96
N GLY A 512 -20.00 23.73 -20.41
CA GLY A 512 -20.51 24.73 -19.49
C GLY A 512 -19.49 25.40 -18.61
N ASP A 513 -18.21 25.35 -18.99
CA ASP A 513 -17.14 25.97 -18.22
C ASP A 513 -16.79 27.30 -18.86
N ILE A 514 -17.20 28.39 -18.21
CA ILE A 514 -17.02 29.72 -18.80
C ILE A 514 -15.54 30.08 -18.83
N ARG A 515 -14.82 29.70 -17.78
CA ARG A 515 -13.38 29.99 -17.72
C ARG A 515 -12.64 29.33 -18.88
N GLN A 516 -12.95 28.05 -19.14
CA GLN A 516 -12.23 27.35 -20.20
C GLN A 516 -12.65 27.84 -21.59
N VAL A 517 -13.92 28.21 -21.77
CA VAL A 517 -14.32 28.73 -23.08
C VAL A 517 -13.67 30.08 -23.33
N ILE A 518 -13.53 30.90 -22.28
CA ILE A 518 -12.81 32.17 -22.42
C ILE A 518 -11.35 31.92 -22.75
N ASN A 519 -10.73 30.94 -22.07
CA ASN A 519 -9.35 30.60 -22.38
C ASN A 519 -9.19 30.09 -23.81
N LEU A 520 -10.15 29.30 -24.29
CA LEU A 520 -10.11 28.83 -25.67
C LEU A 520 -10.22 29.99 -26.64
N LEU A 521 -11.12 30.94 -26.36
CA LEU A 521 -11.24 32.12 -27.21
C LEU A 521 -9.94 32.91 -27.24
N SER A 522 -9.29 33.05 -26.08
CA SER A 522 -8.02 33.77 -26.02
C SER A 522 -6.93 33.05 -26.80
N THR A 523 -6.82 31.74 -26.64
CA THR A 523 -5.71 30.99 -27.23
C THR A 523 -5.88 30.85 -28.74
N ILE A 524 -7.11 30.59 -29.19
CA ILE A 524 -7.34 30.40 -30.63
C ILE A 524 -7.16 31.71 -31.38
N SER A 525 -7.58 32.82 -30.78
CA SER A 525 -7.61 34.10 -31.49
C SER A 525 -6.22 34.64 -31.80
N THR A 526 -5.18 34.08 -31.17
CA THR A 526 -3.82 34.55 -31.43
C THR A 526 -3.44 34.37 -32.90
N THR A 527 -3.78 33.22 -33.47
CA THR A 527 -3.47 32.91 -34.87
C THR A 527 -4.65 33.16 -35.79
N THR A 528 -5.80 32.56 -35.53
CA THR A 528 -6.98 32.72 -36.37
C THR A 528 -7.85 33.84 -35.80
N LYS A 529 -8.09 34.87 -36.62
CA LYS A 529 -8.86 36.03 -36.20
C LYS A 529 -10.36 35.87 -36.41
N THR A 530 -10.78 34.82 -37.13
CA THR A 530 -12.20 34.63 -37.44
C THR A 530 -12.55 33.18 -37.12
N ILE A 531 -13.22 32.97 -35.98
CA ILE A 531 -13.73 31.65 -35.63
C ILE A 531 -15.08 31.48 -36.34
N ASN A 532 -15.14 30.53 -37.28
CA ASN A 532 -16.34 30.33 -38.08
C ASN A 532 -16.76 28.87 -38.09
N HIS A 533 -17.74 28.54 -38.93
CA HIS A 533 -18.20 27.16 -39.07
C HIS A 533 -17.19 26.27 -39.79
N GLU A 534 -16.18 26.86 -40.43
CA GLU A 534 -15.20 26.06 -41.17
C GLU A 534 -14.21 25.38 -40.25
N ASN A 535 -13.83 26.02 -39.14
CA ASN A 535 -12.85 25.47 -38.22
C ASN A 535 -13.43 25.08 -36.87
N ILE A 536 -14.76 25.11 -36.72
CA ILE A 536 -15.37 24.75 -35.44
C ILE A 536 -15.16 23.27 -35.13
N ASN A 537 -15.15 22.41 -36.14
CA ASN A 537 -14.96 20.98 -35.89
C ASN A 537 -13.58 20.69 -35.32
N GLU A 538 -12.54 21.26 -35.90
CA GLU A 538 -11.19 21.04 -35.40
C GLU A 538 -10.99 21.66 -34.02
N ILE A 539 -11.58 22.82 -33.78
CA ILE A 539 -11.50 23.44 -32.46
C ILE A 539 -12.16 22.55 -31.42
N SER A 540 -13.34 22.01 -31.74
CA SER A 540 -14.04 21.14 -30.81
C SER A 540 -13.27 19.85 -30.56
N LYS A 541 -12.73 19.24 -31.61
CA LYS A 541 -12.05 17.95 -31.46
C LYS A 541 -10.76 18.06 -30.67
N ALA A 542 -10.16 19.25 -30.59
CA ALA A 542 -8.92 19.43 -29.86
C ALA A 542 -9.12 19.96 -28.45
N TRP A 543 -10.28 20.53 -28.16
CA TRP A 543 -10.55 21.18 -26.88
C TRP A 543 -11.63 20.50 -26.07
N GLU A 544 -12.07 19.31 -26.48
CA GLU A 544 -13.15 18.63 -25.77
C GLU A 544 -12.71 18.18 -24.39
N LYS A 545 -13.59 18.39 -23.40
CA LYS A 545 -13.34 17.88 -22.05
C LYS A 545 -13.55 16.38 -22.01
N ASN A 546 -12.54 15.66 -21.51
CA ASN A 546 -12.67 14.24 -21.23
C ASN A 546 -12.92 14.07 -19.74
N ILE A 547 -14.19 14.04 -19.36
CA ILE A 547 -14.60 13.94 -17.96
C ILE A 547 -15.04 12.51 -17.68
N ALA A 548 -14.54 11.96 -16.58
CA ALA A 548 -14.90 10.60 -16.20
C ALA A 548 -16.39 10.51 -15.91
N LEU A 549 -17.07 9.59 -16.60
CA LEU A 549 -18.51 9.45 -16.44
C LEU A 549 -18.83 8.89 -15.06
N LYS A 550 -19.93 9.36 -14.47
CA LYS A 550 -20.38 8.88 -13.18
C LYS A 550 -20.87 7.44 -13.30
N PRO A 551 -20.83 6.66 -12.19
CA PRO A 551 -21.14 5.23 -12.28
C PRO A 551 -22.53 4.91 -12.81
N PHE A 552 -23.38 5.93 -12.92
CA PHE A 552 -24.70 5.78 -13.54
C PHE A 552 -24.66 5.97 -15.05
N ASP A 553 -23.92 6.98 -15.53
CA ASP A 553 -23.75 7.15 -16.97
C ASP A 553 -22.94 6.02 -17.58
N ILE A 554 -21.99 5.44 -16.85
CA ILE A 554 -21.29 4.25 -17.34
C ILE A 554 -22.27 3.11 -17.54
N ALA A 555 -23.17 2.90 -16.58
CA ALA A 555 -24.18 1.87 -16.72
C ALA A 555 -25.10 2.15 -17.90
N HIS A 556 -25.48 3.42 -18.09
CA HIS A 556 -26.36 3.75 -19.21
C HIS A 556 -25.69 3.51 -20.55
N LYS A 557 -24.46 4.01 -20.73
CA LYS A 557 -23.79 3.92 -22.02
C LYS A 557 -23.35 2.48 -22.32
N MET A 558 -22.85 1.76 -21.31
CA MET A 558 -22.41 0.39 -21.51
C MET A 558 -23.59 -0.51 -21.87
N LEU A 559 -24.77 -0.19 -21.34
CA LEU A 559 -25.98 -0.96 -21.63
C LEU A 559 -26.80 -0.26 -22.72
N ASP A 560 -26.18 -0.05 -23.87
CA ASP A 560 -26.80 0.64 -24.99
C ASP A 560 -26.61 -0.16 -26.26
N GLY A 561 -27.70 -0.33 -27.02
CA GLY A 561 -27.62 -1.11 -28.24
C GLY A 561 -26.78 -0.46 -29.32
N GLN A 562 -26.85 0.87 -29.43
CA GLN A 562 -26.12 1.58 -30.48
C GLN A 562 -24.62 1.44 -30.30
N ILE A 563 -24.16 1.31 -29.05
CA ILE A 563 -22.73 1.27 -28.77
C ILE A 563 -22.10 0.01 -29.37
N TYR A 564 -22.78 -1.14 -29.24
CA TYR A 564 -22.29 -2.41 -29.75
C TYR A 564 -22.74 -2.73 -31.17
N SER A 565 -23.41 -1.81 -31.85
CA SER A 565 -23.83 -2.06 -33.22
C SER A 565 -22.62 -2.06 -34.15
N ASP A 566 -22.82 -2.58 -35.37
CA ASP A 566 -21.75 -2.63 -36.34
C ASP A 566 -21.26 -1.23 -36.70
N ILE A 567 -22.20 -0.30 -36.91
CA ILE A 567 -21.83 1.09 -37.15
C ILE A 567 -21.29 1.73 -35.87
N GLY A 568 -21.92 1.44 -34.73
CA GLY A 568 -21.50 2.06 -33.48
C GLY A 568 -20.14 1.58 -33.01
N SER A 569 -19.75 0.36 -33.41
CA SER A 569 -18.45 -0.16 -32.98
C SER A 569 -17.31 0.68 -33.55
N ARG A 570 -17.44 1.13 -34.80
CA ARG A 570 -16.42 1.98 -35.39
C ARG A 570 -16.35 3.32 -34.66
N ASN A 571 -17.50 3.90 -34.33
CA ASN A 571 -17.52 5.18 -33.62
C ASN A 571 -17.01 5.01 -32.19
N PHE A 572 -17.49 4.00 -31.48
CA PHE A 572 -17.06 3.71 -30.12
C PHE A 572 -16.35 2.37 -30.11
N THR A 573 -15.03 2.40 -30.08
CA THR A 573 -14.23 1.20 -30.19
C THR A 573 -14.16 0.44 -28.87
N LEU A 574 -13.60 -0.77 -28.92
CA LEU A 574 -13.48 -1.60 -27.73
C LEU A 574 -12.57 -0.98 -26.68
N ASN A 575 -11.48 -0.34 -27.11
CA ASN A 575 -10.60 0.33 -26.15
C ASN A 575 -11.32 1.48 -25.46
N ASP A 576 -12.21 2.16 -26.18
CA ASP A 576 -13.05 3.18 -25.54
C ASP A 576 -13.95 2.56 -24.48
N LYS A 577 -14.47 1.36 -24.75
CA LYS A 577 -15.31 0.65 -23.78
C LYS A 577 -14.51 0.28 -22.54
N ILE A 578 -13.28 -0.19 -22.75
CA ILE A 578 -12.41 -0.55 -21.64
C ILE A 578 -12.06 0.68 -20.80
N ALA A 579 -11.79 1.81 -21.45
CA ALA A 579 -11.54 3.05 -20.71
C ALA A 579 -12.78 3.51 -19.97
N LEU A 580 -13.96 3.33 -20.57
CA LEU A 580 -15.21 3.65 -19.91
C LEU A 580 -15.38 2.84 -18.64
N TYR A 581 -15.00 1.56 -18.67
CA TYR A 581 -14.90 0.80 -17.43
C TYR A 581 -13.90 1.44 -16.47
N PHE A 582 -12.71 1.75 -16.98
CA PHE A 582 -11.62 2.22 -16.11
C PHE A 582 -11.90 3.57 -15.48
N ASP A 583 -12.92 4.29 -15.95
CA ASP A 583 -13.33 5.53 -15.30
C ASP A 583 -13.67 5.26 -13.84
N ASP A 584 -14.47 4.21 -13.58
CA ASP A 584 -14.75 3.72 -12.23
C ASP A 584 -14.61 2.21 -12.24
N PHE A 585 -13.52 1.71 -11.67
CA PHE A 585 -13.21 0.29 -11.69
C PHE A 585 -13.73 -0.45 -10.46
N ASP A 586 -14.40 0.26 -9.54
CA ASP A 586 -14.93 -0.36 -8.32
C ASP A 586 -16.44 -0.51 -8.32
N PHE A 587 -17.16 0.15 -9.24
CA PHE A 587 -18.61 0.11 -9.24
C PHE A 587 -19.22 -0.35 -10.56
N THR A 588 -18.50 -0.24 -11.67
CA THR A 588 -19.05 -0.68 -12.96
C THR A 588 -19.41 -2.16 -12.99
N PRO A 589 -18.56 -3.09 -12.54
CA PRO A 589 -19.00 -4.51 -12.51
C PRO A 589 -20.27 -4.73 -11.71
N LEU A 590 -20.42 -4.00 -10.59
CA LEU A 590 -21.63 -4.12 -9.79
C LEU A 590 -22.83 -3.53 -10.51
N MET A 591 -22.66 -2.36 -11.15
CA MET A 591 -23.77 -1.72 -11.83
C MET A 591 -24.26 -2.56 -13.00
N ILE A 592 -23.34 -3.12 -13.79
CA ILE A 592 -23.74 -3.98 -14.90
C ILE A 592 -24.43 -5.23 -14.38
N GLN A 593 -23.88 -5.85 -13.34
CA GLN A 593 -24.51 -7.05 -12.78
C GLN A 593 -25.91 -6.75 -12.27
N GLU A 594 -26.11 -5.56 -11.69
CA GLU A 594 -27.42 -5.20 -11.18
C GLU A 594 -28.39 -4.75 -12.27
N ASN A 595 -27.91 -4.29 -13.43
CA ASN A 595 -28.80 -3.77 -14.46
C ASN A 595 -28.48 -4.32 -15.85
N TYR A 596 -28.00 -5.56 -15.92
CA TYR A 596 -27.85 -6.21 -17.22
C TYR A 596 -29.05 -7.04 -17.61
N LEU A 597 -29.88 -7.42 -16.64
CA LEU A 597 -31.08 -8.22 -16.88
C LEU A 597 -32.36 -7.40 -16.71
N SER A 598 -32.25 -6.07 -16.77
CA SER A 598 -33.41 -5.18 -16.75
C SER A 598 -33.49 -4.31 -18.00
N THR A 599 -32.90 -4.77 -19.10
CA THR A 599 -32.86 -4.02 -20.35
C THR A 599 -33.50 -4.83 -21.48
N ARG A 600 -34.11 -4.13 -22.43
CA ARG A 600 -34.67 -4.78 -23.61
C ARG A 600 -33.58 -4.93 -24.66
N PRO A 601 -33.18 -6.17 -24.97
CA PRO A 601 -32.05 -6.36 -25.89
C PRO A 601 -32.41 -6.00 -27.33
N SER A 602 -31.39 -5.57 -28.07
CA SER A 602 -31.53 -5.23 -29.49
C SER A 602 -30.41 -5.80 -30.34
N VAL A 603 -29.56 -6.66 -29.79
CA VAL A 603 -28.46 -7.26 -30.54
C VAL A 603 -28.55 -8.77 -30.46
N LEU A 604 -29.76 -9.28 -30.24
CA LEU A 604 -29.96 -10.72 -30.13
C LEU A 604 -29.66 -11.40 -31.46
N LYS A 605 -28.87 -12.47 -31.41
CA LYS A 605 -28.54 -13.22 -32.61
C LYS A 605 -29.79 -13.95 -33.12
N PRO A 606 -29.86 -14.22 -34.42
CA PRO A 606 -31.01 -14.96 -34.97
C PRO A 606 -31.11 -16.34 -34.36
N GLY A 607 -32.22 -16.61 -33.69
CA GLY A 607 -32.42 -17.85 -32.97
C GLY A 607 -32.03 -17.82 -31.52
N GLN A 608 -31.80 -16.65 -30.94
CA GLN A 608 -31.42 -16.51 -29.54
C GLN A 608 -32.46 -15.64 -28.83
N SER A 609 -32.93 -16.12 -27.68
CA SER A 609 -33.90 -15.38 -26.89
C SER A 609 -33.21 -14.52 -25.85
N HIS A 610 -34.02 -13.75 -25.12
CA HIS A 610 -33.49 -12.88 -24.08
C HIS A 610 -32.85 -13.69 -22.96
N LEU A 611 -33.48 -14.81 -22.60
CA LEU A 611 -32.99 -15.63 -21.49
C LEU A 611 -31.61 -16.23 -21.78
N GLU A 612 -31.39 -16.66 -23.03
CA GLU A 612 -30.08 -17.19 -23.40
C GLU A 612 -28.99 -16.13 -23.28
N ALA A 613 -29.28 -14.91 -23.74
CA ALA A 613 -28.32 -13.82 -23.60
C ALA A 613 -28.06 -13.51 -22.14
N VAL A 614 -29.11 -13.54 -21.30
CA VAL A 614 -28.93 -13.30 -19.88
C VAL A 614 -28.04 -14.38 -19.26
N ALA A 615 -28.26 -15.64 -19.64
CA ALA A 615 -27.45 -16.72 -19.09
C ALA A 615 -25.99 -16.59 -19.51
N GLU A 616 -25.73 -16.27 -20.78
CA GLU A 616 -24.35 -16.07 -21.21
C GLU A 616 -23.71 -14.90 -20.49
N ALA A 617 -24.45 -13.80 -20.32
CA ALA A 617 -23.93 -12.65 -19.59
C ALA A 617 -23.61 -13.01 -18.15
N ALA A 618 -24.49 -13.78 -17.49
CA ALA A 618 -24.26 -14.17 -16.11
C ALA A 618 -23.04 -15.08 -15.98
N ASN A 619 -22.86 -15.97 -16.95
CA ASN A 619 -21.64 -16.80 -16.99
C ASN A 619 -20.41 -15.92 -17.10
N CYS A 620 -20.48 -14.89 -17.96
CA CYS A 620 -19.36 -13.97 -18.10
C CYS A 620 -19.08 -13.21 -16.82
N ILE A 621 -20.13 -12.80 -16.10
CA ILE A 621 -19.94 -12.10 -14.83
C ILE A 621 -19.35 -13.04 -13.79
N SER A 622 -19.71 -14.33 -13.85
CA SER A 622 -19.08 -15.30 -12.95
C SER A 622 -17.57 -15.41 -13.22
N LEU A 623 -17.20 -15.49 -14.50
CA LEU A 623 -15.78 -15.50 -14.83
C LEU A 623 -15.09 -14.20 -14.39
N GLY A 624 -15.78 -13.07 -14.57
CA GLY A 624 -15.23 -11.80 -14.12
C GLY A 624 -15.06 -11.71 -12.62
N ASP A 625 -15.98 -12.31 -11.86
CA ASP A 625 -15.84 -12.36 -10.41
C ASP A 625 -14.64 -13.24 -10.02
N ILE A 626 -14.44 -14.34 -10.73
CA ILE A 626 -13.25 -15.15 -10.50
C ILE A 626 -11.99 -14.32 -10.75
N VAL A 627 -11.98 -13.56 -11.85
CA VAL A 627 -10.82 -12.74 -12.18
C VAL A 627 -10.62 -11.66 -11.12
N GLU A 628 -11.70 -11.05 -10.64
CA GLU A 628 -11.61 -10.03 -9.60
C GLU A 628 -11.04 -10.61 -8.30
N LYS A 629 -11.50 -11.80 -7.92
CA LYS A 629 -10.95 -12.45 -6.73
C LYS A 629 -9.46 -12.71 -6.90
N LYS A 630 -9.05 -13.13 -8.10
CA LYS A 630 -7.62 -13.31 -8.35
C LYS A 630 -6.86 -11.99 -8.26
N ILE A 631 -7.46 -10.90 -8.74
CA ILE A 631 -6.79 -9.60 -8.70
C ILE A 631 -6.70 -9.08 -7.27
N ARG A 632 -7.78 -9.22 -6.51
CA ARG A 632 -7.92 -8.59 -5.20
C ARG A 632 -7.65 -9.56 -4.06
N SER A 633 -6.67 -10.44 -4.24
CA SER A 633 -6.29 -11.39 -3.20
C SER A 633 -4.83 -11.22 -2.84
N SER A 634 -4.26 -12.16 -2.09
CA SER A 634 -2.89 -12.06 -1.63
C SER A 634 -1.87 -12.03 -2.78
N GLU A 635 -2.26 -12.46 -3.98
CA GLU A 635 -1.36 -12.42 -5.13
C GLU A 635 -1.28 -11.04 -5.77
N GLN A 636 -2.36 -10.27 -5.74
CA GLN A 636 -2.40 -8.91 -6.28
C GLN A 636 -1.97 -8.89 -7.75
N LEU A 637 -2.70 -9.64 -8.56
CA LEU A 637 -2.43 -9.72 -10.00
C LEU A 637 -3.17 -8.59 -10.73
N TRP A 638 -2.69 -7.37 -10.49
CA TRP A 638 -3.32 -6.19 -11.08
C TRP A 638 -3.09 -6.07 -12.58
N SER A 639 -2.18 -6.87 -13.16
CA SER A 639 -1.99 -6.84 -14.60
C SER A 639 -3.15 -7.49 -15.34
N LEU A 640 -4.05 -8.18 -14.63
CA LEU A 640 -5.24 -8.76 -15.22
C LEU A 640 -6.41 -7.80 -15.25
N LEU A 641 -6.19 -6.54 -14.86
CA LEU A 641 -7.29 -5.59 -14.76
C LEU A 641 -8.03 -5.36 -16.08
N PRO A 642 -7.38 -5.22 -17.24
CA PRO A 642 -8.17 -5.15 -18.49
C PRO A 642 -9.02 -6.39 -18.75
N LEU A 643 -8.50 -7.57 -18.38
CA LEU A 643 -9.29 -8.79 -18.53
C LEU A 643 -10.54 -8.73 -17.66
N HIS A 644 -10.40 -8.26 -16.42
CA HIS A 644 -11.57 -8.04 -15.60
C HIS A 644 -12.52 -7.02 -16.19
N ALA A 645 -11.99 -5.93 -16.77
CA ALA A 645 -12.85 -4.96 -17.44
C ALA A 645 -13.71 -5.65 -18.48
N VAL A 646 -13.09 -6.39 -19.39
CA VAL A 646 -13.83 -7.11 -20.41
C VAL A 646 -14.85 -8.04 -19.77
N LEU A 647 -14.39 -9.02 -18.99
CA LEU A 647 -15.23 -10.09 -18.48
C LEU A 647 -16.38 -9.57 -17.64
N SER A 648 -16.17 -8.49 -16.88
CA SER A 648 -17.18 -8.02 -15.95
C SER A 648 -18.17 -7.08 -16.63
N SER A 649 -17.68 -6.15 -17.45
CA SER A 649 -18.54 -5.10 -17.98
C SER A 649 -18.90 -5.28 -19.44
N VAL A 650 -17.92 -5.56 -20.32
CA VAL A 650 -18.16 -5.31 -21.74
C VAL A 650 -18.89 -6.48 -22.38
N TYR A 651 -18.37 -7.70 -22.20
CA TYR A 651 -18.97 -8.88 -22.80
C TYR A 651 -20.38 -9.14 -22.27
N PRO A 652 -20.62 -9.13 -20.94
CA PRO A 652 -22.01 -9.30 -20.48
C PRO A 652 -22.96 -8.23 -20.99
N ALA A 653 -22.50 -6.99 -21.09
CA ALA A 653 -23.35 -5.93 -21.62
C ALA A 653 -23.59 -6.09 -23.12
N SER A 654 -22.54 -6.50 -23.86
CA SER A 654 -22.71 -6.71 -25.29
C SER A 654 -23.68 -7.86 -25.56
N LYS A 655 -23.71 -8.85 -24.68
CA LYS A 655 -24.65 -9.97 -24.85
C LYS A 655 -26.10 -9.52 -24.69
N VAL A 656 -26.36 -8.54 -23.82
CA VAL A 656 -27.72 -8.12 -23.49
C VAL A 656 -27.94 -6.66 -23.85
N ALA A 657 -27.15 -6.15 -24.79
CA ALA A 657 -27.24 -4.74 -25.17
C ALA A 657 -28.58 -4.41 -25.81
N GLY A 658 -29.06 -3.20 -25.53
CA GLY A 658 -30.31 -2.74 -26.10
C GLY A 658 -30.82 -1.46 -25.45
N HIS A 659 -32.13 -1.35 -25.30
CA HIS A 659 -32.75 -0.18 -24.70
C HIS A 659 -33.08 -0.45 -23.23
N MET A 660 -32.94 0.58 -22.40
CA MET A 660 -33.23 0.47 -20.98
C MET A 660 -34.73 0.40 -20.78
N ALA A 661 -35.21 -0.72 -20.21
CA ALA A 661 -36.64 -0.90 -20.01
C ALA A 661 -37.17 0.04 -18.94
N GLY A 662 -36.66 -0.07 -17.72
CA GLY A 662 -37.07 0.81 -16.64
C GLY A 662 -36.03 1.85 -16.33
N ARG A 663 -35.62 1.94 -15.06
CA ARG A 663 -34.59 2.87 -14.63
C ARG A 663 -33.33 2.12 -14.24
N ILE A 664 -32.21 2.85 -14.24
CA ILE A 664 -30.93 2.29 -13.82
C ILE A 664 -30.90 2.36 -12.30
N ASN A 665 -30.95 1.19 -11.65
CA ASN A 665 -30.87 1.15 -10.20
C ASN A 665 -29.42 1.08 -9.75
N PHE A 666 -29.18 1.41 -8.49
CA PHE A 666 -27.87 1.29 -7.87
C PHE A 666 -27.67 -0.14 -7.39
N THR A 667 -26.39 -0.53 -7.28
CA THR A 667 -26.06 -1.89 -6.91
C THR A 667 -26.58 -2.21 -5.51
N ALA A 668 -27.42 -3.25 -5.42
CA ALA A 668 -27.97 -3.67 -4.14
C ALA A 668 -27.02 -4.59 -3.39
N TRP A 669 -25.95 -5.06 -4.03
CA TRP A 669 -25.03 -5.98 -3.39
C TRP A 669 -24.38 -5.36 -2.15
N LEU A 670 -24.15 -4.04 -2.19
CA LEU A 670 -23.45 -3.37 -1.10
C LEU A 670 -24.26 -3.43 0.20
N GLY A 671 -25.53 -3.03 0.12
CA GLY A 671 -26.36 -3.01 1.32
C GLY A 671 -26.61 -4.40 1.87
N GLN A 672 -26.87 -5.36 0.99
CA GLN A 672 -27.09 -6.74 1.45
C GLN A 672 -25.81 -7.33 2.02
N ASN A 673 -24.66 -6.95 1.49
CA ASN A 673 -23.39 -7.43 2.05
C ASN A 673 -23.17 -6.85 3.45
N SER A 674 -23.48 -5.56 3.63
CA SER A 674 -23.38 -4.98 4.97
C SER A 674 -24.34 -5.65 5.94
N LYS A 675 -25.57 -5.92 5.48
CA LYS A 675 -26.53 -6.64 6.30
C LYS A 675 -26.03 -8.03 6.66
N SER A 676 -25.42 -8.72 5.70
CA SER A 676 -24.85 -10.04 5.95
C SER A 676 -23.75 -9.97 6.98
N ALA A 677 -22.90 -8.94 6.90
CA ALA A 677 -21.83 -8.78 7.89
C ALA A 677 -22.41 -8.55 9.28
N LYS A 678 -23.43 -7.70 9.39
CA LYS A 678 -24.07 -7.45 10.68
C LYS A 678 -24.70 -8.72 11.24
N TYR A 679 -25.41 -9.48 10.40
CA TYR A 679 -26.04 -10.71 10.86
C TYR A 679 -25.00 -11.77 11.23
N TYR A 680 -23.87 -11.80 10.52
CA TYR A 680 -22.80 -12.72 10.89
C TYR A 680 -22.19 -12.34 12.24
N ARG A 681 -22.04 -11.03 12.50
CA ARG A 681 -21.56 -10.61 13.81
C ARG A 681 -22.54 -11.04 14.91
N LEU A 682 -23.83 -10.84 14.68
CA LEU A 682 -24.83 -11.22 15.67
C LEU A 682 -24.82 -12.74 15.90
N LEU A 683 -24.74 -13.51 14.82
CA LEU A 683 -24.69 -14.96 14.93
C LEU A 683 -23.43 -15.42 15.64
N GLN A 684 -22.30 -14.74 15.40
CA GLN A 684 -21.07 -15.05 16.11
C GLN A 684 -21.24 -14.83 17.60
N GLU A 685 -21.85 -13.71 17.99
CA GLU A 685 -22.07 -13.45 19.41
C GLU A 685 -22.98 -14.50 20.03
N ILE A 686 -24.07 -14.86 19.34
CA ILE A 686 -25.00 -15.85 19.88
C ILE A 686 -24.31 -17.20 20.01
N HIS A 687 -23.56 -17.60 18.98
CA HIS A 687 -22.90 -18.90 18.99
C HIS A 687 -21.86 -18.97 20.10
N TYR A 688 -21.10 -17.89 20.30
CA TYR A 688 -20.11 -17.91 21.36
C TYR A 688 -20.75 -17.84 22.74
N HIS A 689 -21.95 -17.26 22.83
CA HIS A 689 -22.68 -17.31 24.09
C HIS A 689 -23.15 -18.73 24.41
N THR A 690 -23.65 -19.45 23.41
CA THR A 690 -24.16 -20.80 23.61
C THR A 690 -23.13 -21.89 23.35
N ARG A 691 -21.85 -21.53 23.18
CA ARG A 691 -20.82 -22.51 22.85
C ARG A 691 -20.73 -23.62 23.88
N LEU A 692 -20.79 -23.28 25.18
CA LEU A 692 -20.66 -24.30 26.20
C LEU A 692 -21.79 -25.33 26.11
N GLY A 693 -23.02 -24.87 25.91
CA GLY A 693 -24.13 -25.80 25.81
C GLY A 693 -24.11 -26.60 24.51
N THR A 694 -23.87 -25.94 23.39
CA THR A 694 -24.04 -26.55 22.07
C THR A 694 -22.68 -26.82 21.43
N SER A 695 -22.49 -28.05 20.98
CA SER A 695 -21.28 -28.43 20.24
C SER A 695 -21.60 -28.26 18.75
N THR A 696 -21.54 -27.02 18.27
CA THR A 696 -21.89 -26.70 16.89
C THR A 696 -20.88 -25.70 16.35
N ASP A 697 -21.06 -25.34 15.09
CA ASP A 697 -20.33 -24.26 14.44
C ASP A 697 -21.24 -23.06 14.27
N LYS A 698 -20.71 -21.99 13.68
CA LYS A 698 -21.49 -20.79 13.48
C LYS A 698 -22.66 -21.04 12.53
N ILE A 699 -22.38 -21.68 11.40
CA ILE A 699 -23.41 -21.90 10.39
C ILE A 699 -24.43 -22.92 10.88
N GLY A 700 -23.98 -24.00 11.53
CA GLY A 700 -24.89 -25.04 11.97
C GLY A 700 -25.92 -24.54 12.96
N LEU A 701 -25.53 -23.59 13.82
CA LEU A 701 -26.47 -23.04 14.77
C LEU A 701 -27.67 -22.40 14.06
N ARG A 702 -27.40 -21.49 13.12
CA ARG A 702 -28.46 -20.88 12.34
C ARG A 702 -29.23 -21.92 11.53
N LEU A 703 -28.52 -22.93 11.00
CA LEU A 703 -29.16 -23.92 10.16
C LEU A 703 -30.19 -24.73 10.93
N ASP A 704 -29.86 -25.14 12.15
CA ASP A 704 -30.65 -26.15 12.85
C ASP A 704 -31.25 -25.67 14.17
N TYR A 705 -30.45 -25.08 15.05
CA TYR A 705 -30.91 -24.82 16.41
C TYR A 705 -31.93 -23.68 16.46
N LEU A 706 -31.72 -22.66 15.65
CA LEU A 706 -32.52 -21.43 15.71
C LEU A 706 -34.01 -21.71 15.53
N PRO A 707 -34.43 -22.56 14.58
CA PRO A 707 -35.86 -22.91 14.53
C PRO A 707 -36.39 -23.50 15.81
N THR A 708 -35.60 -24.34 16.49
CA THR A 708 -36.04 -24.94 17.75
C THR A 708 -35.94 -23.92 18.89
N PHE A 709 -34.94 -23.04 18.84
CA PHE A 709 -34.82 -21.99 19.84
C PHE A 709 -36.02 -21.06 19.79
N ARG A 710 -36.53 -20.77 18.59
CA ARG A 710 -37.77 -19.99 18.49
C ARG A 710 -38.93 -20.72 19.16
N LYS A 711 -39.04 -22.03 18.93
CA LYS A 711 -40.14 -22.80 19.49
C LYS A 711 -40.07 -22.86 21.01
N ARG A 712 -38.84 -22.82 21.56
CA ARG A 712 -38.65 -22.81 23.00
C ARG A 712 -38.65 -21.41 23.61
N LEU A 713 -38.64 -20.36 22.79
CA LEU A 713 -38.68 -19.01 23.34
C LEU A 713 -39.93 -18.24 22.92
N LEU A 714 -40.21 -18.19 21.62
CA LEU A 714 -41.26 -17.30 21.13
C LEU A 714 -42.64 -17.94 21.19
N ASP A 715 -42.75 -19.20 20.75
CA ASP A 715 -44.04 -19.88 20.78
C ASP A 715 -44.67 -19.99 22.16
N PRO A 716 -43.92 -20.25 23.25
CA PRO A 716 -44.56 -20.21 24.58
C PRO A 716 -45.24 -18.88 24.88
N PHE A 717 -44.63 -17.76 24.47
CA PHE A 717 -45.30 -16.47 24.60
C PHE A 717 -46.54 -16.38 23.73
N LEU A 718 -46.57 -17.12 22.62
CA LEU A 718 -47.72 -17.11 21.72
C LEU A 718 -48.89 -17.93 22.25
N LYS A 719 -48.61 -19.03 22.96
CA LYS A 719 -49.67 -19.95 23.36
C LYS A 719 -49.94 -19.89 24.87
N GLN A 720 -48.92 -20.11 25.71
CA GLN A 720 -49.16 -20.11 27.15
C GLN A 720 -49.56 -18.73 27.65
N GLY A 721 -48.89 -17.69 27.18
CA GLY A 721 -49.13 -16.34 27.63
C GLY A 721 -47.98 -15.81 28.46
N ALA A 722 -48.31 -14.87 29.34
CA ALA A 722 -47.31 -14.25 30.21
C ALA A 722 -46.81 -15.19 31.30
N ASP A 723 -47.45 -16.33 31.51
CA ASP A 723 -47.00 -17.26 32.54
C ASP A 723 -45.85 -18.15 32.08
N ALA A 724 -45.58 -18.21 30.78
CA ALA A 724 -44.44 -18.97 30.28
C ALA A 724 -43.14 -18.19 30.39
N ILE A 725 -43.15 -17.03 31.05
CA ILE A 725 -41.94 -16.21 31.15
C ILE A 725 -40.85 -16.95 31.92
N SER A 726 -41.23 -17.67 32.97
CA SER A 726 -40.24 -18.38 33.80
C SER A 726 -39.50 -19.44 32.98
N SER A 727 -40.24 -20.23 32.20
CA SER A 727 -39.61 -21.25 31.37
C SER A 727 -38.71 -20.64 30.32
N VAL A 728 -39.13 -19.53 29.71
CA VAL A 728 -38.30 -18.84 28.72
C VAL A 728 -37.01 -18.35 29.37
N ILE A 729 -37.12 -17.77 30.56
CA ILE A 729 -35.95 -17.27 31.26
C ILE A 729 -35.00 -18.41 31.61
N GLU A 730 -35.56 -19.56 32.03
CA GLU A 730 -34.74 -20.73 32.30
C GLU A 730 -34.01 -21.18 31.04
N VAL A 731 -34.69 -21.16 29.90
CA VAL A 731 -34.07 -21.56 28.64
C VAL A 731 -32.92 -20.62 28.29
N MET A 732 -33.14 -19.31 28.41
CA MET A 732 -32.07 -18.36 28.10
C MET A 732 -30.89 -18.51 29.06
N ASP A 733 -31.17 -18.69 30.35
CA ASP A 733 -30.09 -18.86 31.32
C ASP A 733 -29.36 -20.19 31.14
N ASP A 734 -30.00 -21.18 30.52
CA ASP A 734 -29.32 -22.45 30.26
C ASP A 734 -28.21 -22.31 29.24
N TYR A 735 -28.24 -21.27 28.40
CA TYR A 735 -27.21 -21.06 27.39
C TYR A 735 -26.66 -19.64 27.42
N TYR A 736 -26.84 -18.93 28.53
CA TYR A 736 -26.25 -17.60 28.75
C TYR A 736 -26.71 -16.58 27.72
N LEU A 737 -28.00 -16.61 27.39
CA LEU A 737 -28.55 -15.61 26.49
C LEU A 737 -29.09 -14.41 27.25
N THR A 738 -29.16 -13.28 26.55
CA THR A 738 -29.70 -12.03 27.07
C THR A 738 -30.87 -11.58 26.20
N LYS A 739 -31.45 -10.43 26.56
CA LYS A 739 -32.54 -9.85 25.77
C LYS A 739 -32.07 -9.51 24.37
N GLU A 740 -30.86 -8.94 24.25
CA GLU A 740 -30.31 -8.64 22.93
C GLU A 740 -30.13 -9.92 22.11
N ASP A 741 -29.67 -10.98 22.75
CA ASP A 741 -29.53 -12.26 22.06
C ASP A 741 -30.88 -12.76 21.57
N TRP A 742 -31.91 -12.67 22.41
CA TRP A 742 -33.25 -13.08 22.03
C TRP A 742 -33.75 -12.29 20.83
N ASP A 743 -33.56 -10.97 20.87
CA ASP A 743 -33.99 -10.13 19.75
C ASP A 743 -33.24 -10.49 18.47
N SER A 744 -31.94 -10.78 18.59
CA SER A 744 -31.15 -11.12 17.40
C SER A 744 -31.60 -12.44 16.79
N ILE A 745 -31.86 -13.45 17.62
CA ILE A 745 -32.37 -14.72 17.10
C ILE A 745 -33.75 -14.52 16.47
N MET A 746 -34.59 -13.68 17.06
CA MET A 746 -35.92 -13.47 16.48
C MET A 746 -35.86 -12.75 15.13
N GLU A 747 -34.71 -12.19 14.74
CA GLU A 747 -34.56 -11.51 13.46
C GLU A 747 -33.86 -12.37 12.40
N PHE A 748 -33.59 -13.64 12.69
CA PHE A 748 -32.81 -14.48 11.80
C PHE A 748 -33.65 -15.32 10.84
N PHE A 749 -34.96 -15.40 11.03
CA PHE A 749 -35.77 -16.30 10.23
C PHE A 749 -36.25 -15.62 8.95
N VAL A 750 -36.52 -16.43 7.94
CA VAL A 750 -36.89 -15.96 6.61
C VAL A 750 -38.11 -16.73 6.12
N GLY A 751 -38.76 -16.17 5.10
CA GLY A 751 -39.89 -16.79 4.46
C GLY A 751 -41.09 -16.95 5.38
N PRO A 752 -41.63 -18.17 5.44
CA PRO A 752 -42.84 -18.39 6.25
C PRO A 752 -42.65 -18.12 7.74
N ASP A 753 -41.42 -18.25 8.26
CA ASP A 753 -41.18 -18.18 9.68
C ASP A 753 -40.74 -16.80 10.15
N VAL A 754 -41.05 -15.74 9.40
CA VAL A 754 -40.70 -14.39 9.83
C VAL A 754 -41.47 -14.05 11.10
N THR A 755 -40.76 -13.44 12.06
CA THR A 755 -41.34 -13.10 13.36
C THR A 755 -41.55 -11.61 13.54
N THR A 756 -41.35 -10.81 12.49
CA THR A 756 -41.47 -9.36 12.63
C THR A 756 -42.90 -8.94 13.00
N ALA A 757 -43.89 -9.62 12.41
CA ALA A 757 -45.28 -9.33 12.75
C ALA A 757 -45.71 -10.08 14.01
N ILE A 758 -45.10 -11.25 14.26
CA ILE A 758 -45.50 -12.08 15.38
C ILE A 758 -45.21 -11.37 16.70
N ILE A 759 -44.02 -10.77 16.83
CA ILE A 759 -43.65 -10.12 18.09
C ILE A 759 -44.54 -8.91 18.34
N LYS A 760 -44.98 -8.23 17.28
CA LYS A 760 -45.87 -7.08 17.45
C LYS A 760 -47.21 -7.50 18.02
N LYS A 761 -47.74 -8.64 17.58
CA LYS A 761 -49.04 -9.12 18.05
C LYS A 761 -49.01 -9.63 19.49
N ILE A 762 -47.83 -9.82 20.07
CA ILE A 762 -47.70 -10.17 21.47
C ILE A 762 -48.16 -8.99 22.31
N PRO A 763 -48.98 -9.20 23.34
CA PRO A 763 -49.42 -8.07 24.18
C PRO A 763 -48.24 -7.33 24.79
N ALA A 764 -48.36 -6.01 24.86
CA ALA A 764 -47.29 -5.20 25.42
C ALA A 764 -47.04 -5.53 26.89
N THR A 765 -48.09 -5.96 27.60
CA THR A 765 -47.93 -6.34 29.01
C THR A 765 -46.99 -7.53 29.14
N VAL A 766 -47.11 -8.51 28.24
CA VAL A 766 -46.27 -9.70 28.30
C VAL A 766 -44.81 -9.33 28.09
N LYS A 767 -44.54 -8.50 27.07
CA LYS A 767 -43.15 -8.08 26.80
C LYS A 767 -42.59 -7.26 27.95
N SER A 768 -43.39 -6.33 28.50
CA SER A 768 -42.92 -5.53 29.62
C SER A 768 -42.61 -6.39 30.82
N GLY A 769 -43.51 -7.34 31.15
CA GLY A 769 -43.26 -8.21 32.28
C GLY A 769 -42.04 -9.10 32.07
N PHE A 770 -41.84 -9.55 30.82
CA PHE A 770 -40.65 -10.33 30.51
C PHE A 770 -39.38 -9.52 30.74
N THR A 771 -39.38 -8.27 30.28
CA THR A 771 -38.21 -7.41 30.47
C THR A 771 -37.94 -7.16 31.95
N ARG A 772 -38.97 -6.78 32.70
CA ARG A 772 -38.78 -6.52 34.13
C ARG A 772 -38.32 -7.78 34.86
N LYS A 773 -38.89 -8.93 34.53
CA LYS A 773 -38.51 -10.16 35.21
C LYS A 773 -37.06 -10.53 34.90
N TYR A 774 -36.64 -10.39 33.64
CA TYR A 774 -35.25 -10.68 33.31
C TYR A 774 -34.31 -9.72 34.03
N ASN A 775 -34.67 -8.43 34.10
CA ASN A 775 -33.82 -7.47 34.81
C ASN A 775 -33.78 -7.74 36.31
N SER A 776 -34.71 -8.54 36.82
CA SER A 776 -34.79 -8.84 38.24
C SER A 776 -34.39 -10.26 38.60
N MET A 777 -34.19 -11.14 37.61
CA MET A 777 -33.72 -12.48 37.92
C MET A 777 -32.33 -12.46 38.54
N THR A 778 -31.44 -11.61 38.01
CA THR A 778 -30.07 -11.50 38.49
C THR A 778 -29.36 -12.85 38.54
N THR B 4 36.81 4.79 -23.52
CA THR B 4 37.24 6.18 -23.61
C THR B 4 36.71 6.96 -22.41
N LEU B 5 37.56 7.81 -21.84
CA LEU B 5 37.22 8.51 -20.61
C LEU B 5 36.03 9.45 -20.82
N SER B 6 36.00 10.14 -21.95
CA SER B 6 34.97 11.12 -22.24
C SER B 6 34.00 10.61 -23.31
N LEU B 7 32.82 11.20 -23.36
CA LEU B 7 31.80 10.83 -24.31
C LEU B 7 31.31 12.05 -25.08
N GLN B 8 30.80 11.80 -26.28
CA GLN B 8 30.14 12.82 -27.08
C GLN B 8 28.67 12.96 -26.71
N LEU B 9 28.15 14.17 -26.87
CA LEU B 9 26.76 14.42 -26.52
C LEU B 9 25.83 13.67 -27.48
N PRO B 10 24.74 13.10 -26.97
CA PRO B 10 23.79 12.41 -27.87
C PRO B 10 23.17 13.37 -28.86
N TRP B 11 22.82 12.81 -30.04
CA TRP B 11 22.22 13.63 -31.09
C TRP B 11 20.87 14.18 -30.68
N VAL B 12 20.14 13.50 -29.78
CA VAL B 12 18.84 14.00 -29.35
C VAL B 12 19.00 15.29 -28.57
N GLU B 13 20.02 15.36 -27.72
CA GLU B 13 20.21 16.56 -26.89
C GLU B 13 21.06 17.61 -27.60
N LYS B 14 22.05 17.16 -28.39
CA LYS B 14 22.86 18.10 -29.17
C LYS B 14 22.01 18.82 -30.22
N TYR B 15 21.11 18.09 -30.88
CA TYR B 15 20.22 18.66 -31.88
C TYR B 15 18.81 18.90 -31.36
N ARG B 16 18.66 19.06 -30.05
CA ARG B 16 17.38 19.50 -29.51
C ARG B 16 17.09 20.90 -30.04
N PRO B 17 15.88 21.15 -30.56
CA PRO B 17 15.58 22.48 -31.09
C PRO B 17 15.74 23.56 -30.03
N GLN B 18 16.43 24.64 -30.40
CA GLN B 18 16.60 25.79 -29.53
C GLN B 18 15.69 26.95 -29.89
N VAL B 19 15.02 26.89 -31.04
CA VAL B 19 14.03 27.88 -31.44
C VAL B 19 12.76 27.16 -31.80
N LEU B 20 11.63 27.87 -31.73
CA LEU B 20 10.34 27.26 -32.00
C LEU B 20 10.19 26.86 -33.46
N SER B 21 10.96 27.46 -34.36
CA SER B 21 10.83 27.14 -35.79
C SER B 21 11.36 25.75 -36.11
N ASP B 22 12.36 25.28 -35.38
CA ASP B 22 12.95 23.98 -35.67
C ASP B 22 11.97 22.84 -35.43
N ILE B 23 10.99 23.06 -34.55
CA ILE B 23 9.97 22.03 -34.32
C ILE B 23 9.17 21.82 -35.59
N VAL B 24 9.03 20.56 -35.99
CA VAL B 24 8.49 20.20 -37.30
C VAL B 24 7.00 19.85 -37.24
N GLY B 25 6.59 19.12 -36.21
CA GLY B 25 5.22 18.64 -36.11
C GLY B 25 4.30 19.63 -35.42
N ASN B 26 3.00 19.31 -35.49
CA ASN B 26 1.94 20.12 -34.87
C ASN B 26 2.07 21.60 -35.28
N LYS B 27 1.89 21.84 -36.58
CA LYS B 27 2.18 23.16 -37.13
C LYS B 27 1.27 24.24 -36.52
N GLU B 28 -0.01 23.93 -36.32
CA GLU B 28 -0.93 24.91 -35.75
C GLU B 28 -0.50 25.31 -34.34
N THR B 29 -0.18 24.32 -33.51
CA THR B 29 0.23 24.62 -32.14
C THR B 29 1.54 25.38 -32.09
N ILE B 30 2.50 25.01 -32.94
CA ILE B 30 3.78 25.70 -32.95
C ILE B 30 3.62 27.15 -33.40
N ASP B 31 2.79 27.37 -34.42
CA ASP B 31 2.53 28.75 -34.85
C ASP B 31 1.80 29.55 -33.79
N ARG B 32 0.85 28.93 -33.09
CA ARG B 32 0.17 29.63 -32.01
C ARG B 32 1.14 29.99 -30.88
N LEU B 33 2.02 29.07 -30.51
CA LEU B 33 3.02 29.36 -29.49
C LEU B 33 4.04 30.40 -29.92
N GLN B 34 4.39 30.44 -31.21
CA GLN B 34 5.27 31.47 -31.73
C GLN B 34 4.60 32.84 -31.70
N GLN B 35 3.30 32.89 -32.04
CA GLN B 35 2.56 34.14 -31.94
C GLN B 35 2.46 34.60 -30.49
N ILE B 36 2.24 33.67 -29.56
CA ILE B 36 2.22 34.02 -28.15
C ILE B 36 3.58 34.55 -27.72
N ALA B 37 4.66 33.89 -28.17
CA ALA B 37 6.00 34.33 -27.81
C ALA B 37 6.29 35.74 -28.32
N LYS B 38 5.90 36.03 -29.57
CA LYS B 38 6.12 37.36 -30.13
C LYS B 38 5.27 38.40 -29.41
N ASP B 39 3.97 38.15 -29.27
CA ASP B 39 3.08 39.15 -28.68
C ASP B 39 3.25 39.25 -27.17
N GLY B 40 3.38 38.11 -26.51
CA GLY B 40 3.44 38.07 -25.06
C GLY B 40 2.13 37.58 -24.45
N ASN B 41 2.01 37.80 -23.14
CA ASN B 41 0.82 37.41 -22.38
C ASN B 41 0.54 35.92 -22.57
N MET B 42 1.48 35.10 -22.09
CA MET B 42 1.34 33.66 -22.24
C MET B 42 0.22 33.13 -21.35
N PRO B 43 -0.75 32.42 -21.90
CA PRO B 43 -1.80 31.84 -21.07
C PRO B 43 -1.36 30.53 -20.44
N HIS B 44 -2.08 30.16 -19.37
CA HIS B 44 -1.87 28.87 -18.73
C HIS B 44 -2.21 27.74 -19.71
N MET B 45 -1.42 26.67 -19.68
CA MET B 45 -1.61 25.58 -20.63
C MET B 45 -1.18 24.25 -20.04
N ILE B 46 -1.78 23.18 -20.58
CA ILE B 46 -1.32 21.81 -20.39
C ILE B 46 -1.02 21.24 -21.77
N ILE B 47 0.19 20.73 -21.96
CA ILE B 47 0.59 20.12 -23.21
C ILE B 47 0.68 18.61 -22.99
N SER B 48 -0.07 17.84 -23.79
CA SER B 48 -0.16 16.40 -23.63
C SER B 48 0.00 15.73 -24.97
N GLY B 49 0.42 14.46 -24.93
CA GLY B 49 0.59 13.67 -26.13
C GLY B 49 1.40 12.41 -25.83
N MET B 50 1.98 11.85 -26.88
CA MET B 50 2.79 10.65 -26.81
C MET B 50 4.24 10.99 -26.52
N PRO B 51 5.03 10.02 -26.05
CA PRO B 51 6.46 10.29 -25.83
C PRO B 51 7.17 10.63 -27.13
N GLY B 52 8.14 11.54 -27.03
CA GLY B 52 9.01 11.85 -28.15
C GLY B 52 8.36 12.53 -29.33
N ILE B 53 7.52 13.54 -29.10
CA ILE B 53 6.94 14.34 -30.17
C ILE B 53 7.18 15.83 -29.98
N GLY B 54 7.90 16.23 -28.92
CA GLY B 54 8.30 17.62 -28.77
C GLY B 54 7.42 18.45 -27.88
N LYS B 55 7.11 17.97 -26.68
CA LYS B 55 6.34 18.74 -25.71
C LYS B 55 7.25 19.54 -24.78
N THR B 56 8.25 18.88 -24.20
CA THR B 56 9.21 19.59 -23.35
C THR B 56 10.00 20.62 -24.16
N THR B 57 10.42 20.24 -25.37
CA THR B 57 11.18 21.16 -26.22
C THR B 57 10.35 22.40 -26.55
N SER B 58 9.07 22.21 -26.87
CA SER B 58 8.23 23.34 -27.23
C SER B 58 8.09 24.32 -26.08
N VAL B 59 7.81 23.81 -24.88
CA VAL B 59 7.61 24.69 -23.73
C VAL B 59 8.92 25.37 -23.34
N HIS B 60 10.04 24.65 -23.46
CA HIS B 60 11.33 25.24 -23.11
C HIS B 60 11.72 26.34 -24.10
N CYS B 61 11.48 26.12 -25.40
CA CYS B 61 11.74 27.16 -26.40
C CYS B 61 10.82 28.35 -26.18
N LEU B 62 9.56 28.10 -25.86
CA LEU B 62 8.63 29.18 -25.57
C LEU B 62 9.12 30.02 -24.40
N ALA B 63 9.53 29.37 -23.31
CA ALA B 63 10.02 30.10 -22.15
C ALA B 63 11.26 30.90 -22.48
N HIS B 64 12.22 30.28 -23.20
CA HIS B 64 13.45 30.97 -23.55
C HIS B 64 13.17 32.20 -24.39
N GLU B 65 12.39 32.05 -25.47
CA GLU B 65 12.11 33.16 -26.37
C GLU B 65 11.31 34.25 -25.66
N LEU B 66 10.35 33.86 -24.83
CA LEU B 66 9.52 34.84 -24.14
C LEU B 66 10.34 35.66 -23.14
N LEU B 67 11.17 35.00 -22.34
CA LEU B 67 11.84 35.69 -21.25
C LEU B 67 13.22 36.22 -21.61
N GLY B 68 13.74 35.92 -22.80
CA GLY B 68 15.01 36.52 -23.20
C GLY B 68 16.14 36.14 -22.26
N ARG B 69 16.84 37.17 -21.76
CA ARG B 69 17.96 36.97 -20.85
C ARG B 69 17.53 36.63 -19.43
N SER B 70 16.23 36.73 -19.11
CA SER B 70 15.74 36.50 -17.77
C SER B 70 15.27 35.08 -17.53
N TYR B 71 15.76 34.11 -18.32
CA TYR B 71 15.35 32.73 -18.12
C TYR B 71 15.86 32.18 -16.80
N ALA B 72 16.99 32.69 -16.31
CA ALA B 72 17.58 32.16 -15.08
C ALA B 72 16.65 32.35 -13.89
N ASP B 73 15.99 33.51 -13.81
CA ASP B 73 15.13 33.82 -12.67
C ASP B 73 13.65 33.65 -12.96
N GLY B 74 13.20 33.98 -14.17
CA GLY B 74 11.78 33.93 -14.46
C GLY B 74 11.25 32.53 -14.64
N VAL B 75 12.13 31.57 -14.94
CA VAL B 75 11.73 30.19 -15.17
C VAL B 75 12.09 29.36 -13.95
N LEU B 76 11.10 28.63 -13.44
CA LEU B 76 11.32 27.65 -12.38
C LEU B 76 11.16 26.26 -12.99
N GLU B 77 12.21 25.45 -12.92
CA GLU B 77 12.21 24.10 -13.46
C GLU B 77 11.98 23.13 -12.31
N LEU B 78 10.88 22.37 -12.39
CA LEU B 78 10.49 21.43 -11.35
C LEU B 78 9.89 20.21 -12.02
N ASN B 79 10.66 19.13 -12.10
CA ASN B 79 10.12 17.87 -12.58
C ASN B 79 9.05 17.40 -11.60
N ALA B 80 7.83 17.24 -12.10
CA ALA B 80 6.70 16.94 -11.23
C ALA B 80 6.88 15.61 -10.52
N SER B 81 7.38 14.61 -11.24
CA SER B 81 7.60 13.30 -10.62
C SER B 81 8.63 13.38 -9.50
N ASP B 82 9.70 14.16 -9.70
CA ASP B 82 10.71 14.33 -8.66
C ASP B 82 10.13 15.07 -7.46
N ASP B 83 9.35 16.13 -7.69
CA ASP B 83 8.78 16.97 -6.64
C ASP B 83 7.26 17.00 -6.84
N ARG B 84 6.55 16.08 -6.18
CA ARG B 84 5.11 15.98 -6.34
C ARG B 84 4.39 16.06 -4.99
N GLY B 85 4.92 16.87 -4.07
CA GLY B 85 4.35 16.98 -2.75
C GLY B 85 3.66 18.32 -2.55
N ILE B 86 2.68 18.31 -1.64
CA ILE B 86 1.99 19.54 -1.30
C ILE B 86 2.94 20.53 -0.65
N ASP B 87 4.03 20.03 -0.04
CA ASP B 87 5.04 20.92 0.51
C ASP B 87 5.69 21.76 -0.58
N VAL B 88 5.89 21.17 -1.76
CA VAL B 88 6.46 21.91 -2.88
C VAL B 88 5.56 23.10 -3.23
N VAL B 89 4.26 22.86 -3.39
CA VAL B 89 3.34 23.93 -3.72
C VAL B 89 3.30 24.98 -2.61
N ARG B 90 3.28 24.54 -1.35
CA ARG B 90 3.17 25.48 -0.24
C ARG B 90 4.40 26.38 -0.13
N ASN B 91 5.61 25.83 -0.29
CA ASN B 91 6.81 26.60 -0.03
C ASN B 91 7.41 27.08 -1.34
N GLN B 92 7.85 26.21 -2.24
CA GLN B 92 8.70 26.63 -3.34
C GLN B 92 7.91 27.37 -4.42
N ILE B 93 6.83 26.76 -4.90
CA ILE B 93 5.99 27.37 -5.92
C ILE B 93 5.38 28.67 -5.42
N LYS B 94 4.89 28.68 -4.18
CA LYS B 94 4.29 29.90 -3.64
C LYS B 94 5.32 31.00 -3.50
N HIS B 95 6.52 30.69 -2.98
CA HIS B 95 7.55 31.73 -2.85
C HIS B 95 8.01 32.24 -4.20
N PHE B 96 8.11 31.37 -5.20
CA PHE B 96 8.47 31.83 -6.54
C PHE B 96 7.37 32.71 -7.13
N ALA B 97 6.10 32.37 -6.88
CA ALA B 97 5.00 33.16 -7.41
C ALA B 97 4.93 34.54 -6.76
N GLN B 98 5.11 34.62 -5.44
CA GLN B 98 5.08 35.92 -4.77
C GLN B 98 6.32 36.74 -5.02
N LYS B 99 7.38 36.14 -5.59
CA LYS B 99 8.61 36.85 -5.84
C LYS B 99 8.40 38.00 -6.81
N LYS B 100 8.99 39.15 -6.49
CA LYS B 100 8.93 40.32 -7.35
C LYS B 100 10.11 40.30 -8.33
N LEU B 101 9.81 40.47 -9.60
CA LEU B 101 10.84 40.48 -10.63
C LEU B 101 10.39 41.39 -11.77
N HIS B 102 11.28 42.30 -12.18
CA HIS B 102 10.97 43.27 -13.22
C HIS B 102 11.26 42.63 -14.58
N LEU B 103 10.25 42.61 -15.44
CA LEU B 103 10.31 41.89 -16.71
C LEU B 103 9.94 42.82 -17.87
N PRO B 104 10.15 42.41 -19.10
CA PRO B 104 9.58 43.15 -20.23
C PRO B 104 8.06 43.19 -20.11
N PRO B 105 7.42 44.25 -20.65
CA PRO B 105 5.99 44.48 -20.37
C PRO B 105 5.09 43.27 -20.63
N GLY B 106 5.15 42.71 -21.84
CA GLY B 106 4.25 41.61 -22.17
C GLY B 106 4.53 40.35 -21.39
N LYS B 107 5.80 40.08 -21.09
CA LYS B 107 6.19 38.79 -20.55
C LYS B 107 5.89 38.69 -19.06
N HIS B 108 5.72 37.46 -18.59
CA HIS B 108 5.58 37.15 -17.17
C HIS B 108 6.45 35.95 -16.84
N LYS B 109 6.60 35.69 -15.54
CA LYS B 109 7.35 34.53 -15.09
C LYS B 109 6.61 33.24 -15.46
N ILE B 110 7.37 32.21 -15.78
CA ILE B 110 6.85 30.95 -16.29
C ILE B 110 7.29 29.82 -15.38
N VAL B 111 6.33 28.98 -14.96
CA VAL B 111 6.63 27.76 -14.23
C VAL B 111 6.44 26.58 -15.17
N ILE B 112 7.49 25.77 -15.31
CA ILE B 112 7.46 24.59 -16.17
C ILE B 112 7.47 23.36 -15.28
N LEU B 113 6.39 22.59 -15.33
CA LEU B 113 6.25 21.37 -14.53
C LEU B 113 6.16 20.18 -15.50
N ASP B 114 7.32 19.64 -15.85
CA ASP B 114 7.37 18.49 -16.73
C ASP B 114 6.85 17.24 -16.02
N GLU B 115 6.30 16.32 -16.81
CA GLU B 115 5.72 15.08 -16.28
C GLU B 115 4.66 15.37 -15.22
N ALA B 116 3.78 16.34 -15.51
CA ALA B 116 2.81 16.79 -14.54
C ALA B 116 1.74 15.75 -14.22
N ASP B 117 1.65 14.67 -14.99
CA ASP B 117 0.64 13.66 -14.75
C ASP B 117 0.86 12.92 -13.42
N SER B 118 2.08 12.96 -12.88
CA SER B 118 2.42 12.20 -11.69
C SER B 118 2.21 12.99 -10.39
N MET B 119 1.73 14.23 -10.49
CA MET B 119 1.47 15.02 -9.29
C MET B 119 0.32 14.41 -8.49
N THR B 120 0.51 14.34 -7.18
CA THR B 120 -0.52 13.77 -6.32
C THR B 120 -1.72 14.71 -6.22
N ALA B 121 -2.83 14.16 -5.71
CA ALA B 121 -4.07 14.92 -5.63
C ALA B 121 -3.93 16.14 -4.73
N GLY B 122 -3.26 15.99 -3.60
CA GLY B 122 -3.14 17.09 -2.66
C GLY B 122 -2.41 18.28 -3.23
N ALA B 123 -1.25 18.03 -3.87
CA ALA B 123 -0.49 19.12 -4.46
C ALA B 123 -1.26 19.78 -5.61
N GLN B 124 -1.93 18.96 -6.43
CA GLN B 124 -2.70 19.51 -7.55
C GLN B 124 -3.83 20.39 -7.05
N GLN B 125 -4.53 19.95 -6.00
CA GLN B 125 -5.61 20.75 -5.43
C GLN B 125 -5.07 22.02 -4.78
N ALA B 126 -3.92 21.94 -4.11
CA ALA B 126 -3.35 23.13 -3.49
C ALA B 126 -2.89 24.14 -4.54
N LEU B 127 -2.44 23.65 -5.70
CA LEU B 127 -2.04 24.54 -6.78
C LEU B 127 -3.20 25.33 -7.38
N ARG B 128 -4.45 24.94 -7.10
CA ARG B 128 -5.58 25.57 -7.76
C ARG B 128 -5.69 27.05 -7.43
N ARG B 129 -5.50 27.40 -6.16
CA ARG B 129 -5.55 28.81 -5.76
C ARG B 129 -4.28 29.57 -6.05
N THR B 130 -3.12 28.89 -6.03
CA THR B 130 -1.87 29.54 -6.43
C THR B 130 -1.90 29.91 -7.90
N MET B 131 -2.60 29.12 -8.72
CA MET B 131 -2.70 29.41 -10.15
C MET B 131 -3.42 30.73 -10.39
N GLU B 132 -4.45 31.02 -9.62
CA GLU B 132 -5.28 32.20 -9.83
C GLU B 132 -4.79 33.42 -9.07
N LEU B 133 -4.35 33.24 -7.82
CA LEU B 133 -4.01 34.38 -6.97
C LEU B 133 -2.84 35.16 -7.55
N TYR B 134 -1.82 34.47 -8.07
CA TYR B 134 -0.62 35.10 -8.58
C TYR B 134 -0.53 35.03 -10.10
N SER B 135 -1.68 35.03 -10.78
CA SER B 135 -1.70 34.94 -12.23
C SER B 135 -1.15 36.19 -12.90
N ASN B 136 -1.25 37.34 -12.22
CA ASN B 136 -0.77 38.59 -12.81
C ASN B 136 0.74 38.57 -13.03
N SER B 137 1.47 37.88 -12.15
CA SER B 137 2.93 37.81 -12.23
C SER B 137 3.43 36.46 -12.72
N THR B 138 2.75 35.38 -12.37
CA THR B 138 3.22 34.03 -12.61
C THR B 138 2.26 33.29 -13.53
N ARG B 139 2.81 32.61 -14.54
CA ARG B 139 2.05 31.80 -15.48
C ARG B 139 2.58 30.37 -15.43
N PHE B 140 1.69 29.41 -15.15
CA PHE B 140 2.09 28.02 -15.03
C PHE B 140 1.98 27.31 -16.38
N ALA B 141 2.88 26.37 -16.61
CA ALA B 141 2.87 25.53 -17.81
C ALA B 141 3.03 24.08 -17.39
N PHE B 142 2.20 23.21 -17.95
CA PHE B 142 2.20 21.79 -17.61
C PHE B 142 2.50 20.95 -18.85
N ALA B 143 3.35 19.94 -18.68
CA ALA B 143 3.64 18.96 -19.70
C ALA B 143 3.47 17.57 -19.10
N CYS B 144 2.68 16.73 -19.76
CA CYS B 144 2.39 15.39 -19.24
C CYS B 144 2.10 14.45 -20.39
N ASN B 145 2.27 13.15 -20.14
CA ASN B 145 1.94 12.15 -21.14
C ASN B 145 0.44 11.97 -21.27
N GLN B 146 -0.27 11.94 -20.14
CA GLN B 146 -1.73 11.74 -20.12
C GLN B 146 -2.37 12.90 -19.36
N SER B 147 -3.27 13.61 -20.04
CA SER B 147 -3.99 14.71 -19.40
C SER B 147 -5.10 14.24 -18.48
N ASN B 148 -5.49 12.95 -18.56
CA ASN B 148 -6.57 12.46 -17.71
C ASN B 148 -6.15 12.43 -16.24
N LYS B 149 -4.86 12.26 -15.97
CA LYS B 149 -4.37 12.27 -14.59
C LYS B 149 -4.48 13.63 -13.93
N ILE B 150 -4.55 14.70 -14.72
CA ILE B 150 -4.69 16.04 -14.17
C ILE B 150 -6.16 16.32 -13.87
N ILE B 151 -6.43 16.84 -12.68
CA ILE B 151 -7.81 17.05 -12.26
C ILE B 151 -8.51 18.05 -13.18
N GLU B 152 -9.82 17.88 -13.33
CA GLU B 152 -10.60 18.74 -14.21
C GLU B 152 -10.53 20.22 -13.83
N PRO B 153 -10.65 20.62 -12.56
CA PRO B 153 -10.53 22.06 -12.26
C PRO B 153 -9.21 22.66 -12.69
N LEU B 154 -8.11 21.91 -12.57
CA LEU B 154 -6.83 22.42 -13.05
C LEU B 154 -6.82 22.55 -14.57
N GLN B 155 -7.45 21.61 -15.27
CA GLN B 155 -7.59 21.73 -16.72
C GLN B 155 -8.43 22.95 -17.09
N SER B 156 -9.37 23.32 -16.22
CA SER B 156 -10.23 24.46 -16.51
C SER B 156 -9.45 25.77 -16.59
N ARG B 157 -8.46 25.93 -15.72
CA ARG B 157 -7.74 27.20 -15.59
C ARG B 157 -6.70 27.42 -16.68
N CYS B 158 -6.49 26.45 -17.56
CA CYS B 158 -5.41 26.51 -18.54
C CYS B 158 -5.92 26.15 -19.92
N ALA B 159 -5.13 26.53 -20.93
CA ALA B 159 -5.45 26.16 -22.30
C ALA B 159 -5.11 24.69 -22.55
N ILE B 160 -6.04 23.97 -23.18
CA ILE B 160 -5.85 22.55 -23.47
C ILE B 160 -5.22 22.45 -24.85
N LEU B 161 -3.89 22.45 -24.90
CA LEU B 161 -3.13 22.35 -26.14
C LEU B 161 -2.65 20.90 -26.27
N ARG B 162 -3.25 20.15 -27.19
CA ARG B 162 -3.04 18.72 -27.29
C ARG B 162 -2.20 18.40 -28.53
N TYR B 163 -1.20 17.55 -28.36
CA TYR B 163 -0.31 17.14 -29.44
C TYR B 163 -0.77 15.81 -30.03
N SER B 164 -0.22 15.50 -31.20
CA SER B 164 -0.53 14.26 -31.91
C SER B 164 0.77 13.58 -32.35
N LYS B 165 0.65 12.30 -32.69
CA LYS B 165 1.81 11.54 -33.16
C LYS B 165 2.42 12.18 -34.40
N LEU B 166 3.75 12.23 -34.43
CA LEU B 166 4.45 12.89 -35.52
C LEU B 166 4.25 12.13 -36.83
N SER B 167 4.00 12.86 -37.91
CA SER B 167 3.85 12.26 -39.22
C SER B 167 5.21 11.82 -39.77
N ASP B 168 5.18 10.84 -40.67
CA ASP B 168 6.43 10.31 -41.23
C ASP B 168 7.19 11.38 -42.01
N GLU B 169 6.47 12.31 -42.65
CA GLU B 169 7.13 13.33 -43.45
C GLU B 169 7.98 14.25 -42.57
N ASP B 170 7.43 14.68 -41.43
CA ASP B 170 8.17 15.58 -40.54
C ASP B 170 9.38 14.90 -39.93
N VAL B 171 9.23 13.63 -39.52
CA VAL B 171 10.36 12.88 -39.00
C VAL B 171 11.42 12.71 -40.08
N LEU B 172 11.01 12.44 -41.31
CA LEU B 172 11.97 12.33 -42.41
C LEU B 172 12.68 13.65 -42.64
N LYS B 173 11.97 14.77 -42.55
CA LYS B 173 12.59 16.08 -42.73
C LYS B 173 13.65 16.34 -41.66
N ARG B 174 13.31 16.10 -40.39
CA ARG B 174 14.27 16.30 -39.32
C ARG B 174 15.47 15.37 -39.45
N LEU B 175 15.22 14.11 -39.82
CA LEU B 175 16.30 13.16 -40.01
C LEU B 175 17.22 13.60 -41.14
N LEU B 176 16.64 14.08 -42.25
CA LEU B 176 17.44 14.57 -43.36
C LEU B 176 18.27 15.78 -42.96
N GLN B 177 17.69 16.69 -42.17
CA GLN B 177 18.45 17.84 -41.71
C GLN B 177 19.66 17.42 -40.88
N ILE B 178 19.45 16.48 -39.94
CA ILE B 178 20.55 16.03 -39.10
C ILE B 178 21.58 15.28 -39.94
N ILE B 179 21.13 14.48 -40.91
CA ILE B 179 22.04 13.74 -41.78
C ILE B 179 22.93 14.71 -42.55
N LYS B 180 22.33 15.74 -43.14
CA LYS B 180 23.10 16.73 -43.88
C LYS B 180 24.07 17.46 -42.97
N LEU B 181 23.64 17.79 -41.76
CA LEU B 181 24.50 18.54 -40.85
C LEU B 181 25.69 17.70 -40.38
N GLU B 182 25.51 16.40 -40.23
CA GLU B 182 26.58 15.56 -39.69
C GLU B 182 27.15 14.55 -40.68
N ASP B 183 26.86 14.70 -41.98
CA ASP B 183 27.56 13.97 -43.05
C ASP B 183 27.47 12.45 -42.87
N VAL B 184 26.25 11.93 -42.71
CA VAL B 184 26.08 10.49 -42.59
C VAL B 184 25.64 9.90 -43.92
N LYS B 185 26.23 8.75 -44.26
CA LYS B 185 25.85 7.99 -45.45
C LYS B 185 24.58 7.20 -45.16
N TYR B 186 23.64 7.23 -46.10
CA TYR B 186 22.32 6.68 -45.86
C TYR B 186 21.72 6.15 -47.16
N THR B 187 20.68 5.32 -47.01
CA THR B 187 19.85 4.88 -48.12
C THR B 187 18.39 5.19 -47.79
N ASN B 188 17.58 5.33 -48.84
CA ASN B 188 16.16 5.62 -48.64
C ASN B 188 15.47 4.52 -47.85
N ASP B 189 15.81 3.26 -48.15
CA ASP B 189 15.22 2.13 -47.42
C ASP B 189 15.57 2.18 -45.95
N GLY B 190 16.82 2.54 -45.62
CA GLY B 190 17.22 2.64 -44.23
C GLY B 190 16.46 3.70 -43.48
N LEU B 191 16.31 4.89 -44.08
CA LEU B 191 15.56 5.96 -43.45
C LEU B 191 14.09 5.59 -43.28
N GLU B 192 13.50 4.95 -44.30
CA GLU B 192 12.12 4.50 -44.19
C GLU B 192 11.97 3.49 -43.07
N ALA B 193 12.92 2.56 -42.92
CA ALA B 193 12.86 1.58 -41.86
C ALA B 193 13.02 2.23 -40.49
N ILE B 194 13.89 3.22 -40.37
CA ILE B 194 14.02 3.95 -39.11
C ILE B 194 12.72 4.65 -38.75
N ILE B 195 12.09 5.28 -39.73
CA ILE B 195 10.81 5.95 -39.48
C ILE B 195 9.75 4.93 -39.06
N PHE B 196 9.74 3.78 -39.73
CA PHE B 196 8.78 2.72 -39.42
C PHE B 196 8.98 2.19 -37.99
N THR B 197 10.22 1.97 -37.60
CA THR B 197 10.50 1.46 -36.26
C THR B 197 10.21 2.51 -35.19
N ALA B 198 10.43 3.78 -35.51
CA ALA B 198 10.17 4.84 -34.53
C ALA B 198 8.68 4.96 -34.23
N GLU B 199 7.83 4.72 -35.22
CA GLU B 199 6.37 4.82 -35.08
C GLU B 199 5.96 6.21 -34.58
N GLY B 200 6.58 7.24 -35.16
CA GLY B 200 6.28 8.61 -34.84
C GLY B 200 7.04 9.18 -33.66
N ASP B 201 7.77 8.35 -32.92
CA ASP B 201 8.56 8.83 -31.78
C ASP B 201 9.88 9.33 -32.35
N MET B 202 10.01 10.66 -32.42
CA MET B 202 11.22 11.25 -32.99
C MET B 202 12.45 10.91 -32.16
N ARG B 203 12.32 10.87 -30.83
CA ARG B 203 13.44 10.51 -29.98
C ARG B 203 13.94 9.11 -30.30
N GLN B 204 13.01 8.16 -30.50
CA GLN B 204 13.40 6.82 -30.92
C GLN B 204 14.09 6.85 -32.27
N ALA B 205 13.60 7.66 -33.21
CA ALA B 205 14.21 7.74 -34.53
C ALA B 205 15.66 8.22 -34.43
N ILE B 206 15.89 9.28 -33.65
CA ILE B 206 17.23 9.83 -33.57
C ILE B 206 18.16 8.88 -32.81
N ASN B 207 17.66 8.24 -31.76
CA ASN B 207 18.47 7.26 -31.03
C ASN B 207 18.85 6.09 -31.93
N ASN B 208 17.89 5.60 -32.72
CA ASN B 208 18.16 4.50 -33.64
C ASN B 208 19.16 4.91 -34.71
N LEU B 209 19.05 6.14 -35.23
CA LEU B 209 20.03 6.65 -36.18
C LEU B 209 21.42 6.69 -35.56
N GLN B 210 21.50 7.20 -34.32
CA GLN B 210 22.77 7.21 -33.60
C GLN B 210 23.35 5.81 -33.49
N SER B 211 22.52 4.84 -33.08
CA SER B 211 23.00 3.48 -32.90
C SER B 211 23.48 2.88 -34.23
N THR B 212 22.71 3.07 -35.30
CA THR B 212 23.10 2.53 -36.59
C THR B 212 24.41 3.13 -37.06
N VAL B 213 24.55 4.46 -36.96
CA VAL B 213 25.75 5.14 -37.44
C VAL B 213 26.96 4.67 -36.65
N ALA B 214 26.84 4.63 -35.32
CA ALA B 214 27.99 4.28 -34.51
C ALA B 214 28.37 2.81 -34.66
N GLY B 215 27.36 1.93 -34.79
CA GLY B 215 27.65 0.51 -34.80
C GLY B 215 28.11 0.00 -36.15
N HIS B 216 27.43 0.39 -37.22
CA HIS B 216 27.73 -0.15 -38.55
C HIS B 216 28.24 0.88 -39.53
N GLY B 217 27.85 2.14 -39.39
CA GLY B 217 28.39 3.22 -40.19
C GLY B 217 27.57 3.60 -41.41
N LEU B 218 26.66 2.74 -41.84
CA LEU B 218 25.82 3.00 -43.00
C LEU B 218 24.37 2.80 -42.62
N VAL B 219 23.52 3.75 -43.02
CA VAL B 219 22.08 3.66 -42.73
C VAL B 219 21.41 2.90 -43.86
N ASN B 220 21.41 1.57 -43.76
CA ASN B 220 20.77 0.69 -44.71
C ASN B 220 19.75 -0.20 -43.98
N ALA B 221 18.76 -0.67 -44.73
CA ALA B 221 17.67 -1.44 -44.13
C ALA B 221 18.20 -2.65 -43.35
N ASP B 222 19.17 -3.37 -43.92
CA ASP B 222 19.70 -4.54 -43.24
C ASP B 222 20.25 -4.17 -41.86
N ASN B 223 21.13 -3.16 -41.80
CA ASN B 223 21.75 -2.80 -40.54
C ASN B 223 20.72 -2.31 -39.53
N VAL B 224 19.75 -1.51 -39.97
CA VAL B 224 18.79 -0.93 -39.03
C VAL B 224 17.88 -2.02 -38.49
N PHE B 225 17.58 -3.06 -39.28
CA PHE B 225 16.79 -4.17 -38.75
C PHE B 225 17.60 -5.07 -37.82
N LYS B 226 18.90 -5.27 -38.09
CA LYS B 226 19.68 -6.05 -37.13
C LYS B 226 19.83 -5.31 -35.81
N ILE B 227 20.06 -4.00 -35.84
CA ILE B 227 20.30 -3.28 -34.59
C ILE B 227 18.99 -2.94 -33.90
N VAL B 228 17.90 -2.78 -34.65
CA VAL B 228 16.57 -2.52 -34.09
C VAL B 228 15.61 -3.58 -34.61
N ASP B 229 15.05 -4.37 -33.69
CA ASP B 229 14.14 -5.43 -34.06
C ASP B 229 12.82 -4.87 -34.57
N SER B 230 12.10 -5.70 -35.32
CA SER B 230 10.77 -5.32 -35.80
C SER B 230 9.82 -5.20 -34.61
N PRO B 231 8.85 -4.29 -34.67
CA PRO B 231 7.96 -4.08 -33.52
C PRO B 231 7.16 -5.32 -33.16
N HIS B 232 7.22 -5.68 -31.88
CA HIS B 232 6.53 -6.87 -31.37
C HIS B 232 5.04 -6.93 -31.72
N PRO B 233 4.25 -5.86 -31.59
CA PRO B 233 2.81 -5.97 -31.90
C PRO B 233 2.54 -6.41 -33.32
N LEU B 234 3.40 -6.09 -34.29
CA LEU B 234 3.13 -6.49 -35.67
C LEU B 234 3.25 -8.00 -35.86
N ILE B 235 4.32 -8.61 -35.34
CA ILE B 235 4.43 -10.05 -35.41
C ILE B 235 3.32 -10.72 -34.62
N VAL B 236 2.95 -10.15 -33.47
CA VAL B 236 1.87 -10.73 -32.68
C VAL B 236 0.55 -10.68 -33.46
N LYS B 237 0.27 -9.56 -34.12
CA LYS B 237 -0.93 -9.42 -34.94
C LYS B 237 -0.92 -10.40 -36.10
N LYS B 238 0.24 -10.57 -36.75
CA LYS B 238 0.34 -11.55 -37.83
C LYS B 238 0.05 -12.95 -37.32
N MET B 239 0.53 -13.27 -36.12
CA MET B 239 0.23 -14.56 -35.51
C MET B 239 -1.26 -14.72 -35.25
N LEU B 240 -1.90 -13.66 -34.74
CA LEU B 240 -3.32 -13.73 -34.40
C LEU B 240 -4.19 -13.82 -35.65
N LEU B 241 -3.80 -13.16 -36.74
CA LEU B 241 -4.64 -13.04 -37.92
C LEU B 241 -4.27 -14.02 -39.03
N ALA B 242 -3.49 -15.06 -38.71
CA ALA B 242 -3.16 -16.05 -39.71
C ALA B 242 -4.38 -16.87 -40.10
N SER B 243 -4.37 -17.37 -41.34
CA SER B 243 -5.52 -18.10 -41.85
C SER B 243 -5.62 -19.50 -41.23
N ASN B 244 -4.49 -20.19 -41.11
CA ASN B 244 -4.46 -21.57 -40.65
C ASN B 244 -3.79 -21.65 -39.28
N LEU B 245 -4.17 -22.67 -38.51
CA LEU B 245 -3.59 -22.86 -37.18
C LEU B 245 -2.09 -23.15 -37.28
N GLU B 246 -1.69 -24.01 -38.23
CA GLU B 246 -0.28 -24.36 -38.35
C GLU B 246 0.57 -23.15 -38.68
N ASP B 247 0.03 -22.21 -39.47
CA ASP B 247 0.77 -20.98 -39.76
C ASP B 247 1.00 -20.17 -38.48
N SER B 248 -0.02 -20.06 -37.63
CA SER B 248 0.13 -19.35 -36.37
C SER B 248 1.15 -20.03 -35.46
N ILE B 249 1.10 -21.36 -35.41
CA ILE B 249 2.07 -22.11 -34.60
C ILE B 249 3.48 -21.87 -35.10
N GLN B 250 3.67 -21.89 -36.43
CA GLN B 250 4.99 -21.68 -37.00
C GLN B 250 5.50 -20.28 -36.71
N ILE B 251 4.63 -19.27 -36.86
CA ILE B 251 5.02 -17.90 -36.58
C ILE B 251 5.41 -17.75 -35.12
N LEU B 252 4.61 -18.29 -34.20
CA LEU B 252 4.98 -18.29 -32.79
C LEU B 252 6.36 -18.91 -32.60
N ARG B 253 6.51 -20.19 -32.96
CA ARG B 253 7.76 -20.92 -32.72
C ARG B 253 8.96 -20.16 -33.25
N THR B 254 8.89 -19.66 -34.48
CA THR B 254 10.06 -19.02 -35.07
C THR B 254 10.31 -17.63 -34.50
N ASP B 255 9.29 -16.78 -34.49
CA ASP B 255 9.53 -15.35 -34.28
C ASP B 255 9.50 -14.97 -32.79
N LEU B 256 8.75 -15.69 -31.97
CA LEU B 256 8.52 -15.25 -30.59
C LEU B 256 9.22 -16.15 -29.58
N TRP B 257 8.96 -17.46 -29.63
CA TRP B 257 9.52 -18.36 -28.63
C TRP B 257 11.02 -18.54 -28.81
N LYS B 258 11.45 -18.80 -30.06
CA LYS B 258 12.88 -19.06 -30.30
C LYS B 258 13.70 -17.78 -30.24
N LYS B 259 13.08 -16.62 -30.48
CA LYS B 259 13.82 -15.37 -30.44
C LYS B 259 13.97 -14.83 -29.02
N GLY B 260 13.32 -15.43 -28.02
CA GLY B 260 13.51 -15.07 -26.64
C GLY B 260 12.42 -14.26 -25.99
N TYR B 261 11.30 -14.04 -26.67
CA TYR B 261 10.20 -13.30 -26.06
C TYR B 261 9.49 -14.17 -25.03
N SER B 262 9.10 -13.54 -23.92
CA SER B 262 8.51 -14.26 -22.80
C SER B 262 7.02 -14.52 -23.04
N SER B 263 6.49 -15.48 -22.29
CA SER B 263 5.07 -15.82 -22.39
C SER B 263 4.18 -14.66 -21.97
N ILE B 264 4.53 -14.00 -20.87
CA ILE B 264 3.72 -12.89 -20.36
C ILE B 264 3.72 -11.73 -21.35
N ASP B 265 4.88 -11.43 -21.93
CA ASP B 265 4.94 -10.38 -22.95
C ASP B 265 4.07 -10.75 -24.15
N ILE B 266 4.15 -12.00 -24.59
CA ILE B 266 3.39 -12.43 -25.76
C ILE B 266 1.89 -12.30 -25.50
N VAL B 267 1.43 -12.77 -24.34
CA VAL B 267 0.00 -12.76 -24.06
C VAL B 267 -0.50 -11.33 -23.85
N THR B 268 0.30 -10.48 -23.19
CA THR B 268 -0.10 -9.09 -22.99
C THR B 268 -0.19 -8.35 -24.31
N THR B 269 0.80 -8.55 -25.18
CA THR B 269 0.76 -7.89 -26.49
C THR B 269 -0.38 -8.44 -27.35
N SER B 270 -0.66 -9.73 -27.23
CA SER B 270 -1.81 -10.30 -27.96
C SER B 270 -3.11 -9.69 -27.49
N PHE B 271 -3.28 -9.52 -26.17
CA PHE B 271 -4.48 -8.88 -25.65
C PHE B 271 -4.60 -7.44 -26.17
N ARG B 272 -3.50 -6.69 -26.12
CA ARG B 272 -3.53 -5.30 -26.55
C ARG B 272 -3.84 -5.19 -28.05
N VAL B 273 -3.26 -6.07 -28.86
CA VAL B 273 -3.53 -6.06 -30.29
C VAL B 273 -4.98 -6.43 -30.57
N THR B 274 -5.49 -7.45 -29.87
CA THR B 274 -6.86 -7.90 -30.08
C THR B 274 -7.86 -6.82 -29.72
N LYS B 275 -7.62 -6.11 -28.62
CA LYS B 275 -8.56 -5.05 -28.23
C LYS B 275 -8.53 -3.90 -29.24
N ASN B 276 -7.38 -3.67 -29.88
CA ASN B 276 -7.22 -2.57 -30.82
C ASN B 276 -7.44 -2.98 -32.28
N LEU B 277 -7.75 -4.25 -32.55
CA LEU B 277 -7.98 -4.68 -33.92
C LEU B 277 -9.29 -4.11 -34.44
N ALA B 278 -9.33 -3.84 -35.74
CA ALA B 278 -10.50 -3.24 -36.38
C ALA B 278 -11.16 -4.13 -37.42
N GLN B 279 -10.39 -4.95 -38.15
CA GLN B 279 -10.98 -5.79 -39.19
C GLN B 279 -11.92 -6.84 -38.59
N VAL B 280 -11.53 -7.44 -37.46
CA VAL B 280 -12.33 -8.48 -36.84
C VAL B 280 -13.57 -7.87 -36.19
N LYS B 281 -14.70 -8.55 -36.31
CA LYS B 281 -15.92 -8.08 -35.66
C LYS B 281 -15.77 -8.12 -34.16
N GLU B 282 -16.57 -7.29 -33.47
CA GLU B 282 -16.37 -7.07 -32.04
C GLU B 282 -16.65 -8.33 -31.23
N SER B 283 -17.64 -9.12 -31.62
CA SER B 283 -17.97 -10.31 -30.85
C SER B 283 -16.84 -11.33 -30.88
N VAL B 284 -16.32 -11.62 -32.07
CA VAL B 284 -15.20 -12.54 -32.19
C VAL B 284 -13.98 -11.98 -31.48
N ARG B 285 -13.76 -10.67 -31.59
CA ARG B 285 -12.67 -10.03 -30.88
C ARG B 285 -12.79 -10.24 -29.37
N LEU B 286 -14.01 -10.10 -28.83
CA LEU B 286 -14.24 -10.29 -27.41
C LEU B 286 -14.01 -11.73 -26.98
N GLU B 287 -14.44 -12.70 -27.77
CA GLU B 287 -14.21 -14.09 -27.37
C GLU B 287 -12.74 -14.48 -27.47
N MET B 288 -12.02 -13.99 -28.47
CA MET B 288 -10.57 -14.18 -28.49
C MET B 288 -9.91 -13.51 -27.29
N ILE B 289 -10.41 -12.33 -26.90
CA ILE B 289 -9.92 -11.68 -25.69
C ILE B 289 -10.17 -12.56 -24.47
N LYS B 290 -11.32 -13.23 -24.43
CA LYS B 290 -11.62 -14.15 -23.33
C LYS B 290 -10.60 -15.28 -23.27
N GLU B 291 -10.30 -15.89 -24.41
CA GLU B 291 -9.33 -16.99 -24.44
C GLU B 291 -7.93 -16.49 -24.05
N ILE B 292 -7.54 -15.33 -24.58
CA ILE B 292 -6.26 -14.74 -24.24
C ILE B 292 -6.16 -14.42 -22.76
N GLY B 293 -7.26 -13.98 -22.16
CA GLY B 293 -7.29 -13.71 -20.73
C GLY B 293 -7.17 -14.96 -19.89
N LEU B 294 -7.81 -16.06 -20.33
CA LEU B 294 -7.60 -17.33 -19.63
C LEU B 294 -6.14 -17.76 -19.69
N THR B 295 -5.52 -17.63 -20.87
CA THR B 295 -4.10 -17.96 -20.99
C THR B 295 -3.25 -17.06 -20.11
N HIS B 296 -3.61 -15.77 -20.04
CA HIS B 296 -2.89 -14.83 -19.18
C HIS B 296 -3.02 -15.23 -17.72
N MET B 297 -4.20 -15.66 -17.31
CA MET B 297 -4.40 -16.13 -15.94
C MET B 297 -3.51 -17.32 -15.64
N ARG B 298 -3.43 -18.28 -16.56
CA ARG B 298 -2.56 -19.44 -16.34
C ARG B 298 -1.09 -19.01 -16.27
N ILE B 299 -0.67 -18.11 -17.15
CA ILE B 299 0.72 -17.65 -17.15
C ILE B 299 1.05 -16.93 -15.83
N LEU B 300 0.13 -16.09 -15.36
CA LEU B 300 0.35 -15.38 -14.10
C LEU B 300 0.28 -16.29 -12.89
N GLU B 301 -0.49 -17.37 -12.93
CA GLU B 301 -0.48 -18.37 -11.89
C GLU B 301 0.81 -19.20 -11.91
N GLY B 302 1.48 -19.27 -13.06
CA GLY B 302 2.80 -19.85 -13.14
C GLY B 302 3.00 -20.83 -14.26
N VAL B 303 1.95 -21.16 -15.00
CA VAL B 303 2.10 -22.08 -16.12
C VAL B 303 2.42 -21.26 -17.36
N GLY B 304 3.71 -20.92 -17.52
CA GLY B 304 4.15 -20.22 -18.70
C GLY B 304 4.95 -21.14 -19.61
N THR B 305 4.31 -21.64 -20.67
CA THR B 305 4.93 -22.60 -21.55
C THR B 305 4.42 -22.39 -22.97
N TYR B 306 5.17 -22.93 -23.93
CA TYR B 306 4.72 -22.97 -25.32
C TYR B 306 3.40 -23.70 -25.48
N LEU B 307 3.11 -24.67 -24.59
CA LEU B 307 1.88 -25.44 -24.71
C LEU B 307 0.64 -24.57 -24.53
N GLN B 308 0.65 -23.69 -23.51
CA GLN B 308 -0.49 -22.81 -23.29
C GLN B 308 -0.66 -21.82 -24.44
N LEU B 309 0.44 -21.28 -24.97
CA LEU B 309 0.32 -20.36 -26.09
C LEU B 309 -0.24 -21.05 -27.32
N ALA B 310 0.22 -22.28 -27.59
CA ALA B 310 -0.33 -23.04 -28.72
C ALA B 310 -1.80 -23.36 -28.50
N SER B 311 -2.19 -23.68 -27.27
CA SER B 311 -3.60 -23.94 -26.98
C SER B 311 -4.44 -22.69 -27.17
N MET B 312 -3.92 -21.53 -26.76
CA MET B 312 -4.63 -20.28 -26.97
C MET B 312 -4.82 -20.00 -28.46
N LEU B 313 -3.77 -20.23 -29.25
CA LEU B 313 -3.89 -20.08 -30.69
C LEU B 313 -4.92 -21.04 -31.26
N ALA B 314 -4.95 -22.28 -30.75
CA ALA B 314 -5.93 -23.26 -31.22
C ALA B 314 -7.35 -22.83 -30.89
N LYS B 315 -7.56 -22.31 -29.68
CA LYS B 315 -8.88 -21.83 -29.30
C LYS B 315 -9.30 -20.64 -30.15
N ILE B 316 -8.38 -19.72 -30.43
CA ILE B 316 -8.69 -18.57 -31.28
C ILE B 316 -9.06 -19.03 -32.69
N HIS B 317 -8.31 -20.00 -33.23
CA HIS B 317 -8.58 -20.48 -34.57
C HIS B 317 -9.91 -21.24 -34.64
N LYS B 318 -10.23 -22.01 -33.60
CA LYS B 318 -11.54 -22.65 -33.53
C LYS B 318 -12.64 -21.60 -33.46
N LEU B 319 -12.42 -20.54 -32.69
CA LEU B 319 -13.41 -19.48 -32.56
C LEU B 319 -13.65 -18.79 -33.91
N ASN B 320 -12.58 -18.55 -34.65
CA ASN B 320 -12.70 -17.92 -35.96
C ASN B 320 -13.29 -18.89 -36.99
N ASN B 321 -13.04 -20.18 -36.83
CA ASN B 321 -13.51 -21.19 -37.79
C ASN B 321 -14.93 -21.64 -37.52
N LYS B 322 -15.58 -21.09 -36.50
CA LYS B 322 -16.97 -21.45 -36.15
C LYS B 322 -17.11 -22.95 -35.87
N ARG C 8 38.65 -19.69 -0.33
CA ARG C 8 37.75 -19.67 -1.47
C ARG C 8 38.53 -19.66 -2.79
N SER C 9 39.21 -18.54 -3.05
CA SER C 9 40.04 -18.37 -4.24
C SER C 9 39.27 -18.55 -5.54
N LYS C 10 37.96 -18.28 -5.48
CA LYS C 10 37.05 -18.45 -6.63
C LYS C 10 37.07 -19.91 -7.13
N GLU C 11 37.60 -20.82 -6.31
CA GLU C 11 37.53 -22.24 -6.59
C GLU C 11 36.49 -22.95 -5.74
N ASN C 12 36.02 -22.34 -4.66
CA ASN C 12 35.07 -22.93 -3.74
C ASN C 12 33.65 -22.45 -4.00
N LEU C 13 33.36 -21.95 -5.20
CA LEU C 13 32.08 -21.37 -5.58
C LEU C 13 31.34 -22.28 -6.55
N PRO C 14 30.03 -22.18 -6.65
CA PRO C 14 29.29 -22.93 -7.67
C PRO C 14 29.77 -22.56 -9.07
N TRP C 15 29.73 -23.54 -9.98
CA TRP C 15 30.19 -23.31 -11.35
C TRP C 15 29.41 -22.20 -12.03
N VAL C 16 28.18 -21.96 -11.60
CA VAL C 16 27.39 -20.87 -12.18
C VAL C 16 28.01 -19.51 -11.87
N GLU C 17 28.61 -19.36 -10.70
CA GLU C 17 29.27 -18.11 -10.33
C GLU C 17 30.77 -18.18 -10.56
N LYS C 18 31.33 -19.39 -10.50
CA LYS C 18 32.77 -19.56 -10.74
C LYS C 18 33.15 -19.17 -12.16
N TYR C 19 32.33 -19.56 -13.14
CA TYR C 19 32.60 -19.30 -14.56
C TYR C 19 31.87 -18.07 -15.08
N ARG C 20 31.58 -17.12 -14.20
CA ARG C 20 31.00 -15.86 -14.65
C ARG C 20 32.01 -15.09 -15.48
N PRO C 21 31.64 -14.61 -16.66
CA PRO C 21 32.62 -13.90 -17.50
C PRO C 21 33.16 -12.66 -16.80
N GLU C 22 34.46 -12.41 -16.99
CA GLU C 22 35.14 -11.27 -16.41
C GLU C 22 35.55 -10.22 -17.42
N THR C 23 35.72 -10.59 -18.69
CA THR C 23 36.03 -9.64 -19.76
C THR C 23 35.00 -9.80 -20.86
N LEU C 24 34.89 -8.78 -21.71
CA LEU C 24 33.87 -8.77 -22.75
C LEU C 24 34.10 -9.85 -23.81
N ASP C 25 35.28 -10.48 -23.85
CA ASP C 25 35.58 -11.52 -24.82
C ASP C 25 35.16 -12.90 -24.36
N GLU C 26 34.74 -13.07 -23.11
CA GLU C 26 34.28 -14.36 -22.61
C GLU C 26 32.77 -14.49 -22.64
N VAL C 27 32.06 -13.53 -23.22
CA VAL C 27 30.61 -13.61 -23.40
C VAL C 27 30.34 -14.06 -24.83
N TYR C 28 29.61 -15.14 -24.98
CA TYR C 28 29.38 -15.76 -26.27
C TYR C 28 27.90 -15.76 -26.61
N GLY C 29 27.60 -15.93 -27.90
CA GLY C 29 26.23 -15.98 -28.36
C GLY C 29 25.68 -14.64 -28.81
N GLN C 30 25.86 -13.61 -27.99
CA GLN C 30 25.37 -12.28 -28.29
C GLN C 30 26.41 -11.44 -29.02
N ASN C 31 26.93 -11.99 -30.13
CA ASN C 31 28.04 -11.36 -30.83
C ASN C 31 27.66 -9.98 -31.37
N GLU C 32 26.45 -9.85 -31.92
CA GLU C 32 26.03 -8.56 -32.45
C GLU C 32 26.02 -7.50 -31.36
N VAL C 33 25.42 -7.82 -30.21
CA VAL C 33 25.40 -6.89 -29.08
C VAL C 33 26.82 -6.60 -28.60
N ILE C 34 27.65 -7.65 -28.50
CA ILE C 34 29.00 -7.49 -27.98
C ILE C 34 29.81 -6.55 -28.87
N THR C 35 29.82 -6.80 -30.18
CA THR C 35 30.60 -5.95 -31.08
C THR C 35 30.03 -4.54 -31.16
N THR C 36 28.70 -4.42 -31.17
CA THR C 36 28.09 -3.09 -31.22
C THR C 36 28.46 -2.27 -30.00
N VAL C 37 28.40 -2.88 -28.81
CA VAL C 37 28.72 -2.18 -27.58
C VAL C 37 30.21 -1.86 -27.50
N ARG C 38 31.07 -2.79 -27.96
CA ARG C 38 32.50 -2.54 -27.96
C ARG C 38 32.84 -1.36 -28.88
N LYS C 39 32.23 -1.30 -30.06
CA LYS C 39 32.47 -0.18 -30.95
C LYS C 39 31.92 1.11 -30.36
N PHE C 40 30.77 1.04 -29.67
CA PHE C 40 30.23 2.21 -28.99
C PHE C 40 31.22 2.77 -27.98
N VAL C 41 31.75 1.92 -27.11
CA VAL C 41 32.64 2.40 -26.06
C VAL C 41 33.98 2.86 -26.66
N ASP C 42 34.44 2.17 -27.70
CA ASP C 42 35.71 2.55 -28.33
C ASP C 42 35.60 3.93 -28.97
N GLU C 43 34.54 4.18 -29.72
CA GLU C 43 34.38 5.52 -30.31
C GLU C 43 33.85 6.54 -29.31
N GLY C 44 33.26 6.09 -28.20
CA GLY C 44 32.86 6.98 -27.13
C GLY C 44 31.38 7.32 -27.10
N LYS C 45 30.65 7.13 -28.20
CA LYS C 45 29.20 7.40 -28.21
C LYS C 45 28.45 6.19 -27.67
N LEU C 46 28.45 6.07 -26.34
CA LEU C 46 27.72 5.02 -25.66
C LEU C 46 26.37 5.56 -25.25
N PRO C 47 25.27 5.12 -25.85
CA PRO C 47 23.95 5.64 -25.50
C PRO C 47 23.39 4.93 -24.28
N HIS C 48 22.16 5.28 -23.92
CA HIS C 48 21.49 4.62 -22.82
C HIS C 48 21.06 3.22 -23.26
N LEU C 49 21.50 2.21 -22.52
CA LEU C 49 21.34 0.82 -22.93
C LEU C 49 20.16 0.16 -22.23
N LEU C 50 19.50 -0.74 -22.96
CA LEU C 50 18.39 -1.53 -22.43
C LEU C 50 18.60 -2.97 -22.88
N PHE C 51 19.06 -3.81 -21.96
CA PHE C 51 19.28 -5.24 -22.23
C PHE C 51 18.09 -6.02 -21.66
N TYR C 52 17.18 -6.42 -22.54
CA TYR C 52 16.01 -7.20 -22.17
C TYR C 52 16.08 -8.55 -22.89
N GLY C 53 15.96 -9.63 -22.12
CA GLY C 53 16.02 -10.96 -22.67
C GLY C 53 15.63 -12.03 -21.65
N PRO C 54 15.71 -13.30 -22.06
CA PRO C 54 15.39 -14.39 -21.14
C PRO C 54 16.46 -14.54 -20.07
N PRO C 55 16.13 -15.17 -18.95
CA PRO C 55 17.13 -15.35 -17.89
C PRO C 55 18.30 -16.20 -18.35
N GLY C 56 19.49 -15.88 -17.83
CA GLY C 56 20.67 -16.65 -18.13
C GLY C 56 21.25 -16.43 -19.51
N THR C 57 20.97 -15.29 -20.13
CA THR C 57 21.52 -14.96 -21.44
C THR C 57 22.77 -14.10 -21.36
N GLY C 58 23.22 -13.72 -20.16
CA GLY C 58 24.45 -12.98 -19.99
C GLY C 58 24.31 -11.48 -19.92
N LYS C 59 23.11 -10.94 -19.75
CA LYS C 59 22.93 -9.49 -19.72
C LYS C 59 23.72 -8.87 -18.57
N THR C 60 23.56 -9.42 -17.36
CA THR C 60 24.32 -8.92 -16.21
C THR C 60 25.81 -9.11 -16.40
N SER C 61 26.22 -10.28 -16.89
CA SER C 61 27.64 -10.53 -17.16
C SER C 61 28.16 -9.55 -18.21
N THR C 62 27.37 -9.30 -19.25
CA THR C 62 27.79 -8.36 -20.29
C THR C 62 27.99 -6.96 -19.72
N ILE C 63 27.06 -6.49 -18.89
CA ILE C 63 27.19 -5.14 -18.37
C ILE C 63 28.32 -5.04 -17.33
N VAL C 64 28.56 -6.10 -16.56
CA VAL C 64 29.66 -6.06 -15.61
C VAL C 64 31.00 -6.08 -16.34
N ALA C 65 31.10 -6.86 -17.43
CA ALA C 65 32.29 -6.81 -18.26
C ALA C 65 32.46 -5.44 -18.90
N LEU C 66 31.35 -4.81 -19.28
CA LEU C 66 31.41 -3.43 -19.78
C LEU C 66 31.99 -2.49 -18.73
N ALA C 67 31.53 -2.62 -17.48
CA ALA C 67 32.07 -1.78 -16.41
C ALA C 67 33.56 -2.01 -16.22
N ARG C 68 33.98 -3.28 -16.25
CA ARG C 68 35.40 -3.59 -16.10
C ARG C 68 36.22 -3.00 -17.24
N GLU C 69 35.72 -3.13 -18.48
CA GLU C 69 36.47 -2.63 -19.62
C GLU C 69 36.47 -1.10 -19.68
N ILE C 70 35.46 -0.47 -19.10
CA ILE C 70 35.37 0.99 -19.16
C ILE C 70 36.20 1.64 -18.07
N TYR C 71 36.07 1.17 -16.83
CA TYR C 71 36.71 1.81 -15.69
C TYR C 71 37.91 1.06 -15.14
N GLY C 72 38.12 -0.18 -15.54
CA GLY C 72 39.24 -0.97 -15.05
C GLY C 72 38.87 -1.90 -13.92
N LYS C 73 39.89 -2.23 -13.12
CA LYS C 73 39.67 -3.11 -11.98
C LYS C 73 38.85 -2.46 -10.88
N ASN C 74 38.94 -1.14 -10.74
CA ASN C 74 38.18 -0.40 -9.73
C ASN C 74 36.82 0.03 -10.27
N TYR C 75 36.05 -0.95 -10.76
CA TYR C 75 34.75 -0.67 -11.36
C TYR C 75 33.62 -0.71 -10.34
N SER C 76 33.84 -1.28 -9.15
CA SER C 76 32.79 -1.40 -8.14
C SER C 76 32.60 -0.14 -7.32
N ASN C 77 33.48 0.86 -7.48
CA ASN C 77 33.37 2.11 -6.74
C ASN C 77 33.08 3.31 -7.63
N MET C 78 33.35 3.22 -8.93
CA MET C 78 33.02 4.29 -9.86
C MET C 78 31.69 4.05 -10.58
N VAL C 79 30.96 3.00 -10.23
CA VAL C 79 29.69 2.67 -10.86
C VAL C 79 28.65 2.47 -9.77
N LEU C 80 27.48 3.09 -9.97
CA LEU C 80 26.35 2.93 -9.05
C LEU C 80 25.53 1.74 -9.54
N GLU C 81 25.83 0.56 -9.00
CA GLU C 81 25.09 -0.65 -9.32
C GLU C 81 24.02 -0.86 -8.26
N LEU C 82 22.76 -0.68 -8.66
CA LEU C 82 21.63 -0.77 -7.74
C LEU C 82 20.74 -1.94 -8.13
N ASN C 83 20.45 -2.81 -7.18
CA ASN C 83 19.51 -3.90 -7.39
C ASN C 83 18.11 -3.34 -7.29
N ALA C 84 17.46 -3.12 -8.45
CA ALA C 84 16.16 -2.49 -8.47
C ALA C 84 15.10 -3.29 -7.72
N SER C 85 15.25 -4.62 -7.67
CA SER C 85 14.32 -5.43 -6.90
C SER C 85 14.42 -5.11 -5.41
N ASP C 86 15.65 -4.91 -4.91
CA ASP C 86 15.84 -4.65 -3.49
C ASP C 86 15.42 -3.23 -3.12
N ASP C 87 15.62 -2.26 -4.01
CA ASP C 87 15.32 -0.87 -3.70
C ASP C 87 14.76 -0.22 -4.96
N ARG C 88 13.42 -0.14 -5.04
CA ARG C 88 12.73 0.36 -6.23
C ARG C 88 11.88 1.59 -5.92
N GLY C 89 12.14 2.24 -4.79
CA GLY C 89 11.33 3.37 -4.39
C GLY C 89 11.72 4.65 -5.11
N ILE C 90 10.78 5.60 -5.09
CA ILE C 90 11.07 6.93 -5.62
C ILE C 90 12.08 7.68 -4.76
N ASP C 91 12.23 7.29 -3.50
CA ASP C 91 13.28 7.86 -2.66
C ASP C 91 14.66 7.55 -3.23
N VAL C 92 14.81 6.37 -3.83
CA VAL C 92 16.08 6.02 -4.46
C VAL C 92 16.40 7.00 -5.57
N VAL C 93 15.43 7.25 -6.46
CA VAL C 93 15.66 8.16 -7.57
C VAL C 93 15.94 9.57 -7.06
N ARG C 94 15.19 10.01 -6.04
CA ARG C 94 15.40 11.36 -5.52
C ARG C 94 16.78 11.53 -4.91
N ASN C 95 17.22 10.58 -4.09
CA ASN C 95 18.48 10.77 -3.39
C ASN C 95 19.68 10.16 -4.11
N GLN C 96 19.70 8.83 -4.23
CA GLN C 96 20.94 8.16 -4.57
C GLN C 96 21.28 8.33 -6.04
N ILE C 97 20.33 7.99 -6.92
CA ILE C 97 20.58 8.06 -8.36
C ILE C 97 20.87 9.50 -8.77
N LYS C 98 20.08 10.45 -8.29
CA LYS C 98 20.26 11.85 -8.65
C LYS C 98 21.55 12.43 -8.10
N ASP C 99 21.93 12.13 -6.86
CA ASP C 99 23.17 12.64 -6.32
C ASP C 99 24.37 12.03 -7.03
N PHE C 100 24.29 10.74 -7.38
CA PHE C 100 25.37 10.12 -8.13
C PHE C 100 25.51 10.75 -9.51
N ALA C 101 24.39 10.97 -10.19
CA ALA C 101 24.44 11.56 -11.54
C ALA C 101 24.96 12.99 -11.51
N SER C 102 24.54 13.78 -10.52
CA SER C 102 24.91 15.18 -10.48
C SER C 102 26.39 15.36 -10.14
N THR C 103 26.90 14.60 -9.18
CA THR C 103 28.26 14.81 -8.68
C THR C 103 29.28 14.19 -9.62
N ARG C 104 30.56 14.43 -9.33
CA ARG C 104 31.68 13.93 -10.10
C ARG C 104 32.13 12.58 -9.52
N GLN C 105 33.30 12.13 -9.96
CA GLN C 105 33.86 10.86 -9.50
C GLN C 105 34.96 11.11 -8.48
N ILE C 106 34.95 10.32 -7.41
CA ILE C 106 35.93 10.47 -6.33
C ILE C 106 37.27 9.85 -6.67
N PHE C 107 37.38 9.16 -7.81
CA PHE C 107 38.54 8.32 -8.08
C PHE C 107 39.31 8.81 -9.31
N SER C 108 38.63 8.99 -10.45
CA SER C 108 39.28 9.44 -11.67
C SER C 108 38.29 10.23 -12.51
N LYS C 109 38.82 11.12 -13.36
CA LYS C 109 37.97 11.89 -14.24
C LYS C 109 37.34 10.98 -15.28
N GLY C 110 36.05 11.17 -15.53
CA GLY C 110 35.33 10.36 -16.50
C GLY C 110 33.85 10.39 -16.26
N PHE C 111 33.13 9.80 -17.19
CA PHE C 111 31.68 9.77 -17.11
C PHE C 111 31.22 8.75 -16.07
N LYS C 112 29.92 8.81 -15.76
CA LYS C 112 29.32 7.95 -14.75
C LYS C 112 28.32 6.99 -15.38
N LEU C 113 28.38 5.74 -14.94
CA LEU C 113 27.48 4.69 -15.42
C LEU C 113 26.68 4.13 -14.26
N ILE C 114 25.37 4.11 -14.41
CA ILE C 114 24.46 3.53 -13.42
C ILE C 114 23.82 2.29 -14.02
N ILE C 115 24.06 1.14 -13.40
CA ILE C 115 23.48 -0.13 -13.84
C ILE C 115 22.30 -0.45 -12.94
N LEU C 116 21.13 -0.61 -13.55
CA LEU C 116 19.90 -0.97 -12.84
C LEU C 116 19.56 -2.42 -13.21
N ASP C 117 19.73 -3.32 -12.25
CA ASP C 117 19.47 -4.73 -12.45
C ASP C 117 18.04 -5.07 -12.06
N GLU C 118 17.34 -5.79 -12.94
CA GLU C 118 15.95 -6.17 -12.72
C GLU C 118 15.07 -4.93 -12.52
N ALA C 119 15.21 -3.96 -13.42
CA ALA C 119 14.43 -2.74 -13.35
C ALA C 119 12.94 -2.96 -13.62
N ASP C 120 12.56 -4.15 -14.11
CA ASP C 120 11.16 -4.46 -14.32
C ASP C 120 10.36 -4.50 -13.03
N ALA C 121 11.02 -4.59 -11.88
CA ALA C 121 10.36 -4.55 -10.58
C ALA C 121 10.23 -3.14 -10.04
N MET C 122 10.77 -2.14 -10.74
CA MET C 122 10.68 -0.76 -10.29
C MET C 122 9.23 -0.28 -10.35
N THR C 123 8.81 0.44 -9.32
CA THR C 123 7.46 1.00 -9.30
C THR C 123 7.31 2.06 -10.38
N ASN C 124 6.07 2.24 -10.83
CA ASN C 124 5.79 3.21 -11.89
C ASN C 124 6.19 4.62 -11.49
N ALA C 125 6.03 4.99 -10.22
CA ALA C 125 6.48 6.29 -9.74
C ALA C 125 7.98 6.44 -9.89
N ALA C 126 8.73 5.37 -9.58
CA ALA C 126 10.19 5.42 -9.70
C ALA C 126 10.61 5.65 -11.15
N GLN C 127 9.98 4.95 -12.10
CA GLN C 127 10.31 5.15 -13.51
C GLN C 127 9.90 6.53 -13.99
N ASN C 128 8.75 7.04 -13.52
CA ASN C 128 8.33 8.37 -13.91
C ASN C 128 9.27 9.43 -13.34
N ALA C 129 9.88 9.17 -12.19
CA ALA C 129 10.89 10.08 -11.68
C ALA C 129 12.19 9.96 -12.46
N LEU C 130 12.55 8.74 -12.85
CA LEU C 130 13.81 8.50 -13.57
C LEU C 130 13.77 9.03 -15.00
N ARG C 131 12.59 9.12 -15.62
CA ARG C 131 12.55 9.53 -17.02
C ARG C 131 13.00 10.97 -17.23
N ARG C 132 13.10 11.77 -16.17
CA ARG C 132 13.68 13.10 -16.25
C ARG C 132 15.10 13.18 -15.70
N VAL C 133 15.43 12.34 -14.71
CA VAL C 133 16.81 12.27 -14.22
C VAL C 133 17.73 11.80 -15.32
N ILE C 134 17.29 10.83 -16.13
CA ILE C 134 18.10 10.34 -17.24
C ILE C 134 18.34 11.45 -18.25
N GLU C 135 17.30 12.22 -18.58
CA GLU C 135 17.43 13.25 -19.62
C GLU C 135 18.26 14.43 -19.14
N ARG C 136 18.07 14.86 -17.89
CA ARG C 136 18.74 16.06 -17.42
C ARG C 136 20.25 15.87 -17.30
N TYR C 137 20.68 14.72 -16.78
CA TYR C 137 22.10 14.45 -16.54
C TYR C 137 22.73 13.59 -17.64
N THR C 138 22.26 13.72 -18.88
CA THR C 138 22.81 12.92 -19.96
C THR C 138 24.19 13.38 -20.39
N LYS C 139 24.64 14.56 -19.96
CA LYS C 139 25.95 15.07 -20.39
C LYS C 139 27.09 14.31 -19.74
N ASN C 140 26.94 13.87 -18.49
CA ASN C 140 28.01 13.24 -17.76
C ASN C 140 27.61 11.90 -17.13
N THR C 141 26.39 11.43 -17.39
CA THR C 141 25.90 10.20 -16.79
C THR C 141 25.12 9.40 -17.83
N ARG C 142 25.33 8.09 -17.82
CA ARG C 142 24.62 7.15 -18.69
C ARG C 142 23.94 6.07 -17.87
N PHE C 143 22.75 5.67 -18.33
CA PHE C 143 21.90 4.73 -17.63
C PHE C 143 21.81 3.43 -18.41
N CYS C 144 21.87 2.30 -17.69
CA CYS C 144 21.65 1.00 -18.29
C CYS C 144 20.50 0.31 -17.57
N VAL C 145 19.55 -0.21 -18.36
CA VAL C 145 18.35 -0.85 -17.83
C VAL C 145 18.38 -2.32 -18.24
N LEU C 146 18.31 -3.20 -17.24
CA LEU C 146 18.20 -4.64 -17.47
C LEU C 146 16.88 -5.10 -16.90
N ALA C 147 16.08 -5.80 -17.71
CA ALA C 147 14.78 -6.28 -17.28
C ALA C 147 14.41 -7.50 -18.12
N ASN C 148 14.01 -8.58 -17.44
CA ASN C 148 13.58 -9.78 -18.16
C ASN C 148 12.31 -9.52 -18.95
N TYR C 149 11.40 -8.71 -18.40
CA TYR C 149 10.10 -8.44 -19.01
C TYR C 149 10.02 -6.96 -19.35
N ALA C 150 9.67 -6.66 -20.60
CA ALA C 150 9.57 -5.28 -21.07
C ALA C 150 8.19 -4.67 -20.87
N HIS C 151 7.18 -5.49 -20.55
CA HIS C 151 5.84 -4.93 -20.34
C HIS C 151 5.75 -4.20 -19.01
N LYS C 152 6.49 -4.66 -18.00
CA LYS C 152 6.48 -3.99 -16.70
C LYS C 152 7.06 -2.59 -16.79
N LEU C 153 8.11 -2.42 -17.60
CA LEU C 153 8.74 -1.10 -17.76
C LEU C 153 7.78 -0.13 -18.43
N THR C 154 7.81 1.12 -17.96
CA THR C 154 6.95 2.15 -18.54
C THR C 154 7.38 2.46 -19.97
N PRO C 155 6.44 2.83 -20.83
CA PRO C 155 6.81 3.20 -22.21
C PRO C 155 7.76 4.37 -22.29
N ALA C 156 7.66 5.32 -21.36
CA ALA C 156 8.58 6.46 -21.34
C ALA C 156 10.02 6.01 -21.13
N LEU C 157 10.22 5.05 -20.22
CA LEU C 157 11.56 4.52 -19.97
C LEU C 157 12.10 3.72 -21.14
N LEU C 158 11.24 3.26 -22.05
CA LEU C 158 11.65 2.54 -23.24
C LEU C 158 11.88 3.45 -24.44
N SER C 159 11.69 4.76 -24.27
CA SER C 159 11.92 5.72 -25.33
C SER C 159 13.25 6.44 -25.23
N ARG C 160 13.83 6.53 -24.04
CA ARG C 160 15.08 7.23 -23.82
C ARG C 160 16.30 6.30 -23.77
N CYS C 161 16.10 5.00 -23.93
CA CYS C 161 17.18 4.02 -23.85
C CYS C 161 17.24 3.23 -25.15
N THR C 162 18.43 3.10 -25.71
CA THR C 162 18.62 2.22 -26.87
C THR C 162 18.40 0.78 -26.46
N ARG C 163 17.68 0.04 -27.28
CA ARG C 163 17.24 -1.31 -26.95
C ARG C 163 18.12 -2.34 -27.66
N PHE C 164 18.64 -3.29 -26.87
CA PHE C 164 19.36 -4.43 -27.39
C PHE C 164 18.70 -5.69 -26.87
N ARG C 165 18.41 -6.63 -27.77
CA ARG C 165 17.74 -7.87 -27.42
C ARG C 165 18.75 -8.98 -27.27
N PHE C 166 18.75 -9.63 -26.12
CA PHE C 166 19.63 -10.78 -25.85
C PHE C 166 18.88 -12.04 -26.25
N GLN C 167 19.27 -12.61 -27.39
CA GLN C 167 18.67 -13.84 -27.86
C GLN C 167 19.05 -15.00 -26.92
N PRO C 168 18.22 -16.04 -26.86
CA PRO C 168 18.63 -17.24 -26.12
C PRO C 168 19.88 -17.83 -26.74
N LEU C 169 20.74 -18.36 -25.88
CA LEU C 169 22.07 -18.78 -26.30
C LEU C 169 21.96 -19.89 -27.35
N PRO C 170 22.57 -19.72 -28.52
CA PRO C 170 22.48 -20.74 -29.57
C PRO C 170 23.38 -21.93 -29.26
N GLN C 171 23.45 -22.85 -30.21
CA GLN C 171 24.19 -24.08 -30.01
C GLN C 171 25.69 -23.82 -29.88
N GLU C 172 26.26 -23.07 -30.83
CA GLU C 172 27.71 -22.97 -30.92
C GLU C 172 28.31 -22.30 -29.69
N ALA C 173 27.66 -21.25 -29.18
CA ALA C 173 28.16 -20.57 -27.99
C ALA C 173 28.15 -21.50 -26.79
N ILE C 174 27.08 -22.30 -26.64
CA ILE C 174 27.01 -23.24 -25.54
C ILE C 174 28.08 -24.32 -25.68
N GLU C 175 28.34 -24.77 -26.91
CA GLU C 175 29.43 -25.73 -27.12
C GLU C 175 30.77 -25.15 -26.73
N ARG C 176 31.04 -23.91 -27.12
CA ARG C 176 32.32 -23.30 -26.77
C ARG C 176 32.47 -23.12 -25.27
N ARG C 177 31.41 -22.68 -24.58
CA ARG C 177 31.49 -22.53 -23.13
C ARG C 177 31.62 -23.88 -22.43
N ILE C 178 30.95 -24.90 -22.95
CA ILE C 178 31.08 -26.24 -22.40
C ILE C 178 32.52 -26.73 -22.57
N ALA C 179 33.12 -26.47 -23.73
CA ALA C 179 34.51 -26.86 -23.95
C ALA C 179 35.44 -26.13 -22.99
N ASN C 180 35.21 -24.84 -22.77
CA ASN C 180 36.05 -24.09 -21.83
C ASN C 180 35.92 -24.65 -20.42
N VAL C 181 34.70 -24.95 -19.99
CA VAL C 181 34.49 -25.51 -18.66
C VAL C 181 35.15 -26.88 -18.55
N LEU C 182 35.05 -27.70 -19.60
CA LEU C 182 35.64 -29.03 -19.59
C LEU C 182 37.16 -28.94 -19.53
N VAL C 183 37.75 -27.93 -20.17
CA VAL C 183 39.19 -27.74 -20.10
C VAL C 183 39.61 -27.28 -18.71
N HIS C 184 38.84 -26.36 -18.12
CA HIS C 184 39.21 -25.86 -16.80
C HIS C 184 39.19 -26.96 -15.76
N GLU C 185 38.17 -27.82 -15.79
CA GLU C 185 38.13 -29.00 -14.94
C GLU C 185 38.83 -30.17 -15.64
N LYS C 186 38.85 -31.31 -14.97
CA LYS C 186 39.33 -32.56 -15.56
C LYS C 186 38.11 -33.43 -15.83
N LEU C 187 37.46 -33.19 -16.98
CA LEU C 187 36.20 -33.84 -17.29
C LEU C 187 36.11 -34.09 -18.80
N LYS C 188 35.24 -35.03 -19.17
CA LYS C 188 34.97 -35.36 -20.56
C LYS C 188 33.46 -35.48 -20.77
N LEU C 189 33.02 -35.14 -21.98
CA LEU C 189 31.61 -35.20 -22.34
C LEU C 189 31.45 -35.91 -23.68
N SER C 190 30.54 -36.88 -23.73
CA SER C 190 30.24 -37.54 -24.98
C SER C 190 29.44 -36.60 -25.89
N PRO C 191 29.57 -36.74 -27.21
CA PRO C 191 28.78 -35.89 -28.11
C PRO C 191 27.28 -36.01 -27.90
N ASN C 192 26.78 -37.22 -27.64
CA ASN C 192 25.36 -37.38 -27.36
C ASN C 192 24.96 -36.77 -26.04
N ALA C 193 25.82 -36.90 -25.01
CA ALA C 193 25.55 -36.25 -23.73
C ALA C 193 25.53 -34.73 -23.89
N GLU C 194 26.48 -34.19 -24.66
CA GLU C 194 26.51 -32.75 -24.91
C GLU C 194 25.26 -32.31 -25.67
N LYS C 195 24.82 -33.11 -26.64
CA LYS C 195 23.59 -32.79 -27.36
C LYS C 195 22.38 -32.77 -26.43
N ALA C 196 22.29 -33.76 -25.53
CA ALA C 196 21.19 -33.81 -24.59
C ALA C 196 21.22 -32.61 -23.64
N LEU C 197 22.42 -32.24 -23.18
CA LEU C 197 22.55 -31.07 -22.32
C LEU C 197 22.15 -29.80 -23.05
N ILE C 198 22.53 -29.68 -24.33
CA ILE C 198 22.14 -28.52 -25.12
C ILE C 198 20.63 -28.46 -25.27
N GLU C 199 20.00 -29.61 -25.56
CA GLU C 199 18.55 -29.64 -25.73
C GLU C 199 17.82 -29.27 -24.45
N LEU C 200 18.28 -29.80 -23.31
CA LEU C 200 17.64 -29.47 -22.04
C LEU C 200 18.02 -28.09 -21.52
N SER C 201 19.03 -27.45 -22.11
CA SER C 201 19.46 -26.14 -21.66
C SER C 201 18.38 -25.08 -21.89
N ASN C 202 17.69 -25.16 -23.02
CA ASN C 202 16.70 -24.17 -23.46
C ASN C 202 17.32 -22.79 -23.65
N GLY C 203 18.60 -22.72 -23.99
CA GLY C 203 19.28 -21.46 -24.20
C GLY C 203 19.84 -20.80 -22.96
N ASP C 204 19.85 -21.49 -21.82
CA ASP C 204 20.30 -20.93 -20.56
C ASP C 204 21.59 -21.62 -20.14
N MET C 205 22.67 -20.83 -19.99
CA MET C 205 23.94 -21.39 -19.54
C MET C 205 23.90 -21.77 -18.07
N ARG C 206 22.99 -21.14 -17.30
CA ARG C 206 22.87 -21.48 -15.88
C ARG C 206 22.53 -22.95 -15.70
N ARG C 207 21.56 -23.44 -16.48
CA ARG C 207 21.19 -24.85 -16.43
C ARG C 207 22.35 -25.73 -16.87
N VAL C 208 23.08 -25.31 -17.90
CA VAL C 208 24.22 -26.08 -18.40
C VAL C 208 25.25 -26.28 -17.30
N LEU C 209 25.64 -25.18 -16.65
CA LEU C 209 26.65 -25.27 -15.60
C LEU C 209 26.15 -26.07 -14.40
N ASN C 210 24.89 -25.88 -14.01
CA ASN C 210 24.34 -26.62 -12.88
C ASN C 210 24.34 -28.12 -13.17
N VAL C 211 23.90 -28.51 -14.36
CA VAL C 211 23.85 -29.93 -14.71
C VAL C 211 25.26 -30.50 -14.84
N LEU C 212 26.21 -29.73 -15.37
CA LEU C 212 27.57 -30.22 -15.47
C LEU C 212 28.16 -30.48 -14.08
N GLN C 213 27.96 -29.54 -13.15
CA GLN C 213 28.44 -29.74 -11.79
C GLN C 213 27.76 -30.93 -11.13
N SER C 214 26.45 -31.06 -11.33
CA SER C 214 25.73 -32.19 -10.73
C SER C 214 26.21 -33.52 -11.30
N CYS C 215 26.49 -33.58 -12.59
CA CYS C 215 27.00 -34.82 -13.18
C CYS C 215 28.42 -35.12 -12.73
N LYS C 216 29.25 -34.09 -12.56
CA LYS C 216 30.58 -34.33 -11.98
C LYS C 216 30.47 -34.90 -10.57
N ALA C 217 29.53 -34.37 -9.78
CA ALA C 217 29.28 -34.96 -8.46
C ALA C 217 28.77 -36.39 -8.58
N THR C 218 27.92 -36.66 -9.57
CA THR C 218 27.38 -38.00 -9.75
C THR C 218 28.48 -39.00 -10.08
N LEU C 219 29.46 -38.60 -10.89
CA LEU C 219 30.53 -39.49 -11.29
C LEU C 219 31.25 -40.08 -10.08
N ASP C 220 31.49 -41.39 -10.13
CA ASP C 220 32.12 -42.08 -9.01
C ASP C 220 33.55 -41.57 -8.80
N ASN C 221 34.35 -41.58 -9.86
CA ASN C 221 35.73 -41.08 -9.81
C ASN C 221 35.94 -40.16 -11.00
N PRO C 222 35.62 -38.87 -10.85
CA PRO C 222 35.58 -37.98 -12.02
C PRO C 222 36.91 -37.84 -12.76
N ASP C 223 38.00 -38.39 -12.23
CA ASP C 223 39.30 -38.23 -12.87
C ASP C 223 39.35 -38.92 -14.22
N GLU C 224 38.79 -40.13 -14.33
CA GLU C 224 38.99 -40.95 -15.51
C GLU C 224 37.72 -41.37 -16.24
N ASP C 225 36.54 -41.20 -15.65
CA ASP C 225 35.33 -41.65 -16.31
C ASP C 225 34.73 -40.52 -17.15
N GLU C 226 33.79 -40.89 -18.01
CA GLU C 226 33.14 -39.96 -18.92
C GLU C 226 31.67 -39.81 -18.55
N ILE C 227 31.15 -38.59 -18.72
CA ILE C 227 29.74 -38.29 -18.50
C ILE C 227 28.99 -38.66 -19.78
N SER C 228 28.28 -39.78 -19.75
CA SER C 228 27.50 -40.21 -20.89
C SER C 228 26.11 -39.56 -20.86
N ASP C 229 25.31 -39.84 -21.89
CA ASP C 229 23.95 -39.32 -21.93
C ASP C 229 23.10 -39.90 -20.79
N ASP C 230 23.39 -41.14 -20.39
CA ASP C 230 22.66 -41.73 -19.27
C ASP C 230 22.85 -40.93 -17.99
N VAL C 231 24.09 -40.50 -17.72
CA VAL C 231 24.36 -39.71 -16.52
C VAL C 231 23.62 -38.39 -16.59
N ILE C 232 23.65 -37.73 -17.75
CA ILE C 232 22.96 -36.45 -17.92
C ILE C 232 21.47 -36.60 -17.64
N TYR C 233 20.85 -37.61 -18.26
CA TYR C 233 19.40 -37.79 -18.11
C TYR C 233 19.05 -38.19 -16.69
N GLU C 234 19.86 -39.04 -16.06
CA GLU C 234 19.55 -39.50 -14.70
C GLU C 234 19.68 -38.35 -13.70
N CYS C 235 20.77 -37.59 -13.77
CA CYS C 235 20.98 -36.51 -12.81
C CYS C 235 19.99 -35.37 -13.05
N CYS C 236 19.74 -35.02 -14.32
CA CYS C 236 18.77 -33.99 -14.61
C CYS C 236 17.35 -34.45 -14.32
N GLY C 237 17.09 -35.74 -14.52
CA GLY C 237 15.76 -36.30 -14.32
C GLY C 237 14.86 -36.23 -15.54
N ALA C 238 15.33 -35.64 -16.64
CA ALA C 238 14.52 -35.56 -17.84
C ALA C 238 14.39 -36.94 -18.49
N PRO C 239 13.28 -37.20 -19.18
CA PRO C 239 13.11 -38.48 -19.85
C PRO C 239 13.97 -38.61 -21.09
N ARG C 240 14.48 -39.82 -21.31
CA ARG C 240 15.26 -40.10 -22.51
C ARG C 240 14.37 -40.04 -23.74
N PRO C 241 14.94 -39.66 -24.89
CA PRO C 241 14.13 -39.67 -26.13
C PRO C 241 13.59 -41.04 -26.47
N SER C 242 14.31 -42.11 -26.15
CA SER C 242 13.82 -43.46 -26.42
C SER C 242 12.56 -43.75 -25.63
N ASP C 243 12.54 -43.38 -24.35
CA ASP C 243 11.35 -43.57 -23.53
C ASP C 243 10.19 -42.75 -24.06
N LEU C 244 10.47 -41.51 -24.48
CA LEU C 244 9.43 -40.65 -25.06
C LEU C 244 8.81 -41.29 -26.29
N LYS C 245 9.67 -41.77 -27.21
CA LYS C 245 9.17 -42.39 -28.43
C LYS C 245 8.39 -43.66 -28.12
N ALA C 246 8.87 -44.47 -27.18
CA ALA C 246 8.18 -45.70 -26.83
C ALA C 246 6.81 -45.41 -26.24
N VAL C 247 6.73 -44.42 -25.35
CA VAL C 247 5.44 -44.07 -24.74
C VAL C 247 4.48 -43.56 -25.79
N LEU C 248 4.94 -42.66 -26.67
CA LEU C 248 4.05 -42.11 -27.68
C LEU C 248 3.58 -43.21 -28.64
N LYS C 249 4.48 -44.11 -29.03
CA LYS C 249 4.11 -45.21 -29.92
C LYS C 249 3.09 -46.13 -29.25
N SER C 250 3.28 -46.42 -27.95
CA SER C 250 2.35 -47.28 -27.24
C SER C 250 0.97 -46.63 -27.14
N ILE C 251 0.92 -45.33 -26.89
CA ILE C 251 -0.38 -44.65 -26.82
C ILE C 251 -1.04 -44.63 -28.19
N LEU C 252 -0.26 -44.40 -29.25
CA LEU C 252 -0.85 -44.13 -30.56
C LEU C 252 -1.54 -45.36 -31.15
N GLU C 253 -0.86 -46.51 -31.18
CA GLU C 253 -1.28 -47.62 -32.03
C GLU C 253 -1.34 -48.94 -31.23
N ASP C 254 -1.55 -48.83 -29.92
CA ASP C 254 -1.64 -50.02 -29.08
C ASP C 254 -2.90 -49.94 -28.23
N ASP C 255 -3.23 -51.05 -27.58
CA ASP C 255 -4.43 -51.17 -26.77
C ASP C 255 -4.28 -50.33 -25.50
N TRP C 256 -5.44 -49.94 -24.94
CA TRP C 256 -5.44 -49.14 -23.71
C TRP C 256 -4.70 -49.83 -22.57
N GLY C 257 -4.91 -51.12 -22.38
CA GLY C 257 -4.21 -51.81 -21.31
C GLY C 257 -2.70 -51.79 -21.51
N THR C 258 -2.25 -52.07 -22.73
CA THR C 258 -0.82 -52.04 -23.04
C THR C 258 -0.28 -50.62 -22.91
N ALA C 259 -1.05 -49.62 -23.34
CA ALA C 259 -0.59 -48.23 -23.22
C ALA C 259 -0.42 -47.82 -21.76
N HIS C 260 -1.41 -48.17 -20.92
CA HIS C 260 -1.31 -47.87 -19.50
C HIS C 260 -0.12 -48.60 -18.87
N TYR C 261 0.08 -49.87 -19.22
CA TYR C 261 1.21 -50.61 -18.72
C TYR C 261 2.53 -49.95 -19.12
N THR C 262 2.64 -49.55 -20.38
CA THR C 262 3.88 -48.94 -20.87
C THR C 262 4.15 -47.62 -20.16
N LEU C 263 3.14 -46.77 -20.05
CA LEU C 263 3.34 -45.48 -19.37
C LEU C 263 3.72 -45.70 -17.91
N ASN C 264 3.03 -46.61 -17.22
CA ASN C 264 3.33 -46.85 -15.82
C ASN C 264 4.74 -47.40 -15.62
N LYS C 265 5.16 -48.35 -16.48
CA LYS C 265 6.49 -48.92 -16.31
C LYS C 265 7.57 -47.91 -16.66
N VAL C 266 7.33 -47.06 -17.67
CA VAL C 266 8.30 -46.03 -18.01
C VAL C 266 8.45 -45.04 -16.87
N ARG C 267 7.34 -44.63 -16.28
CA ARG C 267 7.40 -43.67 -15.16
C ARG C 267 8.09 -44.29 -13.95
N SER C 268 7.75 -45.56 -13.63
CA SER C 268 8.26 -46.17 -12.41
C SER C 268 9.73 -46.56 -12.53
N ALA C 269 10.13 -47.07 -13.70
CA ALA C 269 11.48 -47.64 -13.84
C ALA C 269 12.55 -46.56 -13.69
N LYS C 270 12.37 -45.41 -14.33
CA LYS C 270 13.35 -44.35 -14.31
C LYS C 270 12.95 -43.18 -13.43
N GLY C 271 11.77 -43.22 -12.81
CA GLY C 271 11.35 -42.12 -11.96
C GLY C 271 10.98 -40.86 -12.69
N LEU C 272 10.72 -40.94 -13.99
CA LEU C 272 10.39 -39.76 -14.76
C LEU C 272 9.05 -39.17 -14.31
N ALA C 273 8.98 -37.85 -14.29
CA ALA C 273 7.73 -37.16 -14.00
C ALA C 273 6.83 -37.15 -15.23
N LEU C 274 5.52 -37.08 -14.99
CA LEU C 274 4.57 -37.11 -16.09
C LEU C 274 4.59 -35.81 -16.89
N ILE C 275 4.82 -34.68 -16.23
CA ILE C 275 4.78 -33.39 -16.92
C ILE C 275 5.87 -33.30 -17.97
N ASP C 276 7.07 -33.80 -17.65
CA ASP C 276 8.15 -33.82 -18.63
C ASP C 276 7.77 -34.72 -19.81
N LEU C 277 7.09 -35.83 -19.53
CA LEU C 277 6.61 -36.68 -20.61
C LEU C 277 5.64 -35.93 -21.52
N ILE C 278 4.75 -35.14 -20.94
CA ILE C 278 3.81 -34.36 -21.75
C ILE C 278 4.55 -33.34 -22.61
N GLU C 279 5.52 -32.63 -22.02
CA GLU C 279 6.26 -31.66 -22.82
C GLU C 279 7.00 -32.32 -23.97
N GLY C 280 7.65 -33.47 -23.70
CA GLY C 280 8.35 -34.17 -24.76
C GLY C 280 7.41 -34.69 -25.84
N ILE C 281 6.25 -35.20 -25.44
CA ILE C 281 5.28 -35.71 -26.40
C ILE C 281 4.72 -34.58 -27.25
N VAL C 282 4.52 -33.41 -26.65
CA VAL C 282 4.10 -32.24 -27.41
C VAL C 282 5.17 -31.86 -28.43
N LYS C 283 6.44 -31.88 -28.00
CA LYS C 283 7.53 -31.55 -28.91
C LYS C 283 7.58 -32.52 -30.09
N ILE C 284 7.40 -33.82 -29.82
CA ILE C 284 7.44 -34.80 -30.91
C ILE C 284 6.25 -34.63 -31.85
N LEU C 285 5.03 -34.50 -31.29
CA LEU C 285 3.85 -34.46 -32.14
C LEU C 285 3.75 -33.15 -32.90
N GLU C 286 4.38 -32.09 -32.39
CA GLU C 286 4.47 -30.84 -33.15
C GLU C 286 5.28 -31.04 -34.42
N ASP C 287 6.35 -31.83 -34.35
CA ASP C 287 7.16 -32.12 -35.54
C ASP C 287 6.40 -32.97 -36.54
N TYR C 288 5.32 -33.64 -36.10
CA TYR C 288 4.53 -34.46 -37.00
C TYR C 288 3.83 -33.57 -38.03
N GLU C 289 3.44 -34.20 -39.14
CA GLU C 289 2.60 -33.58 -40.16
C GLU C 289 1.21 -34.18 -40.04
N LEU C 290 0.21 -33.34 -39.78
CA LEU C 290 -1.12 -33.80 -39.42
C LEU C 290 -2.10 -33.50 -40.56
N GLN C 291 -2.98 -34.46 -40.82
CA GLN C 291 -3.89 -34.35 -41.96
C GLN C 291 -4.92 -33.26 -41.75
N ASN C 292 -5.55 -33.20 -40.57
CA ASN C 292 -6.65 -32.29 -40.31
C ASN C 292 -6.30 -31.34 -39.17
N GLU C 293 -6.96 -30.18 -39.16
CA GLU C 293 -6.65 -29.17 -38.16
C GLU C 293 -7.26 -29.51 -36.79
N GLU C 294 -8.41 -30.16 -36.78
CA GLU C 294 -9.14 -30.39 -35.53
C GLU C 294 -8.33 -31.23 -34.54
N THR C 295 -7.56 -32.20 -35.05
CA THR C 295 -6.79 -33.05 -34.15
C THR C 295 -5.72 -32.26 -33.41
N ARG C 296 -5.05 -31.33 -34.12
CA ARG C 296 -4.08 -30.46 -33.45
C ARG C 296 -4.75 -29.61 -32.38
N VAL C 297 -5.91 -29.05 -32.68
CA VAL C 297 -6.62 -28.21 -31.71
C VAL C 297 -6.97 -29.01 -30.47
N HIS C 298 -7.58 -30.19 -30.66
CA HIS C 298 -7.98 -31.00 -29.52
C HIS C 298 -6.77 -31.43 -28.71
N LEU C 299 -5.72 -31.89 -29.37
CA LEU C 299 -4.51 -32.32 -28.67
C LEU C 299 -3.94 -31.19 -27.83
N LEU C 300 -3.74 -30.02 -28.45
CA LEU C 300 -3.14 -28.89 -27.74
C LEU C 300 -3.99 -28.47 -26.56
N THR C 301 -5.31 -28.35 -26.77
CA THR C 301 -6.19 -27.90 -25.69
C THR C 301 -6.19 -28.87 -24.53
N LYS C 302 -6.44 -30.16 -24.81
CA LYS C 302 -6.52 -31.13 -23.72
C LYS C 302 -5.19 -31.24 -22.98
N LEU C 303 -4.07 -31.23 -23.71
CA LEU C 303 -2.79 -31.35 -23.05
C LEU C 303 -2.48 -30.11 -22.22
N ALA C 304 -2.94 -28.93 -22.67
CA ALA C 304 -2.75 -27.72 -21.88
C ALA C 304 -3.53 -27.77 -20.57
N ASP C 305 -4.80 -28.21 -20.63
CA ASP C 305 -5.54 -28.36 -19.37
C ASP C 305 -4.94 -29.42 -18.47
N ILE C 306 -4.42 -30.52 -19.03
CA ILE C 306 -3.79 -31.54 -18.21
C ILE C 306 -2.55 -30.96 -17.51
N GLU C 307 -1.73 -30.20 -18.25
CA GLU C 307 -0.54 -29.60 -17.65
C GLU C 307 -0.92 -28.57 -16.57
N TYR C 308 -1.97 -27.78 -16.81
CA TYR C 308 -2.40 -26.82 -15.80
C TYR C 308 -2.89 -27.53 -14.53
N SER C 309 -3.66 -28.61 -14.70
CA SER C 309 -4.14 -29.36 -13.54
C SER C 309 -2.99 -30.02 -12.79
N ILE C 310 -1.96 -30.49 -13.52
CA ILE C 310 -0.77 -31.00 -12.86
C ILE C 310 -0.08 -29.89 -12.07
N SER C 311 -0.03 -28.69 -12.64
CA SER C 311 0.53 -27.55 -11.90
C SER C 311 -0.26 -27.28 -10.63
N LYS C 312 -1.57 -27.51 -10.65
CA LYS C 312 -2.36 -27.47 -9.43
C LYS C 312 -2.33 -28.78 -8.65
N GLY C 313 -1.68 -29.82 -9.18
CA GLY C 313 -1.58 -31.08 -8.48
C GLY C 313 -2.82 -31.94 -8.66
N GLY C 314 -2.74 -33.14 -8.08
CA GLY C 314 -3.84 -34.08 -8.16
C GLY C 314 -3.41 -35.53 -8.24
N ASN C 315 -4.18 -36.34 -8.96
CA ASN C 315 -3.94 -37.78 -9.09
C ASN C 315 -3.09 -38.01 -10.34
N ASP C 316 -1.89 -38.58 -10.14
CA ASP C 316 -0.97 -38.79 -11.24
C ASP C 316 -1.53 -39.80 -12.25
N GLN C 317 -2.09 -40.91 -11.75
CA GLN C 317 -2.62 -41.94 -12.63
C GLN C 317 -3.77 -41.42 -13.48
N ILE C 318 -4.67 -40.65 -12.85
CA ILE C 318 -5.81 -40.09 -13.59
C ILE C 318 -5.32 -39.14 -14.68
N GLN C 319 -4.33 -38.30 -14.36
CA GLN C 319 -3.79 -37.36 -15.34
C GLN C 319 -3.09 -38.08 -16.49
N GLY C 320 -2.35 -39.15 -16.18
CA GLY C 320 -1.73 -39.94 -17.23
C GLY C 320 -2.75 -40.60 -18.14
N SER C 321 -3.80 -41.17 -17.55
CA SER C 321 -4.87 -41.75 -18.35
C SER C 321 -5.57 -40.69 -19.19
N ALA C 322 -5.70 -39.47 -18.66
CA ALA C 322 -6.26 -38.37 -19.44
C ALA C 322 -5.37 -38.04 -20.63
N VAL C 323 -4.05 -38.06 -20.44
CA VAL C 323 -3.13 -37.83 -21.54
C VAL C 323 -3.31 -38.90 -22.61
N ILE C 324 -3.39 -40.16 -22.17
CA ILE C 324 -3.59 -41.26 -23.12
C ILE C 324 -4.89 -41.07 -23.89
N GLY C 325 -5.97 -40.75 -23.19
CA GLY C 325 -7.26 -40.59 -23.84
C GLY C 325 -7.27 -39.42 -24.82
N ALA C 326 -6.66 -38.31 -24.43
CA ALA C 326 -6.61 -37.14 -25.31
C ALA C 326 -5.83 -37.45 -26.59
N ILE C 327 -4.66 -38.09 -26.45
CA ILE C 327 -3.86 -38.41 -27.62
C ILE C 327 -4.61 -39.40 -28.52
N LYS C 328 -5.21 -40.42 -27.91
CA LYS C 328 -5.90 -41.44 -28.68
C LYS C 328 -7.10 -40.85 -29.42
N ALA C 329 -7.87 -39.99 -28.76
CA ALA C 329 -9.01 -39.37 -29.44
C ALA C 329 -8.55 -38.43 -30.55
N SER C 330 -7.50 -37.65 -30.30
CA SER C 330 -7.02 -36.72 -31.31
C SER C 330 -6.56 -37.47 -32.57
N PHE C 331 -5.82 -38.57 -32.40
CA PHE C 331 -5.41 -39.33 -33.57
C PHE C 331 -6.53 -40.23 -34.10
N GLU C 332 -7.57 -40.47 -33.31
CA GLU C 332 -8.77 -41.12 -33.84
C GLU C 332 -9.54 -40.19 -34.77
N ASN C 333 -9.47 -38.88 -34.54
CA ASN C 333 -10.03 -37.93 -35.49
C ASN C 333 -9.33 -37.96 -36.84
N GLU C 334 -8.14 -38.55 -36.92
CA GLU C 334 -7.42 -38.69 -38.18
C GLU C 334 -7.69 -40.08 -38.78
N THR C 335 -8.89 -40.23 -39.32
CA THR C 335 -9.26 -41.46 -40.01
C THR C 335 -10.12 -41.18 -41.25
N SER D 14 20.04 -34.54 28.42
CA SER D 14 20.69 -34.10 27.20
C SER D 14 20.39 -35.04 26.04
N LYS D 15 21.39 -35.81 25.62
CA LYS D 15 21.19 -36.75 24.52
C LYS D 15 20.27 -37.90 24.90
N LEU D 16 20.35 -38.38 26.14
CA LEU D 16 19.47 -39.47 26.58
C LEU D 16 18.01 -39.03 26.61
N ALA D 17 17.75 -37.80 27.08
CA ALA D 17 16.38 -37.30 27.12
C ALA D 17 15.80 -37.17 25.71
N ALA D 18 16.58 -36.62 24.78
CA ALA D 18 16.11 -36.52 23.40
C ALA D 18 15.93 -37.90 22.78
N GLU D 19 16.81 -38.84 23.09
CA GLU D 19 16.69 -40.19 22.56
C GLU D 19 15.41 -40.85 23.05
N GLN D 20 15.11 -40.73 24.35
CA GLN D 20 13.84 -41.27 24.86
C GLN D 20 12.64 -40.57 24.25
N SER D 21 12.69 -39.24 24.14
CA SER D 21 11.58 -38.50 23.55
C SER D 21 11.30 -39.01 22.14
N LEU D 22 12.33 -39.06 21.30
CA LEU D 22 12.15 -39.59 19.95
C LEU D 22 11.72 -41.05 19.97
N ALA D 23 12.16 -41.80 20.97
CA ALA D 23 11.75 -43.21 21.08
C ALA D 23 10.27 -43.34 21.36
N GLN D 24 9.64 -42.28 21.90
CA GLN D 24 8.19 -42.26 22.02
C GLN D 24 7.64 -40.95 21.42
N GLN D 25 7.46 -40.97 20.09
CA GLN D 25 6.83 -39.91 19.28
C GLN D 25 6.17 -40.56 18.08
N PRO D 26 5.37 -39.84 17.30
CA PRO D 26 4.82 -40.42 16.07
C PRO D 26 5.93 -40.92 15.15
N TRP D 27 5.66 -42.06 14.51
CA TRP D 27 6.67 -42.71 13.68
C TRP D 27 7.05 -41.88 12.46
N VAL D 28 6.22 -40.89 12.10
CA VAL D 28 6.57 -39.99 11.01
C VAL D 28 7.80 -39.15 11.39
N GLU D 29 7.89 -38.76 12.66
CA GLU D 29 9.02 -37.99 13.16
C GLU D 29 10.09 -38.86 13.83
N LYS D 30 9.71 -40.04 14.33
CA LYS D 30 10.68 -40.90 14.98
C LYS D 30 11.75 -41.39 14.00
N TYR D 31 11.34 -41.77 12.80
CA TYR D 31 12.27 -42.23 11.76
C TYR D 31 12.57 -41.16 10.72
N ARG D 32 12.57 -39.89 11.12
CA ARG D 32 13.05 -38.84 10.24
C ARG D 32 14.53 -39.08 9.96
N PRO D 33 14.95 -39.11 8.70
CA PRO D 33 16.36 -39.44 8.39
C PRO D 33 17.37 -38.51 9.04
N LYS D 34 18.15 -39.05 9.97
CA LYS D 34 19.20 -38.26 10.62
C LYS D 34 20.37 -38.00 9.69
N ASN D 35 20.69 -38.96 8.83
CA ASN D 35 21.81 -38.86 7.91
C ASN D 35 21.31 -38.93 6.48
N LEU D 36 22.18 -38.52 5.55
CA LEU D 36 21.84 -38.59 4.13
C LEU D 36 21.74 -40.01 3.62
N ASP D 37 22.39 -40.96 4.29
CA ASP D 37 22.33 -42.35 3.85
C ASP D 37 20.94 -42.95 4.07
N GLU D 38 20.22 -42.47 5.10
CA GLU D 38 18.92 -43.00 5.43
C GLU D 38 17.84 -42.61 4.42
N VAL D 39 18.13 -41.70 3.49
CA VAL D 39 17.20 -41.41 2.41
C VAL D 39 17.03 -42.67 1.56
N THR D 40 15.78 -43.09 1.37
CA THR D 40 15.51 -44.42 0.86
C THR D 40 15.64 -44.55 -0.65
N ALA D 41 15.15 -43.58 -1.43
CA ALA D 41 15.09 -43.76 -2.87
C ALA D 41 15.52 -42.55 -3.69
N GLN D 42 15.69 -41.38 -3.09
CA GLN D 42 16.03 -40.17 -3.83
C GLN D 42 17.55 -40.10 -3.97
N ASP D 43 18.10 -41.09 -4.68
CA ASP D 43 19.55 -41.23 -4.73
C ASP D 43 20.19 -40.14 -5.59
N HIS D 44 19.51 -39.73 -6.67
CA HIS D 44 20.10 -38.81 -7.64
C HIS D 44 20.46 -37.46 -7.04
N ALA D 45 19.89 -37.11 -5.88
CA ALA D 45 20.23 -35.86 -5.20
C ALA D 45 21.17 -36.09 -4.03
N VAL D 46 20.93 -37.12 -3.23
CA VAL D 46 21.79 -37.36 -2.07
C VAL D 46 23.20 -37.75 -2.50
N THR D 47 23.37 -38.38 -3.67
CA THR D 47 24.73 -38.65 -4.13
C THR D 47 25.47 -37.35 -4.42
N VAL D 48 24.78 -36.37 -5.02
CA VAL D 48 25.38 -35.08 -5.29
C VAL D 48 25.74 -34.37 -3.99
N LEU D 49 24.82 -34.40 -3.02
CA LEU D 49 25.12 -33.75 -1.74
C LEU D 49 26.24 -34.46 -0.99
N LYS D 50 26.31 -35.79 -1.08
CA LYS D 50 27.40 -36.52 -0.42
C LYS D 50 28.74 -36.22 -1.08
N LYS D 51 28.77 -36.10 -2.40
CA LYS D 51 30.01 -35.74 -3.07
C LYS D 51 30.38 -34.28 -2.87
N THR D 52 29.41 -33.41 -2.59
CA THR D 52 29.68 -32.05 -2.18
C THR D 52 30.15 -31.97 -0.72
N LEU D 53 29.79 -32.96 0.09
CA LEU D 53 30.28 -33.04 1.47
C LEU D 53 31.80 -32.99 1.52
N LYS D 54 32.47 -33.73 0.62
CA LYS D 54 33.93 -33.70 0.58
C LYS D 54 34.44 -32.32 0.16
N SER D 55 33.76 -31.69 -0.80
CA SER D 55 34.14 -30.38 -1.28
C SER D 55 33.42 -29.31 -0.45
N ALA D 56 33.46 -28.06 -0.92
CA ALA D 56 32.69 -26.98 -0.30
C ALA D 56 32.11 -26.07 -1.38
N ASN D 57 31.51 -26.65 -2.41
CA ASN D 57 30.97 -25.91 -3.54
C ASN D 57 29.50 -26.24 -3.77
N LEU D 58 28.72 -26.18 -2.69
CA LEU D 58 27.28 -26.44 -2.77
C LEU D 58 26.62 -25.43 -3.70
N PRO D 59 25.93 -25.88 -4.75
CA PRO D 59 25.19 -24.95 -5.59
C PRO D 59 23.88 -24.53 -4.94
N HIS D 60 23.28 -23.47 -5.48
CA HIS D 60 21.93 -23.11 -5.07
C HIS D 60 20.97 -24.22 -5.48
N MET D 61 20.14 -24.67 -4.55
CA MET D 61 19.34 -25.87 -4.73
C MET D 61 17.85 -25.57 -4.73
N LEU D 62 17.13 -26.20 -5.65
CA LEU D 62 15.67 -26.18 -5.71
C LEU D 62 15.17 -27.59 -5.47
N PHE D 63 14.43 -27.78 -4.38
CA PHE D 63 13.88 -29.08 -4.01
C PHE D 63 12.38 -29.04 -4.28
N TYR D 64 11.97 -29.62 -5.41
CA TYR D 64 10.57 -29.61 -5.82
C TYR D 64 10.13 -31.05 -6.10
N GLY D 65 8.98 -31.43 -5.55
CA GLY D 65 8.46 -32.76 -5.70
C GLY D 65 7.15 -32.95 -4.97
N PRO D 66 6.58 -34.15 -5.05
CA PRO D 66 5.33 -34.44 -4.34
C PRO D 66 5.52 -34.32 -2.84
N PRO D 67 4.45 -34.02 -2.09
CA PRO D 67 4.58 -33.94 -0.63
C PRO D 67 4.96 -35.29 -0.03
N GLY D 68 5.75 -35.24 1.03
CA GLY D 68 6.15 -36.45 1.73
C GLY D 68 7.20 -37.28 1.05
N THR D 69 7.98 -36.70 0.13
CA THR D 69 9.04 -37.43 -0.55
C THR D 69 10.37 -37.38 0.18
N GLY D 70 10.60 -36.34 0.99
CA GLY D 70 11.81 -36.29 1.79
C GLY D 70 12.70 -35.09 1.56
N LYS D 71 12.14 -34.02 0.98
CA LYS D 71 12.93 -32.82 0.72
C LYS D 71 13.40 -32.18 2.03
N THR D 72 12.48 -32.00 2.98
CA THR D 72 12.84 -31.40 4.26
C THR D 72 13.81 -32.29 5.02
N SER D 73 13.57 -33.60 5.02
CA SER D 73 14.48 -34.52 5.70
C SER D 73 15.86 -34.51 5.08
N THR D 74 15.92 -34.50 3.74
CA THR D 74 17.21 -34.46 3.06
C THR D 74 17.97 -33.19 3.37
N ILE D 75 17.27 -32.04 3.34
CA ILE D 75 17.95 -30.77 3.61
C ILE D 75 18.22 -30.56 5.09
N LEU D 76 17.59 -31.32 5.98
CA LEU D 76 17.96 -31.28 7.38
C LEU D 76 19.12 -32.21 7.71
N ALA D 77 19.27 -33.30 6.97
CA ALA D 77 20.42 -34.19 7.12
C ALA D 77 21.68 -33.60 6.48
N LEU D 78 21.53 -32.93 5.33
CA LEU D 78 22.70 -32.38 4.65
C LEU D 78 23.39 -31.31 5.48
N THR D 79 22.62 -30.38 6.04
CA THR D 79 23.22 -29.32 6.86
C THR D 79 23.85 -29.90 8.13
N LYS D 80 23.21 -30.91 8.71
CA LYS D 80 23.81 -31.59 9.86
C LYS D 80 25.17 -32.18 9.49
N GLU D 81 25.23 -32.96 8.42
CA GLU D 81 26.49 -33.59 8.03
C GLU D 81 27.53 -32.54 7.64
N LEU D 82 27.08 -31.39 7.16
CA LEU D 82 27.99 -30.30 6.80
C LEU D 82 28.60 -29.65 8.04
N TYR D 83 27.78 -29.34 9.05
CA TYR D 83 28.22 -28.42 10.10
C TYR D 83 28.41 -29.06 11.47
N GLY D 84 27.63 -30.07 11.83
CA GLY D 84 27.65 -30.60 13.17
C GLY D 84 26.46 -30.12 13.97
N PRO D 85 26.06 -30.89 14.99
CA PRO D 85 24.88 -30.53 15.79
C PRO D 85 24.98 -29.16 16.43
N ASP D 86 26.11 -28.89 17.10
CA ASP D 86 26.27 -27.60 17.79
C ASP D 86 26.40 -26.46 16.80
N LEU D 87 27.17 -26.65 15.73
CA LEU D 87 27.45 -25.55 14.80
C LEU D 87 26.25 -25.25 13.92
N MET D 88 25.37 -26.24 13.72
CA MET D 88 24.29 -26.11 12.74
C MET D 88 23.34 -24.96 13.06
N LYS D 89 23.07 -24.74 14.35
CA LYS D 89 22.15 -23.67 14.74
C LYS D 89 22.63 -22.31 14.27
N SER D 90 23.93 -22.05 14.40
CA SER D 90 24.47 -20.75 14.01
C SER D 90 24.55 -20.61 12.49
N ARG D 91 24.76 -21.73 11.78
CA ARG D 91 24.97 -21.71 10.33
C ARG D 91 23.69 -21.91 9.52
N ILE D 92 22.54 -22.04 10.18
CA ILE D 92 21.31 -22.38 9.45
C ILE D 92 20.20 -21.42 9.86
N LEU D 93 19.55 -20.83 8.86
CA LEU D 93 18.34 -20.04 9.05
C LEU D 93 17.20 -20.73 8.33
N GLU D 94 16.14 -21.05 9.07
CA GLU D 94 14.98 -21.74 8.53
C GLU D 94 13.78 -20.79 8.55
N LEU D 95 13.15 -20.61 7.39
CA LEU D 95 12.00 -19.73 7.25
C LEU D 95 10.92 -20.50 6.48
N ASN D 96 9.87 -20.89 7.18
CA ASN D 96 8.78 -21.66 6.60
C ASN D 96 7.69 -20.71 6.11
N ALA D 97 6.53 -21.26 5.74
CA ALA D 97 5.37 -20.45 5.40
C ALA D 97 4.63 -19.95 6.64
N SER D 98 4.95 -20.48 7.82
CA SER D 98 4.36 -19.98 9.05
C SER D 98 4.87 -18.59 9.41
N ASP D 99 6.02 -18.20 8.88
CA ASP D 99 6.56 -16.86 9.06
C ASP D 99 6.14 -15.98 7.87
N GLU D 100 6.19 -14.67 8.08
CA GLU D 100 5.80 -13.74 7.03
C GLU D 100 6.70 -13.91 5.80
N ARG D 101 6.09 -13.85 4.62
CA ARG D 101 6.77 -14.07 3.35
C ARG D 101 6.63 -12.88 2.43
N GLY D 102 6.52 -11.68 3.00
CA GLY D 102 6.49 -10.47 2.20
C GLY D 102 7.87 -10.01 1.80
N ILE D 103 7.90 -8.85 1.12
CA ILE D 103 9.17 -8.30 0.65
C ILE D 103 10.08 -7.93 1.80
N SER D 104 9.50 -7.42 2.90
CA SER D 104 10.29 -6.93 4.02
C SER D 104 11.09 -8.05 4.67
N ILE D 105 10.48 -9.22 4.84
CA ILE D 105 11.18 -10.36 5.43
C ILE D 105 12.30 -10.87 4.53
N VAL D 106 12.23 -10.61 3.24
CA VAL D 106 13.30 -10.94 2.32
C VAL D 106 14.41 -9.90 2.30
N ARG D 107 14.07 -8.62 2.40
CA ARG D 107 15.06 -7.55 2.31
C ARG D 107 15.72 -7.23 3.64
N GLU D 108 15.15 -7.68 4.76
CA GLU D 108 15.75 -7.37 6.06
C GLU D 108 16.31 -8.62 6.72
N LYS D 109 15.49 -9.63 7.02
CA LYS D 109 15.98 -10.80 7.74
C LYS D 109 16.96 -11.59 6.90
N VAL D 110 16.56 -11.94 5.67
CA VAL D 110 17.41 -12.74 4.80
C VAL D 110 18.68 -11.98 4.44
N LYS D 111 18.54 -10.68 4.11
CA LYS D 111 19.71 -9.91 3.73
C LYS D 111 20.69 -9.74 4.88
N ASN D 112 20.17 -9.50 6.10
CA ASN D 112 21.05 -9.40 7.26
C ASN D 112 21.75 -10.72 7.53
N PHE D 113 21.02 -11.83 7.44
CA PHE D 113 21.61 -13.13 7.71
C PHE D 113 22.71 -13.46 6.68
N ALA D 114 22.43 -13.19 5.40
CA ALA D 114 23.43 -13.46 4.36
C ALA D 114 24.63 -12.53 4.51
N ARG D 115 24.40 -11.26 4.84
CA ARG D 115 25.48 -10.30 4.95
C ARG D 115 26.39 -10.60 6.15
N LEU D 116 25.88 -11.32 7.14
CA LEU D 116 26.67 -11.65 8.32
C LEU D 116 27.86 -12.54 7.95
N THR D 117 28.97 -12.32 8.63
CA THR D 117 30.15 -13.15 8.44
C THR D 117 29.90 -14.56 8.94
N VAL D 118 30.56 -15.53 8.32
CA VAL D 118 30.43 -16.91 8.73
C VAL D 118 30.92 -17.07 10.17
N SER D 119 30.09 -17.72 11.00
CA SER D 119 30.41 -17.87 12.41
C SER D 119 31.65 -18.73 12.60
N LYS D 120 32.39 -18.47 13.67
CA LYS D 120 33.64 -19.17 13.93
C LYS D 120 33.38 -20.62 14.32
N PRO D 121 33.89 -21.59 13.58
CA PRO D 121 33.79 -22.99 14.02
C PRO D 121 34.65 -23.23 15.24
N SER D 122 34.21 -24.15 16.10
CA SER D 122 34.97 -24.53 17.27
C SER D 122 35.92 -25.68 16.93
N LYS D 123 36.96 -25.85 17.75
CA LYS D 123 37.99 -26.85 17.48
C LYS D 123 37.39 -28.24 17.32
N HIS D 124 36.35 -28.54 18.10
CA HIS D 124 35.68 -29.83 17.97
C HIS D 124 34.98 -29.95 16.62
N ASP D 125 34.52 -28.83 16.06
CA ASP D 125 33.73 -28.87 14.83
C ASP D 125 34.60 -29.21 13.62
N LEU D 126 35.75 -28.55 13.47
CA LEU D 126 36.55 -28.75 12.28
C LEU D 126 37.15 -30.15 12.22
N GLU D 127 37.54 -30.71 13.38
CA GLU D 127 38.24 -31.98 13.38
C GLU D 127 37.37 -33.11 12.84
N ASN D 128 36.10 -33.14 13.23
CA ASN D 128 35.19 -34.22 12.83
C ASN D 128 34.32 -33.83 11.63
N TYR D 129 33.75 -32.64 11.64
CA TYR D 129 32.83 -32.23 10.60
C TYR D 129 33.52 -31.32 9.58
N PRO D 130 33.12 -31.40 8.31
CA PRO D 130 33.80 -30.59 7.28
C PRO D 130 33.75 -29.10 7.54
N CYS D 131 32.62 -28.58 8.03
CA CYS D 131 32.41 -27.17 8.30
C CYS D 131 32.76 -26.32 7.08
N PRO D 132 31.95 -26.36 6.02
CA PRO D 132 32.25 -25.56 4.83
C PRO D 132 32.13 -24.08 5.13
N PRO D 133 32.90 -23.23 4.44
CA PRO D 133 32.91 -21.78 4.72
C PRO D 133 31.72 -21.02 4.13
N TYR D 134 30.51 -21.51 4.40
CA TYR D 134 29.30 -20.80 4.02
C TYR D 134 28.16 -21.26 4.92
N LYS D 135 27.01 -20.63 4.75
CA LYS D 135 25.80 -20.98 5.49
C LYS D 135 24.63 -21.12 4.52
N ILE D 136 23.72 -22.04 4.84
CA ILE D 136 22.59 -22.37 3.99
C ILE D 136 21.33 -21.77 4.61
N ILE D 137 20.59 -21.01 3.82
CA ILE D 137 19.28 -20.51 4.21
C ILE D 137 18.23 -21.45 3.61
N ILE D 138 17.43 -22.07 4.46
CA ILE D 138 16.41 -23.02 4.03
C ILE D 138 15.06 -22.32 4.06
N LEU D 139 14.43 -22.20 2.89
CA LEU D 139 13.13 -21.54 2.76
C LEU D 139 12.08 -22.60 2.47
N ASP D 140 11.47 -23.13 3.52
CA ASP D 140 10.40 -24.11 3.36
C ASP D 140 9.17 -23.45 2.75
N GLU D 141 8.54 -24.17 1.81
CA GLU D 141 7.37 -23.67 1.08
C GLU D 141 7.65 -22.30 0.45
N ALA D 142 8.67 -22.27 -0.41
CA ALA D 142 8.98 -21.06 -1.15
C ALA D 142 7.93 -20.73 -2.20
N ASP D 143 7.03 -21.67 -2.51
CA ASP D 143 5.97 -21.40 -3.47
C ASP D 143 5.00 -20.36 -2.97
N SER D 144 4.75 -20.34 -1.65
CA SER D 144 3.79 -19.40 -1.08
C SER D 144 4.25 -17.96 -1.25
N MET D 145 5.54 -17.72 -1.41
CA MET D 145 6.05 -16.37 -1.53
C MET D 145 5.58 -15.72 -2.83
N THR D 146 5.38 -14.42 -2.79
CA THR D 146 4.97 -13.67 -3.97
C THR D 146 6.13 -13.60 -4.98
N ALA D 147 5.78 -13.27 -6.22
CA ALA D 147 6.81 -13.07 -7.23
C ALA D 147 7.72 -11.90 -6.87
N ASP D 148 7.20 -10.93 -6.13
CA ASP D 148 7.99 -9.77 -5.74
C ASP D 148 9.12 -10.15 -4.77
N ALA D 149 8.81 -10.98 -3.78
CA ALA D 149 9.83 -11.41 -2.82
C ALA D 149 10.91 -12.24 -3.50
N GLN D 150 10.52 -13.12 -4.42
CA GLN D 150 11.51 -13.91 -5.15
C GLN D 150 12.33 -13.03 -6.08
N SER D 151 11.72 -12.02 -6.69
CA SER D 151 12.48 -11.06 -7.47
C SER D 151 13.50 -10.32 -6.61
N ALA D 152 13.11 -9.95 -5.39
CA ALA D 152 14.07 -9.34 -4.47
C ALA D 152 15.21 -10.30 -4.13
N LEU D 153 14.88 -11.57 -3.89
CA LEU D 153 15.89 -12.59 -3.59
C LEU D 153 16.80 -12.89 -4.78
N ARG D 154 16.35 -12.55 -6.00
CA ARG D 154 17.10 -12.88 -7.21
C ARG D 154 18.55 -12.42 -7.12
N ARG D 155 18.77 -11.15 -6.77
CA ARG D 155 20.13 -10.64 -6.62
C ARG D 155 20.68 -10.86 -5.22
N THR D 156 19.81 -11.04 -4.22
CA THR D 156 20.29 -11.30 -2.86
C THR D 156 21.10 -12.60 -2.81
N MET D 157 20.62 -13.65 -3.49
CA MET D 157 21.37 -14.90 -3.52
C MET D 157 22.64 -14.77 -4.34
N GLU D 158 22.57 -14.02 -5.45
CA GLU D 158 23.70 -13.92 -6.36
C GLU D 158 24.86 -13.16 -5.74
N THR D 159 24.58 -11.99 -5.15
CA THR D 159 25.64 -11.12 -4.66
C THR D 159 26.39 -11.76 -3.49
N TYR D 160 25.66 -12.40 -2.58
CA TYR D 160 26.24 -12.97 -1.36
C TYR D 160 26.43 -14.48 -1.45
N SER D 161 26.66 -15.00 -2.66
CA SER D 161 26.84 -16.44 -2.82
C SER D 161 28.16 -16.92 -2.21
N GLY D 162 29.10 -16.00 -1.97
CA GLY D 162 30.39 -16.40 -1.43
C GLY D 162 30.29 -17.00 -0.04
N VAL D 163 29.46 -16.41 0.81
CA VAL D 163 29.32 -16.85 2.19
C VAL D 163 27.94 -17.42 2.49
N THR D 164 27.01 -17.34 1.55
CA THR D 164 25.64 -17.80 1.77
C THR D 164 25.21 -18.70 0.63
N ARG D 165 24.49 -19.77 0.98
CA ARG D 165 23.91 -20.70 0.03
C ARG D 165 22.41 -20.76 0.28
N PHE D 166 21.64 -20.89 -0.80
CA PHE D 166 20.18 -20.82 -0.73
C PHE D 166 19.57 -22.14 -1.20
N CYS D 167 18.64 -22.66 -0.39
CA CYS D 167 17.86 -23.84 -0.74
C CYS D 167 16.38 -23.47 -0.70
N LEU D 168 15.67 -23.80 -1.77
CA LEU D 168 14.24 -23.53 -1.88
C LEU D 168 13.49 -24.86 -2.02
N ILE D 169 12.47 -25.04 -1.20
CA ILE D 169 11.63 -26.24 -1.21
C ILE D 169 10.20 -25.81 -1.51
N CYS D 170 9.61 -26.37 -2.56
CA CYS D 170 8.26 -26.04 -2.97
C CYS D 170 7.60 -27.29 -3.56
N ASN D 171 6.32 -27.47 -3.28
CA ASN D 171 5.58 -28.59 -3.87
C ASN D 171 5.48 -28.45 -5.38
N TYR D 172 5.16 -27.25 -5.85
CA TYR D 172 4.99 -26.97 -7.27
C TYR D 172 6.08 -26.01 -7.73
N VAL D 173 6.82 -26.42 -8.77
CA VAL D 173 7.90 -25.59 -9.30
C VAL D 173 7.34 -24.40 -10.10
N THR D 174 6.11 -24.51 -10.59
CA THR D 174 5.53 -23.44 -11.41
C THR D 174 5.35 -22.15 -10.62
N ARG D 175 5.11 -22.26 -9.30
CA ARG D 175 4.93 -21.06 -8.49
C ARG D 175 6.18 -20.20 -8.45
N ILE D 176 7.35 -20.85 -8.39
CA ILE D 176 8.61 -20.11 -8.38
C ILE D 176 8.80 -19.42 -9.73
N ILE D 177 9.24 -18.17 -9.71
CA ILE D 177 9.50 -17.43 -10.94
C ILE D 177 10.65 -18.09 -11.69
N ASP D 178 10.68 -17.85 -13.00
CA ASP D 178 11.65 -18.51 -13.88
C ASP D 178 13.11 -18.19 -13.53
N PRO D 179 13.52 -16.94 -13.33
CA PRO D 179 14.95 -16.70 -13.02
C PRO D 179 15.40 -17.35 -11.73
N LEU D 180 14.55 -17.40 -10.70
CA LEU D 180 14.94 -18.03 -9.44
C LEU D 180 15.18 -19.51 -9.63
N ALA D 181 14.30 -20.19 -10.37
CA ALA D 181 14.52 -21.60 -10.67
C ALA D 181 15.73 -21.79 -11.57
N SER D 182 16.02 -20.81 -12.43
CA SER D 182 17.19 -20.90 -13.30
C SER D 182 18.48 -20.85 -12.50
N ARG D 183 18.55 -19.93 -11.52
CA ARG D 183 19.75 -19.85 -10.69
C ARG D 183 19.95 -21.10 -9.84
N CYS D 184 18.88 -21.58 -9.22
CA CYS D 184 18.99 -22.72 -8.33
C CYS D 184 19.04 -24.03 -9.12
N SER D 185 19.84 -24.97 -8.63
CA SER D 185 19.89 -26.30 -9.24
C SER D 185 18.60 -27.05 -8.91
N LYS D 186 17.98 -27.64 -9.93
CA LYS D 186 16.70 -28.31 -9.79
C LYS D 186 16.92 -29.78 -9.46
N PHE D 187 16.51 -30.19 -8.27
CA PHE D 187 16.56 -31.58 -7.84
C PHE D 187 15.13 -32.07 -7.65
N ARG D 188 14.67 -32.90 -8.57
CA ARG D 188 13.31 -33.44 -8.52
C ARG D 188 13.28 -34.67 -7.62
N PHE D 189 12.50 -34.58 -6.53
CA PHE D 189 12.35 -35.72 -5.64
C PHE D 189 11.28 -36.65 -6.19
N LYS D 190 11.69 -37.86 -6.55
CA LYS D 190 10.79 -38.80 -7.22
C LYS D 190 9.73 -39.31 -6.26
N ALA D 191 8.59 -39.71 -6.82
CA ALA D 191 7.51 -40.26 -6.01
C ALA D 191 7.97 -41.55 -5.33
N LEU D 192 7.52 -41.76 -4.10
CA LEU D 192 7.94 -42.90 -3.29
C LEU D 192 6.88 -43.99 -3.41
N ASP D 193 7.01 -44.79 -4.47
CA ASP D 193 6.10 -45.90 -4.70
C ASP D 193 6.53 -47.12 -3.88
N ALA D 194 5.89 -48.25 -4.15
CA ALA D 194 6.16 -49.46 -3.37
C ALA D 194 7.58 -49.98 -3.59
N SER D 195 8.02 -50.02 -4.85
CA SER D 195 9.27 -50.69 -5.19
C SER D 195 10.47 -49.99 -4.54
N ASN D 196 10.44 -48.66 -4.49
CA ASN D 196 11.62 -47.93 -4.06
C ASN D 196 11.67 -47.73 -2.55
N ALA D 197 10.52 -47.64 -1.89
CA ALA D 197 10.45 -47.39 -0.46
C ALA D 197 10.06 -48.62 0.34
N ILE D 198 9.96 -49.78 -0.31
CA ILE D 198 9.57 -50.99 0.41
C ILE D 198 10.62 -51.39 1.42
N ASP D 199 11.90 -51.20 1.10
CA ASP D 199 12.96 -51.53 2.04
C ASP D 199 12.87 -50.67 3.30
N ARG D 200 12.64 -49.36 3.12
CA ARG D 200 12.50 -48.48 4.27
C ARG D 200 11.28 -48.84 5.11
N LEU D 201 10.15 -49.13 4.46
CA LEU D 201 8.95 -49.49 5.21
C LEU D 201 9.16 -50.80 5.97
N ARG D 202 9.83 -51.77 5.35
CA ARG D 202 10.12 -53.02 6.04
C ARG D 202 11.04 -52.79 7.23
N PHE D 203 12.05 -51.92 7.08
CA PHE D 203 12.93 -51.61 8.19
C PHE D 203 12.14 -51.01 9.35
N ILE D 204 11.25 -50.05 9.06
CA ILE D 204 10.45 -49.43 10.10
C ILE D 204 9.55 -50.45 10.78
N SER D 205 8.92 -51.35 9.99
CA SER D 205 8.03 -52.34 10.57
C SER D 205 8.79 -53.31 11.47
N GLU D 206 9.97 -53.74 11.05
CA GLU D 206 10.76 -54.65 11.86
C GLU D 206 11.27 -53.98 13.13
N GLN D 207 11.58 -52.68 13.05
CA GLN D 207 12.10 -51.99 14.23
C GLN D 207 11.07 -51.97 15.36
N GLU D 208 9.78 -51.88 15.02
CA GLU D 208 8.72 -51.87 16.00
C GLU D 208 8.05 -53.22 16.18
N ASN D 209 8.65 -54.29 15.66
CA ASN D 209 8.10 -55.64 15.72
C ASN D 209 6.73 -55.74 15.06
N VAL D 210 6.45 -54.89 14.07
CA VAL D 210 5.16 -54.91 13.41
C VAL D 210 5.01 -56.17 12.59
N LYS D 211 3.90 -56.88 12.78
CA LYS D 211 3.64 -58.15 12.13
C LYS D 211 2.61 -57.94 11.03
N CYS D 212 2.98 -58.28 9.80
CA CYS D 212 2.11 -58.13 8.65
C CYS D 212 2.13 -59.39 7.79
N ASP D 213 1.17 -59.48 6.87
CA ASP D 213 1.12 -60.56 5.91
C ASP D 213 2.08 -60.28 4.75
N ASP D 214 1.95 -61.07 3.69
CA ASP D 214 2.88 -60.94 2.56
C ASP D 214 2.73 -59.61 1.86
N GLY D 215 1.51 -59.23 1.50
CA GLY D 215 1.26 -58.07 0.68
C GLY D 215 0.81 -56.81 1.38
N VAL D 216 0.88 -56.76 2.72
CA VAL D 216 0.38 -55.60 3.44
C VAL D 216 1.23 -54.37 3.15
N LEU D 217 2.55 -54.52 3.24
CA LEU D 217 3.44 -53.37 3.06
C LEU D 217 3.34 -52.82 1.64
N GLU D 218 3.32 -53.70 0.65
CA GLU D 218 3.18 -53.27 -0.74
C GLU D 218 1.85 -52.55 -0.94
N ARG D 219 0.78 -53.09 -0.36
CA ARG D 219 -0.53 -52.44 -0.47
C ARG D 219 -0.55 -51.11 0.30
N ILE D 220 0.16 -51.04 1.42
CA ILE D 220 0.25 -49.78 2.16
C ILE D 220 0.89 -48.70 1.31
N LEU D 221 2.01 -49.03 0.66
CA LEU D 221 2.66 -48.06 -0.22
C LEU D 221 1.81 -47.75 -1.44
N ASP D 222 1.08 -48.74 -1.95
CA ASP D 222 0.20 -48.50 -3.10
C ASP D 222 -0.91 -47.51 -2.75
N ILE D 223 -1.54 -47.67 -1.59
CA ILE D 223 -2.55 -46.71 -1.16
C ILE D 223 -1.91 -45.36 -0.89
N SER D 224 -0.69 -45.35 -0.37
CA SER D 224 0.01 -44.09 -0.10
C SER D 224 0.18 -43.26 -1.38
N ALA D 225 0.38 -43.92 -2.52
CA ALA D 225 0.47 -43.26 -3.82
C ALA D 225 1.60 -42.23 -3.85
N GLY D 226 2.80 -42.67 -3.51
CA GLY D 226 3.99 -41.85 -3.60
C GLY D 226 4.34 -41.04 -2.37
N ASP D 227 3.76 -41.36 -1.21
CA ASP D 227 3.99 -40.60 0.02
C ASP D 227 4.42 -41.57 1.10
N LEU D 228 5.64 -41.42 1.60
CA LEU D 228 6.10 -42.28 2.69
C LEU D 228 5.48 -41.89 4.02
N ARG D 229 5.14 -40.61 4.19
CA ARG D 229 4.53 -40.16 5.44
C ARG D 229 3.18 -40.84 5.66
N ARG D 230 2.35 -40.89 4.62
CA ARG D 230 1.04 -41.54 4.75
C ARG D 230 1.19 -43.03 5.02
N GLY D 231 2.14 -43.68 4.36
CA GLY D 231 2.38 -45.09 4.63
C GLY D 231 2.83 -45.34 6.05
N ILE D 232 3.71 -44.48 6.56
CA ILE D 232 4.20 -44.62 7.93
C ILE D 232 3.03 -44.45 8.91
N THR D 233 2.20 -43.44 8.68
CA THR D 233 1.05 -43.21 9.55
C THR D 233 0.07 -44.39 9.50
N LEU D 234 -0.16 -44.94 8.30
CA LEU D 234 -1.04 -46.08 8.16
C LEU D 234 -0.49 -47.30 8.90
N LEU D 235 0.82 -47.54 8.78
CA LEU D 235 1.44 -48.66 9.49
C LEU D 235 1.34 -48.47 10.99
N GLN D 236 1.56 -47.24 11.47
CA GLN D 236 1.43 -46.98 12.90
C GLN D 236 0.02 -47.21 13.41
N SER D 237 -0.98 -46.75 12.65
CA SER D 237 -2.38 -46.97 13.06
C SER D 237 -2.71 -48.45 13.06
N ALA D 238 -2.27 -49.19 12.04
CA ALA D 238 -2.54 -50.62 12.00
C ALA D 238 -1.86 -51.35 13.15
N SER D 239 -0.62 -50.96 13.48
CA SER D 239 0.08 -51.58 14.60
C SER D 239 -0.61 -51.28 15.92
N LYS D 240 -1.09 -50.04 16.10
CA LYS D 240 -1.81 -49.70 17.31
C LYS D 240 -3.10 -50.50 17.43
N GLY D 241 -3.83 -50.65 16.33
CA GLY D 241 -5.04 -51.45 16.36
C GLY D 241 -4.76 -52.91 16.68
N ALA D 242 -3.72 -53.47 16.07
CA ALA D 242 -3.36 -54.86 16.33
C ALA D 242 -2.94 -55.06 17.78
N GLN D 243 -2.18 -54.12 18.34
CA GLN D 243 -1.77 -54.21 19.73
C GLN D 243 -2.96 -54.09 20.67
N TYR D 244 -3.91 -53.20 20.35
CA TYR D 244 -5.12 -53.11 21.16
C TYR D 244 -5.94 -54.39 21.10
N LEU D 245 -5.99 -55.02 19.92
CA LEU D 245 -6.76 -56.26 19.79
C LEU D 245 -6.22 -57.35 20.71
N GLY D 246 -4.90 -57.53 20.75
CA GLY D 246 -4.30 -58.55 21.58
C GLY D 246 -4.43 -59.96 21.03
N ASP D 247 -4.94 -60.11 19.80
CA ASP D 247 -5.10 -61.44 19.22
C ASP D 247 -3.75 -62.08 18.91
N GLY D 248 -2.74 -61.28 18.61
CA GLY D 248 -1.42 -61.79 18.29
C GLY D 248 -1.23 -62.23 16.86
N LYS D 249 -2.24 -62.08 16.01
CA LYS D 249 -2.12 -62.42 14.59
C LYS D 249 -1.48 -61.25 13.84
N ASN D 250 -1.49 -61.33 12.51
CA ASN D 250 -0.85 -60.34 11.67
C ASN D 250 -1.88 -59.38 11.08
N ILE D 251 -1.44 -58.16 10.81
CA ILE D 251 -2.30 -57.18 10.15
C ILE D 251 -2.59 -57.67 8.73
N THR D 252 -3.87 -57.61 8.35
CA THR D 252 -4.30 -58.08 7.04
C THR D 252 -4.60 -56.88 6.14
N SER D 253 -4.42 -57.08 4.83
CA SER D 253 -4.55 -55.98 3.87
C SER D 253 -5.94 -55.33 3.93
N THR D 254 -6.98 -56.13 4.20
CA THR D 254 -8.31 -55.55 4.30
C THR D 254 -8.42 -54.61 5.49
N GLN D 255 -7.72 -54.91 6.59
CA GLN D 255 -7.69 -53.99 7.72
C GLN D 255 -7.04 -52.67 7.34
N VAL D 256 -5.95 -52.73 6.58
CA VAL D 256 -5.28 -51.51 6.13
C VAL D 256 -6.21 -50.71 5.22
N GLU D 257 -6.89 -51.39 4.29
CA GLU D 257 -7.82 -50.69 3.40
C GLU D 257 -8.96 -50.05 4.19
N GLU D 258 -9.46 -50.74 5.21
CA GLU D 258 -10.48 -50.15 6.06
C GLU D 258 -9.94 -48.93 6.79
N LEU D 259 -8.69 -48.97 7.24
CA LEU D 259 -8.08 -47.88 7.99
C LEU D 259 -7.50 -46.80 7.08
N ALA D 260 -7.57 -46.97 5.77
CA ALA D 260 -7.03 -45.99 4.83
C ALA D 260 -8.10 -45.26 4.04
N GLY D 261 -9.37 -45.38 4.42
CA GLY D 261 -10.44 -44.76 3.67
C GLY D 261 -10.57 -45.34 2.27
N VAL D 262 -10.51 -46.67 2.17
CA VAL D 262 -10.59 -47.37 0.90
C VAL D 262 -11.96 -48.00 0.79
N VAL D 263 -12.66 -47.68 -0.30
CA VAL D 263 -14.02 -48.19 -0.52
C VAL D 263 -13.96 -49.71 -0.71
N PRO D 264 -14.84 -50.47 -0.07
CA PRO D 264 -14.83 -51.93 -0.28
C PRO D 264 -15.17 -52.29 -1.72
N HIS D 265 -14.67 -53.45 -2.14
CA HIS D 265 -14.84 -53.87 -3.53
C HIS D 265 -16.31 -54.06 -3.87
N ASP D 266 -17.09 -54.66 -2.97
CA ASP D 266 -18.49 -54.94 -3.26
C ASP D 266 -19.27 -53.66 -3.51
N ILE D 267 -19.01 -52.62 -2.70
CA ILE D 267 -19.70 -51.34 -2.92
C ILE D 267 -19.29 -50.75 -4.26
N LEU D 268 -18.02 -50.89 -4.64
CA LEU D 268 -17.56 -50.40 -5.93
C LEU D 268 -18.27 -51.09 -7.08
N ILE D 269 -18.43 -52.42 -6.98
CA ILE D 269 -19.17 -53.15 -8.01
C ILE D 269 -20.64 -52.70 -8.02
N GLU D 270 -21.19 -52.39 -6.85
CA GLU D 270 -22.56 -51.89 -6.81
C GLU D 270 -22.69 -50.56 -7.53
N ILE D 271 -21.74 -49.65 -7.32
CA ILE D 271 -21.77 -48.36 -8.03
C ILE D 271 -21.61 -48.58 -9.53
N VAL D 272 -20.72 -49.50 -9.93
CA VAL D 272 -20.54 -49.77 -11.35
C VAL D 272 -21.83 -50.33 -11.95
N GLU D 273 -22.50 -51.22 -11.25
CA GLU D 273 -23.76 -51.79 -11.74
C GLU D 273 -24.83 -50.71 -11.85
N LYS D 274 -24.91 -49.82 -10.87
CA LYS D 274 -25.87 -48.73 -10.92
C LYS D 274 -25.58 -47.79 -12.08
N VAL D 275 -24.30 -47.57 -12.37
CA VAL D 275 -23.93 -46.76 -13.53
C VAL D 275 -24.32 -47.47 -14.82
N LYS D 276 -24.20 -48.79 -14.85
CA LYS D 276 -24.55 -49.54 -16.05
C LYS D 276 -26.02 -49.35 -16.42
N SER D 277 -26.91 -49.38 -15.43
CA SER D 277 -28.33 -49.14 -15.67
C SER D 277 -28.56 -47.63 -15.66
N GLY D 278 -28.79 -47.08 -16.85
CA GLY D 278 -28.89 -45.64 -17.00
C GLY D 278 -30.19 -45.05 -16.49
N ASP D 279 -30.41 -45.11 -15.19
CA ASP D 279 -31.56 -44.49 -14.53
C ASP D 279 -31.04 -43.40 -13.60
N PHE D 280 -31.47 -42.16 -13.84
CA PHE D 280 -30.95 -41.04 -13.07
C PHE D 280 -31.41 -41.11 -11.61
N ASP D 281 -32.67 -41.49 -11.38
CA ASP D 281 -33.20 -41.54 -10.02
C ASP D 281 -32.51 -42.59 -9.17
N GLU D 282 -32.30 -43.79 -9.72
CA GLU D 282 -31.63 -44.84 -8.98
C GLU D 282 -30.19 -44.46 -8.64
N ILE D 283 -29.48 -43.87 -9.60
CA ILE D 283 -28.11 -43.43 -9.35
C ILE D 283 -28.09 -42.35 -8.28
N LYS D 284 -29.01 -41.39 -8.35
CA LYS D 284 -29.08 -40.34 -7.35
C LYS D 284 -29.35 -40.90 -5.96
N LYS D 285 -30.27 -41.87 -5.87
CA LYS D 285 -30.56 -42.49 -4.58
C LYS D 285 -29.34 -43.24 -4.04
N TYR D 286 -28.63 -43.96 -4.90
CA TYR D 286 -27.48 -44.73 -4.43
C TYR D 286 -26.35 -43.80 -4.01
N VAL D 287 -26.17 -42.67 -4.70
CA VAL D 287 -25.15 -41.71 -4.27
C VAL D 287 -25.55 -41.07 -2.94
N ASN D 288 -26.84 -40.75 -2.78
CA ASN D 288 -27.30 -40.17 -1.53
C ASN D 288 -27.06 -41.11 -0.37
N THR D 289 -27.32 -42.40 -0.58
CA THR D 289 -26.99 -43.39 0.44
C THR D 289 -25.49 -43.54 0.63
N PHE D 290 -24.72 -43.39 -0.45
CA PHE D 290 -23.27 -43.58 -0.39
C PHE D 290 -22.59 -42.47 0.40
N MET D 291 -23.01 -41.22 0.19
CA MET D 291 -22.42 -40.11 0.92
C MET D 291 -22.79 -40.12 2.40
N LYS D 292 -23.73 -40.97 2.81
CA LYS D 292 -23.98 -41.19 4.23
C LYS D 292 -22.82 -41.92 4.90
N SER D 293 -21.87 -42.44 4.12
CA SER D 293 -20.61 -42.94 4.64
C SER D 293 -19.49 -41.99 4.23
N GLY D 294 -18.47 -41.90 5.08
CA GLY D 294 -17.44 -40.88 4.88
C GLY D 294 -16.40 -41.24 3.83
N TRP D 295 -16.80 -41.94 2.78
CA TRP D 295 -15.88 -42.29 1.71
C TRP D 295 -15.52 -41.03 0.94
N SER D 296 -14.25 -40.62 1.01
CA SER D 296 -13.82 -39.40 0.34
C SER D 296 -13.98 -39.52 -1.17
N ALA D 297 -14.43 -38.44 -1.81
CA ALA D 297 -14.79 -38.49 -3.22
C ALA D 297 -13.58 -38.81 -4.09
N ALA D 298 -12.41 -38.25 -3.75
CA ALA D 298 -11.20 -38.53 -4.52
C ALA D 298 -10.84 -40.01 -4.44
N SER D 299 -10.98 -40.61 -3.26
CA SER D 299 -10.73 -42.03 -3.11
C SER D 299 -11.71 -42.88 -3.89
N VAL D 300 -12.90 -42.36 -4.19
CA VAL D 300 -13.86 -43.08 -5.03
C VAL D 300 -13.50 -42.93 -6.50
N VAL D 301 -13.10 -41.72 -6.91
CA VAL D 301 -12.71 -41.49 -8.30
C VAL D 301 -11.48 -42.31 -8.64
N ASN D 302 -10.54 -42.45 -7.70
CA ASN D 302 -9.35 -43.26 -7.98
C ASN D 302 -9.71 -44.71 -8.27
N GLN D 303 -10.58 -45.30 -7.46
CA GLN D 303 -10.96 -46.69 -7.67
C GLN D 303 -11.83 -46.85 -8.91
N LEU D 304 -12.69 -45.86 -9.21
CA LEU D 304 -13.44 -45.91 -10.46
C LEU D 304 -12.52 -45.89 -11.66
N HIS D 305 -11.50 -45.01 -11.64
CA HIS D 305 -10.51 -44.98 -12.71
C HIS D 305 -9.77 -46.30 -12.82
N GLU D 306 -9.32 -46.86 -11.70
CA GLU D 306 -8.61 -48.13 -11.72
C GLU D 306 -9.48 -49.22 -12.34
N TYR D 307 -10.72 -49.35 -11.87
CA TYR D 307 -11.60 -50.41 -12.35
C TYR D 307 -11.91 -50.23 -13.83
N TYR D 308 -12.20 -49.01 -14.26
CA TYR D 308 -12.62 -48.80 -15.64
C TYR D 308 -11.46 -48.95 -16.61
N ILE D 309 -10.30 -48.34 -16.30
CA ILE D 309 -9.16 -48.41 -17.20
C ILE D 309 -8.57 -49.82 -17.22
N THR D 310 -8.39 -50.43 -16.06
CA THR D 310 -7.72 -51.73 -15.98
C THR D 310 -8.55 -52.81 -16.68
N ASN D 311 -9.86 -52.80 -16.50
CA ASN D 311 -10.72 -53.84 -17.05
C ASN D 311 -10.67 -53.76 -18.58
N ASP D 312 -10.64 -54.92 -19.22
CA ASP D 312 -10.51 -55.02 -20.67
C ASP D 312 -11.84 -55.22 -21.38
N ASN D 313 -12.96 -55.13 -20.67
CA ASN D 313 -14.28 -55.33 -21.27
C ASN D 313 -14.89 -54.05 -21.81
N PHE D 314 -14.17 -52.93 -21.77
CA PHE D 314 -14.68 -51.64 -22.22
C PHE D 314 -13.96 -51.20 -23.48
N ASP D 315 -14.70 -50.59 -24.39
CA ASP D 315 -14.16 -50.18 -25.68
C ASP D 315 -13.16 -49.03 -25.51
N THR D 316 -12.30 -48.86 -26.52
CA THR D 316 -11.26 -47.86 -26.45
C THR D 316 -11.83 -46.44 -26.38
N ASN D 317 -12.86 -46.16 -27.18
CA ASN D 317 -13.49 -44.84 -27.16
C ASN D 317 -14.09 -44.54 -25.79
N PHE D 318 -14.72 -45.56 -25.19
CA PHE D 318 -15.26 -45.40 -23.85
C PHE D 318 -14.15 -45.04 -22.86
N LYS D 319 -12.98 -45.68 -23.00
CA LYS D 319 -11.86 -45.35 -22.14
C LYS D 319 -11.38 -43.92 -22.37
N ASN D 320 -11.29 -43.50 -23.65
CA ASN D 320 -10.85 -42.14 -23.94
C ASN D 320 -11.77 -41.11 -23.30
N GLN D 321 -13.08 -41.33 -23.39
CA GLN D 321 -14.02 -40.35 -22.85
C GLN D 321 -14.05 -40.41 -21.32
N ILE D 322 -14.02 -41.60 -20.74
CA ILE D 322 -14.10 -41.73 -19.28
C ILE D 322 -12.85 -41.18 -18.62
N SER D 323 -11.69 -41.30 -19.28
CA SER D 323 -10.46 -40.75 -18.71
C SER D 323 -10.56 -39.23 -18.59
N TRP D 324 -11.07 -38.57 -19.64
CA TRP D 324 -11.23 -37.12 -19.58
C TRP D 324 -12.29 -36.73 -18.56
N LEU D 325 -13.36 -37.52 -18.45
CA LEU D 325 -14.39 -37.23 -17.44
C LEU D 325 -13.81 -37.31 -16.02
N LEU D 326 -13.04 -38.37 -15.73
CA LEU D 326 -12.43 -38.50 -14.41
C LEU D 326 -11.40 -37.41 -14.17
N PHE D 327 -10.66 -37.01 -15.21
CA PHE D 327 -9.71 -35.92 -15.07
C PHE D 327 -10.41 -34.62 -14.70
N THR D 328 -11.52 -34.31 -15.39
CA THR D 328 -12.28 -33.11 -15.07
C THR D 328 -12.84 -33.17 -13.66
N THR D 329 -13.36 -34.34 -13.26
CA THR D 329 -13.90 -34.48 -11.92
C THR D 329 -12.82 -34.29 -10.86
N ASP D 330 -11.63 -34.85 -11.07
CA ASP D 330 -10.54 -34.68 -10.13
C ASP D 330 -10.09 -33.22 -10.06
N SER D 331 -10.00 -32.55 -11.21
CA SER D 331 -9.60 -31.15 -11.23
C SER D 331 -10.61 -30.29 -10.48
N ARG D 332 -11.90 -30.57 -10.66
CA ARG D 332 -12.92 -29.80 -9.96
C ARG D 332 -12.92 -30.11 -8.47
N LEU D 333 -12.66 -31.37 -8.10
CA LEU D 333 -12.66 -31.77 -6.70
C LEU D 333 -11.44 -31.24 -5.96
N ASN D 334 -10.34 -31.00 -6.65
CA ASN D 334 -9.14 -30.47 -6.02
C ASN D 334 -9.21 -28.97 -5.79
N ASN D 335 -10.28 -28.31 -6.24
CA ASN D 335 -10.46 -26.88 -6.04
C ASN D 335 -11.28 -26.54 -4.81
N GLY D 336 -11.77 -27.53 -4.08
CA GLY D 336 -12.57 -27.29 -2.90
C GLY D 336 -14.06 -27.28 -3.11
N THR D 337 -14.58 -28.10 -4.03
CA THR D 337 -16.00 -28.13 -4.31
C THR D 337 -16.71 -29.08 -3.35
N ASN D 338 -18.00 -29.30 -3.59
CA ASN D 338 -18.79 -30.23 -2.80
C ASN D 338 -18.68 -31.62 -3.42
N GLU D 339 -18.37 -32.61 -2.58
CA GLU D 339 -18.09 -33.96 -3.09
C GLU D 339 -19.32 -34.58 -3.74
N HIS D 340 -20.49 -34.37 -3.14
CA HIS D 340 -21.70 -35.07 -3.60
C HIS D 340 -22.08 -34.65 -5.02
N ILE D 341 -22.08 -33.35 -5.29
CA ILE D 341 -22.49 -32.86 -6.61
C ILE D 341 -21.55 -33.36 -7.70
N GLN D 342 -20.23 -33.25 -7.50
CA GLN D 342 -19.28 -33.72 -8.48
C GLN D 342 -19.32 -35.23 -8.68
N LEU D 343 -19.46 -35.99 -7.59
CA LEU D 343 -19.57 -37.44 -7.72
C LEU D 343 -20.82 -37.83 -8.50
N LEU D 344 -21.95 -37.19 -8.20
CA LEU D 344 -23.18 -37.47 -8.94
C LEU D 344 -23.04 -37.10 -10.41
N ASN D 345 -22.43 -35.95 -10.70
CA ASN D 345 -22.24 -35.54 -12.09
C ASN D 345 -21.37 -36.55 -12.83
N LEU D 346 -20.27 -36.99 -12.22
CA LEU D 346 -19.39 -37.96 -12.86
C LEU D 346 -20.12 -39.27 -13.11
N LEU D 347 -20.85 -39.76 -12.11
CA LEU D 347 -21.55 -41.04 -12.28
C LEU D 347 -22.63 -40.94 -13.36
N VAL D 348 -23.34 -39.81 -13.41
CA VAL D 348 -24.35 -39.62 -14.46
C VAL D 348 -23.70 -39.59 -15.83
N LYS D 349 -22.57 -38.89 -15.96
CA LYS D 349 -21.88 -38.82 -17.25
C LYS D 349 -21.40 -40.20 -17.69
N ILE D 350 -20.87 -40.99 -16.77
CA ILE D 350 -20.46 -42.35 -17.12
C ILE D 350 -21.68 -43.19 -17.48
N SER D 351 -22.81 -42.96 -16.82
CA SER D 351 -24.03 -43.69 -17.15
C SER D 351 -24.47 -43.39 -18.58
N GLN D 352 -24.41 -42.12 -18.97
CA GLN D 352 -24.79 -41.76 -20.34
C GLN D 352 -23.76 -42.26 -21.35
N LEU D 353 -22.54 -42.54 -20.89
CA LEU D 353 -21.45 -42.94 -21.76
C LEU D 353 -21.76 -44.25 -22.47
N TRP E 4 -33.41 -32.37 24.56
CA TRP E 4 -32.56 -31.50 23.77
C TRP E 4 -31.36 -32.25 23.23
N VAL E 5 -30.77 -31.71 22.16
CA VAL E 5 -29.54 -32.28 21.60
C VAL E 5 -28.43 -32.22 22.64
N ASP E 6 -28.30 -31.07 23.31
CA ASP E 6 -27.30 -30.92 24.36
C ASP E 6 -27.72 -31.64 25.63
N LYS E 7 -29.01 -31.90 25.80
CA LYS E 7 -29.48 -32.59 27.00
C LYS E 7 -28.92 -34.01 27.09
N TYR E 8 -28.80 -34.70 25.96
CA TYR E 8 -28.32 -36.07 25.93
C TYR E 8 -27.21 -36.17 24.88
N ARG E 9 -25.96 -36.10 25.33
CA ARG E 9 -24.78 -36.19 24.50
C ARG E 9 -23.79 -37.08 25.23
N PRO E 10 -23.22 -38.09 24.59
CA PRO E 10 -22.26 -38.96 25.27
C PRO E 10 -21.06 -38.17 25.76
N LYS E 11 -20.58 -38.51 26.95
CA LYS E 11 -19.45 -37.84 27.57
C LYS E 11 -18.23 -38.74 27.69
N SER E 12 -18.27 -39.91 27.07
CA SER E 12 -17.17 -40.86 27.14
C SER E 12 -17.22 -41.79 25.94
N LEU E 13 -16.10 -42.48 25.70
CA LEU E 13 -16.04 -43.43 24.59
C LEU E 13 -17.00 -44.58 24.79
N ASN E 14 -17.11 -45.08 26.02
CA ASN E 14 -17.98 -46.21 26.31
C ASN E 14 -19.46 -45.88 26.21
N ALA E 15 -19.82 -44.59 26.19
CA ALA E 15 -21.21 -44.20 26.05
C ALA E 15 -21.66 -44.08 24.60
N LEU E 16 -20.73 -44.15 23.65
CA LEU E 16 -21.10 -44.11 22.24
C LEU E 16 -21.88 -45.35 21.84
N SER E 17 -22.87 -45.17 20.97
CA SER E 17 -23.80 -46.25 20.63
C SER E 17 -23.88 -46.58 19.15
N HIS E 18 -23.29 -45.77 18.28
CA HIS E 18 -23.37 -46.02 16.84
C HIS E 18 -21.99 -45.96 16.21
N ASN E 19 -21.82 -46.76 15.16
CA ASN E 19 -20.52 -47.02 14.52
C ASN E 19 -19.51 -47.57 15.53
N GLU E 20 -19.79 -48.80 15.98
CA GLU E 20 -18.92 -49.45 16.96
C GLU E 20 -17.49 -49.62 16.45
N GLU E 21 -17.31 -49.74 15.14
CA GLU E 21 -15.97 -49.84 14.56
C GLU E 21 -15.16 -48.58 14.87
N LEU E 22 -15.80 -47.41 14.73
CA LEU E 22 -15.13 -46.16 15.04
C LEU E 22 -14.77 -46.08 16.52
N THR E 23 -15.67 -46.54 17.39
CA THR E 23 -15.37 -46.53 18.82
C THR E 23 -14.17 -47.42 19.14
N ASN E 24 -14.13 -48.61 18.54
CA ASN E 24 -13.00 -49.50 18.76
C ASN E 24 -11.70 -48.90 18.25
N PHE E 25 -11.75 -48.23 17.09
CA PHE E 25 -10.58 -47.56 16.56
C PHE E 25 -10.10 -46.47 17.51
N LEU E 26 -11.05 -45.69 18.07
CA LEU E 26 -10.68 -44.63 18.99
C LEU E 26 -10.08 -45.17 20.28
N LYS E 27 -10.63 -46.27 20.82
CA LYS E 27 -10.03 -46.88 22.00
C LYS E 27 -8.66 -47.46 21.68
N SER E 28 -8.47 -48.00 20.47
CA SER E 28 -7.16 -48.49 20.08
C SER E 28 -6.14 -47.37 20.06
N LEU E 29 -6.53 -46.20 19.54
CA LEU E 29 -5.65 -45.03 19.60
C LEU E 29 -5.40 -44.60 21.05
N SER E 30 -6.43 -44.66 21.88
CA SER E 30 -6.31 -44.18 23.26
C SER E 30 -5.54 -45.14 24.16
N ASP E 31 -5.34 -46.38 23.72
CA ASP E 31 -4.63 -47.38 24.54
C ASP E 31 -3.24 -46.89 24.93
N GLN E 32 -2.46 -46.46 23.94
CA GLN E 32 -1.15 -45.85 24.20
C GLN E 32 -1.18 -44.42 23.68
N PRO E 33 -1.42 -43.43 24.54
CA PRO E 33 -1.60 -42.05 24.07
C PRO E 33 -0.32 -41.25 23.87
N ARG E 34 0.81 -41.71 24.40
CA ARG E 34 2.07 -40.99 24.17
C ARG E 34 2.54 -41.10 22.72
N ASP E 35 1.95 -42.02 21.95
CA ASP E 35 2.24 -42.15 20.51
C ASP E 35 0.93 -42.01 19.74
N LEU E 36 0.58 -40.76 19.43
CA LEU E 36 -0.66 -40.46 18.72
C LEU E 36 -0.36 -39.50 17.58
N PRO E 37 -0.65 -39.86 16.33
CA PRO E 37 -0.46 -38.92 15.23
C PRO E 37 -1.47 -37.79 15.28
N HIS E 38 -1.22 -36.78 14.46
CA HIS E 38 -2.24 -35.74 14.25
C HIS E 38 -3.45 -36.33 13.56
N LEU E 39 -4.63 -35.91 13.98
CA LEU E 39 -5.89 -36.48 13.53
C LEU E 39 -6.68 -35.47 12.72
N LEU E 40 -7.58 -35.99 11.89
CA LEU E 40 -8.47 -35.16 11.07
C LEU E 40 -9.81 -35.88 11.00
N LEU E 41 -10.73 -35.49 11.88
CA LEU E 41 -12.04 -36.11 11.90
C LEU E 41 -12.87 -35.59 10.74
N TYR E 42 -13.38 -36.50 9.92
CA TYR E 42 -14.13 -36.11 8.73
C TYR E 42 -15.29 -37.08 8.52
N GLY E 43 -16.32 -36.57 7.84
CA GLY E 43 -17.53 -37.32 7.60
C GLY E 43 -18.70 -36.39 7.38
N PRO E 44 -19.89 -36.94 7.21
CA PRO E 44 -21.08 -36.10 7.02
C PRO E 44 -21.36 -35.24 8.24
N ASN E 45 -21.90 -34.05 7.99
CA ASN E 45 -22.20 -33.12 9.07
C ASN E 45 -23.29 -33.67 9.96
N GLY E 46 -23.12 -33.50 11.28
CA GLY E 46 -24.07 -34.00 12.25
C GLY E 46 -23.83 -35.43 12.69
N THR E 47 -22.78 -36.09 12.19
CA THR E 47 -22.54 -37.50 12.52
C THR E 47 -22.28 -37.67 14.01
N GLY E 48 -21.49 -36.77 14.60
CA GLY E 48 -21.05 -36.94 15.98
C GLY E 48 -19.53 -36.94 16.06
N LYS E 49 -18.90 -36.32 15.06
CA LYS E 49 -17.44 -36.29 14.99
C LYS E 49 -16.84 -35.51 16.16
N LYS E 50 -17.44 -34.36 16.50
CA LYS E 50 -16.93 -33.59 17.63
C LYS E 50 -17.11 -34.37 18.94
N THR E 51 -18.24 -35.06 19.09
CA THR E 51 -18.44 -35.87 20.28
C THR E 51 -17.38 -36.96 20.40
N ARG E 52 -17.06 -37.62 19.29
CA ARG E 52 -16.03 -38.65 19.32
C ARG E 52 -14.65 -38.05 19.61
N CYS E 53 -14.36 -36.87 19.05
CA CYS E 53 -13.07 -36.24 19.34
C CYS E 53 -12.95 -35.90 20.82
N MET E 54 -14.02 -35.37 21.42
CA MET E 54 -13.97 -35.02 22.83
C MET E 54 -13.96 -36.26 23.71
N ALA E 55 -14.61 -37.34 23.28
CA ALA E 55 -14.53 -38.60 24.00
C ALA E 55 -13.12 -39.19 23.96
N LEU E 56 -12.45 -39.09 22.80
CA LEU E 56 -11.05 -39.50 22.73
C LEU E 56 -10.18 -38.64 23.64
N LEU E 57 -10.46 -37.34 23.70
CA LEU E 57 -9.72 -36.46 24.60
C LEU E 57 -9.94 -36.86 26.06
N GLU E 58 -11.18 -37.19 26.42
CA GLU E 58 -11.46 -37.64 27.78
C GLU E 58 -10.79 -38.97 28.08
N SER E 59 -10.70 -39.84 27.08
CA SER E 59 -10.01 -41.12 27.26
C SER E 59 -8.51 -40.92 27.47
N ILE E 60 -7.90 -40.02 26.70
CA ILE E 60 -6.47 -39.78 26.82
C ILE E 60 -6.16 -39.08 28.14
N PHE E 61 -6.80 -37.95 28.38
CA PHE E 61 -6.60 -37.16 29.58
C PHE E 61 -7.57 -37.64 30.67
N GLY E 62 -7.73 -36.85 31.72
CA GLY E 62 -8.71 -37.15 32.74
C GLY E 62 -10.10 -36.76 32.30
N PRO E 63 -11.09 -36.97 33.18
CA PRO E 63 -12.47 -36.62 32.84
C PRO E 63 -12.78 -35.12 32.89
N GLY E 64 -11.78 -34.28 33.14
CA GLY E 64 -11.95 -32.85 33.24
C GLY E 64 -11.81 -32.09 31.94
N VAL E 65 -11.72 -32.78 30.80
CA VAL E 65 -11.60 -32.11 29.51
C VAL E 65 -12.86 -31.34 29.14
N TYR E 66 -13.99 -31.69 29.76
CA TYR E 66 -15.27 -31.04 29.47
C TYR E 66 -15.46 -29.75 30.26
N ARG E 67 -14.54 -29.39 31.14
CA ARG E 67 -14.59 -28.13 31.88
C ARG E 67 -14.01 -27.03 31.01
N LEU E 68 -14.83 -26.56 30.07
CA LEU E 68 -14.39 -25.57 29.08
C LEU E 68 -14.56 -24.16 29.61
N LYS E 69 -13.65 -23.28 29.20
CA LYS E 69 -13.69 -21.87 29.57
C LYS E 69 -13.37 -21.03 28.35
N ILE E 70 -14.20 -20.02 28.08
CA ILE E 70 -13.95 -19.13 26.96
C ILE E 70 -12.98 -18.02 27.39
N ASP E 71 -12.01 -17.74 26.51
CA ASP E 71 -11.06 -16.66 26.74
C ASP E 71 -10.96 -15.83 25.48
N VAL E 72 -10.56 -14.57 25.66
CA VAL E 72 -10.44 -13.61 24.56
C VAL E 72 -8.97 -13.27 24.39
N ARG E 73 -8.47 -13.43 23.17
CA ARG E 73 -7.07 -13.18 22.85
C ARG E 73 -7.02 -12.21 21.66
N GLN E 74 -6.82 -10.93 21.96
CA GLN E 74 -6.74 -9.93 20.92
C GLN E 74 -5.49 -10.14 20.07
N PHE E 75 -5.65 -9.96 18.75
CA PHE E 75 -4.56 -10.12 17.80
C PHE E 75 -4.50 -8.91 16.89
N VAL E 76 -3.32 -8.68 16.32
CA VAL E 76 -3.08 -7.58 15.38
C VAL E 76 -2.73 -8.17 14.02
N THR E 77 -3.41 -7.68 12.99
CA THR E 77 -3.17 -8.14 11.63
C THR E 77 -1.99 -7.38 11.03
N ALA E 78 -1.83 -7.51 9.70
CA ALA E 78 -0.79 -6.78 9.01
C ALA E 78 -0.97 -5.27 9.17
N SER E 79 -2.22 -4.80 9.05
CA SER E 79 -2.53 -3.42 9.33
C SER E 79 -2.73 -3.22 10.82
N ASN E 80 -3.04 -1.97 11.21
CA ASN E 80 -3.25 -1.64 12.61
C ASN E 80 -4.63 -2.07 13.12
N ARG E 81 -5.43 -2.75 12.29
CA ARG E 81 -6.74 -3.19 12.72
C ARG E 81 -6.62 -4.20 13.86
N LYS E 82 -7.56 -4.14 14.80
CA LYS E 82 -7.60 -5.03 15.95
C LYS E 82 -8.61 -6.13 15.71
N LEU E 83 -8.20 -7.37 15.95
CA LEU E 83 -9.04 -8.54 15.76
C LEU E 83 -9.08 -9.37 17.04
N GLU E 84 -10.26 -9.84 17.39
CA GLU E 84 -10.49 -10.56 18.63
C GLU E 84 -10.99 -11.97 18.32
N LEU E 85 -10.48 -12.95 19.07
CA LEU E 85 -10.90 -14.34 18.93
C LEU E 85 -11.34 -14.90 20.27
N ASN E 86 -12.45 -15.64 20.27
CA ASN E 86 -12.83 -16.42 21.44
C ASN E 86 -12.25 -17.83 21.33
N VAL E 87 -11.38 -18.18 22.27
CA VAL E 87 -10.65 -19.44 22.25
C VAL E 87 -11.16 -20.29 23.40
N VAL E 88 -12.02 -21.26 23.10
CA VAL E 88 -12.46 -22.19 24.12
C VAL E 88 -11.30 -23.06 24.56
N SER E 89 -11.08 -23.14 25.87
CA SER E 89 -9.90 -23.83 26.39
C SER E 89 -10.30 -24.72 27.55
N SER E 90 -9.48 -25.74 27.76
CA SER E 90 -9.61 -26.71 28.84
C SER E 90 -8.23 -26.91 29.47
N PRO E 91 -8.14 -27.43 30.69
CA PRO E 91 -6.81 -27.64 31.28
C PRO E 91 -5.89 -28.51 30.44
N TYR E 92 -6.44 -29.42 29.64
CA TYR E 92 -5.63 -30.33 28.84
C TYR E 92 -5.73 -30.09 27.34
N HIS E 93 -6.64 -29.23 26.89
CA HIS E 93 -6.78 -28.98 25.46
C HIS E 93 -7.42 -27.62 25.25
N LEU E 94 -7.32 -27.13 24.02
CA LEU E 94 -7.95 -25.87 23.62
C LEU E 94 -8.49 -26.03 22.20
N GLU E 95 -9.48 -25.19 21.87
CA GLU E 95 -10.19 -25.29 20.60
C GLU E 95 -10.06 -23.98 19.83
N ILE E 96 -9.82 -24.09 18.53
CA ILE E 96 -9.75 -22.95 17.63
C ILE E 96 -10.76 -23.18 16.52
N THR E 97 -11.64 -22.19 16.30
CA THR E 97 -12.54 -22.23 15.15
C THR E 97 -12.23 -21.02 14.28
N PRO E 98 -11.36 -21.14 13.28
CA PRO E 98 -10.93 -19.96 12.51
C PRO E 98 -11.93 -19.48 11.46
N SER E 99 -13.08 -20.14 11.31
CA SER E 99 -14.05 -19.71 10.31
C SER E 99 -14.64 -18.34 10.67
N ASP E 100 -14.64 -17.99 11.95
CA ASP E 100 -15.19 -16.70 12.36
C ASP E 100 -14.40 -15.55 11.76
N MET E 101 -13.08 -15.64 11.78
CA MET E 101 -12.25 -14.66 11.12
C MET E 101 -12.31 -14.85 9.60
N GLY E 102 -11.83 -13.86 8.87
CA GLY E 102 -11.86 -13.91 7.43
C GLY E 102 -10.59 -14.48 6.82
N ASN E 103 -9.82 -13.62 6.15
CA ASN E 103 -8.55 -14.02 5.55
C ASN E 103 -7.39 -13.92 6.53
N ASN E 104 -7.66 -13.59 7.79
CA ASN E 104 -6.63 -13.44 8.80
C ASN E 104 -6.50 -14.67 9.71
N ASP E 105 -7.08 -15.80 9.30
CA ASP E 105 -6.92 -17.03 10.08
C ASP E 105 -5.46 -17.48 10.11
N ARG E 106 -4.70 -17.13 9.07
CA ARG E 106 -3.27 -17.45 9.06
C ARG E 106 -2.56 -16.86 10.28
N ILE E 107 -2.84 -15.58 10.58
CA ILE E 107 -2.18 -14.92 11.69
C ILE E 107 -2.53 -15.60 13.00
N VAL E 108 -3.81 -15.89 13.21
CA VAL E 108 -4.23 -16.58 14.43
C VAL E 108 -3.49 -17.89 14.57
N ILE E 109 -3.45 -18.68 13.49
CA ILE E 109 -2.72 -19.94 13.52
C ILE E 109 -1.27 -19.72 13.97
N GLN E 110 -0.52 -18.94 13.18
CA GLN E 110 0.92 -18.89 13.39
C GLN E 110 1.28 -18.28 14.74
N GLU E 111 0.48 -17.33 15.22
CA GLU E 111 0.81 -16.75 16.52
C GLU E 111 0.37 -17.64 17.67
N LEU E 112 -0.91 -18.03 17.73
CA LEU E 112 -1.40 -18.73 18.91
C LEU E 112 -0.78 -20.12 19.03
N LEU E 113 -0.70 -20.87 17.93
CA LEU E 113 -0.17 -22.23 18.03
C LEU E 113 1.32 -22.22 18.38
N LYS E 114 2.08 -21.31 17.78
CA LYS E 114 3.48 -21.19 18.16
C LYS E 114 3.63 -20.76 19.61
N GLU E 115 2.77 -19.85 20.08
CA GLU E 115 2.84 -19.41 21.47
C GLU E 115 2.59 -20.56 22.44
N VAL E 116 1.55 -21.36 22.17
CA VAL E 116 1.27 -22.47 23.09
C VAL E 116 2.36 -23.54 22.96
N ALA E 117 3.02 -23.61 21.80
CA ALA E 117 4.19 -24.47 21.67
C ALA E 117 5.33 -24.01 22.57
N GLN E 118 5.60 -22.70 22.59
CA GLN E 118 6.62 -22.18 23.50
C GLN E 118 6.20 -22.35 24.96
N MET E 119 4.90 -22.40 25.22
CA MET E 119 4.43 -22.51 26.61
C MET E 119 4.93 -23.79 27.25
N GLU E 120 4.90 -24.90 26.51
CA GLU E 120 5.37 -26.18 27.04
C GLU E 120 6.75 -26.48 26.47
N HIS E 133 1.47 -37.00 29.31
CA HIS E 133 0.65 -35.79 29.20
C HIS E 133 1.53 -34.57 28.92
N ARG E 134 2.48 -34.74 28.01
CA ARG E 134 3.42 -33.68 27.65
C ARG E 134 2.95 -32.85 26.47
N TYR E 135 1.79 -33.13 25.91
CA TYR E 135 1.28 -32.44 24.74
C TYR E 135 -0.10 -31.87 25.03
N LYS E 136 -0.43 -30.77 24.38
CA LYS E 136 -1.76 -30.16 24.45
C LYS E 136 -2.40 -30.28 23.09
N CYS E 137 -3.58 -30.90 23.03
CA CYS E 137 -4.28 -31.11 21.77
C CYS E 137 -5.08 -29.85 21.42
N VAL E 138 -4.99 -29.44 20.16
CA VAL E 138 -5.72 -28.28 19.65
C VAL E 138 -6.75 -28.78 18.65
N ILE E 139 -8.01 -28.37 18.83
CA ILE E 139 -9.11 -28.83 18.00
C ILE E 139 -9.46 -27.71 17.03
N ILE E 140 -9.22 -27.95 15.75
CA ILE E 140 -9.61 -27.01 14.69
C ILE E 140 -10.97 -27.49 14.19
N ASN E 141 -12.03 -26.94 14.80
CA ASN E 141 -13.39 -27.38 14.50
C ASN E 141 -13.77 -27.12 13.05
N GLU E 142 -13.42 -25.95 12.54
CA GLU E 142 -13.71 -25.58 11.15
C GLU E 142 -12.41 -25.59 10.37
N ALA E 143 -12.18 -26.66 9.60
CA ALA E 143 -10.97 -26.80 8.81
C ALA E 143 -11.18 -26.49 7.33
N ASN E 144 -12.42 -26.56 6.84
CA ASN E 144 -12.68 -26.23 5.44
C ASN E 144 -12.62 -24.73 5.17
N SER E 145 -13.02 -23.91 6.14
CA SER E 145 -12.94 -22.47 5.99
C SER E 145 -11.52 -21.94 6.13
N LEU E 146 -10.57 -22.79 6.53
CA LEU E 146 -9.17 -22.41 6.57
C LEU E 146 -8.68 -22.11 5.15
N THR E 147 -8.16 -20.91 4.94
CA THR E 147 -7.63 -20.54 3.65
C THR E 147 -6.38 -21.35 3.34
N LYS E 148 -6.05 -21.46 2.06
CA LYS E 148 -4.88 -22.23 1.64
C LYS E 148 -3.60 -21.65 2.23
N ASP E 149 -3.56 -20.32 2.42
CA ASP E 149 -2.40 -19.71 3.07
C ASP E 149 -2.29 -20.14 4.52
N ALA E 150 -3.43 -20.22 5.22
CA ALA E 150 -3.41 -20.66 6.61
C ALA E 150 -2.92 -22.10 6.72
N GLN E 151 -3.38 -22.98 5.82
CA GLN E 151 -2.91 -24.35 5.82
C GLN E 151 -1.43 -24.44 5.48
N ALA E 152 -0.97 -23.61 4.54
CA ALA E 152 0.46 -23.56 4.24
C ALA E 152 1.28 -23.11 5.44
N ALA E 153 0.75 -22.18 6.24
CA ALA E 153 1.45 -21.79 7.47
C ALA E 153 1.41 -22.89 8.51
N LEU E 154 0.31 -23.64 8.59
CA LEU E 154 0.15 -24.74 9.53
C LEU E 154 0.96 -25.98 9.13
N ARG E 155 1.43 -26.03 7.88
CA ARG E 155 2.17 -27.17 7.35
C ARG E 155 3.42 -27.51 8.15
N ARG E 156 4.15 -26.50 8.62
CA ARG E 156 5.36 -26.73 9.39
C ARG E 156 5.14 -26.69 10.89
N THR E 157 4.06 -26.05 11.35
CA THR E 157 3.74 -26.02 12.77
C THR E 157 3.50 -27.42 13.30
N MET E 158 2.84 -28.27 12.50
CA MET E 158 2.60 -29.64 12.90
C MET E 158 3.89 -30.41 13.12
N GLU E 159 4.85 -30.25 12.21
CA GLU E 159 6.05 -31.08 12.21
C GLU E 159 7.11 -30.58 13.19
N LYS E 160 7.37 -29.27 13.20
CA LYS E 160 8.39 -28.72 14.08
C LYS E 160 7.99 -28.89 15.55
N TYR E 161 6.79 -28.46 15.90
CA TYR E 161 6.31 -28.61 17.27
C TYR E 161 5.40 -29.83 17.40
N SER E 162 5.94 -31.02 17.14
CA SER E 162 5.20 -32.25 17.31
C SER E 162 5.37 -32.87 18.69
N LYS E 163 6.31 -32.35 19.49
CA LYS E 163 6.53 -32.81 20.85
C LYS E 163 5.72 -32.04 21.88
N ASN E 164 5.12 -30.92 21.49
CA ASN E 164 4.39 -30.05 22.40
C ASN E 164 2.92 -29.90 22.05
N ILE E 165 2.57 -29.95 20.76
CA ILE E 165 1.20 -29.73 20.30
C ILE E 165 0.83 -30.83 19.33
N ARG E 166 -0.34 -31.44 19.52
CA ARG E 166 -0.83 -32.52 18.67
C ARG E 166 -2.23 -32.14 18.20
N LEU E 167 -2.35 -31.67 16.96
CA LEU E 167 -3.62 -31.19 16.45
C LEU E 167 -4.59 -32.34 16.18
N ILE E 168 -5.86 -32.07 16.46
CA ILE E 168 -6.98 -32.90 16.04
C ILE E 168 -7.93 -31.99 15.27
N MET E 169 -8.24 -32.37 14.02
CA MET E 169 -8.99 -31.51 13.11
C MET E 169 -10.38 -32.09 12.88
N VAL E 170 -11.39 -31.22 12.91
CA VAL E 170 -12.76 -31.59 12.59
C VAL E 170 -13.09 -31.06 11.21
N CYS E 171 -13.63 -31.92 10.35
CA CYS E 171 -13.87 -31.58 8.96
C CYS E 171 -15.09 -32.34 8.47
N ASP E 172 -15.70 -31.83 7.39
CA ASP E 172 -16.84 -32.48 6.76
C ASP E 172 -16.50 -33.06 5.39
N SER E 173 -15.86 -32.25 4.53
CA SER E 173 -15.39 -32.70 3.23
C SER E 173 -13.92 -32.38 3.10
N MET E 174 -13.12 -33.38 2.72
CA MET E 174 -11.67 -33.24 2.68
C MET E 174 -11.17 -32.52 1.42
N SER E 175 -12.05 -32.22 0.46
CA SER E 175 -11.60 -31.61 -0.79
C SER E 175 -10.95 -30.24 -0.60
N PRO E 176 -11.49 -29.31 0.21
CA PRO E 176 -10.78 -28.03 0.39
C PRO E 176 -9.41 -28.18 1.03
N ILE E 177 -9.25 -29.15 1.92
CA ILE E 177 -7.98 -29.33 2.62
C ILE E 177 -6.91 -29.74 1.63
N ILE E 178 -5.74 -29.11 1.72
CA ILE E 178 -4.68 -29.36 0.76
C ILE E 178 -4.05 -30.73 1.02
N ALA E 179 -3.32 -31.21 0.01
CA ALA E 179 -2.68 -32.53 0.11
C ALA E 179 -1.64 -32.63 1.23
N PRO E 180 -0.71 -31.68 1.42
CA PRO E 180 0.27 -31.84 2.50
C PRO E 180 -0.36 -31.94 3.88
N ILE E 181 -1.44 -31.19 4.15
CA ILE E 181 -2.07 -31.26 5.46
C ILE E 181 -2.68 -32.63 5.69
N LYS E 182 -3.36 -33.17 4.68
CA LYS E 182 -3.92 -34.51 4.79
C LYS E 182 -2.80 -35.55 4.94
N SER E 183 -1.68 -35.33 4.26
CA SER E 183 -0.56 -36.27 4.36
C SER E 183 0.04 -36.28 5.76
N ARG E 184 0.16 -35.11 6.38
CA ARG E 184 0.81 -35.00 7.69
C ARG E 184 -0.06 -35.54 8.82
N CYS E 185 -1.32 -35.85 8.57
CA CYS E 185 -2.29 -36.18 9.60
C CYS E 185 -2.98 -37.50 9.30
N LEU E 186 -3.33 -38.23 10.36
CA LEU E 186 -4.07 -39.47 10.22
C LEU E 186 -5.54 -39.17 9.92
N LEU E 187 -6.13 -39.94 9.02
CA LEU E 187 -7.50 -39.76 8.57
C LEU E 187 -8.41 -40.74 9.30
N ILE E 188 -9.44 -40.23 9.96
CA ILE E 188 -10.40 -41.06 10.68
C ILE E 188 -11.78 -40.90 10.07
N ARG E 189 -12.21 -41.89 9.29
CA ARG E 189 -13.51 -41.83 8.63
C ARG E 189 -14.65 -41.97 9.65
N CYS E 190 -15.68 -41.16 9.47
CA CYS E 190 -16.85 -41.20 10.34
C CYS E 190 -18.12 -41.46 9.53
N PRO E 191 -18.56 -42.70 9.40
CA PRO E 191 -19.85 -42.96 8.75
C PRO E 191 -21.00 -42.39 9.56
N ALA E 192 -21.99 -41.86 8.85
CA ALA E 192 -23.16 -41.28 9.51
C ALA E 192 -24.00 -42.41 10.12
N PRO E 193 -24.72 -42.13 11.21
CA PRO E 193 -25.54 -43.18 11.84
C PRO E 193 -26.61 -43.71 10.91
N SER E 194 -26.85 -45.01 11.00
CA SER E 194 -27.90 -45.64 10.24
C SER E 194 -29.27 -45.29 10.82
N ASP E 195 -30.32 -45.55 10.03
CA ASP E 195 -31.66 -45.18 10.44
C ASP E 195 -32.09 -45.92 11.71
N SER E 196 -31.70 -47.19 11.84
CA SER E 196 -32.07 -47.96 13.01
C SER E 196 -31.43 -47.39 14.28
N GLU E 197 -30.16 -47.01 14.19
CA GLU E 197 -29.48 -46.45 15.36
C GLU E 197 -30.05 -45.09 15.72
N ILE E 198 -30.39 -44.28 14.71
CA ILE E 198 -31.04 -42.99 14.96
C ILE E 198 -32.38 -43.21 15.66
N SER E 199 -33.14 -44.21 15.21
CA SER E 199 -34.42 -44.51 15.84
C SER E 199 -34.22 -44.97 17.28
N THR E 200 -33.20 -45.77 17.54
CA THR E 200 -32.91 -46.21 18.90
C THR E 200 -32.57 -45.03 19.81
N ILE E 201 -31.75 -44.10 19.30
CA ILE E 201 -31.39 -42.92 20.08
C ILE E 201 -32.63 -42.07 20.37
N LEU E 202 -33.48 -41.90 19.35
CA LEU E 202 -34.71 -41.14 19.54
C LEU E 202 -35.63 -41.82 20.54
N SER E 203 -35.67 -43.16 20.52
CA SER E 203 -36.47 -43.89 21.49
C SER E 203 -35.97 -43.67 22.91
N ASP E 204 -34.65 -43.72 23.09
CA ASP E 204 -34.09 -43.43 24.41
C ASP E 204 -34.43 -42.01 24.85
N VAL E 205 -34.35 -41.05 23.94
CA VAL E 205 -34.64 -39.66 24.30
C VAL E 205 -36.10 -39.51 24.71
N VAL E 206 -37.03 -40.06 23.91
CA VAL E 206 -38.45 -39.89 24.23
C VAL E 206 -38.81 -40.66 25.49
N THR E 207 -38.13 -41.79 25.74
CA THR E 207 -38.33 -42.50 27.00
C THR E 207 -37.90 -41.65 28.18
N ASN E 208 -36.73 -41.01 28.06
CA ASN E 208 -36.23 -40.19 29.17
C ASN E 208 -36.97 -38.87 29.26
N GLU E 209 -37.35 -38.29 28.12
CA GLU E 209 -38.06 -37.00 28.11
C GLU E 209 -39.55 -37.14 28.36
N ARG E 210 -40.07 -38.37 28.49
CA ARG E 210 -41.48 -38.62 28.74
C ARG E 210 -42.36 -38.01 27.64
N ILE E 211 -42.07 -38.43 26.40
CA ILE E 211 -42.85 -38.04 25.24
C ILE E 211 -43.69 -39.25 24.84
N GLN E 212 -45.01 -39.08 24.83
CA GLN E 212 -45.90 -40.18 24.48
C GLN E 212 -45.84 -40.45 22.98
N LEU E 213 -45.61 -41.71 22.62
CA LEU E 213 -45.56 -42.13 21.23
C LEU E 213 -46.74 -43.06 20.93
N GLU E 214 -47.55 -42.69 19.93
CA GLU E 214 -48.67 -43.54 19.54
C GLU E 214 -48.16 -44.83 18.92
N THR E 215 -47.13 -44.76 18.08
CA THR E 215 -46.43 -45.93 17.58
C THR E 215 -44.97 -45.53 17.40
N LYS E 216 -44.14 -46.44 16.87
CA LYS E 216 -42.71 -46.18 16.72
C LYS E 216 -42.31 -45.88 15.28
N ASP E 217 -43.25 -45.91 14.33
CA ASP E 217 -42.91 -45.55 12.95
C ASP E 217 -42.57 -44.07 12.84
N ILE E 218 -43.05 -43.27 13.79
CA ILE E 218 -42.73 -41.84 13.81
C ILE E 218 -41.22 -41.63 13.88
N LEU E 219 -40.56 -42.39 14.75
CA LEU E 219 -39.12 -42.25 14.93
C LEU E 219 -38.37 -42.58 13.65
N LYS E 220 -38.79 -43.65 12.96
CA LYS E 220 -38.15 -44.01 11.69
C LYS E 220 -38.40 -42.95 10.64
N ARG E 221 -39.58 -42.33 10.65
CA ARG E 221 -39.85 -41.25 9.71
C ARG E 221 -38.94 -40.05 9.96
N ILE E 222 -38.74 -39.68 11.23
CA ILE E 222 -37.81 -38.61 11.54
C ILE E 222 -36.39 -38.98 11.14
N ALA E 223 -36.01 -40.24 11.36
CA ALA E 223 -34.67 -40.69 10.97
C ALA E 223 -34.47 -40.59 9.47
N GLN E 224 -35.48 -40.97 8.69
CA GLN E 224 -35.39 -40.89 7.23
C GLN E 224 -35.50 -39.46 6.72
N ALA E 225 -36.09 -38.55 7.50
CA ALA E 225 -36.18 -37.14 7.10
C ALA E 225 -34.96 -36.33 7.50
N SER E 226 -33.99 -36.95 8.18
CA SER E 226 -32.78 -36.25 8.60
C SER E 226 -31.58 -36.55 7.70
N ASN E 227 -31.67 -37.55 6.83
CA ASN E 227 -30.60 -37.91 5.90
C ASN E 227 -29.31 -38.23 6.65
N GLY E 228 -29.43 -39.05 7.70
CA GLY E 228 -28.29 -39.49 8.47
C GLY E 228 -27.84 -38.54 9.56
N ASN E 229 -28.47 -37.39 9.70
CA ASN E 229 -28.08 -36.43 10.72
C ASN E 229 -28.78 -36.73 12.05
N LEU E 230 -27.99 -36.82 13.12
CA LEU E 230 -28.51 -37.02 14.46
C LEU E 230 -28.84 -35.74 15.18
N ARG E 231 -28.02 -34.70 15.01
CA ARG E 231 -28.35 -33.39 15.56
C ARG E 231 -29.66 -32.87 15.01
N VAL E 232 -29.82 -32.93 13.69
CA VAL E 232 -31.08 -32.53 13.06
C VAL E 232 -32.22 -33.44 13.51
N SER E 233 -31.93 -34.73 13.69
CA SER E 233 -32.96 -35.66 14.13
C SER E 233 -33.51 -35.26 15.51
N LEU E 234 -32.61 -34.99 16.47
CA LEU E 234 -33.05 -34.62 17.81
C LEU E 234 -33.75 -33.26 17.80
N LEU E 235 -33.21 -32.30 17.03
CA LEU E 235 -33.86 -30.99 16.96
C LEU E 235 -35.26 -31.10 16.37
N MET E 236 -35.43 -31.89 15.32
CA MET E 236 -36.74 -32.09 14.73
C MET E 236 -37.67 -32.82 15.69
N LEU E 237 -37.14 -33.79 16.43
CA LEU E 237 -37.92 -34.47 17.47
C LEU E 237 -38.51 -33.47 18.46
N GLU E 238 -37.66 -32.61 19.01
CA GLU E 238 -38.16 -31.65 19.99
C GLU E 238 -39.06 -30.61 19.33
N SER E 239 -38.80 -30.26 18.07
CA SER E 239 -39.63 -29.29 17.38
C SER E 239 -41.05 -29.81 17.18
N MET E 240 -41.20 -31.08 16.79
CA MET E 240 -42.54 -31.66 16.68
C MET E 240 -43.12 -32.02 18.03
N ALA E 241 -42.29 -32.15 19.07
CA ALA E 241 -42.78 -32.38 20.42
C ALA E 241 -43.43 -31.12 21.01
N LEU E 242 -43.19 -29.95 20.42
CA LEU E 242 -43.80 -28.72 20.88
C LEU E 242 -45.08 -28.36 20.12
N ASN E 243 -45.25 -28.90 18.91
CA ASN E 243 -46.44 -28.64 18.12
C ASN E 243 -47.54 -29.68 18.35
N ASN E 244 -47.25 -30.74 19.09
CA ASN E 244 -48.24 -31.77 19.43
C ASN E 244 -48.36 -31.98 20.93
N GLU E 245 -47.92 -31.00 21.73
CA GLU E 245 -48.04 -31.03 23.19
C GLU E 245 -47.37 -32.26 23.79
N LEU E 246 -46.11 -32.51 23.40
CA LEU E 246 -45.29 -33.59 23.94
C LEU E 246 -45.94 -34.95 23.75
N ALA E 247 -46.77 -35.09 22.71
CA ALA E 247 -47.42 -36.36 22.38
C ALA E 247 -47.41 -36.51 20.88
N LEU E 248 -46.56 -37.40 20.37
CA LEU E 248 -46.38 -37.57 18.93
C LEU E 248 -47.46 -38.50 18.39
N LYS E 249 -48.08 -38.09 17.29
CA LYS E 249 -49.14 -38.86 16.63
C LYS E 249 -48.65 -39.33 15.27
N SER E 250 -49.40 -40.27 14.69
CA SER E 250 -49.02 -40.86 13.41
C SER E 250 -48.99 -39.80 12.31
N SER E 251 -49.97 -38.90 12.30
CA SER E 251 -50.08 -37.86 11.29
C SER E 251 -49.36 -36.58 11.66
N SER E 252 -48.45 -36.62 12.63
CA SER E 252 -47.72 -35.42 13.02
C SER E 252 -46.85 -34.96 11.87
N PRO E 253 -47.00 -33.71 11.41
CA PRO E 253 -46.18 -33.23 10.28
C PRO E 253 -44.71 -33.16 10.65
N ILE E 254 -43.87 -33.37 9.64
CA ILE E 254 -42.43 -33.28 9.82
C ILE E 254 -42.02 -31.82 9.71
N ILE E 255 -41.32 -31.32 10.73
CA ILE E 255 -40.95 -29.92 10.81
C ILE E 255 -39.71 -29.70 9.96
N LYS E 256 -39.85 -28.95 8.87
CA LYS E 256 -38.71 -28.59 8.03
C LYS E 256 -38.28 -27.16 8.35
N PRO E 257 -36.97 -26.91 8.39
CA PRO E 257 -36.51 -25.55 8.70
C PRO E 257 -36.93 -24.55 7.62
N ASP E 258 -36.90 -23.28 8.00
CA ASP E 258 -37.38 -22.20 7.14
C ASP E 258 -36.64 -22.13 5.82
N TRP E 259 -35.31 -22.25 5.86
CA TRP E 259 -34.52 -22.12 4.63
C TRP E 259 -34.84 -23.24 3.66
N ILE E 260 -35.19 -24.43 4.18
CA ILE E 260 -35.66 -25.52 3.32
C ILE E 260 -36.92 -25.10 2.57
N ILE E 261 -37.88 -24.51 3.27
CA ILE E 261 -39.13 -24.11 2.63
C ILE E 261 -38.88 -23.02 1.59
N VAL E 262 -38.03 -22.05 1.92
CA VAL E 262 -37.72 -20.99 0.97
C VAL E 262 -37.05 -21.56 -0.28
N ILE E 263 -36.11 -22.49 -0.10
CA ILE E 263 -35.44 -23.09 -1.24
C ILE E 263 -36.43 -23.90 -2.07
N HIS E 264 -37.36 -24.60 -1.41
CA HIS E 264 -38.36 -25.38 -2.13
C HIS E 264 -39.24 -24.48 -2.99
N LYS E 265 -39.70 -23.36 -2.42
CA LYS E 265 -40.48 -22.41 -3.20
C LYS E 265 -39.66 -21.84 -4.35
N LEU E 266 -38.36 -21.64 -4.13
CA LEU E 266 -37.49 -21.19 -5.20
C LEU E 266 -37.45 -22.20 -6.35
N THR E 267 -37.33 -23.49 -6.02
CA THR E 267 -37.34 -24.51 -7.06
C THR E 267 -38.67 -24.53 -7.80
N ARG E 268 -39.78 -24.38 -7.07
CA ARG E 268 -41.08 -24.33 -7.73
C ARG E 268 -41.15 -23.16 -8.71
N LYS E 269 -40.65 -21.99 -8.31
CA LYS E 269 -40.70 -20.83 -9.19
C LYS E 269 -39.81 -21.03 -10.42
N ILE E 270 -38.61 -21.59 -10.24
CA ILE E 270 -37.74 -21.84 -11.38
C ILE E 270 -38.38 -22.84 -12.34
N VAL E 271 -39.01 -23.88 -11.80
CA VAL E 271 -39.69 -24.87 -12.65
C VAL E 271 -40.89 -24.29 -13.38
N LYS E 272 -41.62 -23.36 -12.75
CA LYS E 272 -42.83 -22.82 -13.36
C LYS E 272 -42.54 -21.67 -14.31
N GLU E 273 -41.90 -20.62 -13.80
CA GLU E 273 -41.65 -19.41 -14.59
C GLU E 273 -40.18 -19.37 -15.00
N ARG E 274 -39.92 -19.70 -16.26
CA ARG E 274 -38.56 -19.63 -16.82
C ARG E 274 -38.40 -18.35 -17.62
N SER E 275 -38.40 -17.22 -16.91
CA SER E 275 -38.31 -15.91 -17.53
C SER E 275 -37.35 -15.02 -16.74
N VAL E 276 -36.91 -13.95 -17.40
CA VAL E 276 -36.07 -12.95 -16.72
C VAL E 276 -36.87 -12.23 -15.64
N ASN E 277 -38.16 -11.98 -15.92
CA ASN E 277 -39.03 -11.41 -14.89
C ASN E 277 -39.11 -12.32 -13.67
N SER E 278 -39.09 -13.64 -13.89
CA SER E 278 -38.95 -14.56 -12.77
C SER E 278 -37.55 -14.48 -12.17
N LEU E 279 -36.55 -14.16 -13.00
CA LEU E 279 -35.18 -14.01 -12.48
C LEU E 279 -35.09 -12.82 -11.53
N ILE E 280 -35.96 -11.82 -11.70
CA ILE E 280 -36.02 -10.72 -10.73
C ILE E 280 -36.22 -11.29 -9.32
N GLU E 281 -37.32 -12.03 -9.13
CA GLU E 281 -37.65 -12.57 -7.82
C GLU E 281 -36.69 -13.67 -7.42
N CYS E 282 -36.11 -14.39 -8.38
CA CYS E 282 -35.10 -15.38 -8.03
C CYS E 282 -33.90 -14.71 -7.37
N ARG E 283 -33.40 -13.63 -7.97
CA ARG E 283 -32.30 -12.90 -7.36
C ARG E 283 -32.73 -12.29 -6.03
N ALA E 284 -33.98 -11.84 -5.95
CA ALA E 284 -34.48 -11.29 -4.68
C ALA E 284 -34.44 -12.34 -3.57
N VAL E 285 -34.89 -13.57 -3.86
CA VAL E 285 -34.87 -14.64 -2.87
C VAL E 285 -33.43 -15.03 -2.52
N LEU E 286 -32.54 -15.07 -3.52
CA LEU E 286 -31.15 -15.39 -3.22
C LEU E 286 -30.53 -14.34 -2.30
N TYR E 287 -30.80 -13.06 -2.55
CA TYR E 287 -30.30 -12.00 -1.70
C TYR E 287 -30.87 -12.12 -0.29
N ASP E 288 -32.18 -12.41 -0.18
CA ASP E 288 -32.81 -12.54 1.13
C ASP E 288 -32.21 -13.70 1.91
N LEU E 289 -31.94 -14.82 1.24
CA LEU E 289 -31.32 -15.96 1.92
C LEU E 289 -29.89 -15.64 2.33
N LEU E 290 -29.12 -14.99 1.46
CA LEU E 290 -27.72 -14.73 1.76
C LEU E 290 -27.57 -13.71 2.89
N ALA E 291 -28.47 -12.74 2.96
CA ALA E 291 -28.36 -11.70 3.98
C ALA E 291 -28.66 -12.22 5.39
N HIS E 292 -29.17 -13.43 5.52
CA HIS E 292 -29.61 -13.98 6.81
C HIS E 292 -28.76 -15.17 7.24
N CYS E 293 -27.45 -15.09 7.02
CA CYS E 293 -26.48 -16.06 7.56
C CYS E 293 -26.70 -17.46 6.99
N ILE E 294 -26.75 -17.56 5.67
CA ILE E 294 -26.94 -18.84 4.98
C ILE E 294 -25.84 -18.97 3.93
N PRO E 295 -25.00 -20.01 4.00
CA PRO E 295 -23.92 -20.15 3.01
C PRO E 295 -24.45 -20.43 1.62
N ALA E 296 -23.67 -19.99 0.63
CA ALA E 296 -24.08 -20.14 -0.76
C ALA E 296 -23.89 -21.56 -1.28
N ASN E 297 -22.86 -22.27 -0.82
CA ASN E 297 -22.67 -23.65 -1.26
C ASN E 297 -23.82 -24.53 -0.79
N ILE E 298 -24.30 -24.31 0.43
CA ILE E 298 -25.46 -25.03 0.92
C ILE E 298 -26.69 -24.69 0.08
N ILE E 299 -26.85 -23.41 -0.29
CA ILE E 299 -27.95 -23.01 -1.14
C ILE E 299 -27.88 -23.76 -2.47
N LEU E 300 -26.71 -23.80 -3.09
CA LEU E 300 -26.57 -24.48 -4.37
C LEU E 300 -26.85 -25.97 -4.24
N LYS E 301 -26.33 -26.61 -3.19
CA LYS E 301 -26.56 -28.03 -2.99
C LYS E 301 -28.04 -28.35 -2.83
N GLU E 302 -28.71 -27.65 -1.92
CA GLU E 302 -30.13 -27.92 -1.68
C GLU E 302 -30.98 -27.57 -2.89
N LEU E 303 -30.67 -26.46 -3.56
CA LEU E 303 -31.40 -26.06 -4.75
C LEU E 303 -31.26 -27.09 -5.86
N THR E 304 -30.04 -27.57 -6.09
CA THR E 304 -29.81 -28.57 -7.14
C THR E 304 -30.54 -29.87 -6.81
N PHE E 305 -30.46 -30.33 -5.57
CA PHE E 305 -31.10 -31.60 -5.24
C PHE E 305 -32.61 -31.50 -5.26
N SER E 306 -33.16 -30.35 -4.86
CA SER E 306 -34.60 -30.17 -4.94
C SER E 306 -35.07 -30.06 -6.39
N LEU E 307 -34.27 -29.42 -7.24
CA LEU E 307 -34.58 -29.37 -8.67
C LEU E 307 -34.54 -30.76 -9.28
N LEU E 308 -33.59 -31.59 -8.86
CA LEU E 308 -33.53 -32.96 -9.34
C LEU E 308 -34.76 -33.75 -8.93
N ASP E 309 -35.34 -33.44 -7.77
CA ASP E 309 -36.50 -34.16 -7.27
C ASP E 309 -37.79 -33.81 -8.02
N VAL E 310 -37.77 -32.79 -8.88
CA VAL E 310 -38.97 -32.43 -9.64
C VAL E 310 -39.29 -33.54 -10.61
N GLU E 311 -40.54 -34.04 -10.55
CA GLU E 311 -40.93 -35.19 -11.35
C GLU E 311 -41.15 -34.82 -12.82
N THR E 312 -41.56 -33.58 -13.09
CA THR E 312 -41.89 -33.20 -14.46
C THR E 312 -40.66 -33.24 -15.37
N LEU E 313 -39.50 -32.83 -14.86
CA LEU E 313 -38.31 -32.76 -15.68
C LEU E 313 -37.84 -34.15 -16.09
N ASN E 314 -37.42 -34.28 -17.35
CA ASN E 314 -36.92 -35.55 -17.84
C ASN E 314 -35.43 -35.69 -17.55
N THR E 315 -34.85 -36.80 -18.02
CA THR E 315 -33.46 -37.13 -17.69
C THR E 315 -32.48 -36.11 -18.24
N THR E 316 -32.72 -35.58 -19.44
CA THR E 316 -31.81 -34.62 -20.05
C THR E 316 -31.71 -33.36 -19.20
N ASN E 317 -32.85 -32.85 -18.73
CA ASN E 317 -32.84 -31.67 -17.87
C ASN E 317 -32.10 -31.95 -16.56
N LYS E 318 -32.30 -33.13 -15.98
CA LYS E 318 -31.61 -33.47 -14.75
C LYS E 318 -30.09 -33.51 -14.96
N SER E 319 -29.65 -34.12 -16.06
CA SER E 319 -28.22 -34.19 -16.35
C SER E 319 -27.63 -32.80 -16.57
N SER E 320 -28.33 -31.96 -17.33
CA SER E 320 -27.83 -30.60 -17.55
C SER E 320 -27.81 -29.82 -16.24
N ILE E 321 -28.81 -30.02 -15.38
CA ILE E 321 -28.86 -29.33 -14.11
C ILE E 321 -27.69 -29.73 -13.22
N ILE E 322 -27.39 -31.03 -13.14
CA ILE E 322 -26.27 -31.46 -12.30
C ILE E 322 -24.94 -31.00 -12.89
N GLU E 323 -24.81 -31.01 -14.22
CA GLU E 323 -23.61 -30.49 -14.86
C GLU E 323 -23.37 -29.02 -14.51
N TYR E 324 -24.40 -28.19 -14.69
CA TYR E 324 -24.27 -26.78 -14.40
C TYR E 324 -24.09 -26.54 -12.90
N SER E 325 -24.67 -27.41 -12.07
CA SER E 325 -24.46 -27.31 -10.63
C SER E 325 -23.00 -27.53 -10.28
N SER E 326 -22.38 -28.55 -10.88
CA SER E 326 -20.95 -28.77 -10.64
C SER E 326 -20.11 -27.60 -11.14
N VAL E 327 -20.44 -27.08 -12.32
CA VAL E 327 -19.68 -25.96 -12.88
C VAL E 327 -19.76 -24.74 -11.97
N PHE E 328 -20.97 -24.36 -11.56
CA PHE E 328 -21.12 -23.17 -10.74
C PHE E 328 -20.69 -23.43 -9.30
N ASP E 329 -20.63 -24.69 -8.87
CA ASP E 329 -20.01 -25.01 -7.60
C ASP E 329 -18.52 -24.72 -7.64
N GLU E 330 -17.86 -25.10 -8.75
CA GLU E 330 -16.46 -24.74 -8.93
C GLU E 330 -16.29 -23.23 -8.94
N ARG E 331 -17.18 -22.53 -9.65
CA ARG E 331 -17.12 -21.07 -9.72
C ARG E 331 -17.28 -20.44 -8.33
N LEU E 332 -18.22 -20.97 -7.54
CA LEU E 332 -18.42 -20.50 -6.18
C LEU E 332 -17.18 -20.75 -5.33
N SER E 333 -16.57 -21.92 -5.47
CA SER E 333 -15.35 -22.24 -4.74
C SER E 333 -14.18 -21.37 -5.16
N LEU E 334 -14.22 -20.80 -6.36
CA LEU E 334 -13.16 -19.88 -6.78
C LEU E 334 -13.69 -18.46 -6.95
N GLY E 335 -14.62 -18.04 -6.08
CA GLY E 335 -15.21 -16.73 -6.22
C GLY E 335 -15.68 -16.13 -4.90
N ASN E 336 -15.34 -14.87 -4.66
CA ASN E 336 -15.73 -14.21 -3.42
C ASN E 336 -17.21 -13.82 -3.42
N LYS E 337 -17.71 -13.32 -4.55
CA LYS E 337 -19.08 -12.83 -4.64
C LYS E 337 -19.99 -14.01 -4.99
N ALA E 338 -20.79 -14.46 -4.02
CA ALA E 338 -21.51 -15.71 -4.17
C ALA E 338 -22.69 -15.60 -5.13
N ILE E 339 -23.46 -14.52 -5.02
CA ILE E 339 -24.66 -14.39 -5.86
C ILE E 339 -24.26 -14.26 -7.32
N PHE E 340 -23.05 -13.76 -7.59
CA PHE E 340 -22.56 -13.64 -8.95
C PHE E 340 -22.53 -14.99 -9.67
N HIS E 341 -22.35 -16.08 -8.91
CA HIS E 341 -22.39 -17.42 -9.46
C HIS E 341 -23.75 -18.10 -9.25
N LEU E 342 -24.42 -17.79 -8.15
CA LEU E 342 -25.73 -18.39 -7.89
C LEU E 342 -26.75 -17.96 -8.96
N GLU E 343 -26.77 -16.67 -9.30
CA GLU E 343 -27.68 -16.18 -10.32
C GLU E 343 -27.34 -16.78 -11.68
N GLY E 344 -26.05 -16.93 -11.98
CA GLY E 344 -25.66 -17.56 -13.22
C GLY E 344 -26.13 -19.01 -13.30
N PHE E 345 -25.99 -19.75 -12.21
CA PHE E 345 -26.50 -21.13 -12.17
C PHE E 345 -28.00 -21.17 -12.38
N ILE E 346 -28.74 -20.30 -11.70
CA ILE E 346 -30.20 -20.32 -11.84
C ILE E 346 -30.62 -19.95 -13.26
N ALA E 347 -29.97 -18.94 -13.85
CA ALA E 347 -30.29 -18.57 -15.22
C ALA E 347 -29.95 -19.69 -16.20
N LYS E 348 -28.83 -20.37 -16.00
CA LYS E 348 -28.47 -21.47 -16.88
C LYS E 348 -29.46 -22.62 -16.76
N VAL E 349 -29.93 -22.91 -15.55
CA VAL E 349 -30.95 -23.94 -15.36
C VAL E 349 -32.25 -23.53 -16.06
N MET E 350 -32.62 -22.25 -15.94
CA MET E 350 -33.82 -21.76 -16.62
C MET E 350 -33.69 -21.91 -18.13
N CYS E 351 -32.50 -21.63 -18.67
CA CYS E 351 -32.27 -21.83 -20.10
C CYS E 351 -32.33 -23.29 -20.48
N CYS E 352 -31.87 -24.18 -19.61
CA CYS E 352 -31.97 -25.61 -19.87
C CYS E 352 -33.43 -26.05 -20.00
N LEU E 353 -34.28 -25.54 -19.11
CA LEU E 353 -35.68 -25.94 -19.09
C LEU E 353 -36.46 -25.26 -20.23
N MET F 7 45.01 -12.40 17.91
CA MET F 7 43.99 -11.72 18.69
C MET F 7 44.25 -10.21 18.74
N LEU F 8 43.18 -9.44 18.93
CA LEU F 8 43.25 -7.99 19.01
C LEU F 8 42.74 -7.54 20.37
N GLU F 9 43.54 -6.74 21.07
CA GLU F 9 43.16 -6.13 22.34
C GLU F 9 43.56 -4.65 22.29
N ALA F 10 42.65 -3.82 21.79
CA ALA F 10 42.89 -2.39 21.66
C ALA F 10 42.14 -1.65 22.76
N LYS F 11 42.86 -0.89 23.57
CA LYS F 11 42.29 -0.23 24.73
C LYS F 11 42.42 1.28 24.59
N PHE F 12 41.30 1.98 24.74
CA PHE F 12 41.26 3.44 24.70
C PHE F 12 41.25 3.99 26.12
N GLU F 13 42.17 4.92 26.40
CA GLU F 13 42.13 5.59 27.70
C GLU F 13 40.90 6.49 27.81
N GLU F 14 40.50 7.10 26.70
CA GLU F 14 39.30 7.94 26.63
C GLU F 14 38.28 7.19 25.78
N ALA F 15 37.30 6.58 26.44
CA ALA F 15 36.27 5.80 25.75
C ALA F 15 35.41 6.71 24.88
N SER F 16 35.38 8.01 25.18
CA SER F 16 34.61 8.95 24.39
C SER F 16 35.30 9.34 23.09
N LEU F 17 36.61 9.07 22.96
CA LEU F 17 37.29 9.40 21.71
C LEU F 17 36.73 8.59 20.55
N PHE F 18 36.65 7.27 20.70
CA PHE F 18 36.08 6.43 19.65
C PHE F 18 34.62 6.77 19.42
N LYS F 19 33.90 7.11 20.49
CA LYS F 19 32.54 7.63 20.35
C LYS F 19 32.47 8.81 19.40
N ARG F 20 33.34 9.81 19.61
CA ARG F 20 33.31 11.00 18.77
C ARG F 20 33.73 10.68 17.34
N ILE F 21 34.74 9.83 17.17
CA ILE F 21 35.16 9.46 15.81
C ILE F 21 34.01 8.77 15.07
N ILE F 22 33.33 7.84 15.73
CA ILE F 22 32.25 7.13 15.05
C ILE F 22 31.09 8.07 14.76
N ASP F 23 30.78 8.97 15.70
CA ASP F 23 29.72 9.93 15.46
C ASP F 23 30.08 10.90 14.34
N GLY F 24 31.37 11.09 14.09
CA GLY F 24 31.78 11.98 13.00
C GLY F 24 31.30 11.50 11.64
N PHE F 25 31.37 10.19 11.39
CA PHE F 25 30.97 9.64 10.11
C PHE F 25 29.92 8.54 10.21
N LYS F 26 29.16 8.50 11.31
CA LYS F 26 28.03 7.56 11.40
C LYS F 26 26.96 7.91 10.37
N ASP F 27 26.68 9.20 10.18
CA ASP F 27 25.63 9.60 9.24
C ASP F 27 26.10 9.45 7.80
N CYS F 28 27.39 9.62 7.56
CA CYS F 28 27.91 9.58 6.21
C CYS F 28 27.79 8.18 5.60
N VAL F 29 28.21 7.16 6.32
CA VAL F 29 28.22 5.79 5.83
C VAL F 29 27.66 4.86 6.89
N GLN F 30 27.16 3.71 6.45
CA GLN F 30 26.71 2.65 7.35
C GLN F 30 27.64 1.44 7.36
N LEU F 31 28.29 1.16 6.23
CA LEU F 31 29.14 -0.02 6.08
C LEU F 31 30.60 0.43 6.01
N VAL F 32 31.42 -0.05 6.95
CA VAL F 32 32.83 0.31 7.03
C VAL F 32 33.62 -0.92 7.45
N ASN F 33 34.81 -1.07 6.87
CA ASN F 33 35.71 -2.18 7.17
C ASN F 33 36.83 -1.66 8.08
N PHE F 34 36.75 -2.00 9.36
CA PHE F 34 37.77 -1.62 10.34
C PHE F 34 38.86 -2.68 10.32
N GLN F 35 39.91 -2.45 9.52
CA GLN F 35 41.02 -3.40 9.41
C GLN F 35 42.13 -2.96 10.36
N CYS F 36 42.52 -3.87 11.26
CA CYS F 36 43.50 -3.57 12.29
C CYS F 36 44.83 -4.23 11.93
N LYS F 37 45.89 -3.42 11.88
CA LYS F 37 47.23 -3.88 11.65
C LYS F 37 48.12 -3.48 12.83
N GLU F 38 49.42 -3.72 12.70
CA GLU F 38 50.34 -3.38 13.79
C GLU F 38 50.47 -1.87 13.96
N ASP F 39 50.39 -1.11 12.88
CA ASP F 39 50.56 0.34 12.98
C ASP F 39 49.34 1.00 13.61
N GLY F 40 48.16 0.43 13.41
CA GLY F 40 46.94 0.98 13.99
C GLY F 40 45.74 0.58 13.16
N ILE F 41 44.58 1.07 13.62
CA ILE F 41 43.33 0.77 12.94
C ILE F 41 43.15 1.72 11.77
N ILE F 42 42.84 1.15 10.60
CA ILE F 42 42.54 1.91 9.39
C ILE F 42 41.14 1.55 8.94
N ALA F 43 40.29 2.57 8.75
CA ALA F 43 38.92 2.38 8.32
C ALA F 43 38.65 3.20 7.06
N GLN F 44 37.92 2.59 6.13
CA GLN F 44 37.58 3.24 4.87
C GLN F 44 36.21 2.76 4.42
N ALA F 45 35.42 3.69 3.88
CA ALA F 45 34.04 3.39 3.54
C ALA F 45 33.56 4.37 2.46
N VAL F 46 32.54 3.94 1.72
CA VAL F 46 31.95 4.74 0.66
C VAL F 46 30.45 4.80 0.86
N ASP F 47 29.88 5.98 0.64
CA ASP F 47 28.45 6.22 0.82
C ASP F 47 27.65 5.50 -0.27
N ASP F 48 26.37 5.26 0.03
CA ASP F 48 25.50 4.56 -0.92
C ASP F 48 25.42 5.31 -2.24
N SER F 49 25.28 6.64 -2.19
CA SER F 49 25.29 7.43 -3.41
C SER F 49 26.68 7.51 -4.03
N ARG F 50 27.70 7.01 -3.34
CA ARG F 50 29.08 7.02 -3.83
C ARG F 50 29.55 8.43 -4.16
N VAL F 51 29.25 9.36 -3.26
CA VAL F 51 29.69 10.75 -3.41
C VAL F 51 30.79 11.11 -2.42
N LEU F 52 30.85 10.49 -1.25
CA LEU F 52 31.85 10.80 -0.24
C LEU F 52 32.68 9.56 0.07
N LEU F 53 33.98 9.77 0.24
CA LEU F 53 34.90 8.72 0.67
C LEU F 53 35.39 9.07 2.07
N VAL F 54 35.26 8.12 2.98
CA VAL F 54 35.69 8.29 4.37
C VAL F 54 36.91 7.41 4.60
N SER F 55 38.00 8.00 5.11
CA SER F 55 39.28 7.31 5.30
C SER F 55 39.78 7.60 6.71
N LEU F 56 39.46 6.71 7.64
CA LEU F 56 39.93 6.85 9.01
C LEU F 56 41.27 6.11 9.20
N GLU F 57 42.15 6.72 9.98
CA GLU F 57 43.47 6.17 10.31
C GLU F 57 43.78 6.46 11.78
N ILE F 58 43.47 5.49 12.64
CA ILE F 58 43.86 5.61 14.04
C ILE F 58 45.24 4.96 14.23
N GLY F 59 46.04 5.55 15.13
CA GLY F 59 47.39 5.11 15.37
C GLY F 59 47.56 4.53 16.76
N VAL F 60 48.66 3.80 16.94
CA VAL F 60 48.92 3.10 18.20
C VAL F 60 49.03 4.07 19.37
N GLU F 61 49.44 5.31 19.10
CA GLU F 61 49.59 6.28 20.17
C GLU F 61 48.26 6.59 20.85
N ALA F 62 47.16 6.50 20.10
CA ALA F 62 45.84 6.70 20.70
C ALA F 62 45.52 5.64 21.74
N PHE F 63 45.80 4.38 21.42
CA PHE F 63 45.46 3.30 22.34
C PHE F 63 46.44 3.27 23.51
N GLN F 64 45.89 3.12 24.71
CA GLN F 64 46.73 2.91 25.89
C GLN F 64 47.49 1.60 25.78
N GLU F 65 46.79 0.54 25.36
CA GLU F 65 47.40 -0.77 25.10
C GLU F 65 46.84 -1.29 23.79
N TYR F 66 47.70 -1.49 22.80
CA TYR F 66 47.30 -1.97 21.49
C TYR F 66 48.14 -3.19 21.13
N ARG F 67 47.46 -4.29 20.78
CA ARG F 67 48.13 -5.52 20.38
C ARG F 67 47.38 -6.13 19.21
N CYS F 68 48.10 -6.37 18.11
CA CYS F 68 47.53 -7.00 16.92
C CYS F 68 48.50 -8.07 16.45
N ASP F 69 48.14 -9.34 16.69
CA ASP F 69 49.04 -10.44 16.32
C ASP F 69 49.19 -10.57 14.82
N HIS F 70 48.08 -10.53 14.09
CA HIS F 70 48.07 -10.68 12.64
C HIS F 70 47.08 -9.68 12.06
N PRO F 71 47.25 -9.32 10.78
CA PRO F 71 46.26 -8.44 10.14
C PRO F 71 44.87 -9.04 10.18
N VAL F 72 43.89 -8.21 10.48
CA VAL F 72 42.51 -8.65 10.63
C VAL F 72 41.59 -7.55 10.07
N THR F 73 40.50 -7.98 9.44
CA THR F 73 39.52 -7.08 8.85
C THR F 73 38.21 -7.24 9.59
N LEU F 74 37.79 -6.19 10.29
CA LEU F 74 36.60 -6.22 11.14
C LEU F 74 35.53 -5.32 10.52
N GLY F 75 34.50 -5.93 9.94
CA GLY F 75 33.40 -5.19 9.34
C GLY F 75 32.21 -5.15 10.28
N MET F 76 31.55 -3.98 10.31
CA MET F 76 30.41 -3.79 11.20
C MET F 76 29.50 -2.72 10.63
N ASP F 77 28.30 -2.63 11.20
CA ASP F 77 27.33 -1.60 10.85
C ASP F 77 27.50 -0.42 11.81
N LEU F 78 27.62 0.78 11.25
CA LEU F 78 27.81 1.97 12.08
C LEU F 78 26.59 2.26 12.94
N THR F 79 25.39 1.97 12.41
CA THR F 79 24.17 2.23 13.16
C THR F 79 24.13 1.40 14.44
N SER F 80 24.50 0.13 14.36
CA SER F 80 24.52 -0.73 15.55
C SER F 80 25.72 -0.42 16.43
N LEU F 81 26.87 -0.15 15.82
CA LEU F 81 28.07 0.10 16.61
C LEU F 81 27.93 1.38 17.42
N SER F 82 27.34 2.43 16.83
CA SER F 82 27.11 3.66 17.58
C SER F 82 26.14 3.43 18.73
N LYS F 83 25.11 2.61 18.49
CA LYS F 83 24.20 2.22 19.56
C LYS F 83 24.97 1.54 20.69
N ILE F 84 25.91 0.68 20.34
CA ILE F 84 26.73 0.01 21.35
C ILE F 84 27.55 1.04 22.14
N LEU F 85 28.15 2.00 21.43
CA LEU F 85 28.96 3.02 22.09
C LEU F 85 28.14 3.93 23.01
N ARG F 86 26.88 4.21 22.68
CA ARG F 86 26.11 5.06 23.58
C ARG F 86 25.76 4.37 24.90
N CYS F 87 26.14 3.11 25.08
CA CYS F 87 25.93 2.38 26.32
C CYS F 87 27.08 2.51 27.30
N GLY F 88 27.95 3.50 27.14
CA GLY F 88 29.07 3.70 28.05
C GLY F 88 29.08 5.12 28.60
N ASN F 89 29.48 5.23 29.86
CA ASN F 89 29.62 6.54 30.49
C ASN F 89 30.90 7.22 30.02
N ASN F 90 31.03 8.51 30.35
CA ASN F 90 32.21 9.27 29.97
C ASN F 90 33.47 8.70 30.61
N THR F 91 33.38 8.34 31.90
CA THR F 91 34.53 7.88 32.67
C THR F 91 34.66 6.36 32.59
N ASP F 92 35.06 5.90 31.40
CA ASP F 92 35.35 4.49 31.18
C ASP F 92 36.50 4.37 30.19
N THR F 93 37.04 3.16 30.09
CA THR F 93 38.07 2.81 29.12
C THR F 93 37.55 1.71 28.22
N LEU F 94 37.58 1.94 26.91
CA LEU F 94 37.08 1.00 25.93
C LEU F 94 38.12 -0.07 25.63
N THR F 95 37.65 -1.27 25.31
CA THR F 95 38.52 -2.37 24.89
C THR F 95 37.88 -3.08 23.70
N LEU F 96 38.59 -3.10 22.58
CA LEU F 96 38.12 -3.81 21.39
C LEU F 96 38.80 -5.18 21.32
N ILE F 97 37.99 -6.23 21.28
CA ILE F 97 38.48 -7.60 21.29
C ILE F 97 37.97 -8.33 20.07
N ALA F 98 38.88 -9.01 19.37
CA ALA F 98 38.52 -9.83 18.22
C ALA F 98 39.38 -11.10 18.25
N ASP F 99 38.75 -12.23 17.99
CA ASP F 99 39.45 -13.51 18.03
C ASP F 99 40.33 -13.67 16.79
N ASN F 100 40.96 -14.85 16.68
CA ASN F 100 41.83 -15.12 15.54
C ASN F 100 41.05 -15.07 14.23
N THR F 101 39.93 -15.77 14.18
CA THR F 101 39.03 -15.66 13.04
C THR F 101 38.06 -14.51 13.27
N PRO F 102 38.00 -13.52 12.37
CA PRO F 102 37.16 -12.34 12.64
C PRO F 102 35.68 -12.68 12.70
N ASP F 103 35.10 -12.57 13.90
CA ASP F 103 33.68 -12.84 14.09
C ASP F 103 33.29 -12.32 15.48
N SER F 104 32.18 -11.59 15.57
CA SER F 104 31.58 -11.16 16.84
C SER F 104 32.59 -10.36 17.68
N ILE F 105 32.94 -9.18 17.16
CA ILE F 105 33.80 -8.27 17.90
C ILE F 105 33.19 -7.97 19.26
N ILE F 106 34.04 -7.85 20.27
CA ILE F 106 33.62 -7.62 21.65
C ILE F 106 34.10 -6.26 22.10
N LEU F 107 33.19 -5.45 22.62
CA LEU F 107 33.49 -4.13 23.16
C LEU F 107 33.32 -4.16 24.67
N LEU F 108 34.34 -3.70 25.39
CA LEU F 108 34.36 -3.76 26.85
C LEU F 108 34.45 -2.33 27.40
N PHE F 109 33.43 -1.93 28.15
CA PHE F 109 33.41 -0.64 28.85
C PHE F 109 33.71 -0.92 30.33
N GLU F 110 34.90 -0.55 30.76
CA GLU F 110 35.34 -0.84 32.12
C GLU F 110 35.73 0.43 32.86
N ASP F 111 35.25 0.54 34.10
CA ASP F 111 35.70 1.56 35.03
C ASP F 111 36.13 0.86 36.31
N THR F 112 37.33 1.16 36.79
CA THR F 112 37.88 0.48 37.95
C THR F 112 37.73 1.29 39.24
N LYS F 113 37.35 2.56 39.15
CA LYS F 113 37.11 3.34 40.36
C LYS F 113 35.88 2.83 41.09
N LYS F 114 34.79 2.62 40.36
CA LYS F 114 33.63 1.88 40.85
C LYS F 114 33.56 0.58 40.05
N ASP F 115 33.60 -0.55 40.75
CA ASP F 115 33.76 -1.83 40.07
C ASP F 115 32.51 -2.10 39.23
N ARG F 116 32.65 -1.94 37.92
CA ARG F 116 31.56 -2.16 36.97
C ARG F 116 32.16 -2.73 35.68
N ILE F 117 31.42 -3.64 35.07
CA ILE F 117 31.85 -4.28 33.82
C ILE F 117 30.70 -4.23 32.83
N ALA F 118 31.01 -3.84 31.60
CA ALA F 118 30.01 -3.76 30.53
C ALA F 118 30.58 -4.45 29.29
N GLU F 119 30.11 -5.65 29.01
CA GLU F 119 30.57 -6.44 27.87
C GLU F 119 29.49 -6.44 26.80
N TYR F 120 29.83 -5.93 25.61
CA TYR F 120 28.91 -5.87 24.49
C TYR F 120 29.54 -6.53 23.27
N SER F 121 28.69 -7.07 22.40
CA SER F 121 29.13 -7.79 21.21
C SER F 121 28.45 -7.22 19.97
N LEU F 122 29.13 -7.37 18.83
CA LEU F 122 28.59 -6.94 17.54
C LEU F 122 28.96 -7.98 16.49
N LYS F 123 27.96 -8.51 15.80
CA LYS F 123 28.19 -9.51 14.77
C LYS F 123 28.86 -8.87 13.56
N LEU F 124 29.94 -9.48 13.09
CA LEU F 124 30.62 -8.97 11.91
C LEU F 124 29.86 -9.34 10.64
N MET F 125 30.13 -8.57 9.58
CA MET F 125 29.48 -8.76 8.30
C MET F 125 30.51 -8.81 7.19
N ASP F 126 30.18 -9.57 6.14
CA ASP F 126 31.09 -9.77 5.01
C ASP F 126 30.86 -8.67 3.97
N ILE F 127 31.66 -7.62 4.04
CA ILE F 127 31.63 -6.54 3.07
C ILE F 127 32.75 -6.80 2.06
N ASP F 128 32.37 -7.01 0.80
CA ASP F 128 33.35 -7.43 -0.20
C ASP F 128 34.28 -6.30 -0.58
N ALA F 129 33.78 -5.06 -0.62
CA ALA F 129 34.59 -3.93 -1.07
C ALA F 129 35.74 -3.67 -0.11
N ASP F 130 36.95 -4.03 -0.52
CA ASP F 130 38.14 -3.78 0.28
C ASP F 130 39.25 -3.20 -0.60
N PHE F 131 38.91 -2.22 -1.44
CA PHE F 131 39.89 -1.66 -2.36
C PHE F 131 41.03 -0.94 -1.62
N LEU F 132 40.70 -0.13 -0.62
CA LEU F 132 41.71 0.54 0.22
C LEU F 132 42.72 1.32 -0.61
N LYS F 133 42.24 2.34 -1.33
CA LYS F 133 43.10 3.19 -2.14
C LYS F 133 42.77 4.66 -1.94
N ILE F 134 43.80 5.44 -1.62
CA ILE F 134 43.74 6.90 -1.66
C ILE F 134 44.96 7.38 -2.43
N GLU F 135 44.78 8.47 -3.18
CA GLU F 135 45.81 8.99 -4.06
C GLU F 135 46.29 10.34 -3.54
N GLU F 136 47.59 10.44 -3.28
CA GLU F 136 48.19 11.71 -2.85
C GLU F 136 48.43 12.58 -4.07
N LEU F 137 47.81 13.76 -4.09
CA LEU F 137 47.90 14.66 -5.22
C LEU F 137 48.41 16.03 -4.74
N GLN F 138 49.11 16.71 -5.65
CA GLN F 138 49.56 18.07 -5.40
C GLN F 138 48.39 18.99 -5.73
N TYR F 139 47.53 19.21 -4.74
CA TYR F 139 46.31 19.98 -4.94
C TYR F 139 46.65 21.44 -5.23
N ASP F 140 45.73 22.10 -5.95
CA ASP F 140 45.96 23.49 -6.35
C ASP F 140 45.95 24.44 -5.16
N SER F 141 45.23 24.11 -4.10
CA SER F 141 45.13 24.99 -2.94
C SER F 141 45.05 24.15 -1.68
N THR F 142 45.72 24.61 -0.63
CA THR F 142 45.71 23.97 0.68
C THR F 142 45.45 25.03 1.73
N LEU F 143 44.32 24.91 2.44
CA LEU F 143 43.92 25.89 3.43
C LEU F 143 43.58 25.19 4.74
N SER F 144 43.63 25.97 5.83
CA SER F 144 43.29 25.47 7.16
C SER F 144 42.57 26.56 7.93
N LEU F 145 41.42 26.20 8.50
CA LEU F 145 40.61 27.12 9.28
C LEU F 145 40.05 26.37 10.48
N PRO F 146 39.63 27.07 11.54
CA PRO F 146 38.99 26.39 12.66
C PRO F 146 37.74 25.64 12.21
N SER F 147 37.53 24.47 12.82
CA SER F 147 36.40 23.62 12.43
C SER F 147 35.07 24.28 12.74
N SER F 148 34.99 24.99 13.88
CA SER F 148 33.73 25.61 14.28
C SER F 148 33.28 26.67 13.28
N GLU F 149 34.21 27.51 12.82
CA GLU F 149 33.88 28.53 11.85
C GLU F 149 33.42 27.93 10.52
N PHE F 150 34.11 26.91 10.03
CA PHE F 150 33.72 26.26 8.79
C PHE F 150 32.35 25.60 8.91
N SER F 151 32.09 24.92 10.04
CA SER F 151 30.78 24.31 10.25
C SER F 151 29.68 25.36 10.34
N LYS F 152 29.95 26.48 11.01
CA LYS F 152 28.97 27.55 11.08
C LYS F 152 28.65 28.10 9.69
N ILE F 153 29.69 28.32 8.88
CA ILE F 153 29.48 28.84 7.52
C ILE F 153 28.67 27.84 6.71
N VAL F 154 29.01 26.55 6.80
CA VAL F 154 28.32 25.54 6.00
C VAL F 154 26.86 25.45 6.40
N ARG F 155 26.59 25.39 7.71
CA ARG F 155 25.21 25.26 8.17
C ARG F 155 24.41 26.54 7.94
N ASP F 156 25.07 27.69 7.86
CA ASP F 156 24.38 28.94 7.58
C ASP F 156 24.04 29.05 6.10
N LEU F 157 24.93 28.58 5.22
CA LEU F 157 24.69 28.67 3.79
C LEU F 157 23.87 27.51 3.23
N SER F 158 23.72 26.42 4.00
CA SER F 158 22.94 25.29 3.51
C SER F 158 21.45 25.59 3.46
N GLN F 159 20.99 26.61 4.19
CA GLN F 159 19.57 26.96 4.18
C GLN F 159 19.16 27.67 2.90
N LEU F 160 20.09 28.36 2.23
CA LEU F 160 19.74 29.11 1.03
C LEU F 160 19.50 28.19 -0.17
N SER F 161 20.34 27.18 -0.35
CA SER F 161 20.23 26.28 -1.50
C SER F 161 20.83 24.94 -1.13
N ASP F 162 20.79 24.00 -2.08
CA ASP F 162 21.36 22.68 -1.91
C ASP F 162 22.77 22.56 -2.49
N SER F 163 23.32 23.66 -3.02
CA SER F 163 24.64 23.65 -3.61
C SER F 163 25.45 24.81 -3.03
N ILE F 164 26.66 24.50 -2.55
CA ILE F 164 27.57 25.49 -2.00
C ILE F 164 28.80 25.55 -2.89
N ASN F 165 29.11 26.73 -3.39
CA ASN F 165 30.24 26.92 -4.29
C ASN F 165 31.39 27.58 -3.54
N ILE F 166 32.57 26.96 -3.64
CA ILE F 166 33.78 27.44 -2.96
C ILE F 166 34.75 27.94 -4.02
N MET F 167 35.23 29.17 -3.85
CA MET F 167 36.16 29.79 -4.78
C MET F 167 37.44 30.16 -4.05
N ILE F 168 38.58 29.78 -4.59
CA ILE F 168 39.88 30.08 -4.02
C ILE F 168 40.59 31.05 -4.95
N THR F 169 40.94 32.22 -4.43
CA THR F 169 41.58 33.25 -5.23
C THR F 169 42.76 33.77 -4.39
N LYS F 170 43.48 34.79 -4.83
CA LYS F 170 44.73 35.21 -4.21
C LYS F 170 44.42 35.78 -2.83
N GLU F 171 44.65 34.96 -1.79
CA GLU F 171 44.38 35.30 -0.39
C GLU F 171 42.91 35.70 -0.17
N THR F 172 41.99 35.03 -0.86
CA THR F 172 40.57 35.22 -0.63
C THR F 172 39.86 33.87 -0.75
N ILE F 173 39.05 33.55 0.26
CA ILE F 173 38.24 32.34 0.27
C ILE F 173 36.78 32.77 0.33
N LYS F 174 35.99 32.33 -0.65
CA LYS F 174 34.59 32.72 -0.76
C LYS F 174 33.71 31.47 -0.84
N PHE F 175 32.63 31.47 -0.05
CA PHE F 175 31.63 30.40 -0.06
C PHE F 175 30.34 31.02 -0.58
N VAL F 176 29.90 30.58 -1.77
CA VAL F 176 28.74 31.17 -2.44
C VAL F 176 27.61 30.17 -2.48
N ALA F 177 26.42 30.63 -2.10
CA ALA F 177 25.22 29.78 -2.13
C ALA F 177 24.07 30.62 -2.67
N ASP F 178 23.61 30.28 -3.87
CA ASP F 178 22.51 30.97 -4.53
C ASP F 178 21.31 30.03 -4.60
N GLY F 179 20.17 30.47 -4.05
CA GLY F 179 18.98 29.63 -4.03
C GLY F 179 17.73 30.31 -4.53
N ASP F 180 16.58 29.79 -4.14
CA ASP F 180 15.29 30.33 -4.58
C ASP F 180 14.83 31.50 -3.72
N ILE F 181 15.14 31.49 -2.42
CA ILE F 181 14.77 32.60 -1.54
C ILE F 181 15.77 33.74 -1.56
N GLY F 182 16.94 33.53 -2.17
CA GLY F 182 17.95 34.58 -2.22
C GLY F 182 19.32 33.98 -2.47
N SER F 183 20.34 34.74 -2.09
CA SER F 183 21.73 34.33 -2.27
C SER F 183 22.57 34.88 -1.14
N GLY F 184 23.76 34.31 -0.97
CA GLY F 184 24.67 34.76 0.07
C GLY F 184 26.08 34.31 -0.23
N SER F 185 27.04 35.08 0.25
CA SER F 185 28.45 34.79 0.01
C SER F 185 29.26 35.29 1.20
N VAL F 186 30.10 34.42 1.77
CA VAL F 186 30.94 34.75 2.91
C VAL F 186 32.37 34.89 2.42
N ILE F 187 32.98 36.03 2.71
CA ILE F 187 34.35 36.34 2.28
C ILE F 187 35.24 36.32 3.52
N ILE F 188 36.28 35.49 3.48
CA ILE F 188 37.29 35.43 4.53
C ILE F 188 38.66 35.49 3.89
N LYS F 189 39.64 35.95 4.67
CA LYS F 189 41.01 36.06 4.19
C LYS F 189 41.97 35.36 5.15
N PRO F 190 43.09 34.83 4.64
CA PRO F 190 44.04 34.16 5.53
C PRO F 190 44.80 35.13 6.43
N PHE F 191 44.48 35.10 7.72
CA PHE F 191 45.14 35.94 8.71
C PHE F 191 45.79 35.08 9.78
N VAL F 192 46.90 35.56 10.32
CA VAL F 192 47.65 34.87 11.36
C VAL F 192 47.62 35.71 12.63
N ASP F 193 47.15 35.11 13.73
CA ASP F 193 47.01 35.80 15.00
C ASP F 193 48.01 35.17 15.96
N MET F 194 48.96 35.96 16.44
CA MET F 194 49.98 35.44 17.34
C MET F 194 49.43 35.18 18.73
N GLU F 195 48.48 36.01 19.17
CA GLU F 195 47.93 35.86 20.52
C GLU F 195 47.19 34.54 20.67
N HIS F 196 46.32 34.23 19.72
CA HIS F 196 45.60 32.95 19.70
C HIS F 196 45.90 32.25 18.39
N PRO F 197 46.86 31.32 18.35
CA PRO F 197 47.14 30.61 17.09
C PRO F 197 45.99 29.76 16.60
N GLU F 198 45.10 29.31 17.49
CA GLU F 198 44.04 28.40 17.09
C GLU F 198 43.02 29.07 16.18
N THR F 199 42.84 30.38 16.32
CA THR F 199 41.84 31.12 15.56
C THR F 199 42.36 31.55 14.18
N SER F 200 43.65 31.35 13.91
CA SER F 200 44.25 31.80 12.66
C SER F 200 43.72 30.99 11.49
N ILE F 201 43.87 31.54 10.28
CA ILE F 201 43.43 30.89 9.05
C ILE F 201 44.59 30.93 8.07
N LYS F 202 44.97 29.77 7.56
CA LYS F 202 46.06 29.63 6.60
C LYS F 202 45.52 29.27 5.23
N LEU F 203 46.24 29.69 4.18
CA LEU F 203 45.82 29.38 2.82
C LEU F 203 47.05 29.47 1.92
N GLU F 204 47.42 28.33 1.32
CA GLU F 204 48.52 28.26 0.35
C GLU F 204 47.91 27.87 -0.99
N MET F 205 47.91 28.80 -1.94
CA MET F 205 47.25 28.61 -3.22
C MET F 205 48.27 28.66 -4.35
N ASP F 206 48.11 27.75 -5.31
CA ASP F 206 48.90 27.76 -6.54
C ASP F 206 48.15 28.29 -7.74
N GLN F 207 46.96 27.77 -8.02
CA GLN F 207 46.12 28.21 -9.12
C GLN F 207 44.72 28.52 -8.58
N PRO F 208 43.99 29.43 -9.20
CA PRO F 208 42.61 29.68 -8.76
C PRO F 208 41.75 28.43 -8.88
N VAL F 209 40.82 28.28 -7.94
CA VAL F 209 40.00 27.08 -7.81
C VAL F 209 38.53 27.49 -7.82
N ASP F 210 37.72 26.73 -8.56
CA ASP F 210 36.29 27.03 -8.69
C ASP F 210 35.53 25.73 -8.90
N LEU F 211 34.75 25.32 -7.90
CA LEU F 211 33.92 24.13 -8.00
C LEU F 211 32.81 24.21 -6.96
N THR F 212 31.76 23.42 -7.16
CA THR F 212 30.60 23.43 -6.29
C THR F 212 30.38 22.05 -5.68
N PHE F 213 29.91 22.04 -4.44
CA PHE F 213 29.62 20.81 -3.71
C PHE F 213 28.15 20.79 -3.31
N GLY F 214 27.73 19.65 -2.75
CA GLY F 214 26.37 19.53 -2.28
C GLY F 214 26.21 19.93 -0.82
N ALA F 215 25.03 20.45 -0.49
CA ALA F 215 24.77 20.89 0.87
C ALA F 215 24.66 19.73 1.85
N LYS F 216 24.00 18.64 1.44
CA LYS F 216 23.81 17.50 2.34
C LYS F 216 25.14 16.87 2.72
N TYR F 217 26.02 16.65 1.73
CA TYR F 217 27.31 16.04 2.03
C TYR F 217 28.21 16.98 2.81
N LEU F 218 28.14 18.28 2.53
CA LEU F 218 28.93 19.24 3.32
C LEU F 218 28.46 19.27 4.77
N LEU F 219 27.15 19.27 4.99
CA LEU F 219 26.61 19.20 6.34
C LEU F 219 26.98 17.90 7.04
N ASP F 220 27.04 16.80 6.29
CA ASP F 220 27.50 15.53 6.85
C ASP F 220 28.97 15.57 7.21
N ILE F 221 29.78 16.26 6.40
CA ILE F 221 31.21 16.37 6.66
C ILE F 221 31.46 17.19 7.93
N ILE F 222 30.73 18.30 8.09
CA ILE F 222 30.96 19.18 9.23
C ILE F 222 30.54 18.53 10.55
N LYS F 223 29.93 17.34 10.47
CA LYS F 223 29.67 16.58 11.70
C LYS F 223 30.95 16.08 12.35
N GLY F 224 32.06 16.06 11.62
CA GLY F 224 33.35 15.68 12.16
C GLY F 224 34.10 16.78 12.89
N SER F 225 33.48 17.95 13.04
CA SER F 225 34.13 19.05 13.74
C SER F 225 34.33 18.78 15.22
N SER F 226 33.67 17.76 15.77
CA SER F 226 33.81 17.42 17.18
C SER F 226 35.09 16.64 17.48
N LEU F 227 35.85 16.27 16.46
CA LEU F 227 37.11 15.54 16.66
C LEU F 227 38.28 16.50 16.87
N SER F 228 38.52 17.38 15.92
CA SER F 228 39.62 18.33 15.99
C SER F 228 39.09 19.76 15.93
N ASP F 229 39.83 20.67 16.55
CA ASP F 229 39.44 22.07 16.59
C ASP F 229 39.75 22.82 15.31
N ARG F 230 40.59 22.26 14.44
CA ARG F 230 40.94 22.88 13.17
C ARG F 230 40.81 21.85 12.06
N VAL F 231 40.31 22.29 10.91
CA VAL F 231 40.13 21.41 9.75
C VAL F 231 40.95 21.98 8.59
N GLY F 232 41.66 21.09 7.91
CA GLY F 232 42.42 21.44 6.71
C GLY F 232 41.66 21.00 5.47
N ILE F 233 41.57 21.91 4.50
CA ILE F 233 40.80 21.67 3.28
C ILE F 233 41.72 21.93 2.09
N ARG F 234 41.87 20.93 1.23
CA ARG F 234 42.76 21.00 0.08
C ARG F 234 41.93 20.86 -1.20
N LEU F 235 42.16 21.74 -2.16
CA LEU F 235 41.35 21.82 -3.36
C LEU F 235 42.22 21.71 -4.61
N SER F 236 41.66 21.14 -5.67
CA SER F 236 42.35 21.03 -6.95
C SER F 236 41.32 21.00 -8.07
N SER F 237 41.79 21.28 -9.28
CA SER F 237 40.94 21.37 -10.46
C SER F 237 40.45 19.97 -10.84
N GLU F 238 39.14 19.74 -10.69
CA GLU F 238 38.51 18.46 -10.99
C GLU F 238 39.21 17.31 -10.25
N ALA F 239 39.36 17.51 -8.95
CA ALA F 239 39.96 16.50 -8.08
C ALA F 239 39.13 16.42 -6.81
N PRO F 240 39.11 15.27 -6.14
CA PRO F 240 38.29 15.13 -4.93
C PRO F 240 38.77 16.07 -3.83
N ALA F 241 37.87 16.96 -3.40
CA ALA F 241 38.18 17.84 -2.28
C ALA F 241 38.45 17.02 -1.03
N LEU F 242 39.55 17.34 -0.35
CA LEU F 242 40.02 16.56 0.79
C LEU F 242 39.70 17.32 2.06
N PHE F 243 38.74 16.81 2.84
CA PHE F 243 38.33 17.43 4.09
C PHE F 243 38.97 16.62 5.22
N GLN F 244 40.04 17.16 5.80
CA GLN F 244 40.91 16.41 6.70
C GLN F 244 40.75 16.92 8.13
N PHE F 245 40.46 16.00 9.05
CA PHE F 245 40.45 16.28 10.49
C PHE F 245 41.57 15.49 11.12
N ASP F 246 42.58 16.19 11.62
CA ASP F 246 43.79 15.56 12.16
C ASP F 246 43.56 15.19 13.62
N LEU F 247 43.80 13.92 13.95
CA LEU F 247 43.72 13.45 15.32
C LEU F 247 45.11 13.44 15.95
N LYS F 248 45.17 13.04 17.22
CA LYS F 248 46.45 13.00 17.92
C LYS F 248 47.39 11.99 17.31
N SER F 249 46.89 10.80 16.96
CA SER F 249 47.70 9.76 16.37
C SER F 249 47.47 9.57 14.88
N GLY F 250 46.44 10.18 14.32
CA GLY F 250 46.13 9.99 12.92
C GLY F 250 45.23 11.08 12.36
N PHE F 251 44.29 10.69 11.50
CA PHE F 251 43.48 11.65 10.79
C PHE F 251 42.17 11.00 10.34
N LEU F 252 41.20 11.85 10.01
CA LEU F 252 39.94 11.43 9.40
C LEU F 252 39.68 12.35 8.21
N GLN F 253 39.64 11.76 7.02
CA GLN F 253 39.55 12.52 5.77
C GLN F 253 38.25 12.22 5.06
N PHE F 254 37.60 13.27 4.58
CA PHE F 254 36.40 13.16 3.75
C PHE F 254 36.77 13.59 2.33
N PHE F 255 36.64 12.67 1.37
CA PHE F 255 36.93 12.94 -0.03
C PHE F 255 35.59 13.20 -0.75
N LEU F 256 35.29 14.47 -0.98
CA LEU F 256 34.07 14.88 -1.66
C LEU F 256 34.27 14.95 -3.16
N ALA F 257 33.22 14.60 -3.90
CA ALA F 257 33.20 14.72 -5.35
C ALA F 257 32.33 15.89 -5.75
N PRO F 258 32.88 16.89 -6.45
CA PRO F 258 32.08 18.07 -6.79
C PRO F 258 31.00 17.75 -7.80
N LYS F 259 30.15 18.74 -8.05
CA LYS F 259 29.11 18.61 -9.06
C LYS F 259 29.67 18.94 -10.45
N PHE F 260 28.85 18.68 -11.45
CA PHE F 260 29.21 18.93 -12.84
C PHE F 260 28.64 20.29 -13.25
N ASN F 261 29.48 21.12 -13.86
CA ASN F 261 29.07 22.45 -14.30
C ASN F 261 28.02 22.37 -15.40
N MET G 7 18.13 54.86 -3.84
CA MET G 7 18.97 53.91 -3.13
C MET G 7 18.75 54.03 -1.62
N LEU G 8 19.43 53.18 -0.86
CA LEU G 8 19.31 53.20 0.59
C LEU G 8 20.50 52.49 1.19
N GLU G 9 21.18 53.13 2.13
CA GLU G 9 22.32 52.55 2.85
C GLU G 9 22.13 52.78 4.34
N ALA G 10 21.44 51.83 5.00
CA ALA G 10 21.14 51.95 6.41
C ALA G 10 22.03 51.01 7.21
N LYS G 11 22.81 51.57 8.14
CA LYS G 11 23.78 50.83 8.94
C LYS G 11 23.31 50.78 10.40
N PHE G 12 23.02 49.58 10.88
CA PHE G 12 22.63 49.40 12.27
C PHE G 12 23.86 49.34 13.19
N GLU G 13 23.69 49.77 14.44
CA GLU G 13 24.74 49.57 15.43
C GLU G 13 25.00 48.09 15.67
N GLU G 14 23.94 47.30 15.78
CA GLU G 14 24.06 45.88 16.09
C GLU G 14 23.00 45.09 15.34
N ALA G 15 23.33 43.82 15.05
CA ALA G 15 22.43 42.93 14.33
C ALA G 15 21.51 42.14 15.25
N SER G 16 21.87 41.98 16.53
CA SER G 16 21.00 41.29 17.47
C SER G 16 19.68 42.03 17.66
N LEU G 17 19.70 43.37 17.57
CA LEU G 17 18.48 44.15 17.73
C LEU G 17 17.47 43.81 16.62
N PHE G 18 17.91 43.86 15.36
CA PHE G 18 17.04 43.49 14.26
C PHE G 18 16.65 42.02 14.33
N LYS G 19 17.58 41.17 14.74
CA LYS G 19 17.28 39.75 14.86
C LYS G 19 16.13 39.51 15.84
N ARG G 20 16.22 40.11 17.03
CA ARG G 20 15.16 39.95 18.02
C ARG G 20 13.87 40.62 17.57
N ILE G 21 13.97 41.75 16.87
CA ILE G 21 12.75 42.42 16.39
C ILE G 21 12.01 41.52 15.42
N ILE G 22 12.71 40.96 14.44
CA ILE G 22 12.06 40.08 13.47
C ILE G 22 11.58 38.80 14.15
N ASP G 23 12.34 38.29 15.13
CA ASP G 23 11.87 37.15 15.91
C ASP G 23 10.63 37.47 16.73
N GLY G 24 10.36 38.76 16.97
CA GLY G 24 9.20 39.13 17.77
C GLY G 24 7.89 38.77 17.09
N PHE G 25 7.75 39.07 15.80
CA PHE G 25 6.49 38.90 15.11
C PHE G 25 6.64 38.13 13.80
N LYS G 26 7.35 37.00 13.83
CA LYS G 26 7.39 36.12 12.68
C LYS G 26 6.40 34.97 12.79
N ASP G 27 5.85 34.72 13.97
CA ASP G 27 4.91 33.63 14.18
C ASP G 27 3.46 34.07 14.00
N CYS G 28 3.22 35.34 13.71
CA CYS G 28 1.88 35.87 13.49
C CYS G 28 1.63 36.26 12.05
N VAL G 29 2.49 37.10 11.48
CA VAL G 29 2.37 37.52 10.09
C VAL G 29 3.56 36.96 9.32
N GLN G 30 3.31 36.59 8.07
CA GLN G 30 4.34 36.01 7.22
C GLN G 30 4.93 36.99 6.22
N LEU G 31 4.20 38.03 5.85
CA LEU G 31 4.66 38.97 4.83
C LEU G 31 4.39 40.39 5.31
N VAL G 32 5.40 41.25 5.19
CA VAL G 32 5.33 42.63 5.69
C VAL G 32 5.92 43.56 4.64
N ASN G 33 5.28 44.71 4.47
CA ASN G 33 5.79 45.78 3.61
C ASN G 33 6.54 46.78 4.48
N PHE G 34 7.81 47.00 4.18
CA PHE G 34 8.66 47.92 4.92
C PHE G 34 8.73 49.25 4.17
N GLN G 35 8.06 50.27 4.70
CA GLN G 35 8.08 51.60 4.10
C GLN G 35 9.26 52.37 4.66
N CYS G 36 10.28 52.59 3.83
CA CYS G 36 11.50 53.29 4.24
C CYS G 36 11.40 54.74 3.79
N LYS G 37 11.19 55.63 4.75
CA LYS G 37 11.06 57.06 4.51
C LYS G 37 12.16 57.78 5.30
N GLU G 38 12.32 59.08 5.01
CA GLU G 38 13.42 59.84 5.61
C GLU G 38 13.37 59.85 7.14
N ASP G 39 12.20 59.62 7.73
CA ASP G 39 12.13 59.47 9.19
C ASP G 39 12.68 58.12 9.64
N GLY G 40 12.56 57.10 8.81
CA GLY G 40 13.02 55.77 9.17
C GLY G 40 12.25 54.72 8.38
N ILE G 41 12.08 53.56 9.00
CA ILE G 41 11.37 52.46 8.35
C ILE G 41 10.09 52.15 9.09
N ILE G 42 8.98 52.77 8.67
CA ILE G 42 7.67 52.40 9.19
C ILE G 42 7.14 51.20 8.42
N ALA G 43 6.50 50.27 9.12
CA ALA G 43 6.01 49.06 8.49
C ALA G 43 4.74 48.59 9.19
N GLN G 44 3.74 48.23 8.40
CA GLN G 44 2.52 47.62 8.93
C GLN G 44 2.01 46.58 7.95
N ALA G 45 1.55 45.45 8.48
CA ALA G 45 1.00 44.38 7.67
C ALA G 45 -0.13 43.69 8.43
N VAL G 46 -1.16 43.29 7.69
CA VAL G 46 -2.29 42.61 8.30
C VAL G 46 -1.98 41.13 8.50
N ASP G 47 -2.45 40.58 9.61
CA ASP G 47 -2.37 39.15 9.84
C ASP G 47 -3.25 38.40 8.83
N ASP G 48 -2.87 37.15 8.56
CA ASP G 48 -3.63 36.35 7.59
C ASP G 48 -5.07 36.19 8.03
N SER G 49 -5.31 36.03 9.34
CA SER G 49 -6.67 35.96 9.85
C SER G 49 -7.36 37.32 9.86
N ARG G 50 -6.62 38.39 9.58
CA ARG G 50 -7.14 39.76 9.57
C ARG G 50 -7.71 40.16 10.93
N VAL G 51 -7.08 39.70 12.00
CA VAL G 51 -7.49 40.01 13.37
C VAL G 51 -6.43 40.84 14.10
N LEU G 52 -5.19 40.81 13.65
CA LEU G 52 -4.12 41.53 14.32
C LEU G 52 -3.34 42.35 13.30
N LEU G 53 -2.92 43.54 13.72
CA LEU G 53 -2.13 44.43 12.88
C LEU G 53 -0.86 44.80 13.64
N VAL G 54 0.28 44.65 12.97
CA VAL G 54 1.58 44.92 13.55
C VAL G 54 2.15 46.16 12.89
N SER G 55 2.38 47.20 13.68
CA SER G 55 2.95 48.44 13.21
C SER G 55 4.32 48.64 13.83
N LEU G 56 5.34 48.78 12.98
CA LEU G 56 6.71 48.92 13.44
C LEU G 56 7.34 50.16 12.81
N GLU G 57 7.95 50.99 13.65
CA GLU G 57 8.69 52.16 13.19
C GLU G 57 10.06 52.16 13.86
N ILE G 58 11.10 52.45 13.10
CA ILE G 58 12.46 52.56 13.61
C ILE G 58 13.06 53.84 13.04
N GLY G 59 13.35 54.79 13.92
CA GLY G 59 13.80 56.10 13.48
C GLY G 59 15.26 56.12 13.07
N VAL G 60 15.64 57.25 12.46
CA VAL G 60 17.02 57.47 12.02
C VAL G 60 18.00 57.45 13.18
N GLU G 61 17.57 57.91 14.36
CA GLU G 61 18.46 57.92 15.52
C GLU G 61 18.99 56.52 15.83
N ALA G 62 18.21 55.48 15.51
CA ALA G 62 18.70 54.12 15.68
C ALA G 62 19.88 53.83 14.75
N PHE G 63 19.83 54.34 13.52
CA PHE G 63 20.87 54.05 12.55
C PHE G 63 22.11 54.89 12.79
N GLN G 64 23.29 54.29 12.60
CA GLN G 64 24.53 55.06 12.60
C GLN G 64 24.59 56.02 11.43
N GLU G 65 24.20 55.55 10.25
CA GLU G 65 24.16 56.36 9.04
C GLU G 65 23.04 55.85 8.16
N TYR G 66 21.99 56.66 8.01
CA TYR G 66 20.84 56.30 7.19
C TYR G 66 20.74 57.31 6.05
N ARG G 67 20.71 56.82 4.82
CA ARG G 67 20.67 57.66 3.63
C ARG G 67 19.63 57.09 2.68
N CYS G 68 18.71 57.93 2.23
CA CYS G 68 17.67 57.53 1.28
C CYS G 68 17.51 58.62 0.24
N ASP G 69 17.46 58.23 -1.03
CA ASP G 69 17.28 59.16 -2.14
C ASP G 69 15.81 59.33 -2.51
N HIS G 70 15.12 58.24 -2.81
CA HIS G 70 13.71 58.27 -3.16
C HIS G 70 12.95 57.27 -2.30
N PRO G 71 11.72 57.59 -1.86
CA PRO G 71 10.93 56.61 -1.13
C PRO G 71 10.63 55.38 -1.99
N VAL G 72 10.84 54.21 -1.41
CA VAL G 72 10.60 52.95 -2.10
C VAL G 72 9.97 51.97 -1.12
N THR G 73 9.31 50.94 -1.66
CA THR G 73 8.64 49.93 -0.86
C THR G 73 9.50 48.67 -0.80
N LEU G 74 9.58 48.07 0.38
CA LEU G 74 10.36 46.87 0.61
C LEU G 74 9.42 45.76 1.09
N GLY G 75 9.05 44.86 0.17
CA GLY G 75 8.24 43.71 0.52
C GLY G 75 9.11 42.50 0.78
N MET G 76 9.02 41.97 2.00
CA MET G 76 9.94 40.94 2.46
C MET G 76 9.16 39.80 3.11
N ASP G 77 9.78 38.63 3.12
CA ASP G 77 9.22 37.45 3.77
C ASP G 77 9.91 37.30 5.11
N LEU G 78 9.12 37.11 6.17
CA LEU G 78 9.66 37.14 7.52
C LEU G 78 10.57 35.94 7.80
N THR G 79 10.23 34.77 7.27
CA THR G 79 11.04 33.58 7.53
C THR G 79 12.42 33.71 6.89
N SER G 80 12.48 34.19 5.65
CA SER G 80 13.76 34.37 4.99
C SER G 80 14.61 35.44 5.68
N LEU G 81 13.98 36.53 6.12
CA LEU G 81 14.70 37.55 6.89
C LEU G 81 15.24 36.98 8.19
N SER G 82 14.43 36.18 8.89
CA SER G 82 14.90 35.55 10.12
C SER G 82 16.09 34.64 9.86
N LYS G 83 16.04 33.88 8.76
CA LYS G 83 17.17 33.02 8.41
C LYS G 83 18.42 33.84 8.13
N ILE G 84 18.28 34.94 7.38
CA ILE G 84 19.45 35.76 7.04
C ILE G 84 20.04 36.40 8.29
N LEU G 85 19.20 36.89 9.20
CA LEU G 85 19.73 37.45 10.44
C LEU G 85 20.35 36.38 11.32
N ARG G 86 19.81 35.15 11.27
CA ARG G 86 20.46 34.04 11.95
C ARG G 86 21.83 33.75 11.37
N CYS G 87 22.01 34.00 10.07
CA CYS G 87 23.30 33.78 9.43
C CYS G 87 24.39 34.71 9.99
N GLY G 88 24.03 35.89 10.47
CA GLY G 88 25.01 36.82 10.96
C GLY G 88 25.29 36.65 12.45
N ASN G 89 26.47 37.11 12.87
CA ASN G 89 26.85 37.06 14.27
C ASN G 89 26.28 38.25 15.03
N ASN G 90 26.41 38.19 16.36
CA ASN G 90 25.78 39.20 17.20
C ASN G 90 26.43 40.57 17.07
N THR G 91 27.76 40.61 16.95
CA THR G 91 28.50 41.87 17.04
C THR G 91 28.69 42.58 15.71
N ASP G 92 28.21 42.02 14.61
CA ASP G 92 28.40 42.67 13.32
C ASP G 92 27.50 43.90 13.20
N THR G 93 27.88 44.80 12.28
CA THR G 93 27.07 45.94 11.91
C THR G 93 26.34 45.60 10.62
N LEU G 94 25.01 45.48 10.69
CA LEU G 94 24.21 45.05 9.56
C LEU G 94 23.82 46.27 8.72
N THR G 95 24.22 46.25 7.46
CA THR G 95 23.96 47.35 6.53
C THR G 95 22.99 46.88 5.45
N LEU G 96 21.87 47.57 5.31
CA LEU G 96 20.88 47.27 4.28
C LEU G 96 21.17 48.14 3.07
N ILE G 97 21.44 47.52 1.94
CA ILE G 97 21.75 48.22 0.69
C ILE G 97 20.71 47.82 -0.35
N ALA G 98 20.10 48.82 -0.98
CA ALA G 98 19.12 48.61 -2.04
C ALA G 98 19.45 49.51 -3.23
N ASP G 99 19.25 48.97 -4.43
CA ASP G 99 19.51 49.71 -5.65
C ASP G 99 18.20 50.29 -6.19
N ASN G 100 18.29 50.99 -7.33
CA ASN G 100 17.10 51.51 -7.98
C ASN G 100 16.27 50.37 -8.57
N THR G 101 14.96 50.54 -8.52
CA THR G 101 14.01 49.48 -8.86
C THR G 101 14.38 48.19 -8.12
N PRO G 102 14.25 48.17 -6.80
CA PRO G 102 14.82 47.07 -6.02
C PRO G 102 14.13 45.75 -6.30
N ASP G 103 14.93 44.74 -6.60
CA ASP G 103 14.47 43.36 -6.68
C ASP G 103 15.00 42.48 -5.56
N SER G 104 16.07 42.89 -4.88
CA SER G 104 16.62 42.15 -3.76
C SER G 104 17.28 43.13 -2.81
N ILE G 105 17.42 42.71 -1.55
CA ILE G 105 18.03 43.53 -0.50
C ILE G 105 19.38 42.92 -0.15
N ILE G 106 20.42 43.75 -0.15
CA ILE G 106 21.79 43.28 0.10
C ILE G 106 22.10 43.57 1.56
N LEU G 107 21.86 42.56 2.42
CA LEU G 107 22.25 42.66 3.80
C LEU G 107 23.77 42.50 3.93
N LEU G 108 24.39 43.37 4.74
CA LEU G 108 25.84 43.44 4.85
C LEU G 108 26.24 43.27 6.31
N PHE G 109 26.50 42.02 6.72
CA PHE G 109 27.11 41.78 8.01
C PHE G 109 28.61 41.98 7.92
N GLU G 110 29.15 42.79 8.82
CA GLU G 110 30.57 43.11 8.79
C GLU G 110 31.07 43.36 10.21
N ASP G 111 32.25 42.82 10.51
CA ASP G 111 32.87 42.94 11.82
C ASP G 111 34.14 43.78 11.69
N THR G 112 34.28 44.77 12.57
CA THR G 112 35.46 45.64 12.52
C THR G 112 36.70 44.96 13.11
N LYS G 113 36.50 44.02 14.04
CA LYS G 113 37.64 43.34 14.66
C LYS G 113 38.43 42.55 13.63
N LYS G 114 37.74 41.70 12.87
CA LYS G 114 38.33 40.99 11.74
C LYS G 114 38.04 41.76 10.45
N ASP G 115 38.32 41.14 9.31
CA ASP G 115 37.96 41.72 8.02
C ASP G 115 36.98 40.80 7.29
N ARG G 116 36.26 39.96 8.03
CA ARG G 116 35.26 39.10 7.42
C ARG G 116 34.06 39.93 6.99
N ILE G 117 33.66 39.80 5.72
CA ILE G 117 32.50 40.48 5.18
C ILE G 117 31.57 39.42 4.58
N ALA G 118 30.33 39.40 5.05
CA ALA G 118 29.33 38.45 4.57
C ALA G 118 28.15 39.23 4.01
N GLU G 119 27.85 39.04 2.73
CA GLU G 119 26.75 39.70 2.07
C GLU G 119 25.70 38.66 1.69
N TYR G 120 24.47 38.87 2.14
CA TYR G 120 23.35 38.01 1.80
C TYR G 120 22.30 38.85 1.08
N SER G 121 21.83 38.35 -0.07
CA SER G 121 20.83 39.03 -0.87
C SER G 121 19.49 38.34 -0.69
N LEU G 122 18.50 39.09 -0.22
CA LEU G 122 17.14 38.58 -0.05
C LEU G 122 16.25 39.08 -1.17
N LYS G 123 15.72 38.16 -1.96
CA LYS G 123 14.81 38.53 -3.04
C LYS G 123 13.55 39.16 -2.46
N LEU G 124 13.14 40.27 -3.04
CA LEU G 124 12.08 41.11 -2.49
C LEU G 124 10.73 40.55 -2.89
N MET G 125 9.86 40.34 -1.91
CA MET G 125 8.55 39.78 -2.17
C MET G 125 7.59 40.87 -2.63
N ASP G 126 6.72 40.52 -3.58
CA ASP G 126 5.76 41.47 -4.14
C ASP G 126 4.46 41.33 -3.37
N ILE G 127 4.20 42.24 -2.45
CA ILE G 127 3.01 42.22 -1.61
C ILE G 127 2.14 43.42 -2.00
N ASP G 128 0.86 43.14 -2.31
CA ASP G 128 -0.10 44.17 -2.67
C ASP G 128 -1.14 44.27 -1.55
N ALA G 129 -1.11 45.37 -0.81
CA ALA G 129 -2.06 45.60 0.27
C ALA G 129 -2.21 47.09 0.48
N ASP G 130 -3.39 47.50 0.94
CA ASP G 130 -3.67 48.91 1.16
C ASP G 130 -2.96 49.41 2.41
N PHE G 131 -2.48 50.65 2.34
CA PHE G 131 -1.86 51.32 3.48
C PHE G 131 -2.96 51.98 4.30
N LEU G 132 -3.70 51.14 5.02
CA LEU G 132 -4.81 51.63 5.84
C LEU G 132 -4.30 52.56 6.93
N LYS G 133 -4.98 53.68 7.10
CA LYS G 133 -4.53 54.72 8.03
C LYS G 133 -4.89 54.36 9.46
N ILE G 134 -4.07 54.85 10.39
CA ILE G 134 -4.22 54.58 11.81
C ILE G 134 -4.42 55.91 12.52
N GLU G 135 -5.52 56.02 13.27
CA GLU G 135 -5.85 57.24 14.00
C GLU G 135 -6.07 56.89 15.47
N GLU G 136 -5.42 57.65 16.35
CA GLU G 136 -5.55 57.39 17.78
C GLU G 136 -6.88 57.91 18.32
N LEU G 137 -7.33 57.29 19.39
CA LEU G 137 -8.56 57.68 20.07
C LEU G 137 -8.33 57.64 21.58
N GLN G 138 -9.22 58.31 22.31
CA GLN G 138 -9.14 58.25 23.77
C GLN G 138 -9.35 56.83 24.26
N TYR G 139 -8.44 56.37 25.12
CA TYR G 139 -8.51 55.03 25.69
C TYR G 139 -8.97 55.12 27.13
N ASP G 140 -9.97 54.29 27.47
CA ASP G 140 -10.47 54.27 28.84
C ASP G 140 -9.40 53.79 29.82
N SER G 141 -8.61 52.81 29.40
CA SER G 141 -7.60 52.20 30.26
C SER G 141 -6.25 52.22 29.56
N THR G 142 -5.27 52.88 30.17
CA THR G 142 -3.88 52.85 29.72
C THR G 142 -3.06 52.15 30.80
N LEU G 143 -2.43 51.04 30.44
CA LEU G 143 -1.79 50.15 31.40
C LEU G 143 -0.37 49.81 30.96
N SER G 144 0.54 49.77 31.95
CA SER G 144 1.92 49.36 31.75
C SER G 144 2.31 48.36 32.83
N LEU G 145 2.84 47.21 32.42
CA LEU G 145 3.23 46.13 33.31
C LEU G 145 4.63 45.66 32.93
N PRO G 146 5.34 44.99 33.85
CA PRO G 146 6.55 44.27 33.43
C PRO G 146 6.22 43.23 32.37
N SER G 147 7.09 43.14 31.37
CA SER G 147 6.80 42.28 30.22
C SER G 147 6.87 40.81 30.59
N SER G 148 7.82 40.43 31.46
CA SER G 148 7.99 39.03 31.81
C SER G 148 6.75 38.47 32.52
N GLU G 149 6.20 39.24 33.46
CA GLU G 149 5.00 38.80 34.16
C GLU G 149 3.84 38.65 33.18
N PHE G 150 3.70 39.60 32.25
CA PHE G 150 2.62 39.57 31.27
C PHE G 150 2.73 38.32 30.40
N SER G 151 3.92 38.05 29.88
CA SER G 151 4.13 36.84 29.07
C SER G 151 3.84 35.60 29.89
N LYS G 152 4.29 35.57 31.15
CA LYS G 152 4.09 34.40 31.99
C LYS G 152 2.61 34.13 32.22
N ILE G 153 1.82 35.17 32.53
CA ILE G 153 0.42 34.95 32.84
C ILE G 153 -0.36 34.53 31.59
N VAL G 154 -0.04 35.14 30.44
CA VAL G 154 -0.71 34.73 29.21
C VAL G 154 -0.39 33.28 28.88
N ARG G 155 0.90 32.91 28.97
CA ARG G 155 1.28 31.53 28.69
C ARG G 155 0.61 30.57 29.67
N ASP G 156 0.46 30.98 30.93
CA ASP G 156 -0.15 30.13 31.94
C ASP G 156 -1.61 29.87 31.64
N LEU G 157 -2.38 30.93 31.36
CA LEU G 157 -3.82 30.75 31.15
C LEU G 157 -4.12 30.16 29.78
N SER G 158 -3.20 30.31 28.82
CA SER G 158 -3.48 29.79 27.48
C SER G 158 -3.55 28.27 27.46
N GLN G 159 -2.92 27.61 28.44
CA GLN G 159 -3.01 26.15 28.52
C GLN G 159 -4.44 25.70 28.77
N LEU G 160 -5.17 26.43 29.62
CA LEU G 160 -6.52 26.03 29.97
C LEU G 160 -7.50 26.25 28.82
N SER G 161 -7.43 27.40 28.17
CA SER G 161 -8.43 27.78 27.17
C SER G 161 -7.80 28.65 26.11
N ASP G 162 -8.60 28.95 25.08
CA ASP G 162 -8.20 29.79 23.97
C ASP G 162 -8.69 31.22 24.09
N SER G 163 -9.23 31.60 25.25
CA SER G 163 -9.76 32.94 25.47
C SER G 163 -9.10 33.57 26.68
N ILE G 164 -8.74 34.84 26.56
CA ILE G 164 -8.18 35.63 27.65
C ILE G 164 -9.12 36.80 27.89
N ASN G 165 -9.64 36.91 29.10
CA ASN G 165 -10.62 37.93 29.46
C ASN G 165 -9.95 38.94 30.38
N ILE G 166 -9.84 40.18 29.91
CA ILE G 166 -9.17 41.25 30.65
C ILE G 166 -10.28 42.08 31.31
N MET G 167 -10.48 41.86 32.60
CA MET G 167 -11.47 42.61 33.38
C MET G 167 -10.73 43.55 34.33
N ILE G 168 -10.60 44.82 33.94
CA ILE G 168 -9.99 45.80 34.81
C ILE G 168 -11.04 46.46 35.68
N THR G 169 -11.13 46.00 36.93
CA THR G 169 -11.99 46.64 37.92
C THR G 169 -11.21 47.81 38.55
N LYS G 170 -11.91 48.58 39.39
CA LYS G 170 -11.29 49.72 40.05
C LYS G 170 -10.04 49.29 40.80
N GLU G 171 -8.88 49.79 40.33
CA GLU G 171 -7.59 49.43 40.91
C GLU G 171 -7.38 47.93 40.97
N THR G 172 -7.78 47.24 39.90
CA THR G 172 -7.65 45.79 39.83
C THR G 172 -7.49 45.38 38.37
N ILE G 173 -6.65 44.38 38.14
CA ILE G 173 -6.46 43.82 36.81
C ILE G 173 -6.64 42.31 36.89
N LYS G 174 -7.78 41.81 36.42
CA LYS G 174 -8.11 40.39 36.53
C LYS G 174 -8.12 39.75 35.14
N PHE G 175 -7.42 38.64 35.01
CA PHE G 175 -7.39 37.84 33.79
C PHE G 175 -8.06 36.50 34.06
N VAL G 176 -9.07 36.17 33.27
CA VAL G 176 -9.88 34.98 33.48
C VAL G 176 -9.92 34.16 32.20
N ALA G 177 -9.69 32.86 32.33
CA ALA G 177 -9.78 31.93 31.21
C ALA G 177 -10.69 30.77 31.61
N ASP G 178 -11.66 30.46 30.74
CA ASP G 178 -12.60 29.38 30.98
C ASP G 178 -12.47 28.36 29.85
N GLY G 179 -12.15 27.11 30.22
CA GLY G 179 -11.92 26.08 29.23
C GLY G 179 -12.70 24.82 29.55
N ASP G 180 -12.59 23.86 28.64
CA ASP G 180 -13.30 22.59 28.80
C ASP G 180 -12.83 21.85 30.04
N ILE G 181 -11.52 21.82 30.27
CA ILE G 181 -10.93 21.12 31.42
C ILE G 181 -10.29 22.17 32.31
N GLY G 182 -11.04 22.66 33.29
CA GLY G 182 -10.52 23.58 34.27
C GLY G 182 -10.60 25.03 33.83
N SER G 183 -10.43 25.93 34.80
CA SER G 183 -10.44 27.36 34.57
C SER G 183 -9.42 28.03 35.49
N GLY G 184 -8.95 29.21 35.08
CA GLY G 184 -7.96 29.92 35.85
C GLY G 184 -8.19 31.42 35.91
N SER G 185 -7.85 32.03 37.04
CA SER G 185 -8.00 33.46 37.25
C SER G 185 -6.77 34.01 37.95
N VAL G 186 -6.25 35.12 37.45
CA VAL G 186 -5.10 35.81 38.04
C VAL G 186 -5.47 37.25 38.29
N ILE G 187 -5.22 37.73 39.50
CA ILE G 187 -5.54 39.10 39.92
C ILE G 187 -4.24 39.81 40.25
N ILE G 188 -4.05 41.00 39.68
CA ILE G 188 -2.83 41.80 39.88
C ILE G 188 -3.24 43.11 40.53
N LYS G 189 -2.55 43.48 41.61
CA LYS G 189 -2.80 44.71 42.36
C LYS G 189 -1.82 45.78 41.94
N PRO G 190 -2.29 46.96 41.55
CA PRO G 190 -1.37 48.05 41.16
C PRO G 190 -0.50 48.48 42.33
N PHE G 191 0.81 48.54 42.09
CA PHE G 191 1.77 48.99 43.08
C PHE G 191 2.95 49.63 42.37
N VAL G 192 3.48 50.70 42.95
CA VAL G 192 4.63 51.41 42.42
C VAL G 192 5.76 51.34 43.44
N ASP G 193 6.95 50.91 43.00
CA ASP G 193 8.11 50.77 43.86
C ASP G 193 9.16 51.79 43.43
N MET G 194 9.56 52.65 44.37
CA MET G 194 10.57 53.67 44.06
C MET G 194 11.95 53.04 43.88
N GLU G 195 12.21 51.93 44.60
CA GLU G 195 13.53 51.31 44.52
C GLU G 195 13.81 50.76 43.13
N HIS G 196 12.84 50.07 42.53
CA HIS G 196 12.98 49.51 41.19
C HIS G 196 11.87 50.02 40.29
N PRO G 197 12.15 50.97 39.38
CA PRO G 197 11.09 51.45 38.48
C PRO G 197 10.58 50.39 37.52
N GLU G 198 11.41 49.41 37.14
CA GLU G 198 10.99 48.40 36.19
C GLU G 198 9.85 47.56 36.74
N THR G 199 9.92 47.19 38.02
CA THR G 199 8.90 46.35 38.62
C THR G 199 7.60 47.12 38.90
N SER G 200 7.66 48.44 38.97
CA SER G 200 6.50 49.24 39.33
C SER G 200 5.38 49.09 38.30
N ILE G 201 4.15 49.18 38.78
CA ILE G 201 2.95 49.00 37.97
C ILE G 201 2.14 50.28 38.00
N LYS G 202 1.76 50.78 36.83
CA LYS G 202 1.03 52.04 36.70
C LYS G 202 -0.35 51.77 36.11
N LEU G 203 -1.36 52.48 36.62
CA LEU G 203 -2.73 52.33 36.16
C LEU G 203 -3.36 53.69 35.86
N GLU G 204 -4.05 53.78 34.73
CA GLU G 204 -4.91 54.91 34.41
C GLU G 204 -6.25 54.38 33.94
N MET G 205 -7.34 54.82 34.59
CA MET G 205 -8.68 54.31 34.32
C MET G 205 -9.65 55.48 34.13
N ASP G 206 -9.88 55.86 32.87
CA ASP G 206 -10.94 56.82 32.58
C ASP G 206 -12.31 56.18 32.75
N GLN G 207 -12.51 55.00 32.16
CA GLN G 207 -13.72 54.20 32.34
C GLN G 207 -13.32 52.74 32.50
N PRO G 208 -14.05 51.98 33.31
CA PRO G 208 -13.80 50.53 33.36
C PRO G 208 -14.13 49.86 32.05
N VAL G 209 -13.36 48.83 31.71
CA VAL G 209 -13.51 48.10 30.47
C VAL G 209 -13.38 46.60 30.74
N ASP G 210 -14.28 45.81 30.15
CA ASP G 210 -14.22 44.36 30.22
C ASP G 210 -14.16 43.84 28.79
N LEU G 211 -13.12 43.06 28.48
CA LEU G 211 -12.90 42.59 27.12
C LEU G 211 -12.28 41.20 27.14
N THR G 212 -12.53 40.44 26.08
CA THR G 212 -11.98 39.11 25.88
C THR G 212 -11.19 39.08 24.58
N PHE G 213 -9.99 38.51 24.62
CA PHE G 213 -9.09 38.52 23.48
C PHE G 213 -8.63 37.10 23.14
N GLY G 214 -8.22 36.92 21.89
CA GLY G 214 -7.77 35.61 21.43
C GLY G 214 -6.44 35.22 22.06
N ALA G 215 -6.28 33.91 22.29
CA ALA G 215 -5.10 33.43 22.99
C ALA G 215 -3.85 33.46 22.10
N LYS G 216 -3.95 32.94 20.86
CA LYS G 216 -2.75 32.79 20.05
C LYS G 216 -2.19 34.15 19.64
N TYR G 217 -3.06 35.12 19.39
CA TYR G 217 -2.59 36.47 19.11
C TYR G 217 -1.89 37.06 20.32
N LEU G 218 -2.38 36.79 21.52
CA LEU G 218 -1.71 37.28 22.72
C LEU G 218 -0.35 36.62 22.90
N LEU G 219 -0.25 35.32 22.56
CA LEU G 219 1.06 34.67 22.59
C LEU G 219 2.02 35.33 21.59
N ASP G 220 1.52 35.62 20.39
CA ASP G 220 2.35 36.27 19.38
C ASP G 220 2.74 37.67 19.84
N ILE G 221 1.87 38.33 20.62
CA ILE G 221 2.18 39.65 21.15
C ILE G 221 3.29 39.57 22.19
N ILE G 222 3.17 38.62 23.13
CA ILE G 222 4.16 38.53 24.20
C ILE G 222 5.46 37.93 23.67
N LYS G 223 5.43 37.35 22.46
CA LYS G 223 6.66 36.88 21.84
C LYS G 223 7.65 38.02 21.58
N GLY G 224 7.19 39.27 21.58
CA GLY G 224 8.04 40.44 21.51
C GLY G 224 8.56 40.94 22.83
N SER G 225 8.57 40.08 23.85
CA SER G 225 8.98 40.52 25.20
C SER G 225 10.43 40.99 25.20
N SER G 226 11.28 40.41 24.35
CA SER G 226 12.69 40.76 24.34
C SER G 226 12.92 42.22 23.94
N LEU G 227 11.96 42.82 23.22
CA LEU G 227 12.17 44.16 22.70
C LEU G 227 12.19 45.20 23.82
N SER G 228 11.27 45.09 24.79
CA SER G 228 11.14 46.11 25.82
C SER G 228 10.90 45.46 27.17
N ASP G 229 11.32 46.14 28.22
CA ASP G 229 11.11 45.63 29.57
C ASP G 229 9.67 45.85 30.03
N ARG G 230 9.03 46.91 29.56
CA ARG G 230 7.68 47.27 29.98
C ARG G 230 6.75 47.24 28.78
N VAL G 231 5.56 46.66 28.98
CA VAL G 231 4.57 46.61 27.90
C VAL G 231 3.69 47.85 27.94
N GLY G 232 3.23 48.27 26.76
CA GLY G 232 2.26 49.34 26.68
C GLY G 232 0.91 48.83 26.23
N ILE G 233 -0.05 48.79 27.15
CA ILE G 233 -1.36 48.18 26.92
C ILE G 233 -2.43 49.23 27.12
N ARG G 234 -3.25 49.44 26.08
CA ARG G 234 -4.31 50.44 26.09
C ARG G 234 -5.60 49.78 25.65
N LEU G 235 -6.69 50.03 26.39
CA LEU G 235 -7.95 49.34 26.17
C LEU G 235 -9.04 50.29 25.72
N SER G 236 -9.89 49.82 24.80
CA SER G 236 -11.12 50.48 24.43
C SER G 236 -12.18 49.41 24.19
N SER G 237 -13.40 49.65 24.68
CA SER G 237 -14.42 48.61 24.66
C SER G 237 -14.80 48.22 23.23
N GLU G 238 -15.02 49.21 22.36
CA GLU G 238 -15.46 48.96 20.99
C GLU G 238 -14.32 49.07 19.99
N ALA G 239 -13.10 49.34 20.44
CA ALA G 239 -11.98 49.55 19.54
C ALA G 239 -10.86 48.57 19.85
N PRO G 240 -10.01 48.26 18.87
CA PRO G 240 -8.89 47.35 19.12
C PRO G 240 -7.96 47.91 20.20
N ALA G 241 -7.42 47.00 21.00
CA ALA G 241 -6.51 47.35 22.08
C ALA G 241 -5.08 47.39 21.54
N LEU G 242 -4.41 48.52 21.76
CA LEU G 242 -3.04 48.68 21.30
C LEU G 242 -2.07 48.09 22.32
N PHE G 243 -1.25 47.15 21.88
CA PHE G 243 -0.20 46.56 22.71
C PHE G 243 1.14 47.02 22.16
N GLN G 244 1.87 47.79 22.96
CA GLN G 244 3.06 48.50 22.50
C GLN G 244 4.29 48.02 23.26
N PHE G 245 5.36 47.75 22.52
CA PHE G 245 6.68 47.52 23.08
C PHE G 245 7.58 48.67 22.65
N ASP G 246 8.03 49.47 23.61
CA ASP G 246 8.75 50.70 23.30
C ASP G 246 10.21 50.41 23.00
N LEU G 247 10.74 51.10 21.99
CA LEU G 247 12.14 51.02 21.61
C LEU G 247 12.78 52.38 21.79
N LYS G 248 14.09 52.43 21.54
CA LYS G 248 14.83 53.68 21.68
C LYS G 248 14.32 54.74 20.70
N SER G 249 14.09 54.34 19.44
CA SER G 249 13.64 55.27 18.41
C SER G 249 12.36 54.79 17.74
N GLY G 250 11.63 53.87 18.36
CA GLY G 250 10.41 53.36 17.77
C GLY G 250 9.57 52.50 18.69
N PHE G 251 8.86 51.53 18.13
CA PHE G 251 7.88 50.75 18.87
C PHE G 251 7.41 49.59 17.99
N LEU G 252 6.73 48.63 18.62
CA LEU G 252 6.11 47.50 17.95
C LEU G 252 4.64 47.47 18.35
N GLN G 253 3.80 48.15 17.57
CA GLN G 253 2.38 48.21 17.87
C GLN G 253 1.69 46.88 17.56
N PHE G 254 0.78 46.46 18.44
CA PHE G 254 -0.09 45.33 18.20
C PHE G 254 -1.53 45.79 18.37
N PHE G 255 -2.31 45.71 17.29
CA PHE G 255 -3.71 46.13 17.28
C PHE G 255 -4.56 44.87 17.17
N LEU G 256 -5.11 44.42 18.30
CA LEU G 256 -5.84 43.17 18.38
C LEU G 256 -7.34 43.40 18.41
N ALA G 257 -8.07 42.46 17.82
CA ALA G 257 -9.52 42.48 17.79
C ALA G 257 -10.06 41.60 18.92
N PRO G 258 -11.09 42.04 19.63
CA PRO G 258 -11.63 41.24 20.74
C PRO G 258 -12.64 40.21 20.25
N LYS G 259 -13.06 39.37 21.20
CA LYS G 259 -14.11 38.40 20.95
C LYS G 259 -15.47 39.11 20.93
N PHE G 260 -16.49 38.41 20.45
CA PHE G 260 -17.86 38.92 20.51
C PHE G 260 -18.42 38.70 21.91
N ASN G 261 -18.74 39.80 22.59
CA ASN G 261 -19.29 39.75 23.95
C ASN G 261 -20.80 39.59 23.85
N ASP G 262 -21.23 38.39 23.47
CA ASP G 262 -22.64 38.10 23.33
C ASP G 262 -23.34 38.17 24.69
N GLU G 263 -24.54 38.75 24.68
CA GLU G 263 -25.36 38.98 25.88
C GLU G 263 -24.55 39.29 27.14
N MET H 7 -14.05 18.51 54.29
CA MET H 7 -13.36 19.08 53.14
C MET H 7 -11.88 18.74 53.16
N LEU H 8 -11.19 19.01 52.05
CA LEU H 8 -9.79 18.66 51.88
C LEU H 8 -8.97 19.93 51.74
N GLU H 9 -7.92 20.06 52.56
CA GLU H 9 -7.00 21.19 52.49
C GLU H 9 -5.59 20.65 52.68
N ALA H 10 -4.78 20.69 51.62
CA ALA H 10 -3.42 20.19 51.64
C ALA H 10 -2.49 21.27 51.10
N LYS H 11 -1.64 21.81 51.97
CA LYS H 11 -0.66 22.82 51.59
C LYS H 11 0.68 22.13 51.35
N PHE H 12 1.03 21.98 50.08
CA PHE H 12 2.27 21.30 49.72
C PHE H 12 3.48 22.18 50.00
N GLU H 13 4.60 21.53 50.34
CA GLU H 13 5.83 22.26 50.60
C GLU H 13 6.31 22.99 49.35
N GLU H 14 6.28 22.32 48.20
CA GLU H 14 6.73 22.90 46.95
C GLU H 14 5.96 22.27 45.80
N ALA H 15 5.60 23.08 44.81
CA ALA H 15 4.91 22.56 43.63
C ALA H 15 5.80 21.63 42.82
N SER H 16 7.12 21.86 42.87
CA SER H 16 8.04 21.04 42.09
C SER H 16 8.03 19.58 42.55
N LEU H 17 7.89 19.34 43.85
CA LEU H 17 7.84 17.97 44.35
C LEU H 17 6.68 17.20 43.73
N PHE H 18 5.48 17.76 43.82
CA PHE H 18 4.31 17.12 43.23
C PHE H 18 4.45 17.03 41.70
N LYS H 19 5.15 18.00 41.10
CA LYS H 19 5.44 17.92 39.67
C LYS H 19 6.24 16.67 39.35
N ARG H 20 7.29 16.39 40.12
CA ARG H 20 8.08 15.17 39.89
C ARG H 20 7.27 13.91 40.18
N ILE H 21 6.45 13.92 41.23
CA ILE H 21 5.62 12.75 41.51
C ILE H 21 4.69 12.45 40.34
N ILE H 22 4.14 13.50 39.72
CA ILE H 22 3.31 13.27 38.54
C ILE H 22 4.14 12.82 37.35
N ASP H 23 5.30 13.44 37.12
CA ASP H 23 6.15 13.06 35.99
C ASP H 23 6.70 11.65 36.14
N GLY H 24 6.61 11.06 37.33
CA GLY H 24 7.06 9.69 37.50
C GLY H 24 6.36 8.69 36.61
N PHE H 25 5.06 8.89 36.36
CA PHE H 25 4.27 7.93 35.59
C PHE H 25 3.41 8.65 34.55
N LYS H 26 4.02 9.54 33.77
CA LYS H 26 3.29 10.25 32.72
C LYS H 26 2.74 9.29 31.67
N ASP H 27 3.63 8.61 30.95
CA ASP H 27 3.26 7.75 29.84
C ASP H 27 2.86 6.35 30.30
N CYS H 28 2.54 6.16 31.58
CA CYS H 28 2.18 4.86 32.09
C CYS H 28 0.67 4.64 32.07
N VAL H 29 -0.09 5.56 32.69
CA VAL H 29 -1.54 5.48 32.73
C VAL H 29 -2.12 6.85 32.40
N GLN H 30 -3.40 6.86 32.06
CA GLN H 30 -4.09 8.07 31.59
C GLN H 30 -5.12 8.59 32.59
N LEU H 31 -5.89 7.71 33.22
CA LEU H 31 -6.89 8.11 34.21
C LEU H 31 -6.63 7.39 35.53
N VAL H 32 -6.57 8.14 36.62
CA VAL H 32 -6.39 7.58 37.95
C VAL H 32 -7.37 8.24 38.91
N ASN H 33 -7.56 7.61 40.07
CA ASN H 33 -8.41 8.14 41.13
C ASN H 33 -7.56 8.26 42.40
N PHE H 34 -7.32 9.48 42.85
CA PHE H 34 -6.56 9.72 44.07
C PHE H 34 -7.48 9.50 45.26
N GLN H 35 -7.21 8.45 46.04
CA GLN H 35 -7.97 8.16 47.25
C GLN H 35 -7.37 8.98 48.39
N CYS H 36 -8.10 10.02 48.82
CA CYS H 36 -7.61 10.93 49.85
C CYS H 36 -8.22 10.57 51.19
N LYS H 37 -7.35 10.31 52.17
CA LYS H 37 -7.76 10.03 53.54
C LYS H 37 -6.92 10.87 54.48
N GLU H 38 -7.19 10.74 55.78
CA GLU H 38 -6.40 11.47 56.77
C GLU H 38 -4.94 11.03 56.73
N ASP H 39 -4.69 9.73 56.58
CA ASP H 39 -3.33 9.19 56.56
C ASP H 39 -2.79 9.22 55.13
N GLY H 40 -2.63 10.43 54.61
CA GLY H 40 -2.04 10.60 53.29
C GLY H 40 -2.98 10.27 52.16
N ILE H 41 -2.40 10.14 50.96
CA ILE H 41 -3.13 9.87 49.74
C ILE H 41 -2.59 8.60 49.10
N ILE H 42 -3.51 7.82 48.53
CA ILE H 42 -3.16 6.58 47.84
C ILE H 42 -3.62 6.68 46.40
N ALA H 43 -2.89 6.00 45.51
CA ALA H 43 -3.20 6.02 44.09
C ALA H 43 -2.73 4.72 43.47
N GLN H 44 -3.66 4.00 42.83
CA GLN H 44 -3.38 2.74 42.17
C GLN H 44 -3.90 2.78 40.74
N ALA H 45 -3.13 2.22 39.82
CA ALA H 45 -3.50 2.19 38.41
C ALA H 45 -3.01 0.90 37.77
N VAL H 46 -3.76 0.41 36.79
CA VAL H 46 -3.44 -0.82 36.07
C VAL H 46 -3.46 -0.52 34.58
N ASP H 47 -2.39 -0.93 33.88
CA ASP H 47 -2.26 -0.65 32.46
C ASP H 47 -3.14 -1.58 31.64
N ASP H 48 -3.20 -1.32 30.33
CA ASP H 48 -4.09 -2.07 29.45
C ASP H 48 -3.56 -3.46 29.14
N SER H 49 -2.25 -3.68 29.27
CA SER H 49 -1.67 -4.98 28.96
C SER H 49 -1.67 -5.94 30.14
N ARG H 50 -2.15 -5.51 31.31
CA ARG H 50 -2.20 -6.33 32.52
C ARG H 50 -0.81 -6.87 32.88
N VAL H 51 0.20 -5.99 32.82
CA VAL H 51 1.57 -6.39 33.14
C VAL H 51 2.17 -5.58 34.28
N LEU H 52 1.72 -4.36 34.56
CA LEU H 52 2.29 -3.55 35.62
C LEU H 52 1.18 -3.00 36.51
N LEU H 53 1.50 -2.78 37.78
CA LEU H 53 0.58 -2.23 38.76
C LEU H 53 1.25 -1.04 39.43
N VAL H 54 0.87 0.16 39.03
CA VAL H 54 1.41 1.38 39.62
C VAL H 54 0.67 1.66 40.92
N SER H 55 1.41 1.72 42.02
CA SER H 55 0.85 2.02 43.33
C SER H 55 1.63 3.18 43.93
N LEU H 56 0.93 4.27 44.25
CA LEU H 56 1.55 5.48 44.78
C LEU H 56 0.99 5.75 46.17
N GLU H 57 1.89 5.79 47.16
CA GLU H 57 1.53 6.09 48.54
C GLU H 57 2.41 7.21 49.05
N ILE H 58 1.80 8.31 49.50
CA ILE H 58 2.50 9.42 50.12
C ILE H 58 1.85 9.71 51.46
N GLY H 59 2.67 9.98 52.47
CA GLY H 59 2.19 10.12 53.83
C GLY H 59 1.89 11.56 54.22
N VAL H 60 1.45 11.71 55.48
CA VAL H 60 1.14 13.03 56.02
C VAL H 60 2.42 13.85 56.19
N GLU H 61 3.52 13.21 56.59
CA GLU H 61 4.77 13.92 56.81
C GLU H 61 5.32 14.56 55.53
N ALA H 62 4.87 14.09 54.36
CA ALA H 62 5.28 14.72 53.10
C ALA H 62 4.60 16.06 52.87
N PHE H 63 3.57 16.38 53.63
CA PHE H 63 2.86 17.64 53.53
C PHE H 63 3.34 18.62 54.60
N GLN H 64 3.45 19.89 54.20
CA GLN H 64 3.65 20.95 55.20
C GLN H 64 2.43 21.08 56.09
N GLU H 65 1.24 21.02 55.49
CA GLU H 65 -0.01 21.06 56.23
C GLU H 65 -1.04 20.23 55.47
N TYR H 66 -1.62 19.23 56.16
CA TYR H 66 -2.59 18.33 55.54
C TYR H 66 -3.74 18.12 56.51
N ARG H 67 -4.96 18.35 56.04
CA ARG H 67 -6.16 18.21 56.86
C ARG H 67 -7.29 17.70 55.96
N CYS H 68 -7.89 16.57 56.35
CA CYS H 68 -8.99 15.99 55.58
C CYS H 68 -9.87 15.21 56.55
N ASP H 69 -10.98 15.82 56.96
CA ASP H 69 -11.91 15.16 57.87
C ASP H 69 -12.69 14.06 57.16
N HIS H 70 -13.21 14.36 55.97
CA HIS H 70 -14.07 13.43 55.25
C HIS H 70 -13.29 12.77 54.13
N PRO H 71 -13.11 11.45 54.13
CA PRO H 71 -12.42 10.79 53.01
C PRO H 71 -13.15 11.04 51.70
N VAL H 72 -12.37 11.28 50.65
CA VAL H 72 -12.90 11.65 49.34
C VAL H 72 -12.13 10.92 48.25
N THR H 73 -12.85 10.48 47.22
CA THR H 73 -12.23 9.91 46.03
C THR H 73 -12.05 11.00 44.99
N LEU H 74 -10.85 11.09 44.43
CA LEU H 74 -10.48 12.21 43.57
C LEU H 74 -9.98 11.67 42.23
N GLY H 75 -10.89 11.50 41.28
CA GLY H 75 -10.50 11.08 39.95
C GLY H 75 -10.01 12.25 39.11
N MET H 76 -8.89 12.05 38.42
CA MET H 76 -8.28 13.09 37.61
C MET H 76 -7.68 12.46 36.35
N ASP H 77 -7.42 13.31 35.35
CA ASP H 77 -6.79 12.92 34.11
C ASP H 77 -5.33 13.37 34.14
N LEU H 78 -4.43 12.50 33.70
CA LEU H 78 -2.99 12.75 33.88
C LEU H 78 -2.52 13.95 33.06
N THR H 79 -2.88 13.98 31.77
CA THR H 79 -2.35 15.03 30.90
C THR H 79 -2.86 16.41 31.31
N SER H 80 -4.14 16.51 31.67
CA SER H 80 -4.68 17.79 32.12
C SER H 80 -4.09 18.18 33.48
N LEU H 81 -3.81 17.20 34.33
CA LEU H 81 -3.18 17.48 35.60
C LEU H 81 -1.77 18.04 35.39
N SER H 82 -1.02 17.46 34.45
CA SER H 82 0.30 17.99 34.13
C SER H 82 0.21 19.37 33.49
N LYS H 83 -0.82 19.62 32.68
CA LYS H 83 -1.03 20.96 32.14
C LYS H 83 -1.29 21.96 33.25
N ILE H 84 -2.07 21.57 34.25
CA ILE H 84 -2.28 22.42 35.43
C ILE H 84 -0.97 22.65 36.17
N LEU H 85 -0.16 21.60 36.32
CA LEU H 85 1.12 21.71 37.01
C LEU H 85 2.06 22.65 36.28
N ARG H 86 1.98 22.69 34.95
CA ARG H 86 2.80 23.60 34.15
C ARG H 86 2.18 24.99 34.10
N CYS H 87 1.84 25.48 35.30
CA CYS H 87 1.25 26.81 35.41
C CYS H 87 1.77 27.61 36.59
N GLY H 88 2.90 27.24 37.20
CA GLY H 88 3.41 27.95 38.34
C GLY H 88 4.93 27.94 38.39
N ASN H 89 5.47 28.89 39.13
CA ASN H 89 6.91 29.00 39.31
C ASN H 89 7.37 27.88 40.25
N ASN H 90 8.64 27.51 40.11
CA ASN H 90 9.23 26.43 40.89
C ASN H 90 9.60 26.87 42.30
N THR H 91 9.47 28.17 42.62
CA THR H 91 9.65 28.67 43.97
C THR H 91 8.31 28.95 44.66
N ASP H 92 7.26 28.23 44.25
CA ASP H 92 5.92 28.42 44.76
C ASP H 92 5.47 27.18 45.52
N THR H 93 4.50 27.38 46.40
CA THR H 93 3.93 26.30 47.20
C THR H 93 2.53 25.97 46.71
N LEU H 94 2.19 24.68 46.70
CA LEU H 94 0.92 24.21 46.18
C LEU H 94 -0.10 24.02 47.29
N THR H 95 -1.35 24.38 47.02
CA THR H 95 -2.45 24.22 47.97
C THR H 95 -3.61 23.53 47.25
N LEU H 96 -4.02 22.38 47.76
CA LEU H 96 -5.15 21.64 47.21
C LEU H 96 -6.36 21.85 48.12
N ILE H 97 -7.40 22.47 47.58
CA ILE H 97 -8.61 22.79 48.34
C ILE H 97 -9.82 22.30 47.55
N ALA H 98 -10.73 21.60 48.23
CA ALA H 98 -11.89 21.03 47.57
C ALA H 98 -13.09 21.06 48.51
N ASP H 99 -14.28 21.16 47.92
CA ASP H 99 -15.53 21.01 48.65
C ASP H 99 -15.94 19.54 48.68
N ASN H 100 -16.96 19.25 49.49
CA ASN H 100 -17.43 17.87 49.59
C ASN H 100 -18.02 17.37 48.28
N THR H 101 -18.60 18.26 47.48
CA THR H 101 -19.06 17.89 46.16
C THR H 101 -17.86 17.62 45.24
N PRO H 102 -17.77 16.44 44.63
CA PRO H 102 -16.65 16.14 43.71
C PRO H 102 -16.91 16.67 42.29
N ASP H 103 -16.87 17.99 42.15
CA ASP H 103 -17.12 18.65 40.87
C ASP H 103 -15.85 19.19 40.23
N SER H 104 -15.11 20.03 40.96
CA SER H 104 -13.87 20.60 40.45
C SER H 104 -12.87 20.70 41.59
N ILE H 105 -11.59 20.59 41.24
CA ILE H 105 -10.50 20.65 42.21
C ILE H 105 -9.77 21.97 42.04
N ILE H 106 -9.69 22.75 43.12
CA ILE H 106 -9.11 24.08 43.09
C ILE H 106 -7.64 23.98 43.47
N LEU H 107 -6.76 24.47 42.61
CA LEU H 107 -5.33 24.49 42.86
C LEU H 107 -4.91 25.94 43.10
N LEU H 108 -4.32 26.21 44.26
CA LEU H 108 -3.92 27.55 44.65
C LEU H 108 -2.40 27.65 44.65
N PHE H 109 -1.87 28.63 43.94
CA PHE H 109 -0.43 28.91 43.92
C PHE H 109 -0.16 30.11 44.82
N GLU H 110 0.59 29.88 45.89
CA GLU H 110 0.94 30.91 46.85
C GLU H 110 2.41 31.27 46.72
N ASP H 111 2.70 32.56 46.67
CA ASP H 111 4.06 33.07 46.48
C ASP H 111 4.47 33.84 47.72
N THR H 112 5.78 33.85 47.99
CA THR H 112 6.29 34.54 49.17
C THR H 112 5.91 36.02 49.16
N LYS H 113 5.94 36.66 47.99
CA LYS H 113 5.39 38.00 47.85
C LYS H 113 3.88 37.88 47.70
N LYS H 114 3.14 38.57 48.56
CA LYS H 114 1.70 38.43 48.66
C LYS H 114 0.94 39.20 47.59
N ASP H 115 1.61 39.66 46.53
CA ASP H 115 0.97 40.42 45.48
C ASP H 115 0.74 39.60 44.20
N ARG H 116 1.18 38.35 44.18
CA ARG H 116 1.03 37.48 43.01
C ARG H 116 0.34 36.19 43.43
N ILE H 117 -0.94 36.06 43.07
CA ILE H 117 -1.75 34.88 43.39
C ILE H 117 -2.26 34.27 42.09
N ALA H 118 -2.18 32.94 42.00
CA ALA H 118 -2.68 32.19 40.85
C ALA H 118 -3.69 31.15 41.32
N GLU H 119 -4.81 31.04 40.60
CA GLU H 119 -5.86 30.08 40.91
C GLU H 119 -6.20 29.28 39.67
N TYR H 120 -6.34 27.96 39.86
CA TYR H 120 -6.65 27.05 38.76
C TYR H 120 -7.63 26.00 39.25
N SER H 121 -8.32 25.36 38.29
CA SER H 121 -9.31 24.34 38.60
C SER H 121 -9.07 23.12 37.72
N LEU H 122 -9.50 21.96 38.22
CA LEU H 122 -9.39 20.70 37.49
C LEU H 122 -10.69 19.93 37.64
N LYS H 123 -11.37 19.68 36.53
CA LYS H 123 -12.64 18.98 36.55
C LYS H 123 -12.39 17.48 36.70
N LEU H 124 -13.13 16.86 37.62
CA LEU H 124 -12.97 15.44 37.89
C LEU H 124 -13.63 14.59 36.81
N MET H 125 -13.13 13.37 36.66
CA MET H 125 -13.73 12.36 35.81
C MET H 125 -13.97 11.09 36.63
N ASP H 126 -14.98 10.32 36.22
CA ASP H 126 -15.37 9.11 36.92
C ASP H 126 -14.74 7.90 36.23
N ILE H 127 -13.94 7.16 36.97
CA ILE H 127 -13.26 5.97 36.47
C ILE H 127 -13.47 4.83 37.45
N ASP H 128 -13.72 3.64 36.92
CA ASP H 128 -13.92 2.44 37.73
C ASP H 128 -12.61 2.07 38.41
N ALA H 129 -12.52 2.28 39.72
CA ALA H 129 -11.30 2.01 40.45
C ALA H 129 -11.10 0.51 40.60
N ASP H 130 -9.85 0.14 40.88
CA ASP H 130 -9.46 -1.25 41.07
C ASP H 130 -8.95 -1.45 42.50
N PHE H 131 -9.11 -2.67 43.00
CA PHE H 131 -8.83 -2.96 44.40
C PHE H 131 -7.33 -2.87 44.70
N LEU H 132 -7.02 -2.75 45.98
CA LEU H 132 -5.63 -2.56 46.41
C LEU H 132 -4.85 -3.86 46.32
N LYS H 133 -3.68 -3.80 45.68
CA LYS H 133 -2.76 -4.93 45.60
C LYS H 133 -1.60 -4.65 46.54
N ILE H 134 -1.78 -5.01 47.82
CA ILE H 134 -0.78 -4.74 48.85
C ILE H 134 -0.24 -6.04 49.46
N GLU H 135 -0.31 -7.14 48.70
CA GLU H 135 0.20 -8.41 49.21
C GLU H 135 1.72 -8.37 49.30
N GLU H 136 2.24 -8.65 50.49
CA GLU H 136 3.69 -8.64 50.75
C GLU H 136 4.29 -10.03 50.63
N LEU H 137 4.25 -10.59 49.42
CA LEU H 137 4.85 -11.90 49.19
C LEU H 137 6.36 -11.83 49.36
N GLN H 138 6.96 -12.94 49.76
CA GLN H 138 8.41 -12.98 49.94
C GLN H 138 9.12 -12.85 48.61
N TYR H 139 10.21 -12.07 48.61
CA TYR H 139 11.05 -11.89 47.44
C TYR H 139 12.40 -12.58 47.65
N ASP H 140 12.91 -13.20 46.60
CA ASP H 140 14.14 -13.98 46.72
C ASP H 140 15.35 -13.08 46.94
N SER H 141 15.49 -12.04 46.13
CA SER H 141 16.63 -11.14 46.20
C SER H 141 16.17 -9.69 46.27
N THR H 142 16.97 -8.86 46.94
CA THR H 142 16.67 -7.44 47.10
C THR H 142 17.96 -6.64 46.90
N LEU H 143 17.92 -5.68 45.98
CA LEU H 143 19.04 -4.79 45.74
C LEU H 143 18.55 -3.36 45.60
N SER H 144 19.46 -2.42 45.86
CA SER H 144 19.14 -1.00 45.73
C SER H 144 20.32 -0.30 45.07
N LEU H 145 20.04 0.44 44.00
CA LEU H 145 21.05 1.14 43.23
C LEU H 145 20.53 2.52 42.90
N PRO H 146 21.42 3.48 42.60
CA PRO H 146 20.94 4.83 42.26
C PRO H 146 20.03 4.83 41.04
N SER H 147 19.04 5.72 41.07
CA SER H 147 18.05 5.78 39.99
C SER H 147 18.68 6.18 38.66
N SER H 148 19.62 7.12 38.68
CA SER H 148 20.21 7.61 37.43
C SER H 148 20.98 6.52 36.72
N GLU H 149 21.81 5.76 37.46
CA GLU H 149 22.57 4.68 36.84
C GLU H 149 21.66 3.59 36.31
N PHE H 150 20.61 3.24 37.05
CA PHE H 150 19.68 2.21 36.57
C PHE H 150 18.94 2.67 35.32
N SER H 151 18.51 3.94 35.29
CA SER H 151 17.85 4.46 34.10
C SER H 151 18.79 4.47 32.90
N LYS H 152 20.05 4.85 33.13
CA LYS H 152 21.04 4.82 32.05
C LYS H 152 21.23 3.40 31.53
N ILE H 153 21.34 2.43 32.44
CA ILE H 153 21.53 1.03 32.03
C ILE H 153 20.33 0.54 31.24
N VAL H 154 19.12 0.86 31.70
CA VAL H 154 17.91 0.41 31.02
C VAL H 154 17.82 1.02 29.62
N ARG H 155 18.04 2.33 29.51
CA ARG H 155 17.99 2.98 28.20
C ARG H 155 19.08 2.47 27.29
N ASP H 156 20.24 2.10 27.85
CA ASP H 156 21.34 1.63 27.04
C ASP H 156 21.07 0.22 26.50
N LEU H 157 20.54 -0.66 27.35
CA LEU H 157 20.32 -2.04 26.93
C LEU H 157 19.01 -2.21 26.16
N SER H 158 18.10 -1.24 26.23
CA SER H 158 16.87 -1.34 25.46
C SER H 158 17.11 -1.22 23.97
N GLN H 159 18.28 -0.72 23.55
CA GLN H 159 18.58 -0.58 22.13
C GLN H 159 18.82 -1.93 21.46
N LEU H 160 19.53 -2.83 22.14
CA LEU H 160 19.92 -4.10 21.51
C LEU H 160 18.72 -5.03 21.37
N SER H 161 17.94 -5.19 22.44
CA SER H 161 16.82 -6.10 22.43
C SER H 161 15.68 -5.53 23.28
N ASP H 162 14.48 -6.02 23.02
CA ASP H 162 13.29 -5.62 23.76
C ASP H 162 13.02 -6.50 24.97
N SER H 163 13.92 -7.45 25.26
CA SER H 163 13.78 -8.35 26.41
C SER H 163 15.02 -8.19 27.27
N ILE H 164 14.81 -7.85 28.55
CA ILE H 164 15.90 -7.58 29.48
C ILE H 164 16.04 -8.79 30.40
N ASN H 165 17.26 -9.33 30.49
CA ASN H 165 17.56 -10.45 31.37
C ASN H 165 18.34 -9.94 32.57
N ILE H 166 17.79 -10.13 33.76
CA ILE H 166 18.42 -9.69 35.01
C ILE H 166 18.77 -10.93 35.81
N MET H 167 20.06 -11.07 36.16
CA MET H 167 20.56 -12.20 36.92
C MET H 167 21.25 -11.72 38.19
N ILE H 168 20.86 -12.29 39.32
CA ILE H 168 21.47 -12.01 40.61
C ILE H 168 21.87 -13.33 41.23
N THR H 169 23.17 -13.56 41.39
CA THR H 169 23.67 -14.84 41.87
C THR H 169 25.12 -14.68 42.31
N LYS H 170 25.43 -15.14 43.52
CA LYS H 170 26.76 -15.04 44.12
C LYS H 170 27.30 -13.61 44.07
N GLU H 171 26.56 -12.70 44.71
CA GLU H 171 26.94 -11.29 44.82
C GLU H 171 27.34 -10.69 43.46
N THR H 172 26.59 -11.04 42.42
CA THR H 172 26.76 -10.41 41.11
C THR H 172 25.40 -9.96 40.61
N ILE H 173 25.36 -8.79 39.97
CA ILE H 173 24.17 -8.26 39.33
C ILE H 173 24.45 -8.14 37.84
N LYS H 174 23.59 -8.76 37.04
CA LYS H 174 23.79 -8.83 35.60
C LYS H 174 22.55 -8.34 34.87
N PHE H 175 22.77 -7.63 33.77
CA PHE H 175 21.71 -7.19 32.88
C PHE H 175 22.12 -7.60 31.46
N VAL H 176 21.35 -8.50 30.86
CA VAL H 176 21.67 -9.08 29.55
C VAL H 176 20.54 -8.73 28.59
N ALA H 177 20.94 -8.27 27.38
CA ALA H 177 19.98 -7.94 26.32
C ALA H 177 20.58 -8.44 25.00
N ASP H 178 20.19 -9.66 24.63
CA ASP H 178 20.70 -10.27 23.40
C ASP H 178 19.81 -9.89 22.22
N GLY H 179 20.36 -9.08 21.31
CA GLY H 179 19.63 -8.63 20.14
C GLY H 179 20.09 -9.32 18.86
N ASP H 180 19.47 -8.92 17.75
CA ASP H 180 19.83 -9.47 16.46
C ASP H 180 21.16 -8.93 15.94
N ILE H 181 21.49 -7.68 16.28
CA ILE H 181 22.72 -7.08 15.79
C ILE H 181 23.93 -7.43 16.64
N GLY H 182 23.72 -7.82 17.90
CA GLY H 182 24.82 -8.18 18.77
C GLY H 182 24.37 -8.68 20.12
N SER H 183 25.05 -8.27 21.18
CA SER H 183 24.70 -8.69 22.52
C SER H 183 25.09 -7.61 23.51
N GLY H 184 24.45 -7.64 24.68
CA GLY H 184 24.75 -6.70 25.74
C GLY H 184 24.80 -7.36 27.09
N SER H 185 25.78 -6.98 27.91
CA SER H 185 25.96 -7.60 29.23
C SER H 185 26.62 -6.58 30.15
N VAL H 186 25.88 -6.10 31.14
CA VAL H 186 26.38 -5.17 32.14
C VAL H 186 26.55 -5.92 33.45
N ILE H 187 27.77 -5.93 33.98
CA ILE H 187 28.10 -6.64 35.21
C ILE H 187 28.46 -5.62 36.27
N ILE H 188 27.78 -5.67 37.41
CA ILE H 188 28.03 -4.77 38.52
C ILE H 188 28.01 -5.56 39.82
N LYS H 189 28.96 -5.25 40.71
CA LYS H 189 29.10 -5.89 42.00
C LYS H 189 28.59 -4.97 43.11
N PRO H 190 28.08 -5.52 44.22
CA PRO H 190 27.61 -4.67 45.31
C PRO H 190 28.76 -3.91 45.97
N PHE H 191 28.56 -2.61 46.15
CA PHE H 191 29.57 -1.73 46.72
C PHE H 191 28.92 -0.76 47.70
N VAL H 192 29.58 -0.58 48.84
CA VAL H 192 29.14 0.37 49.87
C VAL H 192 30.21 1.44 50.00
N ASP H 193 29.80 2.70 49.93
CA ASP H 193 30.72 3.83 49.94
C ASP H 193 30.41 4.72 51.13
N MET H 194 31.42 4.92 52.00
CA MET H 194 31.23 5.78 53.16
C MET H 194 31.25 7.26 52.76
N GLU H 195 32.00 7.60 51.72
CA GLU H 195 32.16 9.01 51.35
C GLU H 195 30.84 9.63 50.90
N HIS H 196 30.07 8.88 50.10
CA HIS H 196 28.73 9.29 49.70
C HIS H 196 27.77 8.12 49.90
N PRO H 197 26.70 8.28 50.67
CA PRO H 197 25.78 7.14 50.86
C PRO H 197 24.97 6.80 49.62
N GLU H 198 24.58 7.80 48.83
CA GLU H 198 23.70 7.52 47.69
C GLU H 198 24.42 6.74 46.59
N THR H 199 25.73 6.87 46.50
CA THR H 199 26.52 6.14 45.50
C THR H 199 26.99 4.81 46.10
N SER H 200 26.01 3.96 46.41
CA SER H 200 26.29 2.66 47.01
C SER H 200 25.28 1.64 46.48
N ILE H 201 25.72 0.39 46.43
CA ILE H 201 24.90 -0.74 46.01
C ILE H 201 24.75 -1.69 47.19
N LYS H 202 23.51 -1.96 47.58
CA LYS H 202 23.20 -2.82 48.72
C LYS H 202 22.45 -4.04 48.19
N LEU H 203 23.18 -5.15 48.00
CA LEU H 203 22.60 -6.38 47.48
C LEU H 203 22.38 -7.34 48.64
N GLU H 204 21.12 -7.69 48.88
CA GLU H 204 20.74 -8.65 49.92
C GLU H 204 19.99 -9.79 49.24
N MET H 205 20.68 -10.91 49.02
CA MET H 205 20.14 -12.04 48.28
C MET H 205 19.85 -13.19 49.23
N ASP H 206 18.68 -13.81 49.07
CA ASP H 206 18.35 -15.04 49.79
C ASP H 206 18.20 -16.24 48.87
N GLN H 207 17.92 -16.01 47.58
CA GLN H 207 17.78 -17.08 46.60
C GLN H 207 18.15 -16.52 45.24
N PRO H 208 18.71 -17.32 44.34
CA PRO H 208 19.04 -16.82 43.00
C PRO H 208 17.79 -16.43 42.23
N VAL H 209 17.95 -15.43 41.35
CA VAL H 209 16.84 -14.90 40.56
C VAL H 209 17.24 -14.88 39.10
N ASP H 210 16.37 -15.42 38.25
CA ASP H 210 16.51 -15.36 36.79
C ASP H 210 15.15 -14.94 36.21
N LEU H 211 15.04 -13.66 35.84
CA LEU H 211 13.78 -13.09 35.41
C LEU H 211 13.95 -12.35 34.09
N THR H 212 12.88 -12.35 33.29
CA THR H 212 12.84 -11.64 32.02
C THR H 212 11.78 -10.54 32.07
N PHE H 213 12.13 -9.35 31.60
CA PHE H 213 11.28 -8.18 31.71
C PHE H 213 11.19 -7.46 30.37
N GLY H 214 10.08 -6.75 30.17
CA GLY H 214 9.88 -6.01 28.94
C GLY H 214 10.65 -4.70 28.95
N ALA H 215 11.20 -4.33 27.79
CA ALA H 215 11.99 -3.11 27.69
C ALA H 215 11.13 -1.86 27.83
N LYS H 216 9.96 -1.85 27.18
CA LYS H 216 9.11 -0.66 27.22
C LYS H 216 8.60 -0.38 28.63
N TYR H 217 8.19 -1.43 29.35
CA TYR H 217 7.70 -1.24 30.71
C TYR H 217 8.82 -0.75 31.62
N LEU H 218 10.03 -1.30 31.45
CA LEU H 218 11.17 -0.82 32.23
C LEU H 218 11.48 0.64 31.93
N LEU H 219 11.38 1.03 30.65
CA LEU H 219 11.57 2.43 30.29
C LEU H 219 10.53 3.31 30.95
N ASP H 220 9.29 2.82 31.04
CA ASP H 220 8.25 3.56 31.73
C ASP H 220 8.58 3.71 33.22
N ILE H 221 9.11 2.65 33.84
CA ILE H 221 9.44 2.71 35.26
C ILE H 221 10.58 3.70 35.51
N ILE H 222 11.62 3.68 34.67
CA ILE H 222 12.78 4.55 34.89
C ILE H 222 12.43 6.02 34.67
N LYS H 223 11.19 6.29 34.27
CA LYS H 223 10.75 7.68 34.15
C LYS H 223 10.66 8.36 35.51
N GLY H 224 10.58 7.58 36.59
CA GLY H 224 10.44 8.12 37.92
C GLY H 224 11.77 8.38 38.62
N SER H 225 12.86 8.42 37.85
CA SER H 225 14.18 8.65 38.43
C SER H 225 14.33 10.04 39.03
N SER H 226 13.47 10.99 38.65
CA SER H 226 13.57 12.36 39.14
C SER H 226 13.08 12.51 40.58
N LEU H 227 12.39 11.51 41.12
CA LEU H 227 11.84 11.62 42.47
C LEU H 227 12.92 11.40 43.53
N SER H 228 13.64 10.29 43.44
CA SER H 228 14.63 9.91 44.42
C SER H 228 15.98 9.68 43.75
N ASP H 229 17.04 9.89 44.54
CA ASP H 229 18.40 9.65 44.04
C ASP H 229 18.70 8.17 43.88
N ARG H 230 17.97 7.32 44.60
CA ARG H 230 18.19 5.88 44.56
C ARG H 230 16.87 5.16 44.36
N VAL H 231 16.94 3.95 43.81
CA VAL H 231 15.76 3.12 43.58
C VAL H 231 15.96 1.78 44.27
N GLY H 232 14.92 1.32 44.96
CA GLY H 232 14.95 0.03 45.62
C GLY H 232 14.15 -1.00 44.84
N ILE H 233 14.82 -2.06 44.42
CA ILE H 233 14.27 -3.01 43.46
C ILE H 233 14.34 -4.41 44.08
N ARG H 234 13.20 -5.10 44.13
CA ARG H 234 13.13 -6.41 44.75
C ARG H 234 12.65 -7.44 43.73
N LEU H 235 13.33 -8.58 43.67
CA LEU H 235 13.07 -9.62 42.68
C LEU H 235 12.45 -10.83 43.34
N SER H 236 11.48 -11.44 42.66
CA SER H 236 10.88 -12.70 43.08
C SER H 236 10.58 -13.54 41.85
N SER H 237 10.93 -14.83 41.93
CA SER H 237 10.77 -15.71 40.79
C SER H 237 9.33 -16.16 40.57
N GLU H 238 8.49 -16.07 41.60
CA GLU H 238 7.08 -16.46 41.50
C GLU H 238 6.13 -15.31 41.76
N ALA H 239 6.64 -14.12 42.03
CA ALA H 239 5.83 -12.94 42.27
C ALA H 239 6.36 -11.77 41.45
N PRO H 240 5.48 -10.84 41.08
CA PRO H 240 5.95 -9.66 40.32
C PRO H 240 6.97 -8.86 41.12
N ALA H 241 8.00 -8.39 40.43
CA ALA H 241 9.03 -7.59 41.05
C ALA H 241 8.50 -6.21 41.41
N LEU H 242 9.05 -5.63 42.47
CA LEU H 242 8.65 -4.32 42.95
C LEU H 242 9.71 -3.29 42.58
N PHE H 243 9.26 -2.14 42.06
CA PHE H 243 10.12 -1.06 41.61
C PHE H 243 9.76 0.18 42.40
N GLN H 244 10.53 0.46 43.45
CA GLN H 244 10.17 1.43 44.47
C GLN H 244 11.14 2.60 44.45
N PHE H 245 10.60 3.82 44.42
CA PHE H 245 11.36 5.04 44.64
C PHE H 245 10.91 5.66 45.95
N ASP H 246 11.89 6.07 46.76
CA ASP H 246 11.64 6.48 48.15
C ASP H 246 11.63 8.01 48.20
N LEU H 247 10.44 8.57 48.44
CA LEU H 247 10.27 10.02 48.51
C LEU H 247 10.57 10.51 49.92
N LYS H 248 10.24 11.78 50.20
CA LYS H 248 10.50 12.32 51.54
C LYS H 248 9.70 11.56 52.60
N SER H 249 8.40 11.39 52.38
CA SER H 249 7.55 10.59 53.26
C SER H 249 6.57 9.76 52.46
N GLY H 250 7.02 9.24 51.32
CA GLY H 250 6.15 8.45 50.46
C GLY H 250 6.95 7.56 49.56
N PHE H 251 6.23 6.69 48.84
CA PHE H 251 6.85 5.73 47.95
C PHE H 251 6.06 5.67 46.64
N LEU H 252 6.77 5.52 45.53
CA LEU H 252 6.17 5.25 44.23
C LEU H 252 6.59 3.85 43.80
N GLN H 253 5.62 2.98 43.55
CA GLN H 253 5.88 1.56 43.37
C GLN H 253 5.29 1.07 42.05
N PHE H 254 6.05 0.23 41.35
CA PHE H 254 5.60 -0.46 40.16
C PHE H 254 5.68 -1.96 40.39
N PHE H 255 4.58 -2.67 40.19
CA PHE H 255 4.53 -4.12 40.29
C PHE H 255 4.42 -4.68 38.87
N LEU H 256 5.57 -5.00 38.28
CA LEU H 256 5.64 -5.52 36.92
C LEU H 256 5.55 -7.04 36.98
N ALA H 257 4.58 -7.61 36.27
CA ALA H 257 4.39 -9.06 36.23
C ALA H 257 5.28 -9.65 35.14
N PRO H 258 6.26 -10.47 35.48
CA PRO H 258 7.14 -11.03 34.45
C PRO H 258 6.45 -12.14 33.66
N LYS H 259 7.00 -12.40 32.47
CA LYS H 259 6.49 -13.45 31.61
C LYS H 259 6.99 -14.82 32.05
#